data_6IQ6
#
_entry.id   6IQ6
#
_cell.length_a   71.630
_cell.length_b   108.490
_cell.length_c   175.810
_cell.angle_alpha   90.00
_cell.angle_beta   96.37
_cell.angle_gamma   90.00
#
_symmetry.space_group_name_H-M   'P 1 21 1'
#
loop_
_entity.id
_entity.type
_entity.pdbx_description
1 polymer 'Glyceraldehyde-3-phosphate dehydrogenase'
2 non-polymer '(2Z)-4-methoxy-4-oxobut-2-enoic acid'
3 water water
#
_entity_poly.entity_id   1
_entity_poly.type   'polypeptide(L)'
_entity_poly.pdbx_seq_one_letter_code
;MGKVKVGVNGFGRIGRLVTRAAFNSGKVDIVAINDPFIDLNYMVYMFQYDSTHGKFHGTVKAENGKLVINGNPITIFQER
DPSKIKWGDAGAEYVVESTGVFTTMEKAGAHLQGGAKRVIISAPSADAPMFVMGVNHEKYDNSLKIISNASCTTNCLAPL
AKVIHDNFGIVEGLMTTVHAITATQKTVDGPSGKLWRDGRGALQNIIPASTGAAKAVGKVIPELNGKLTGMAFRVPTANV
SVVDLTCRLEKPAKYDDIKKVVKQASEGPLKGILGYTEHQVVSSDFNSDTHSSTFDAGAGIALNDHFVKLISWYDNEFGY
SNRVVDLMAHMASKE
;
_entity_poly.pdbx_strand_id   A,B,C,D,E,F,G,H
#
# COMPACT_ATOMS: atom_id res chain seq x y z
N LYS A 3 49.15 -14.05 -34.30
CA LYS A 3 50.53 -14.57 -34.50
C LYS A 3 50.58 -16.08 -34.31
N VAL A 4 50.21 -16.59 -33.14
CA VAL A 4 50.25 -18.06 -32.90
C VAL A 4 49.29 -18.75 -33.87
N LYS A 5 49.71 -19.85 -34.47
CA LYS A 5 48.89 -20.57 -35.47
C LYS A 5 48.14 -21.69 -34.76
N VAL A 6 46.83 -21.78 -35.06
CA VAL A 6 45.85 -22.53 -34.23
C VAL A 6 45.12 -23.53 -35.11
N GLY A 7 44.90 -24.71 -34.58
CA GLY A 7 44.04 -25.73 -35.19
C GLY A 7 42.79 -25.91 -34.37
N VAL A 8 41.66 -26.21 -35.00
CA VAL A 8 40.39 -26.46 -34.27
C VAL A 8 39.94 -27.87 -34.60
N ASN A 9 39.63 -28.66 -33.58
CA ASN A 9 39.10 -30.02 -33.76
C ASN A 9 37.61 -30.01 -33.39
N GLY A 10 36.74 -30.18 -34.38
CA GLY A 10 35.29 -30.03 -34.18
C GLY A 10 34.81 -28.68 -34.68
N PHE A 11 33.93 -28.68 -35.69
CA PHE A 11 33.34 -27.44 -36.24
C PHE A 11 31.91 -27.28 -35.72
N GLY A 12 31.70 -27.61 -34.45
CA GLY A 12 30.41 -27.50 -33.74
C GLY A 12 30.20 -26.06 -33.36
N ARG A 13 29.30 -25.77 -32.43
CA ARG A 13 29.01 -24.36 -32.04
C ARG A 13 30.31 -23.71 -31.56
N ILE A 14 31.09 -24.38 -30.72
CA ILE A 14 32.31 -23.75 -30.11
C ILE A 14 33.39 -23.59 -31.18
N GLY A 15 33.63 -24.66 -31.96
CA GLY A 15 34.65 -24.64 -33.02
C GLY A 15 34.47 -23.47 -33.94
N ARG A 16 33.25 -23.29 -34.47
CA ARG A 16 32.98 -22.20 -35.45
C ARG A 16 33.10 -20.84 -34.75
N LEU A 17 32.57 -20.70 -33.54
CA LEU A 17 32.56 -19.37 -32.87
C LEU A 17 33.94 -19.06 -32.29
N VAL A 18 34.73 -20.06 -31.88
CA VAL A 18 36.18 -19.82 -31.64
C VAL A 18 36.82 -19.30 -32.94
N THR A 19 36.53 -19.94 -34.07
CA THR A 19 37.09 -19.54 -35.39
C THR A 19 36.63 -18.11 -35.70
N ARG A 20 35.33 -17.82 -35.52
CA ARG A 20 34.80 -16.46 -35.76
C ARG A 20 35.49 -15.45 -34.84
N ALA A 21 35.64 -15.77 -33.56
CA ALA A 21 36.30 -14.88 -32.58
C ALA A 21 37.76 -14.65 -33.00
N ALA A 22 38.44 -15.64 -33.58
CA ALA A 22 39.87 -15.50 -33.94
C ALA A 22 40.03 -14.44 -35.04
N PHE A 23 39.22 -14.49 -36.09
CA PHE A 23 39.26 -13.49 -37.19
C PHE A 23 38.77 -12.12 -36.73
N ASN A 24 37.67 -12.04 -35.98
CA ASN A 24 37.13 -10.72 -35.54
C ASN A 24 38.18 -10.02 -34.67
N SER A 25 38.76 -10.73 -33.71
CA SER A 25 39.69 -10.11 -32.74
C SER A 25 41.05 -9.93 -33.43
N GLY A 26 41.40 -10.82 -34.37
CA GLY A 26 42.73 -10.90 -34.99
C GLY A 26 43.82 -11.31 -33.99
N LYS A 27 43.47 -11.94 -32.86
CA LYS A 27 44.47 -12.26 -31.79
C LYS A 27 45.25 -13.53 -32.14
N VAL A 28 44.72 -14.43 -32.97
CA VAL A 28 45.42 -15.67 -33.38
C VAL A 28 45.10 -15.93 -34.87
N ASP A 29 45.80 -16.88 -35.48
CA ASP A 29 45.59 -17.28 -36.90
C ASP A 29 45.12 -18.74 -36.96
N ILE A 30 43.87 -18.95 -37.38
CA ILE A 30 43.34 -20.31 -37.64
C ILE A 30 43.97 -20.77 -38.95
N VAL A 31 44.82 -21.79 -38.90
CA VAL A 31 45.44 -22.35 -40.14
C VAL A 31 44.87 -23.72 -40.45
N ALA A 32 44.04 -24.31 -39.59
CA ALA A 32 43.63 -25.71 -39.78
C ALA A 32 42.39 -26.08 -38.96
N ILE A 33 41.52 -26.87 -39.58
CA ILE A 33 40.28 -27.38 -38.94
C ILE A 33 40.15 -28.87 -39.26
N ASN A 34 39.71 -29.65 -38.27
CA ASN A 34 39.38 -31.08 -38.46
C ASN A 34 37.92 -31.34 -38.09
N ASP A 35 37.14 -31.92 -39.01
CA ASP A 35 35.80 -32.43 -38.69
C ASP A 35 35.40 -33.52 -39.67
N PRO A 36 35.21 -34.78 -39.21
CA PRO A 36 34.86 -35.91 -40.08
C PRO A 36 33.42 -35.94 -40.60
N PHE A 37 32.54 -35.04 -40.16
CA PHE A 37 31.10 -35.08 -40.51
C PHE A 37 30.72 -33.85 -41.33
N ILE A 38 31.65 -32.94 -41.56
CA ILE A 38 31.34 -31.64 -42.22
C ILE A 38 32.38 -31.40 -43.29
N ASP A 39 31.96 -31.47 -44.57
CA ASP A 39 32.83 -31.33 -45.76
C ASP A 39 33.26 -29.86 -45.90
N LEU A 40 34.11 -29.57 -46.87
CA LEU A 40 34.59 -28.19 -47.13
C LEU A 40 33.40 -27.29 -47.46
N ASN A 41 32.59 -27.69 -48.43
CA ASN A 41 31.43 -26.89 -48.92
C ASN A 41 30.53 -26.54 -47.73
N TYR A 42 30.07 -27.57 -47.02
CA TYR A 42 29.16 -27.48 -45.85
C TYR A 42 29.81 -26.59 -44.77
N MET A 43 31.13 -26.59 -44.62
CA MET A 43 31.83 -25.71 -43.65
C MET A 43 31.68 -24.24 -44.07
N VAL A 44 31.70 -23.95 -45.37
CA VAL A 44 31.50 -22.55 -45.87
C VAL A 44 30.14 -22.04 -45.38
N TYR A 45 29.12 -22.89 -45.48
CA TYR A 45 27.71 -22.52 -45.20
C TYR A 45 27.49 -22.39 -43.69
N MET A 46 27.94 -23.39 -42.92
CA MET A 46 27.76 -23.39 -41.44
C MET A 46 28.48 -22.19 -40.82
N PHE A 47 29.64 -21.82 -41.35
CA PHE A 47 30.45 -20.69 -40.81
C PHE A 47 29.82 -19.36 -41.19
N GLN A 48 29.39 -19.23 -42.46
CA GLN A 48 28.86 -17.97 -43.06
C GLN A 48 27.54 -17.61 -42.40
N TYR A 49 26.65 -18.58 -42.26
CA TYR A 49 25.27 -18.31 -41.80
C TYR A 49 25.12 -18.83 -40.38
N ASP A 50 24.71 -17.97 -39.46
CA ASP A 50 24.48 -18.34 -38.04
C ASP A 50 23.17 -17.71 -37.55
N SER A 51 22.22 -18.57 -37.16
CA SER A 51 20.89 -18.16 -36.64
C SER A 51 21.11 -17.22 -35.46
N THR A 52 22.12 -17.47 -34.62
CA THR A 52 22.25 -16.75 -33.32
C THR A 52 23.06 -15.47 -33.49
N HIS A 53 24.14 -15.49 -34.25
CA HIS A 53 25.09 -14.35 -34.28
C HIS A 53 25.10 -13.66 -35.64
N GLY A 54 24.16 -14.03 -36.53
CA GLY A 54 23.99 -13.41 -37.86
C GLY A 54 25.12 -13.79 -38.78
N LYS A 55 25.04 -13.28 -40.01
CA LYS A 55 25.95 -13.60 -41.13
C LYS A 55 27.35 -13.17 -40.72
N PHE A 56 28.35 -13.94 -41.13
CA PHE A 56 29.76 -13.59 -40.88
C PHE A 56 30.08 -12.27 -41.58
N HIS A 57 30.64 -11.32 -40.84
CA HIS A 57 31.15 -10.03 -41.36
C HIS A 57 32.57 -10.26 -41.84
N GLY A 58 32.73 -10.38 -43.16
CA GLY A 58 33.96 -10.88 -43.76
C GLY A 58 33.61 -11.81 -44.90
N THR A 59 34.60 -12.53 -45.41
CA THR A 59 34.48 -13.33 -46.65
C THR A 59 34.82 -14.78 -46.31
N VAL A 60 34.04 -15.73 -46.83
CA VAL A 60 34.30 -17.18 -46.66
C VAL A 60 33.97 -17.90 -47.97
N LYS A 61 34.93 -18.68 -48.48
CA LYS A 61 34.75 -19.49 -49.71
C LYS A 61 35.61 -20.75 -49.60
N ALA A 62 35.19 -21.80 -50.29
CA ALA A 62 36.05 -22.95 -50.63
C ALA A 62 36.90 -22.58 -51.85
N GLU A 63 38.21 -22.83 -51.78
CA GLU A 63 39.12 -22.52 -52.91
C GLU A 63 40.30 -23.49 -52.86
N ASN A 64 40.36 -24.40 -53.84
CA ASN A 64 41.50 -25.35 -54.03
C ASN A 64 41.65 -26.20 -52.76
N GLY A 65 40.56 -26.84 -52.34
CA GLY A 65 40.54 -27.81 -51.23
C GLY A 65 40.64 -27.18 -49.84
N LYS A 66 40.74 -25.84 -49.77
CA LYS A 66 40.95 -25.11 -48.49
C LYS A 66 39.75 -24.21 -48.17
N LEU A 67 39.53 -23.96 -46.87
CA LEU A 67 38.55 -22.98 -46.38
C LEU A 67 39.25 -21.63 -46.31
N VAL A 68 38.72 -20.63 -47.01
CA VAL A 68 39.36 -19.30 -47.10
C VAL A 68 38.49 -18.27 -46.39
N ILE A 69 38.95 -17.80 -45.23
CA ILE A 69 38.24 -16.78 -44.42
C ILE A 69 39.06 -15.49 -44.44
N ASN A 70 38.46 -14.41 -44.94
CA ASN A 70 39.09 -13.07 -45.07
C ASN A 70 40.41 -13.22 -45.83
N GLY A 71 40.45 -14.09 -46.84
CA GLY A 71 41.65 -14.31 -47.67
C GLY A 71 42.64 -15.26 -47.04
N ASN A 72 42.46 -15.66 -45.77
CA ASN A 72 43.39 -16.60 -45.10
C ASN A 72 42.96 -18.02 -45.41
N PRO A 73 43.79 -18.83 -46.12
CA PRO A 73 43.47 -20.23 -46.35
C PRO A 73 43.63 -21.12 -45.10
N ILE A 74 42.78 -22.15 -44.99
CA ILE A 74 42.74 -23.03 -43.81
C ILE A 74 42.71 -24.48 -44.29
N THR A 75 43.63 -25.30 -43.78
CA THR A 75 43.73 -26.73 -44.14
C THR A 75 42.59 -27.46 -43.46
N ILE A 76 41.86 -28.26 -44.22
CA ILE A 76 40.66 -29.00 -43.73
C ILE A 76 41.03 -30.46 -43.67
N PHE A 77 40.86 -31.07 -42.50
CA PHE A 77 41.04 -32.52 -42.30
C PHE A 77 39.68 -33.16 -42.07
N GLN A 78 39.59 -34.47 -42.33
CA GLN A 78 38.34 -35.23 -42.10
C GLN A 78 38.68 -36.48 -41.29
N GLU A 79 39.57 -36.36 -40.32
CA GLU A 79 40.13 -37.51 -39.56
C GLU A 79 39.26 -37.83 -38.34
N ARG A 80 38.71 -39.03 -38.27
CA ARG A 80 37.93 -39.51 -37.08
C ARG A 80 38.86 -39.65 -35.87
N ASP A 81 40.07 -40.15 -36.07
CA ASP A 81 40.98 -40.50 -34.94
C ASP A 81 41.90 -39.32 -34.64
N PRO A 82 41.83 -38.70 -33.45
CA PRO A 82 42.64 -37.51 -33.16
C PRO A 82 44.15 -37.70 -33.37
N SER A 83 44.67 -38.88 -33.03
CA SER A 83 46.13 -39.21 -33.16
C SER A 83 46.62 -38.96 -34.58
N LYS A 84 45.76 -39.08 -35.59
CA LYS A 84 46.19 -39.14 -37.01
C LYS A 84 45.99 -37.79 -37.73
N ILE A 85 45.81 -36.69 -37.01
CA ILE A 85 45.65 -35.36 -37.66
C ILE A 85 47.03 -34.76 -37.78
N LYS A 86 47.43 -34.39 -38.99
CA LYS A 86 48.79 -33.89 -39.29
C LYS A 86 48.82 -32.39 -38.97
N TRP A 87 48.64 -32.02 -37.71
CA TRP A 87 48.57 -30.60 -37.28
C TRP A 87 49.88 -29.87 -37.66
N GLY A 88 51.03 -30.57 -37.55
CA GLY A 88 52.38 -29.99 -37.75
C GLY A 88 52.67 -29.63 -39.21
N ASP A 89 52.13 -30.40 -40.14
CA ASP A 89 52.32 -30.16 -41.59
C ASP A 89 51.61 -28.86 -41.98
N ALA A 90 50.45 -28.58 -41.38
CA ALA A 90 49.67 -27.34 -41.64
C ALA A 90 50.17 -26.21 -40.74
N GLY A 91 51.12 -26.47 -39.83
CA GLY A 91 51.71 -25.45 -38.94
C GLY A 91 50.79 -25.06 -37.77
N ALA A 92 49.88 -25.93 -37.34
CA ALA A 92 49.02 -25.69 -36.16
C ALA A 92 49.84 -25.93 -34.89
N GLU A 93 50.28 -24.85 -34.22
CA GLU A 93 51.08 -24.94 -32.97
C GLU A 93 50.17 -25.28 -31.77
N TYR A 94 49.05 -24.56 -31.60
CA TYR A 94 48.03 -24.89 -30.57
C TYR A 94 46.83 -25.52 -31.24
N VAL A 95 46.24 -26.51 -30.59
CA VAL A 95 44.98 -27.12 -31.06
C VAL A 95 43.88 -26.89 -30.02
N VAL A 96 42.72 -26.43 -30.50
CA VAL A 96 41.52 -26.28 -29.64
C VAL A 96 40.73 -27.58 -29.76
N GLU A 97 40.65 -28.32 -28.67
CA GLU A 97 39.91 -29.60 -28.61
C GLU A 97 38.46 -29.27 -28.25
N SER A 98 37.56 -29.22 -29.24
CA SER A 98 36.19 -28.66 -29.06
C SER A 98 35.06 -29.66 -29.37
N THR A 99 35.34 -30.95 -29.49
CA THR A 99 34.32 -32.00 -29.73
C THR A 99 33.63 -32.37 -28.42
N GLY A 100 34.25 -32.12 -27.27
CA GLY A 100 33.72 -32.52 -25.96
C GLY A 100 33.74 -34.02 -25.73
N VAL A 101 34.45 -34.80 -26.53
CA VAL A 101 34.57 -36.27 -26.32
C VAL A 101 36.04 -36.64 -26.06
N PHE A 102 36.96 -35.68 -26.09
CA PHE A 102 38.40 -35.90 -25.81
C PHE A 102 38.84 -34.94 -24.70
N THR A 103 38.16 -34.99 -23.56
CA THR A 103 38.31 -33.96 -22.48
C THR A 103 39.36 -34.38 -21.44
N THR A 104 39.69 -35.67 -21.33
CA THR A 104 40.76 -36.15 -20.43
C THR A 104 42.12 -35.87 -21.07
N MET A 105 43.14 -35.65 -20.23
CA MET A 105 44.55 -35.45 -20.64
C MET A 105 45.03 -36.62 -21.49
N GLU A 106 44.52 -37.84 -21.31
CA GLU A 106 44.92 -39.00 -22.14
C GLU A 106 44.39 -38.81 -23.56
N LYS A 107 43.09 -38.54 -23.72
CA LYS A 107 42.46 -38.42 -25.07
C LYS A 107 42.95 -37.13 -25.74
N ALA A 108 43.14 -36.06 -24.97
CA ALA A 108 43.51 -34.73 -25.51
C ALA A 108 44.96 -34.74 -26.00
N GLY A 109 45.85 -35.48 -25.31
CA GLY A 109 47.25 -35.71 -25.73
C GLY A 109 47.37 -36.17 -27.17
N ALA A 110 46.36 -36.84 -27.71
CA ALA A 110 46.39 -37.42 -29.08
C ALA A 110 46.80 -36.37 -30.12
N HIS A 111 46.56 -35.06 -29.87
CA HIS A 111 46.89 -34.01 -30.87
C HIS A 111 48.41 -33.80 -30.92
N LEU A 112 49.14 -34.15 -29.86
CA LEU A 112 50.62 -33.99 -29.85
C LEU A 112 51.26 -35.03 -30.78
N GLN A 113 50.59 -36.17 -31.02
CA GLN A 113 51.07 -37.22 -31.97
C GLN A 113 51.24 -36.59 -33.37
N GLY A 114 50.26 -35.81 -33.83
CA GLY A 114 50.30 -35.23 -35.18
C GLY A 114 51.13 -33.96 -35.25
N GLY A 115 51.86 -33.61 -34.18
CA GLY A 115 52.85 -32.51 -34.19
C GLY A 115 52.38 -31.21 -33.55
N ALA A 116 51.17 -31.12 -32.99
CA ALA A 116 50.76 -29.90 -32.23
C ALA A 116 51.64 -29.76 -30.98
N LYS A 117 51.84 -28.55 -30.49
CA LYS A 117 52.69 -28.31 -29.30
C LYS A 117 51.80 -28.25 -28.04
N ARG A 118 50.62 -27.63 -28.13
CA ARG A 118 49.74 -27.42 -26.95
C ARG A 118 48.28 -27.62 -27.33
N VAL A 119 47.48 -28.00 -26.34
CA VAL A 119 46.06 -28.38 -26.54
C VAL A 119 45.24 -27.61 -25.50
N ILE A 120 44.21 -26.91 -25.97
CA ILE A 120 43.24 -26.24 -25.09
C ILE A 120 41.91 -26.96 -25.24
N ILE A 121 41.49 -27.68 -24.20
CA ILE A 121 40.14 -28.30 -24.16
C ILE A 121 39.09 -27.24 -23.85
N SER A 122 38.09 -27.13 -24.70
CA SER A 122 37.09 -26.04 -24.68
C SER A 122 35.89 -26.53 -23.86
N ALA A 123 36.19 -27.22 -22.78
CA ALA A 123 35.24 -27.92 -21.89
C ALA A 123 35.95 -28.14 -20.57
N PRO A 124 35.20 -28.36 -19.47
CA PRO A 124 35.85 -28.88 -18.28
C PRO A 124 36.57 -30.19 -18.56
N SER A 125 37.57 -30.45 -17.73
CA SER A 125 38.35 -31.71 -17.80
C SER A 125 38.44 -32.35 -16.42
N ALA A 126 38.33 -33.67 -16.34
CA ALA A 126 38.53 -34.44 -15.10
C ALA A 126 39.96 -34.25 -14.57
N ASP A 127 40.99 -34.26 -15.39
CA ASP A 127 42.39 -34.20 -14.86
C ASP A 127 43.17 -32.98 -15.35
N ALA A 128 42.83 -32.40 -16.50
CA ALA A 128 43.66 -31.31 -17.08
C ALA A 128 43.50 -30.07 -16.23
N PRO A 129 44.56 -29.25 -16.06
CA PRO A 129 44.46 -28.00 -15.33
C PRO A 129 43.51 -27.03 -16.05
N MET A 130 42.64 -26.36 -15.28
CA MET A 130 41.55 -25.51 -15.79
C MET A 130 41.88 -24.04 -15.50
N PHE A 131 41.64 -23.18 -16.46
CA PHE A 131 41.95 -21.73 -16.34
C PHE A 131 40.70 -20.91 -16.66
N VAL A 132 40.54 -19.83 -15.92
CA VAL A 132 39.53 -18.80 -16.22
C VAL A 132 40.27 -17.48 -16.40
N MET A 133 40.09 -16.83 -17.57
CA MET A 133 40.66 -15.51 -17.83
C MET A 133 40.18 -14.51 -16.78
N GLY A 134 41.12 -13.73 -16.24
CA GLY A 134 40.98 -12.72 -15.19
C GLY A 134 40.96 -13.31 -13.79
N VAL A 135 41.05 -14.62 -13.64
CA VAL A 135 40.92 -15.27 -12.30
C VAL A 135 42.24 -15.98 -11.94
N ASN A 136 42.67 -16.95 -12.73
CA ASN A 136 43.86 -17.75 -12.39
C ASN A 136 44.74 -17.91 -13.63
N HIS A 137 44.52 -17.18 -14.70
CA HIS A 137 45.26 -17.41 -15.97
C HIS A 137 46.76 -17.11 -15.82
N GLU A 138 47.15 -16.31 -14.83
CA GLU A 138 48.57 -16.05 -14.49
C GLU A 138 49.27 -17.29 -13.92
N LYS A 139 48.53 -18.27 -13.41
CA LYS A 139 49.14 -19.52 -12.90
C LYS A 139 49.56 -20.41 -14.09
N TYR A 140 49.25 -20.02 -15.33
CA TYR A 140 49.68 -20.79 -16.53
C TYR A 140 51.18 -20.54 -16.79
N ASP A 141 51.94 -21.59 -17.14
CA ASP A 141 53.35 -21.46 -17.61
C ASP A 141 53.62 -22.46 -18.74
N ASN A 142 54.85 -22.42 -19.27
CA ASN A 142 55.33 -23.15 -20.48
C ASN A 142 55.50 -24.64 -20.25
N SER A 143 55.52 -25.10 -19.00
CA SER A 143 55.63 -26.56 -18.72
C SER A 143 54.35 -27.24 -19.19
N LEU A 144 53.23 -26.51 -19.24
CA LEU A 144 51.88 -27.08 -19.48
C LEU A 144 51.62 -27.24 -20.97
N LYS A 145 51.20 -28.42 -21.39
CA LYS A 145 50.91 -28.72 -22.82
C LYS A 145 49.43 -29.06 -23.01
N ILE A 146 48.73 -29.51 -21.97
CA ILE A 146 47.30 -29.93 -22.10
C ILE A 146 46.51 -29.23 -21.01
N ILE A 147 45.54 -28.45 -21.43
CA ILE A 147 44.93 -27.35 -20.63
C ILE A 147 43.44 -27.31 -20.95
N SER A 148 42.64 -26.87 -19.97
CA SER A 148 41.17 -26.72 -20.12
C SER A 148 40.79 -25.29 -19.77
N ASN A 149 39.85 -24.73 -20.51
CA ASN A 149 39.38 -23.34 -20.32
C ASN A 149 38.10 -23.34 -19.47
N ALA A 150 37.78 -24.48 -18.86
CA ALA A 150 36.62 -24.69 -17.96
C ALA A 150 35.33 -24.57 -18.78
N SER A 151 34.24 -24.23 -18.16
CA SER A 151 32.94 -24.17 -18.86
C SER A 151 32.56 -22.71 -19.01
N CYS A 152 31.59 -22.48 -19.87
CA CYS A 152 30.96 -21.16 -20.00
C CYS A 152 30.38 -20.76 -18.65
N THR A 153 29.73 -21.67 -17.92
CA THR A 153 29.12 -21.30 -16.61
C THR A 153 30.21 -20.95 -15.58
N THR A 154 31.34 -21.67 -15.57
CA THR A 154 32.43 -21.39 -14.60
C THR A 154 33.05 -20.03 -14.92
N ASN A 155 33.15 -19.71 -16.20
CA ASN A 155 33.70 -18.40 -16.66
C ASN A 155 32.74 -17.27 -16.30
N CYS A 156 31.45 -17.53 -16.09
CA CYS A 156 30.54 -16.47 -15.60
C CYS A 156 30.67 -16.36 -14.06
N LEU A 157 30.66 -17.49 -13.35
CA LEU A 157 30.59 -17.48 -11.87
C LEU A 157 31.92 -17.08 -11.25
N ALA A 158 33.05 -17.52 -11.80
CA ALA A 158 34.36 -17.39 -11.13
C ALA A 158 34.78 -15.92 -11.01
N PRO A 159 34.68 -15.07 -12.06
CA PRO A 159 35.07 -13.66 -11.92
C PRO A 159 34.23 -12.88 -10.90
N LEU A 160 32.93 -13.15 -10.85
CA LEU A 160 32.08 -12.51 -9.81
C LEU A 160 32.46 -13.07 -8.44
N ALA A 161 32.65 -14.39 -8.33
CA ALA A 161 32.94 -15.03 -7.03
C ALA A 161 34.24 -14.43 -6.49
N LYS A 162 35.16 -14.13 -7.39
CA LYS A 162 36.52 -13.66 -7.03
C LYS A 162 36.36 -12.29 -6.38
N VAL A 163 35.68 -11.37 -7.07
CA VAL A 163 35.44 -10.00 -6.53
C VAL A 163 34.67 -10.08 -5.20
N ILE A 164 33.69 -10.97 -5.09
CA ILE A 164 32.87 -11.03 -3.84
C ILE A 164 33.74 -11.58 -2.71
N HIS A 165 34.48 -12.65 -2.97
CA HIS A 165 35.38 -13.28 -1.98
C HIS A 165 36.49 -12.31 -1.58
N ASP A 166 37.23 -11.77 -2.56
CA ASP A 166 38.29 -10.77 -2.30
C ASP A 166 37.78 -9.72 -1.32
N ASN A 167 36.57 -9.19 -1.50
CA ASN A 167 36.16 -7.96 -0.77
C ASN A 167 35.50 -8.30 0.55
N PHE A 168 34.62 -9.29 0.58
CA PHE A 168 33.76 -9.53 1.77
C PHE A 168 34.00 -10.92 2.33
N GLY A 169 34.47 -11.88 1.52
CA GLY A 169 34.64 -13.27 1.98
C GLY A 169 33.37 -14.07 1.83
N ILE A 170 33.43 -15.14 1.06
CA ILE A 170 32.27 -16.05 0.87
C ILE A 170 32.42 -17.17 1.88
N VAL A 171 31.55 -17.20 2.88
CA VAL A 171 31.45 -18.36 3.81
C VAL A 171 30.96 -19.56 3.01
N GLU A 172 29.83 -19.42 2.31
CA GLU A 172 29.31 -20.52 1.46
C GLU A 172 28.38 -19.92 0.41
N GLY A 173 28.10 -20.69 -0.64
CA GLY A 173 27.16 -20.19 -1.67
C GLY A 173 26.57 -21.31 -2.48
N LEU A 174 25.45 -21.00 -3.10
CA LEU A 174 24.69 -21.94 -3.95
C LEU A 174 24.25 -21.21 -5.21
N MET A 175 24.51 -21.82 -6.35
CA MET A 175 24.33 -21.17 -7.66
C MET A 175 23.19 -21.90 -8.38
N THR A 176 22.31 -21.13 -8.99
CA THR A 176 21.47 -21.62 -10.11
C THR A 176 21.90 -20.91 -11.40
N THR A 177 22.03 -21.65 -12.49
CA THR A 177 22.15 -21.04 -13.82
C THR A 177 20.86 -21.34 -14.59
N VAL A 178 20.17 -20.30 -15.01
CA VAL A 178 19.06 -20.44 -15.98
C VAL A 178 19.69 -20.31 -17.35
N HIS A 179 19.70 -21.41 -18.09
CA HIS A 179 20.61 -21.62 -19.25
C HIS A 179 19.81 -21.81 -20.54
N ALA A 180 20.32 -21.28 -21.65
CA ALA A 180 19.74 -21.44 -22.99
C ALA A 180 19.91 -22.88 -23.44
N ILE A 181 19.11 -23.28 -24.42
CA ILE A 181 19.12 -24.66 -24.97
C ILE A 181 20.48 -24.91 -25.64
N THR A 182 20.92 -26.17 -25.65
CA THR A 182 22.21 -26.56 -26.30
C THR A 182 21.99 -27.70 -27.30
N ALA A 183 23.05 -27.97 -28.05
CA ALA A 183 23.16 -29.01 -29.08
C ALA A 183 22.90 -30.40 -28.51
N THR A 184 23.07 -30.64 -27.22
CA THR A 184 22.79 -31.97 -26.59
C THR A 184 21.29 -32.15 -26.31
N GLN A 185 20.47 -31.11 -26.29
CA GLN A 185 19.03 -31.34 -26.02
C GLN A 185 18.32 -31.81 -27.30
N LYS A 186 17.04 -32.14 -27.16
CA LYS A 186 16.19 -32.67 -28.24
C LYS A 186 15.07 -31.69 -28.54
N THR A 187 14.68 -31.60 -29.81
CA THR A 187 13.51 -30.78 -30.28
C THR A 187 12.21 -31.37 -29.72
N VAL A 188 12.08 -32.69 -29.71
CA VAL A 188 10.88 -33.38 -29.15
C VAL A 188 11.38 -34.49 -28.22
N ASP A 189 10.52 -34.94 -27.30
CA ASP A 189 10.88 -36.00 -26.32
C ASP A 189 11.60 -37.13 -27.08
N GLY A 190 12.87 -37.36 -26.76
CA GLY A 190 13.75 -38.29 -27.45
C GLY A 190 14.71 -38.99 -26.47
N PRO A 191 15.60 -39.87 -26.97
CA PRO A 191 16.40 -40.70 -26.10
C PRO A 191 17.62 -39.94 -25.57
N SER A 192 17.81 -40.02 -24.27
CA SER A 192 18.95 -39.44 -23.53
C SER A 192 19.19 -40.36 -22.35
N GLY A 193 19.81 -41.51 -22.59
CA GLY A 193 19.83 -42.66 -21.66
C GLY A 193 20.54 -42.36 -20.35
N LYS A 194 21.57 -41.56 -20.38
CA LYS A 194 22.29 -41.18 -19.15
C LYS A 194 21.49 -40.15 -18.36
N LEU A 195 20.74 -39.30 -19.04
CA LEU A 195 20.20 -38.07 -18.44
C LEU A 195 18.76 -37.89 -18.95
N TRP A 196 17.81 -38.49 -18.24
CA TRP A 196 16.42 -38.70 -18.74
C TRP A 196 15.73 -37.35 -18.94
N ARG A 197 15.98 -36.38 -18.07
CA ARG A 197 15.37 -35.04 -18.18
C ARG A 197 15.86 -34.38 -19.46
N ASP A 198 17.10 -34.63 -19.85
CA ASP A 198 17.74 -33.89 -20.98
C ASP A 198 17.13 -34.33 -22.30
N GLY A 199 16.45 -35.47 -22.34
CA GLY A 199 15.77 -35.94 -23.56
C GLY A 199 14.40 -35.30 -23.75
N ARG A 200 13.82 -34.71 -22.70
CA ARG A 200 12.45 -34.12 -22.83
C ARG A 200 12.53 -32.85 -23.67
N GLY A 201 11.47 -32.60 -24.47
CA GLY A 201 11.48 -31.60 -25.56
C GLY A 201 11.94 -30.22 -25.11
N ALA A 202 12.96 -29.65 -25.75
CA ALA A 202 13.64 -28.43 -25.24
C ALA A 202 12.79 -27.17 -25.46
N LEU A 203 11.92 -27.15 -26.48
CA LEU A 203 10.97 -26.03 -26.74
C LEU A 203 9.83 -26.05 -25.71
N GLN A 204 9.41 -27.20 -25.20
CA GLN A 204 8.19 -27.22 -24.34
C GLN A 204 8.53 -26.95 -22.87
N ASN A 205 9.77 -27.15 -22.45
CA ASN A 205 10.07 -27.47 -21.03
C ASN A 205 11.13 -26.55 -20.39
N ILE A 206 10.89 -26.18 -19.14
CA ILE A 206 11.94 -25.88 -18.13
C ILE A 206 12.53 -27.20 -17.67
N ILE A 207 13.83 -27.45 -17.85
CA ILE A 207 14.40 -28.79 -17.55
C ILE A 207 15.49 -28.64 -16.49
N PRO A 208 15.32 -29.20 -15.28
CA PRO A 208 16.40 -29.21 -14.29
C PRO A 208 17.59 -30.02 -14.78
N ALA A 209 18.80 -29.61 -14.44
CA ALA A 209 20.01 -30.37 -14.79
C ALA A 209 21.07 -30.19 -13.70
N SER A 210 21.93 -31.19 -13.60
CA SER A 210 23.13 -31.15 -12.76
C SER A 210 24.22 -30.40 -13.53
N THR A 211 25.05 -29.66 -12.80
CA THR A 211 26.28 -29.06 -13.35
C THR A 211 27.35 -29.06 -12.26
N GLY A 212 28.57 -29.35 -12.64
CA GLY A 212 29.73 -29.23 -11.75
C GLY A 212 30.33 -27.82 -11.77
N ALA A 213 29.73 -26.83 -12.45
CA ALA A 213 30.41 -25.54 -12.75
C ALA A 213 30.66 -24.71 -11.48
N ALA A 214 29.81 -24.80 -10.46
CA ALA A 214 29.99 -24.02 -9.22
C ALA A 214 31.11 -24.64 -8.39
N LYS A 215 31.09 -25.97 -8.27
CA LYS A 215 32.14 -26.75 -7.57
C LYS A 215 33.48 -26.52 -8.28
N ALA A 216 33.52 -26.41 -9.61
CA ALA A 216 34.78 -26.15 -10.37
C ALA A 216 35.40 -24.79 -10.02
N VAL A 217 34.62 -23.80 -9.60
CA VAL A 217 35.16 -22.49 -9.13
C VAL A 217 36.16 -22.73 -7.98
N GLY A 218 35.93 -23.78 -7.18
CA GLY A 218 36.87 -24.23 -6.13
C GLY A 218 38.24 -24.64 -6.65
N LYS A 219 38.36 -24.99 -7.92
CA LYS A 219 39.67 -25.34 -8.55
C LYS A 219 40.39 -24.08 -9.07
N VAL A 220 39.67 -23.05 -9.54
CA VAL A 220 40.33 -21.85 -10.13
C VAL A 220 40.58 -20.82 -9.02
N ILE A 221 39.84 -20.88 -7.93
CA ILE A 221 40.02 -20.07 -6.69
C ILE A 221 40.08 -21.07 -5.54
N PRO A 222 41.27 -21.67 -5.26
CA PRO A 222 41.36 -22.78 -4.31
C PRO A 222 40.77 -22.50 -2.93
N GLU A 223 40.71 -21.23 -2.53
CA GLU A 223 40.10 -20.79 -1.23
C GLU A 223 38.59 -21.06 -1.20
N LEU A 224 37.94 -21.25 -2.35
CA LEU A 224 36.48 -21.51 -2.38
C LEU A 224 36.22 -23.00 -2.55
N ASN A 225 37.25 -23.82 -2.47
CA ASN A 225 37.10 -25.29 -2.55
C ASN A 225 36.10 -25.71 -1.46
N GLY A 226 35.06 -26.44 -1.85
CA GLY A 226 34.05 -27.01 -0.93
C GLY A 226 33.05 -25.96 -0.45
N LYS A 227 33.12 -24.71 -0.92
CA LYS A 227 32.17 -23.65 -0.46
C LYS A 227 31.11 -23.32 -1.51
N LEU A 228 31.15 -23.94 -2.69
CA LEU A 228 30.14 -23.62 -3.73
C LEU A 228 29.64 -24.92 -4.34
N THR A 229 28.33 -25.00 -4.55
CA THR A 229 27.75 -25.96 -5.50
C THR A 229 26.49 -25.34 -6.09
N GLY A 230 25.86 -26.07 -6.97
CA GLY A 230 24.71 -25.50 -7.70
C GLY A 230 24.11 -26.48 -8.69
N MET A 231 23.15 -25.98 -9.45
CA MET A 231 22.39 -26.77 -10.42
C MET A 231 21.88 -25.80 -11.49
N ALA A 232 21.21 -26.31 -12.51
CA ALA A 232 20.80 -25.51 -13.67
C ALA A 232 19.34 -25.80 -14.01
N PHE A 233 18.76 -24.86 -14.73
CA PHE A 233 17.49 -25.06 -15.46
C PHE A 233 17.78 -24.72 -16.91
N ARG A 234 17.41 -25.62 -17.82
CA ARG A 234 17.40 -25.31 -19.26
C ARG A 234 16.05 -24.71 -19.61
N VAL A 235 16.06 -23.62 -20.36
CA VAL A 235 14.80 -22.94 -20.73
C VAL A 235 14.82 -22.71 -22.23
N PRO A 236 13.65 -22.54 -22.86
CA PRO A 236 13.58 -22.41 -24.30
C PRO A 236 14.06 -21.06 -24.89
N THR A 237 15.34 -20.74 -24.77
CA THR A 237 15.97 -19.62 -25.53
C THR A 237 17.17 -20.18 -26.30
N ALA A 238 17.48 -19.59 -27.45
CA ALA A 238 18.53 -20.10 -28.36
C ALA A 238 19.93 -19.85 -27.79
N ASN A 239 20.08 -18.79 -26.99
CA ASN A 239 21.38 -18.29 -26.53
C ASN A 239 21.21 -17.25 -25.43
N VAL A 240 22.24 -17.17 -24.59
CA VAL A 240 22.39 -16.27 -23.42
C VAL A 240 21.75 -16.93 -22.20
N SER A 241 22.51 -16.95 -21.11
CA SER A 241 22.17 -17.62 -19.85
C SER A 241 22.47 -16.63 -18.73
N VAL A 242 22.06 -16.98 -17.52
CA VAL A 242 22.25 -16.08 -16.36
C VAL A 242 22.60 -16.94 -15.15
N VAL A 243 23.54 -16.45 -14.36
CA VAL A 243 23.89 -17.05 -13.05
C VAL A 243 23.15 -16.31 -11.93
N ASP A 244 22.71 -17.10 -10.98
CA ASP A 244 21.99 -16.66 -9.75
C ASP A 244 22.79 -17.17 -8.54
N LEU A 245 23.54 -16.30 -7.88
CA LEU A 245 24.46 -16.73 -6.79
C LEU A 245 23.88 -16.32 -5.45
N THR A 246 23.43 -17.28 -4.66
CA THR A 246 22.97 -17.02 -3.30
C THR A 246 24.16 -17.34 -2.37
N CYS A 247 24.75 -16.32 -1.77
CA CYS A 247 25.94 -16.54 -0.92
C CYS A 247 25.83 -15.85 0.43
N ARG A 248 26.44 -16.48 1.43
CA ARG A 248 26.66 -15.89 2.76
C ARG A 248 28.00 -15.17 2.74
N LEU A 249 28.04 -13.98 3.33
CA LEU A 249 29.25 -13.12 3.34
C LEU A 249 29.83 -13.05 4.76
N GLU A 250 31.12 -13.28 4.89
CA GLU A 250 31.82 -13.16 6.19
C GLU A 250 31.68 -11.72 6.68
N LYS A 251 32.19 -10.73 5.94
CA LYS A 251 32.12 -9.33 6.42
C LYS A 251 30.83 -8.68 5.92
N PRO A 252 30.32 -7.68 6.64
CA PRO A 252 29.04 -7.08 6.30
C PRO A 252 29.16 -6.29 4.99
N ALA A 253 28.16 -6.43 4.12
CA ALA A 253 28.16 -5.84 2.78
C ALA A 253 26.75 -5.37 2.45
N LYS A 254 26.57 -4.05 2.32
CA LYS A 254 25.30 -3.48 1.84
C LYS A 254 25.35 -3.65 0.34
N TYR A 255 24.19 -3.74 -0.29
CA TYR A 255 24.08 -4.01 -1.75
C TYR A 255 24.89 -2.94 -2.51
N ASP A 256 24.79 -1.69 -2.07
CA ASP A 256 25.55 -0.56 -2.68
C ASP A 256 27.07 -0.78 -2.58
N ASP A 257 27.58 -1.42 -1.53
CA ASP A 257 29.04 -1.71 -1.43
C ASP A 257 29.41 -2.82 -2.43
N ILE A 258 28.58 -3.83 -2.54
CA ILE A 258 28.77 -4.92 -3.54
C ILE A 258 28.83 -4.27 -4.91
N LYS A 259 27.88 -3.39 -5.22
CA LYS A 259 27.80 -2.77 -6.57
C LYS A 259 29.07 -1.95 -6.83
N LYS A 260 29.56 -1.24 -5.82
CA LYS A 260 30.77 -0.40 -6.01
C LYS A 260 31.97 -1.29 -6.36
N VAL A 261 32.24 -2.33 -5.58
CA VAL A 261 33.48 -3.13 -5.79
C VAL A 261 33.37 -3.90 -7.11
N VAL A 262 32.17 -4.32 -7.49
CA VAL A 262 31.97 -5.04 -8.77
C VAL A 262 32.20 -4.07 -9.92
N LYS A 263 31.57 -2.91 -9.88
CA LYS A 263 31.77 -1.85 -10.89
C LYS A 263 33.26 -1.50 -11.01
N GLN A 264 33.94 -1.33 -9.88
CA GLN A 264 35.39 -1.04 -9.82
C GLN A 264 36.17 -2.16 -10.54
N ALA A 265 35.94 -3.42 -10.16
CA ALA A 265 36.64 -4.57 -10.79
C ALA A 265 36.37 -4.57 -12.30
N SER A 266 35.16 -4.24 -12.75
CA SER A 266 34.80 -4.31 -14.19
C SER A 266 35.52 -3.20 -14.97
N GLU A 267 35.81 -2.06 -14.34
CA GLU A 267 36.53 -0.93 -15.00
C GLU A 267 38.04 -1.14 -14.95
N GLY A 268 38.52 -2.01 -14.06
CA GLY A 268 39.95 -2.12 -13.72
C GLY A 268 40.54 -3.42 -14.26
N PRO A 269 41.03 -4.28 -13.37
CA PRO A 269 41.73 -5.49 -13.81
C PRO A 269 40.86 -6.56 -14.48
N LEU A 270 39.52 -6.52 -14.38
CA LEU A 270 38.68 -7.59 -15.00
C LEU A 270 37.97 -7.04 -16.25
N LYS A 271 38.38 -5.88 -16.71
CA LYS A 271 37.76 -5.19 -17.88
C LYS A 271 37.74 -6.12 -19.10
N GLY A 272 36.63 -6.13 -19.83
CA GLY A 272 36.38 -7.08 -20.94
C GLY A 272 36.00 -8.49 -20.45
N ILE A 273 36.20 -8.83 -19.17
CA ILE A 273 35.87 -10.18 -18.65
C ILE A 273 34.65 -10.08 -17.74
N LEU A 274 34.73 -9.24 -16.73
CA LEU A 274 33.55 -8.92 -15.87
C LEU A 274 32.93 -7.61 -16.33
N GLY A 275 31.65 -7.63 -16.64
CA GLY A 275 30.87 -6.44 -16.98
C GLY A 275 30.04 -5.96 -15.81
N TYR A 276 29.48 -4.77 -15.95
CA TYR A 276 28.65 -4.14 -14.90
C TYR A 276 27.62 -3.24 -15.55
N THR A 277 26.37 -3.35 -15.13
CA THR A 277 25.28 -2.52 -15.66
C THR A 277 24.18 -2.27 -14.62
N GLU A 278 23.57 -1.10 -14.69
CA GLU A 278 22.39 -0.70 -13.89
C GLU A 278 21.17 -0.56 -14.81
N HIS A 279 21.34 -0.82 -16.09
CA HIS A 279 20.27 -0.74 -17.12
C HIS A 279 19.28 -1.88 -16.94
N GLN A 280 18.06 -1.68 -17.45
CA GLN A 280 16.94 -2.63 -17.29
C GLN A 280 17.03 -3.68 -18.38
N VAL A 281 18.08 -4.49 -18.30
CA VAL A 281 18.48 -5.41 -19.40
C VAL A 281 17.64 -6.68 -19.34
N VAL A 282 17.63 -7.37 -20.46
CA VAL A 282 17.03 -8.72 -20.59
C VAL A 282 18.03 -9.55 -21.37
N SER A 283 17.79 -10.85 -21.49
CA SER A 283 18.83 -11.80 -21.98
C SER A 283 19.37 -11.36 -23.34
N SER A 284 18.51 -10.94 -24.27
CA SER A 284 18.92 -10.65 -25.68
C SER A 284 19.80 -9.40 -25.73
N ASP A 285 19.83 -8.56 -24.72
CA ASP A 285 20.78 -7.42 -24.65
C ASP A 285 22.23 -7.92 -24.54
N PHE A 286 22.44 -9.20 -24.24
CA PHE A 286 23.81 -9.76 -24.14
C PHE A 286 24.11 -10.70 -25.30
N ASN A 287 23.26 -10.73 -26.33
CA ASN A 287 23.54 -11.61 -27.50
C ASN A 287 24.75 -11.04 -28.24
N SER A 288 25.77 -11.88 -28.43
CA SER A 288 27.12 -11.56 -28.98
C SER A 288 27.94 -10.64 -28.07
N ASP A 289 27.53 -10.42 -26.82
CA ASP A 289 28.38 -9.74 -25.80
C ASP A 289 29.57 -10.65 -25.45
N THR A 290 30.78 -10.13 -25.54
CA THR A 290 32.02 -10.93 -25.43
C THR A 290 32.44 -11.06 -23.98
N HIS A 291 31.74 -10.42 -23.03
CA HIS A 291 32.07 -10.52 -21.59
C HIS A 291 31.89 -11.96 -21.10
N SER A 292 32.71 -12.38 -20.13
CA SER A 292 32.57 -13.68 -19.44
C SER A 292 31.34 -13.63 -18.52
N SER A 293 31.02 -12.45 -18.00
CA SER A 293 30.15 -12.28 -16.82
C SER A 293 29.75 -10.81 -16.75
N THR A 294 28.46 -10.49 -16.79
CA THR A 294 28.02 -9.07 -16.63
C THR A 294 27.05 -8.97 -15.46
N PHE A 295 27.50 -8.35 -14.41
CA PHE A 295 26.72 -8.10 -13.18
C PHE A 295 25.55 -7.20 -13.52
N ASP A 296 24.34 -7.66 -13.15
CA ASP A 296 23.06 -6.93 -13.33
C ASP A 296 22.69 -6.33 -11.98
N ALA A 297 22.86 -5.03 -11.80
CA ALA A 297 22.76 -4.42 -10.45
C ALA A 297 21.28 -4.42 -10.01
N GLY A 298 20.36 -4.02 -10.89
CA GLY A 298 18.93 -3.93 -10.54
C GLY A 298 18.26 -5.28 -10.28
N ALA A 299 18.77 -6.39 -10.80
CA ALA A 299 18.03 -7.69 -10.73
C ALA A 299 18.33 -8.45 -9.42
N GLY A 300 19.46 -8.15 -8.77
CA GLY A 300 19.88 -8.82 -7.52
C GLY A 300 19.08 -8.36 -6.30
N ILE A 301 19.15 -9.10 -5.20
CA ILE A 301 18.44 -8.65 -3.98
C ILE A 301 19.19 -9.15 -2.75
N ALA A 302 19.31 -8.28 -1.74
CA ALA A 302 19.85 -8.64 -0.40
C ALA A 302 18.68 -8.93 0.54
N LEU A 303 18.81 -9.99 1.34
CA LEU A 303 17.96 -10.14 2.55
C LEU A 303 18.58 -9.33 3.68
N ASN A 304 19.88 -9.44 3.85
CA ASN A 304 20.60 -8.70 4.94
C ASN A 304 22.06 -8.53 4.54
N ASP A 305 22.85 -7.96 5.44
CA ASP A 305 24.23 -7.51 5.12
C ASP A 305 25.12 -8.74 4.86
N HIS A 306 24.66 -9.95 5.21
CA HIS A 306 25.47 -11.18 5.02
C HIS A 306 24.82 -12.24 4.14
N PHE A 307 23.65 -11.99 3.54
CA PHE A 307 22.92 -13.03 2.76
C PHE A 307 22.28 -12.37 1.55
N VAL A 308 22.78 -12.68 0.36
CA VAL A 308 22.48 -11.88 -0.85
C VAL A 308 22.36 -12.82 -2.04
N LYS A 309 21.64 -12.36 -3.06
CA LYS A 309 21.46 -13.07 -4.36
C LYS A 309 22.00 -12.15 -5.46
N LEU A 310 23.00 -12.62 -6.22
CA LEU A 310 23.69 -11.77 -7.22
C LEU A 310 23.46 -12.35 -8.61
N ILE A 311 23.11 -11.46 -9.54
CA ILE A 311 22.69 -11.88 -10.90
C ILE A 311 23.77 -11.45 -11.87
N SER A 312 24.22 -12.36 -12.74
CA SER A 312 25.26 -12.08 -13.75
C SER A 312 24.94 -12.83 -15.05
N TRP A 313 24.86 -12.07 -16.14
CA TRP A 313 24.53 -12.56 -17.50
C TRP A 313 25.77 -13.12 -18.21
N TYR A 314 25.58 -14.07 -19.11
CA TYR A 314 26.68 -14.51 -20.00
C TYR A 314 26.12 -15.06 -21.30
N ASP A 315 26.64 -14.53 -22.41
CA ASP A 315 26.53 -15.17 -23.73
C ASP A 315 27.37 -16.44 -23.64
N ASN A 316 26.71 -17.58 -23.39
CA ASN A 316 27.38 -18.89 -23.16
C ASN A 316 28.13 -19.33 -24.42
N GLU A 317 27.74 -18.85 -25.61
CA GLU A 317 28.43 -19.19 -26.88
C GLU A 317 29.61 -18.24 -27.10
N PHE A 318 29.34 -16.93 -27.16
CA PHE A 318 30.27 -15.90 -27.68
C PHE A 318 31.26 -15.44 -26.59
N GLY A 319 30.79 -15.30 -25.36
CA GLY A 319 31.68 -15.06 -24.21
C GLY A 319 32.77 -16.11 -24.12
N TYR A 320 32.40 -17.37 -23.95
CA TYR A 320 33.33 -18.51 -23.79
C TYR A 320 34.28 -18.63 -24.99
N SER A 321 33.78 -18.50 -26.22
CA SER A 321 34.57 -18.56 -27.47
C SER A 321 35.67 -17.47 -27.49
N ASN A 322 35.35 -16.28 -27.04
CA ASN A 322 36.33 -15.17 -26.99
C ASN A 322 37.39 -15.46 -25.90
N ARG A 323 37.00 -16.12 -24.81
CA ARG A 323 37.96 -16.45 -23.73
C ARG A 323 38.95 -17.51 -24.25
N VAL A 324 38.52 -18.41 -25.13
CA VAL A 324 39.42 -19.47 -25.65
C VAL A 324 40.51 -18.77 -26.47
N VAL A 325 40.15 -17.80 -27.28
CA VAL A 325 41.12 -16.99 -28.07
C VAL A 325 41.98 -16.16 -27.13
N ASP A 326 41.40 -15.53 -26.12
CA ASP A 326 42.19 -14.75 -25.12
C ASP A 326 43.18 -15.66 -24.38
N LEU A 327 42.81 -16.90 -24.09
CA LEU A 327 43.66 -17.83 -23.30
C LEU A 327 44.88 -18.17 -24.17
N MET A 328 44.64 -18.57 -25.42
CA MET A 328 45.72 -18.89 -26.39
C MET A 328 46.60 -17.67 -26.63
N ALA A 329 46.05 -16.45 -26.63
CA ALA A 329 46.86 -15.25 -26.91
C ALA A 329 47.78 -15.04 -25.71
N HIS A 330 47.28 -15.23 -24.49
CA HIS A 330 48.11 -15.08 -23.27
C HIS A 330 49.17 -16.18 -23.26
N MET A 331 48.85 -17.36 -23.80
CA MET A 331 49.79 -18.51 -23.86
C MET A 331 50.96 -18.13 -24.79
N ALA A 332 50.68 -17.49 -25.94
CA ALA A 332 51.69 -17.05 -26.94
C ALA A 332 52.65 -16.05 -26.30
N SER A 333 52.15 -15.20 -25.42
CA SER A 333 52.94 -14.11 -24.81
C SER A 333 53.92 -14.71 -23.78
N LYS A 334 53.74 -15.95 -23.32
CA LYS A 334 54.57 -16.48 -22.19
C LYS A 334 55.45 -17.64 -22.67
N GLU A 335 55.44 -17.97 -23.95
CA GLU A 335 56.40 -18.98 -24.50
C GLU A 335 57.81 -18.38 -24.48
N LYS B 3 26.25 0.99 26.56
CA LYS B 3 27.05 -0.26 26.40
C LYS B 3 26.26 -1.48 26.89
N VAL B 4 25.55 -1.41 28.03
CA VAL B 4 24.70 -2.56 28.47
C VAL B 4 23.52 -2.70 27.50
N LYS B 5 23.03 -3.93 27.32
CA LYS B 5 21.96 -4.22 26.33
C LYS B 5 20.66 -4.48 27.09
N VAL B 6 19.57 -3.87 26.62
CA VAL B 6 18.32 -3.73 27.41
C VAL B 6 17.13 -4.27 26.62
N GLY B 7 16.35 -5.10 27.30
CA GLY B 7 15.01 -5.54 26.87
C GLY B 7 13.95 -4.67 27.53
N VAL B 8 12.94 -4.26 26.78
CA VAL B 8 11.84 -3.44 27.38
C VAL B 8 10.56 -4.25 27.28
N ASN B 9 10.02 -4.65 28.42
CA ASN B 9 8.70 -5.33 28.47
C ASN B 9 7.62 -4.26 28.58
N GLY B 10 6.86 -4.04 27.51
CA GLY B 10 5.74 -3.09 27.53
C GLY B 10 6.08 -1.79 26.80
N PHE B 11 5.37 -1.50 25.72
CA PHE B 11 5.67 -0.35 24.85
C PHE B 11 4.62 0.73 25.07
N GLY B 12 4.33 0.99 26.37
CA GLY B 12 3.42 2.01 26.89
C GLY B 12 4.12 3.35 27.03
N ARG B 13 3.52 4.30 27.73
CA ARG B 13 4.14 5.64 27.83
C ARG B 13 5.57 5.45 28.35
N ILE B 14 5.77 4.64 29.39
CA ILE B 14 7.11 4.48 30.01
C ILE B 14 8.03 3.74 29.02
N GLY B 15 7.59 2.61 28.49
CA GLY B 15 8.37 1.77 27.57
C GLY B 15 8.91 2.58 26.41
N ARG B 16 8.04 3.33 25.76
CA ARG B 16 8.44 4.16 24.59
C ARG B 16 9.37 5.27 25.09
N LEU B 17 9.10 5.86 26.23
CA LEU B 17 9.88 7.07 26.60
C LEU B 17 11.21 6.63 27.21
N VAL B 18 11.26 5.45 27.81
CA VAL B 18 12.56 4.85 28.25
C VAL B 18 13.40 4.55 27.00
N THR B 19 12.79 3.94 26.00
CA THR B 19 13.42 3.70 24.68
C THR B 19 13.92 5.04 24.10
N ARG B 20 13.07 6.05 24.06
CA ARG B 20 13.44 7.37 23.49
C ARG B 20 14.59 7.95 24.33
N ALA B 21 14.56 7.77 25.65
CA ALA B 21 15.61 8.31 26.55
C ALA B 21 16.92 7.52 26.38
N ALA B 22 16.86 6.23 26.04
CA ALA B 22 18.06 5.39 25.82
C ALA B 22 18.80 5.87 24.56
N PHE B 23 18.07 6.16 23.48
CA PHE B 23 18.69 6.57 22.19
C PHE B 23 19.23 7.99 22.28
N ASN B 24 18.53 8.89 22.97
CA ASN B 24 18.94 10.32 23.09
C ASN B 24 20.23 10.39 23.91
N SER B 25 20.32 9.63 25.01
CA SER B 25 21.47 9.74 25.94
C SER B 25 22.62 8.85 25.46
N GLY B 26 22.33 7.73 24.81
CA GLY B 26 23.34 6.69 24.49
C GLY B 26 23.89 6.00 25.73
N LYS B 27 23.21 6.08 26.87
CA LYS B 27 23.79 5.47 28.10
C LYS B 27 23.53 3.97 28.11
N VAL B 28 22.43 3.51 27.53
CA VAL B 28 22.20 2.05 27.34
C VAL B 28 21.77 1.80 25.90
N ASP B 29 21.88 0.55 25.46
CA ASP B 29 21.51 0.15 24.09
C ASP B 29 20.27 -0.72 24.17
N ILE B 30 19.20 -0.26 23.53
CA ILE B 30 17.95 -1.05 23.45
C ILE B 30 18.13 -2.12 22.36
N VAL B 31 17.95 -3.38 22.71
CA VAL B 31 18.07 -4.50 21.72
C VAL B 31 16.79 -5.34 21.69
N ALA B 32 15.89 -5.26 22.67
CA ALA B 32 14.63 -6.04 22.62
C ALA B 32 13.44 -5.29 23.22
N ILE B 33 12.30 -5.43 22.54
CA ILE B 33 10.98 -4.95 23.05
C ILE B 33 10.00 -6.12 22.99
N ASN B 34 9.29 -6.36 24.09
CA ASN B 34 8.12 -7.27 24.15
C ASN B 34 6.84 -6.47 24.38
N ASP B 35 5.80 -6.75 23.58
CA ASP B 35 4.41 -6.29 23.83
C ASP B 35 3.45 -7.08 22.94
N PRO B 36 2.49 -7.84 23.51
CA PRO B 36 1.59 -8.68 22.71
C PRO B 36 0.42 -7.91 22.08
N PHE B 37 0.21 -6.66 22.51
CA PHE B 37 -0.94 -5.81 22.10
C PHE B 37 -0.54 -4.81 21.02
N ILE B 38 0.75 -4.67 20.71
CA ILE B 38 1.24 -3.71 19.67
C ILE B 38 2.16 -4.48 18.73
N ASP B 39 1.77 -4.67 17.48
CA ASP B 39 2.68 -5.33 16.51
C ASP B 39 3.62 -4.29 15.89
N LEU B 40 4.62 -4.81 15.18
CA LEU B 40 5.83 -4.07 14.75
C LEU B 40 5.42 -2.80 13.98
N ASN B 41 4.51 -2.90 13.02
CA ASN B 41 4.12 -1.73 12.18
C ASN B 41 3.50 -0.64 13.07
N TYR B 42 2.75 -1.04 14.09
CA TYR B 42 2.10 -0.09 15.03
C TYR B 42 3.15 0.48 15.98
N MET B 43 4.14 -0.34 16.40
CA MET B 43 5.28 0.16 17.22
C MET B 43 6.00 1.32 16.51
N VAL B 44 6.20 1.24 15.20
CA VAL B 44 6.84 2.34 14.41
C VAL B 44 6.00 3.61 14.62
N TYR B 45 4.68 3.50 14.47
CA TYR B 45 3.75 4.66 14.55
C TYR B 45 3.76 5.25 15.96
N MET B 46 3.62 4.38 16.97
CA MET B 46 3.46 4.84 18.37
C MET B 46 4.75 5.53 18.82
N PHE B 47 5.92 5.05 18.37
CA PHE B 47 7.23 5.59 18.80
C PHE B 47 7.53 6.89 18.05
N GLN B 48 7.07 7.03 16.79
CA GLN B 48 7.50 8.13 15.92
C GLN B 48 6.67 9.38 16.21
N TYR B 49 5.39 9.19 16.54
CA TYR B 49 4.46 10.30 16.81
C TYR B 49 4.10 10.29 18.29
N ASP B 50 4.21 11.45 18.93
CA ASP B 50 3.89 11.60 20.37
C ASP B 50 3.20 12.94 20.61
N SER B 51 1.95 12.90 21.08
CA SER B 51 1.10 14.09 21.38
C SER B 51 1.82 15.01 22.36
N THR B 52 2.47 14.43 23.37
CA THR B 52 3.11 15.21 24.45
C THR B 52 4.50 15.67 24.04
N HIS B 53 5.36 14.75 23.61
CA HIS B 53 6.81 15.06 23.43
C HIS B 53 7.18 15.36 21.98
N GLY B 54 6.20 15.35 21.05
CA GLY B 54 6.43 15.67 19.65
C GLY B 54 7.07 14.52 18.90
N LYS B 55 7.13 14.64 17.58
CA LYS B 55 7.73 13.63 16.68
C LYS B 55 9.14 13.27 17.15
N PHE B 56 9.52 12.01 17.04
CA PHE B 56 10.88 11.52 17.32
C PHE B 56 11.90 12.21 16.38
N HIS B 57 12.94 12.82 16.96
CA HIS B 57 14.06 13.45 16.22
C HIS B 57 15.08 12.35 15.91
N GLY B 58 14.90 11.69 14.77
CA GLY B 58 15.68 10.49 14.42
C GLY B 58 14.94 9.60 13.47
N THR B 59 15.45 8.40 13.25
CA THR B 59 14.89 7.45 12.26
C THR B 59 14.28 6.28 13.00
N VAL B 60 13.11 5.87 12.55
CA VAL B 60 12.38 4.68 13.05
C VAL B 60 11.74 4.04 11.82
N LYS B 61 11.97 2.74 11.64
CA LYS B 61 11.32 1.99 10.55
C LYS B 61 11.18 0.53 10.97
N ALA B 62 10.31 -0.20 10.28
CA ALA B 62 10.22 -1.67 10.29
C ALA B 62 11.13 -2.22 9.19
N GLU B 63 12.07 -3.09 9.54
CA GLU B 63 13.04 -3.68 8.58
C GLU B 63 13.33 -5.13 8.96
N ASN B 64 12.88 -6.07 8.14
CA ASN B 64 13.15 -7.53 8.25
C ASN B 64 12.71 -8.05 9.63
N GLY B 65 11.49 -7.72 10.03
CA GLY B 65 10.89 -8.24 11.28
C GLY B 65 11.43 -7.53 12.50
N LYS B 66 12.23 -6.47 12.35
CA LYS B 66 12.80 -5.73 13.51
C LYS B 66 12.39 -4.26 13.45
N LEU B 67 12.27 -3.65 14.63
CA LEU B 67 12.14 -2.19 14.78
C LEU B 67 13.54 -1.61 14.71
N VAL B 68 13.78 -0.72 13.76
CA VAL B 68 15.11 -0.09 13.55
C VAL B 68 14.98 1.38 13.94
N ILE B 69 15.68 1.74 15.00
CA ILE B 69 15.70 3.12 15.55
C ILE B 69 17.12 3.63 15.37
N ASN B 70 17.30 4.65 14.55
CA ASN B 70 18.63 5.30 14.31
C ASN B 70 19.61 4.26 13.74
N GLY B 71 19.17 3.43 12.79
CA GLY B 71 20.00 2.34 12.19
C GLY B 71 20.25 1.15 13.11
N ASN B 72 19.65 1.11 14.31
CA ASN B 72 19.85 -0.01 15.27
C ASN B 72 18.67 -0.96 15.22
N PRO B 73 18.89 -2.24 14.87
CA PRO B 73 17.79 -3.20 14.80
C PRO B 73 17.41 -3.73 16.18
N ILE B 74 16.10 -3.83 16.44
CA ILE B 74 15.60 -4.24 17.78
C ILE B 74 14.70 -5.47 17.61
N THR B 75 14.95 -6.48 18.42
CA THR B 75 14.18 -7.75 18.34
C THR B 75 12.82 -7.55 19.00
N ILE B 76 11.76 -7.88 18.28
CA ILE B 76 10.40 -7.73 18.80
C ILE B 76 9.83 -9.08 19.22
N PHE B 77 9.36 -9.14 20.44
CA PHE B 77 8.61 -10.31 20.98
C PHE B 77 7.15 -9.92 21.14
N GLN B 78 6.27 -10.91 21.11
CA GLN B 78 4.83 -10.67 21.29
C GLN B 78 4.29 -11.63 22.37
N GLU B 79 5.01 -11.81 23.47
CA GLU B 79 4.66 -12.80 24.52
C GLU B 79 3.77 -12.22 25.61
N ARG B 80 2.66 -12.90 25.88
CA ARG B 80 1.82 -12.54 27.03
C ARG B 80 2.46 -13.06 28.30
N ASP B 81 3.17 -14.19 28.25
CA ASP B 81 3.73 -14.80 29.48
C ASP B 81 5.20 -14.41 29.62
N PRO B 82 5.62 -13.54 30.58
CA PRO B 82 6.99 -13.04 30.54
C PRO B 82 8.06 -14.12 30.73
N SER B 83 7.68 -15.31 31.19
CA SER B 83 8.63 -16.44 31.34
C SER B 83 9.03 -16.98 29.95
N LYS B 84 8.28 -16.67 28.90
CA LYS B 84 8.47 -17.28 27.55
C LYS B 84 9.14 -16.29 26.58
N ILE B 85 9.87 -15.30 27.10
CA ILE B 85 10.49 -14.24 26.26
C ILE B 85 11.98 -14.54 26.18
N LYS B 86 12.51 -14.67 24.97
CA LYS B 86 13.91 -15.14 24.78
C LYS B 86 14.84 -13.92 24.85
N TRP B 87 14.82 -13.22 25.98
CA TRP B 87 15.71 -12.06 26.24
C TRP B 87 17.16 -12.48 26.00
N GLY B 88 17.53 -13.68 26.45
CA GLY B 88 18.89 -14.25 26.29
C GLY B 88 19.28 -14.31 24.82
N ASP B 89 18.46 -14.96 24.03
CA ASP B 89 18.66 -15.09 22.56
C ASP B 89 18.74 -13.70 21.92
N ALA B 90 18.02 -12.69 22.41
CA ALA B 90 18.06 -11.35 21.77
C ALA B 90 19.25 -10.54 22.26
N GLY B 91 19.94 -11.00 23.29
CA GLY B 91 21.13 -10.32 23.84
C GLY B 91 20.79 -9.29 24.91
N ALA B 92 19.55 -9.31 25.44
CA ALA B 92 19.06 -8.35 26.47
C ALA B 92 19.53 -8.78 27.86
N GLU B 93 20.56 -8.11 28.40
CA GLU B 93 21.07 -8.38 29.76
C GLU B 93 20.05 -7.87 30.81
N TYR B 94 19.70 -6.59 30.74
CA TYR B 94 18.73 -5.96 31.67
C TYR B 94 17.38 -5.84 30.96
N VAL B 95 16.32 -6.09 31.72
CA VAL B 95 14.93 -5.95 31.20
C VAL B 95 14.21 -4.89 32.05
N VAL B 96 13.64 -3.90 31.38
CA VAL B 96 12.74 -2.91 32.04
C VAL B 96 11.33 -3.48 32.04
N GLU B 97 10.84 -3.78 33.25
CA GLU B 97 9.48 -4.32 33.43
C GLU B 97 8.56 -3.12 33.60
N SER B 98 7.90 -2.71 32.52
CA SER B 98 7.15 -1.42 32.49
C SER B 98 5.70 -1.62 32.09
N THR B 99 5.15 -2.83 32.18
CA THR B 99 3.74 -3.12 31.82
C THR B 99 2.81 -2.60 32.92
N GLY B 100 3.32 -2.54 34.15
CA GLY B 100 2.56 -2.17 35.36
C GLY B 100 1.78 -3.33 35.99
N VAL B 101 1.93 -4.57 35.52
CA VAL B 101 1.12 -5.73 36.03
C VAL B 101 2.03 -6.79 36.67
N PHE B 102 3.35 -6.65 36.58
CA PHE B 102 4.32 -7.65 37.11
C PHE B 102 5.27 -6.97 38.10
N THR B 103 4.72 -6.29 39.11
CA THR B 103 5.46 -5.40 40.04
C THR B 103 6.02 -6.15 41.26
N THR B 104 5.69 -7.43 41.42
CA THR B 104 6.18 -8.23 42.58
C THR B 104 7.44 -8.99 42.16
N MET B 105 8.34 -9.25 43.11
CA MET B 105 9.60 -9.98 42.80
C MET B 105 9.27 -11.36 42.21
N GLU B 106 8.18 -11.99 42.64
CA GLU B 106 7.71 -13.27 42.05
C GLU B 106 7.44 -13.05 40.55
N LYS B 107 6.55 -12.12 40.20
CA LYS B 107 6.07 -11.94 38.81
C LYS B 107 7.21 -11.41 37.94
N ALA B 108 8.03 -10.48 38.45
CA ALA B 108 9.08 -9.80 37.65
C ALA B 108 10.22 -10.77 37.37
N GLY B 109 10.44 -11.74 38.25
CA GLY B 109 11.53 -12.72 38.12
C GLY B 109 11.33 -13.63 36.94
N ALA B 110 10.14 -13.64 36.34
CA ALA B 110 9.85 -14.45 35.14
C ALA B 110 10.83 -14.10 34.02
N HIS B 111 11.26 -12.84 33.91
CA HIS B 111 12.19 -12.40 32.85
C HIS B 111 13.53 -13.13 32.99
N LEU B 112 13.84 -13.64 34.20
CA LEU B 112 15.14 -14.33 34.44
C LEU B 112 15.10 -15.72 33.79
N GLN B 113 13.92 -16.28 33.54
CA GLN B 113 13.80 -17.64 32.92
C GLN B 113 14.18 -17.58 31.44
N GLY B 114 13.77 -16.54 30.72
CA GLY B 114 14.18 -16.32 29.32
C GLY B 114 15.62 -15.89 29.17
N GLY B 115 16.37 -15.79 30.27
CA GLY B 115 17.83 -15.56 30.25
C GLY B 115 18.24 -14.13 30.60
N ALA B 116 17.33 -13.28 31.05
CA ALA B 116 17.74 -11.91 31.45
C ALA B 116 18.58 -12.01 32.73
N LYS B 117 19.56 -11.14 32.91
CA LYS B 117 20.41 -11.15 34.14
C LYS B 117 19.71 -10.33 35.23
N ARG B 118 19.22 -9.12 34.92
CA ARG B 118 18.54 -8.31 35.95
C ARG B 118 17.29 -7.62 35.40
N VAL B 119 16.40 -7.23 36.31
CA VAL B 119 15.08 -6.64 35.98
C VAL B 119 14.86 -5.39 36.82
N ILE B 120 14.46 -4.31 36.16
CA ILE B 120 14.22 -3.00 36.81
C ILE B 120 12.74 -2.74 36.66
N ILE B 121 12.02 -2.73 37.76
CA ILE B 121 10.54 -2.58 37.71
C ILE B 121 10.30 -1.09 37.72
N SER B 122 9.62 -0.58 36.70
CA SER B 122 9.48 0.87 36.43
C SER B 122 8.21 1.37 37.13
N ALA B 123 7.95 0.80 38.30
CA ALA B 123 6.84 1.19 39.17
C ALA B 123 7.30 0.93 40.59
N PRO B 124 6.57 1.35 41.65
CA PRO B 124 6.86 0.83 42.98
C PRO B 124 6.60 -0.68 43.08
N SER B 125 7.28 -1.30 44.02
CA SER B 125 7.18 -2.76 44.21
C SER B 125 6.82 -3.03 45.66
N ALA B 126 5.97 -4.01 45.90
CA ALA B 126 5.62 -4.46 47.26
C ALA B 126 6.83 -5.08 47.95
N ASP B 127 7.66 -5.86 47.28
CA ASP B 127 8.81 -6.53 47.98
C ASP B 127 10.14 -6.28 47.30
N ALA B 128 10.19 -6.02 45.99
CA ALA B 128 11.47 -5.70 45.32
C ALA B 128 12.04 -4.43 45.94
N PRO B 129 13.38 -4.34 46.16
CA PRO B 129 13.92 -3.12 46.76
C PRO B 129 13.83 -1.91 45.83
N MET B 130 13.65 -0.73 46.41
CA MET B 130 13.45 0.50 45.60
C MET B 130 14.65 1.42 45.68
N PHE B 131 14.96 2.07 44.56
CA PHE B 131 16.09 3.02 44.48
C PHE B 131 15.65 4.33 43.86
N VAL B 132 16.25 5.42 44.29
CA VAL B 132 16.03 6.75 43.66
C VAL B 132 17.40 7.33 43.35
N MET B 133 17.65 7.67 42.10
CA MET B 133 18.95 8.24 41.71
C MET B 133 19.21 9.52 42.51
N GLY B 134 20.38 9.60 43.12
CA GLY B 134 20.81 10.78 43.87
C GLY B 134 20.46 10.68 45.33
N VAL B 135 19.74 9.64 45.74
CA VAL B 135 19.32 9.52 47.17
C VAL B 135 19.84 8.22 47.79
N ASN B 136 19.49 7.08 47.22
CA ASN B 136 19.97 5.79 47.81
C ASN B 136 20.48 4.85 46.72
N HIS B 137 20.81 5.31 45.52
CA HIS B 137 21.20 4.38 44.42
C HIS B 137 22.54 3.71 44.72
N GLU B 138 23.40 4.32 45.53
CA GLU B 138 24.71 3.70 45.85
C GLU B 138 24.52 2.52 46.81
N LYS B 139 23.33 2.36 47.39
CA LYS B 139 23.01 1.20 48.25
C LYS B 139 22.71 -0.04 47.41
N TYR B 140 22.57 0.06 46.10
CA TYR B 140 22.48 -1.12 45.21
C TYR B 140 23.86 -1.80 45.11
N ASP B 141 23.88 -3.15 45.15
CA ASP B 141 25.08 -3.97 44.83
C ASP B 141 24.70 -5.10 43.85
N ASN B 142 25.70 -5.86 43.40
CA ASN B 142 25.56 -6.84 42.28
C ASN B 142 24.70 -8.04 42.69
N SER B 143 24.29 -8.19 43.94
CA SER B 143 23.50 -9.36 44.40
C SER B 143 21.99 -9.17 44.19
N LEU B 144 21.53 -7.96 43.86
CA LEU B 144 20.09 -7.69 43.62
C LEU B 144 19.83 -7.87 42.12
N LYS B 145 19.02 -8.85 41.76
CA LYS B 145 18.76 -9.08 40.31
C LYS B 145 17.38 -8.57 39.94
N ILE B 146 16.54 -8.19 40.92
CA ILE B 146 15.19 -7.62 40.68
C ILE B 146 15.01 -6.41 41.58
N ILE B 147 15.08 -5.20 41.00
CA ILE B 147 14.93 -3.93 41.75
C ILE B 147 13.78 -3.09 41.16
N SER B 148 13.39 -2.06 41.91
CA SER B 148 12.31 -1.12 41.55
C SER B 148 12.89 0.29 41.49
N ASN B 149 12.49 1.08 40.50
CA ASN B 149 12.95 2.49 40.41
C ASN B 149 11.91 3.44 41.04
N ALA B 150 11.07 2.94 41.95
CA ALA B 150 10.07 3.73 42.70
C ALA B 150 9.06 4.34 41.72
N SER B 151 8.48 5.47 42.10
CA SER B 151 7.38 6.13 41.37
C SER B 151 7.92 7.46 40.87
N CYS B 152 7.23 8.10 39.94
CA CYS B 152 7.60 9.43 39.46
C CYS B 152 7.48 10.41 40.63
N THR B 153 6.43 10.28 41.43
CA THR B 153 6.19 11.22 42.54
C THR B 153 7.28 11.04 43.61
N THR B 154 7.62 9.79 43.93
CA THR B 154 8.72 9.49 44.88
C THR B 154 10.04 10.07 44.37
N ASN B 155 10.29 10.02 43.07
CA ASN B 155 11.56 10.55 42.48
C ASN B 155 11.54 12.08 42.54
N CYS B 156 10.38 12.71 42.71
CA CYS B 156 10.33 14.18 42.81
C CYS B 156 10.54 14.61 44.27
N LEU B 157 9.92 13.88 45.21
CA LEU B 157 9.89 14.28 46.63
C LEU B 157 11.22 13.91 47.28
N ALA B 158 11.81 12.78 46.91
CA ALA B 158 12.96 12.21 47.66
C ALA B 158 14.16 13.14 47.51
N PRO B 159 14.55 13.57 46.28
CA PRO B 159 15.68 14.49 46.13
C PRO B 159 15.51 15.75 46.96
N LEU B 160 14.30 16.30 46.98
CA LEU B 160 14.01 17.54 47.75
C LEU B 160 14.11 17.22 49.24
N ALA B 161 13.49 16.13 49.67
CA ALA B 161 13.38 15.75 51.09
C ALA B 161 14.78 15.50 51.65
N LYS B 162 15.62 14.76 50.92
CA LYS B 162 17.04 14.56 51.30
C LYS B 162 17.66 15.93 51.66
N VAL B 163 17.61 16.89 50.75
CA VAL B 163 18.37 18.17 50.92
C VAL B 163 17.82 18.92 52.14
N ILE B 164 16.49 18.94 52.31
CA ILE B 164 15.87 19.69 53.42
C ILE B 164 16.18 18.95 54.73
N HIS B 165 16.08 17.63 54.73
CA HIS B 165 16.32 16.85 55.97
C HIS B 165 17.80 16.92 56.35
N ASP B 166 18.71 16.73 55.39
CA ASP B 166 20.18 16.85 55.60
C ASP B 166 20.51 18.20 56.22
N ASN B 167 19.83 19.28 55.84
CA ASN B 167 20.21 20.65 56.30
C ASN B 167 19.43 21.07 57.54
N PHE B 168 18.12 20.83 57.64
CA PHE B 168 17.33 21.42 58.76
C PHE B 168 16.60 20.37 59.61
N GLY B 169 16.51 19.14 59.14
CA GLY B 169 15.81 18.09 59.92
C GLY B 169 14.31 18.17 59.70
N ILE B 170 13.72 17.12 59.16
CA ILE B 170 12.25 17.11 58.95
C ILE B 170 11.64 16.35 60.12
N VAL B 171 10.87 17.05 60.96
CA VAL B 171 10.18 16.45 62.13
C VAL B 171 9.03 15.64 61.56
N GLU B 172 8.27 16.25 60.65
CA GLU B 172 7.19 15.56 59.93
C GLU B 172 6.81 16.37 58.70
N GLY B 173 6.15 15.72 57.74
CA GLY B 173 5.77 16.39 56.49
C GLY B 173 4.56 15.74 55.84
N LEU B 174 3.76 16.56 55.19
CA LEU B 174 2.57 16.06 54.47
C LEU B 174 2.68 16.58 53.05
N MET B 175 2.46 15.69 52.09
CA MET B 175 2.69 15.99 50.67
C MET B 175 1.35 15.96 49.94
N THR B 176 1.17 16.92 49.05
CA THR B 176 0.16 16.83 47.97
C THR B 176 0.90 16.84 46.64
N THR B 177 0.50 15.96 45.72
CA THR B 177 0.93 16.10 44.31
C THR B 177 -0.32 16.46 43.49
N VAL B 178 -0.24 17.58 42.77
CA VAL B 178 -1.22 17.91 41.69
C VAL B 178 -0.68 17.26 40.41
N HIS B 179 -1.39 16.26 39.90
CA HIS B 179 -0.85 15.29 38.92
C HIS B 179 -1.60 15.36 37.59
N ALA B 180 -0.87 15.34 36.48
CA ALA B 180 -1.40 15.14 35.11
C ALA B 180 -2.18 13.84 35.04
N ILE B 181 -3.05 13.76 34.05
CA ILE B 181 -3.81 12.50 33.84
C ILE B 181 -2.83 11.47 33.29
N THR B 182 -3.23 10.23 33.47
CA THR B 182 -2.46 9.03 33.08
C THR B 182 -3.38 8.06 32.34
N ALA B 183 -2.77 7.02 31.81
CA ALA B 183 -3.40 5.94 30.99
C ALA B 183 -4.47 5.20 31.79
N THR B 184 -4.39 5.13 33.12
CA THR B 184 -5.35 4.37 33.97
C THR B 184 -6.65 5.15 34.17
N GLN B 185 -6.71 6.43 33.78
CA GLN B 185 -7.96 7.22 33.93
C GLN B 185 -8.84 6.99 32.70
N LYS B 186 -10.02 7.57 32.72
CA LYS B 186 -10.97 7.44 31.59
C LYS B 186 -11.36 8.82 31.11
N THR B 187 -11.76 8.86 29.86
CA THR B 187 -12.19 10.07 29.12
C THR B 187 -13.54 10.57 29.64
N VAL B 188 -14.44 9.67 29.97
CA VAL B 188 -15.80 9.99 30.50
C VAL B 188 -16.06 9.01 31.63
N ASP B 189 -16.99 9.32 32.50
CA ASP B 189 -17.32 8.51 33.70
C ASP B 189 -17.37 7.05 33.26
N GLY B 190 -16.46 6.22 33.79
CA GLY B 190 -16.34 4.80 33.39
C GLY B 190 -16.02 3.87 34.56
N PRO B 191 -16.01 2.55 34.34
CA PRO B 191 -15.78 1.60 35.43
C PRO B 191 -14.32 1.58 35.90
N SER B 192 -14.15 1.60 37.23
CA SER B 192 -12.87 1.48 37.96
C SER B 192 -13.21 0.92 39.35
N GLY B 193 -13.54 -0.37 39.42
CA GLY B 193 -14.26 -1.00 40.56
C GLY B 193 -13.53 -0.86 41.87
N LYS B 194 -12.21 -0.78 41.86
CA LYS B 194 -11.40 -0.77 43.10
C LYS B 194 -11.21 0.69 43.57
N LEU B 195 -11.28 1.65 42.67
CA LEU B 195 -10.96 3.07 42.95
C LEU B 195 -11.99 3.96 42.26
N TRP B 196 -13.17 4.11 42.86
CA TRP B 196 -14.38 4.69 42.19
C TRP B 196 -14.08 6.09 41.65
N ARG B 197 -13.22 6.85 42.33
CA ARG B 197 -12.92 8.23 41.89
C ARG B 197 -12.14 8.19 40.58
N ASP B 198 -11.31 7.15 40.34
CA ASP B 198 -10.44 7.11 39.14
C ASP B 198 -11.28 6.84 37.90
N GLY B 199 -12.52 6.39 38.04
CA GLY B 199 -13.35 6.11 36.86
C GLY B 199 -13.95 7.38 36.29
N ARG B 200 -13.98 8.45 37.08
CA ARG B 200 -14.74 9.67 36.73
C ARG B 200 -13.98 10.39 35.63
N GLY B 201 -14.69 11.07 34.75
CA GLY B 201 -14.12 11.74 33.57
C GLY B 201 -12.92 12.59 33.93
N ALA B 202 -11.77 12.29 33.32
CA ALA B 202 -10.47 12.91 33.62
C ALA B 202 -10.38 14.33 33.07
N LEU B 203 -11.05 14.58 31.95
CA LEU B 203 -11.10 15.92 31.34
C LEU B 203 -12.00 16.84 32.17
N GLN B 204 -12.98 16.32 32.90
CA GLN B 204 -13.98 17.17 33.59
C GLN B 204 -13.55 17.53 35.01
N ASN B 205 -12.77 16.71 35.70
CA ASN B 205 -12.76 16.71 37.19
C ASN B 205 -11.37 16.99 37.76
N ILE B 206 -11.37 17.60 38.93
CA ILE B 206 -10.27 17.43 39.92
C ILE B 206 -10.60 16.15 40.70
N ILE B 207 -9.73 15.15 40.69
CA ILE B 207 -9.98 13.81 41.29
C ILE B 207 -8.98 13.57 42.42
N PRO B 208 -9.44 13.50 43.70
CA PRO B 208 -8.57 13.05 44.80
C PRO B 208 -8.20 11.58 44.63
N ALA B 209 -7.00 11.23 45.09
CA ALA B 209 -6.45 9.87 44.94
C ALA B 209 -5.42 9.61 46.04
N SER B 210 -5.44 8.41 46.59
CA SER B 210 -4.37 7.88 47.47
C SER B 210 -3.08 7.78 46.67
N THR B 211 -1.95 7.96 47.34
CA THR B 211 -0.62 7.56 46.80
C THR B 211 0.26 7.16 47.99
N GLY B 212 1.15 6.21 47.75
CA GLY B 212 2.17 5.77 48.71
C GLY B 212 3.48 6.50 48.51
N ALA B 213 3.56 7.44 47.57
CA ALA B 213 4.84 8.04 47.16
C ALA B 213 5.53 8.77 48.32
N ALA B 214 4.77 9.42 49.20
CA ALA B 214 5.35 10.17 50.34
C ALA B 214 5.97 9.19 51.35
N LYS B 215 5.20 8.18 51.74
CA LYS B 215 5.58 7.14 52.72
C LYS B 215 6.77 6.34 52.16
N ALA B 216 6.77 6.06 50.86
CA ALA B 216 7.88 5.37 50.15
C ALA B 216 9.19 6.14 50.36
N VAL B 217 9.16 7.45 50.61
CA VAL B 217 10.42 8.22 50.84
C VAL B 217 11.13 7.68 52.11
N GLY B 218 10.35 7.17 53.08
CA GLY B 218 10.86 6.46 54.26
C GLY B 218 11.66 5.22 53.90
N LYS B 219 11.58 4.72 52.67
CA LYS B 219 12.31 3.48 52.30
C LYS B 219 13.68 3.88 51.72
N VAL B 220 13.78 4.95 50.93
CA VAL B 220 15.07 5.41 50.34
C VAL B 220 15.75 6.43 51.27
N ILE B 221 15.03 6.98 52.25
CA ILE B 221 15.68 7.78 53.34
C ILE B 221 15.19 7.28 54.68
N PRO B 222 15.81 6.21 55.22
CA PRO B 222 15.28 5.50 56.40
C PRO B 222 15.05 6.39 57.63
N GLU B 223 15.77 7.49 57.75
CA GLU B 223 15.60 8.45 58.86
C GLU B 223 14.20 9.11 58.78
N LEU B 224 13.61 9.21 57.58
CA LEU B 224 12.28 9.84 57.38
C LEU B 224 11.18 8.78 57.48
N ASN B 225 11.50 7.54 57.86
CA ASN B 225 10.50 6.45 58.00
C ASN B 225 9.42 6.87 58.98
N GLY B 226 8.15 6.76 58.57
CA GLY B 226 6.97 7.15 59.35
C GLY B 226 6.86 8.65 59.57
N LYS B 227 7.69 9.47 58.94
CA LYS B 227 7.64 10.95 59.12
C LYS B 227 6.91 11.63 57.94
N LEU B 228 6.57 10.90 56.87
CA LEU B 228 5.88 11.50 55.71
C LEU B 228 4.69 10.67 55.29
N THR B 229 3.62 11.33 54.91
CA THR B 229 2.61 10.76 53.98
C THR B 229 1.99 11.88 53.17
N GLY B 230 0.99 11.56 52.36
CA GLY B 230 0.45 12.52 51.40
C GLY B 230 -0.67 11.94 50.60
N MET B 231 -1.18 12.72 49.67
CA MET B 231 -2.26 12.30 48.76
C MET B 231 -2.12 13.11 47.46
N ALA B 232 -3.02 12.87 46.50
CA ALA B 232 -2.89 13.41 45.15
C ALA B 232 -4.23 13.97 44.67
N PHE B 233 -4.17 14.95 43.78
CA PHE B 233 -5.31 15.35 42.93
C PHE B 233 -4.91 15.17 41.48
N ARG B 234 -5.71 14.43 40.74
CA ARG B 234 -5.57 14.36 39.27
C ARG B 234 -6.28 15.55 38.64
N VAL B 235 -5.58 16.22 37.75
CA VAL B 235 -6.15 17.40 37.06
C VAL B 235 -6.01 17.20 35.55
N PRO B 236 -6.87 17.86 34.74
CA PRO B 236 -6.87 17.62 33.30
C PRO B 236 -5.75 18.37 32.56
N THR B 237 -4.50 17.94 32.74
CA THR B 237 -3.34 18.34 31.91
C THR B 237 -2.73 17.06 31.39
N ALA B 238 -2.09 17.11 30.23
CA ALA B 238 -1.67 15.87 29.54
C ALA B 238 -0.37 15.35 30.17
N ASN B 239 0.44 16.23 30.74
CA ASN B 239 1.76 15.84 31.28
C ASN B 239 2.24 16.94 32.21
N VAL B 240 3.15 16.62 33.10
CA VAL B 240 3.87 17.52 34.03
C VAL B 240 3.06 17.68 35.32
N SER B 241 3.68 17.33 36.43
CA SER B 241 3.02 17.27 37.74
C SER B 241 3.82 18.14 38.71
N VAL B 242 3.30 18.31 39.92
CA VAL B 242 3.97 19.19 40.90
C VAL B 242 3.78 18.58 42.29
N VAL B 243 4.85 18.65 43.07
CA VAL B 243 4.83 18.27 44.51
C VAL B 243 4.69 19.55 45.33
N ASP B 244 3.81 19.47 46.33
CA ASP B 244 3.59 20.51 47.36
C ASP B 244 3.88 19.82 48.69
N LEU B 245 5.04 20.13 49.29
CA LEU B 245 5.45 19.47 50.55
C LEU B 245 5.32 20.46 51.70
N THR B 246 4.47 20.15 52.68
CA THR B 246 4.31 20.97 53.92
C THR B 246 5.07 20.29 55.05
N CYS B 247 6.11 20.93 55.58
CA CYS B 247 6.94 20.20 56.58
C CYS B 247 7.33 21.07 57.75
N ARG B 248 7.55 20.40 58.86
CA ARG B 248 8.11 20.97 60.10
C ARG B 248 9.61 20.70 60.12
N LEU B 249 10.40 21.71 60.45
CA LEU B 249 11.86 21.61 60.46
C LEU B 249 12.38 21.71 61.88
N GLU B 250 13.30 20.84 62.27
CA GLU B 250 13.84 20.87 63.65
C GLU B 250 14.72 22.10 63.81
N LYS B 251 15.55 22.38 62.82
CA LYS B 251 16.50 23.51 62.85
C LYS B 251 15.83 24.69 62.18
N PRO B 252 16.07 25.95 62.61
CA PRO B 252 15.43 27.06 61.94
C PRO B 252 15.90 27.16 60.49
N ALA B 253 14.99 27.54 59.60
CA ALA B 253 15.26 27.62 58.16
C ALA B 253 14.54 28.81 57.53
N LYS B 254 15.23 29.95 57.50
CA LYS B 254 14.75 31.13 56.75
C LYS B 254 14.57 30.70 55.30
N TYR B 255 13.57 31.24 54.64
CA TYR B 255 13.25 30.76 53.29
C TYR B 255 14.48 30.91 52.39
N ASP B 256 15.24 32.01 52.54
CA ASP B 256 16.45 32.26 51.72
C ASP B 256 17.53 31.23 52.04
N ASP B 257 17.53 30.65 53.24
CA ASP B 257 18.46 29.55 53.60
C ASP B 257 18.01 28.28 52.88
N ILE B 258 16.70 28.04 52.81
CA ILE B 258 16.18 26.87 52.06
C ILE B 258 16.63 27.03 50.60
N LYS B 259 16.47 28.21 50.02
CA LYS B 259 16.85 28.45 48.61
C LYS B 259 18.32 28.11 48.41
N LYS B 260 19.17 28.65 49.29
CA LYS B 260 20.66 28.51 49.22
C LYS B 260 21.03 27.03 49.11
N VAL B 261 20.57 26.21 50.03
CA VAL B 261 21.06 24.80 50.11
C VAL B 261 20.45 24.01 48.95
N VAL B 262 19.29 24.38 48.43
CA VAL B 262 18.70 23.64 47.28
C VAL B 262 19.45 24.01 46.00
N LYS B 263 19.65 25.29 45.73
CA LYS B 263 20.44 25.73 44.55
C LYS B 263 21.84 25.11 44.60
N GLN B 264 22.50 25.16 45.76
CA GLN B 264 23.82 24.53 45.99
C GLN B 264 23.77 23.06 45.57
N ALA B 265 22.81 22.31 46.09
CA ALA B 265 22.69 20.85 45.84
C ALA B 265 22.45 20.61 44.34
N SER B 266 21.71 21.48 43.65
CA SER B 266 21.40 21.33 42.20
C SER B 266 22.63 21.58 41.33
N GLU B 267 23.65 22.28 41.84
CA GLU B 267 24.85 22.60 41.02
C GLU B 267 25.93 21.54 41.27
N GLY B 268 25.91 20.90 42.42
CA GLY B 268 26.92 19.90 42.78
C GLY B 268 26.37 18.50 42.60
N PRO B 269 26.23 17.74 43.70
CA PRO B 269 26.07 16.29 43.62
C PRO B 269 24.74 15.83 43.00
N LEU B 270 23.66 16.59 43.18
CA LEU B 270 22.32 16.23 42.64
C LEU B 270 22.07 16.86 41.26
N LYS B 271 23.08 17.48 40.66
CA LYS B 271 22.96 18.15 39.35
C LYS B 271 22.33 17.20 38.32
N GLY B 272 21.41 17.73 37.51
CA GLY B 272 20.60 16.94 36.57
C GLY B 272 19.52 16.11 37.24
N ILE B 273 19.53 15.95 38.57
CA ILE B 273 18.46 15.21 39.30
C ILE B 273 17.52 16.22 39.96
N LEU B 274 18.05 17.08 40.84
CA LEU B 274 17.28 18.19 41.44
C LEU B 274 17.63 19.48 40.68
N GLY B 275 16.62 20.13 40.08
CA GLY B 275 16.79 21.44 39.46
C GLY B 275 16.41 22.55 40.43
N TYR B 276 16.74 23.78 40.05
CA TYR B 276 16.41 24.98 40.85
C TYR B 276 16.13 26.13 39.88
N THR B 277 15.08 26.87 40.18
CA THR B 277 14.68 28.05 39.37
C THR B 277 14.03 29.11 40.25
N GLU B 278 14.15 30.36 39.81
CA GLU B 278 13.40 31.50 40.39
C GLU B 278 12.52 32.15 39.34
N HIS B 279 12.35 31.54 38.18
CA HIS B 279 11.53 32.15 37.10
C HIS B 279 10.03 32.00 37.42
N GLN B 280 9.21 32.80 36.76
CA GLN B 280 7.73 32.72 36.84
C GLN B 280 7.24 31.52 36.04
N VAL B 281 7.62 30.33 36.45
CA VAL B 281 7.40 29.10 35.65
C VAL B 281 5.96 28.61 35.80
N VAL B 282 5.39 28.08 34.72
CA VAL B 282 4.18 27.20 34.79
C VAL B 282 4.53 25.79 34.29
N SER B 283 3.60 24.87 34.48
CA SER B 283 3.85 23.40 34.32
C SER B 283 4.47 23.10 32.92
N SER B 284 3.93 23.67 31.85
CA SER B 284 4.37 23.32 30.48
C SER B 284 5.85 23.66 30.30
N ASP B 285 6.39 24.59 31.07
CA ASP B 285 7.83 24.92 31.02
C ASP B 285 8.72 23.73 31.42
N PHE B 286 8.15 22.64 31.93
CA PHE B 286 8.94 21.45 32.33
C PHE B 286 8.62 20.25 31.45
N ASN B 287 7.82 20.45 30.39
CA ASN B 287 7.52 19.37 29.41
C ASN B 287 8.82 19.00 28.66
N SER B 288 9.22 17.74 28.77
CA SER B 288 10.47 17.14 28.20
C SER B 288 11.69 17.53 29.06
N ASP B 289 11.48 18.15 30.22
CA ASP B 289 12.59 18.41 31.18
C ASP B 289 13.00 17.09 31.82
N THR B 290 14.29 16.81 31.91
CA THR B 290 14.78 15.46 32.31
C THR B 290 15.08 15.40 33.81
N HIS B 291 14.97 16.52 34.52
CA HIS B 291 15.19 16.55 36.00
C HIS B 291 14.14 15.69 36.68
N SER B 292 14.48 15.14 37.84
CA SER B 292 13.54 14.34 38.66
C SER B 292 12.62 15.33 39.41
N SER B 293 13.12 16.54 39.63
CA SER B 293 12.58 17.47 40.63
C SER B 293 13.18 18.85 40.38
N THR B 294 12.36 19.84 40.03
CA THR B 294 12.84 21.23 39.91
C THR B 294 12.16 22.13 40.94
N PHE B 295 12.92 22.49 41.97
CA PHE B 295 12.47 23.39 43.06
C PHE B 295 12.03 24.73 42.47
N ASP B 296 10.83 25.19 42.87
CA ASP B 296 10.21 26.47 42.41
C ASP B 296 10.30 27.50 43.54
N ALA B 297 11.33 28.33 43.49
CA ALA B 297 11.69 29.28 44.58
C ALA B 297 10.50 30.22 44.84
N GLY B 298 10.01 30.87 43.79
CA GLY B 298 8.88 31.82 43.86
C GLY B 298 7.59 31.22 44.40
N ALA B 299 7.31 29.93 44.19
CA ALA B 299 5.94 29.39 44.37
C ALA B 299 5.67 29.07 45.83
N GLY B 300 6.71 28.72 46.58
CA GLY B 300 6.60 28.19 47.95
C GLY B 300 6.42 29.29 48.98
N ILE B 301 5.97 28.94 50.17
CA ILE B 301 5.75 29.97 51.23
C ILE B 301 6.02 29.37 52.61
N ALA B 302 6.63 30.21 53.46
CA ALA B 302 6.89 29.91 54.88
C ALA B 302 5.89 30.65 55.76
N LEU B 303 5.33 29.97 56.75
CA LEU B 303 4.64 30.66 57.87
C LEU B 303 5.68 31.18 58.86
N ASN B 304 6.74 30.39 59.08
CA ASN B 304 7.85 30.76 60.00
C ASN B 304 9.07 29.86 59.73
N ASP B 305 10.16 30.08 60.47
CA ASP B 305 11.45 29.38 60.25
C ASP B 305 11.27 27.87 60.43
N HIS B 306 10.24 27.40 61.12
CA HIS B 306 10.08 25.94 61.40
C HIS B 306 8.93 25.29 60.61
N PHE B 307 8.21 26.02 59.76
CA PHE B 307 6.99 25.48 59.13
C PHE B 307 6.84 26.06 57.73
N VAL B 308 6.93 25.22 56.69
CA VAL B 308 7.06 25.73 55.30
C VAL B 308 6.36 24.82 54.30
N LYS B 309 6.04 25.41 53.15
CA LYS B 309 5.43 24.70 52.01
C LYS B 309 6.38 24.89 50.83
N LEU B 310 6.89 23.79 50.29
CA LEU B 310 7.91 23.83 49.22
C LEU B 310 7.31 23.19 47.98
N ILE B 311 7.57 23.83 46.85
CA ILE B 311 7.03 23.42 45.53
C ILE B 311 8.16 22.86 44.69
N SER B 312 7.94 21.67 44.12
CA SER B 312 8.88 21.10 43.12
C SER B 312 8.09 20.51 41.92
N TRP B 313 8.58 20.79 40.72
CA TRP B 313 7.97 20.32 39.44
C TRP B 313 8.62 19.03 38.95
N TYR B 314 7.85 18.17 38.30
CA TYR B 314 8.41 17.00 37.61
C TYR B 314 7.65 16.71 36.33
N ASP B 315 8.38 16.53 35.24
CA ASP B 315 7.82 15.85 34.06
C ASP B 315 7.70 14.38 34.43
N ASN B 316 6.50 13.96 34.78
CA ASN B 316 6.23 12.61 35.33
C ASN B 316 6.51 11.54 34.26
N GLU B 317 6.48 11.89 32.98
CA GLU B 317 6.82 10.89 31.95
C GLU B 317 8.33 10.87 31.71
N PHE B 318 8.90 12.01 31.34
CA PHE B 318 10.26 12.12 30.81
C PHE B 318 11.30 12.05 31.91
N GLY B 319 11.07 12.75 33.03
CA GLY B 319 12.02 12.73 34.14
C GLY B 319 12.22 11.31 34.59
N TYR B 320 11.13 10.62 34.93
CA TYR B 320 11.17 9.23 35.45
C TYR B 320 11.87 8.27 34.45
N SER B 321 11.54 8.36 33.16
CA SER B 321 12.09 7.51 32.08
C SER B 321 13.61 7.65 32.06
N ASN B 322 14.10 8.88 32.15
CA ASN B 322 15.56 9.16 32.16
C ASN B 322 16.20 8.57 33.41
N ARG B 323 15.52 8.55 34.54
CA ARG B 323 16.11 7.97 35.78
C ARG B 323 16.18 6.46 35.62
N VAL B 324 15.28 5.87 34.84
CA VAL B 324 15.28 4.40 34.60
C VAL B 324 16.56 4.06 33.82
N VAL B 325 16.90 4.91 32.86
CA VAL B 325 18.13 4.73 32.04
C VAL B 325 19.35 5.02 32.93
N ASP B 326 19.33 6.08 33.74
CA ASP B 326 20.48 6.42 34.61
C ASP B 326 20.71 5.28 35.60
N LEU B 327 19.65 4.67 36.10
CA LEU B 327 19.78 3.61 37.11
C LEU B 327 20.42 2.38 36.46
N MET B 328 20.03 2.05 35.23
CA MET B 328 20.59 0.87 34.51
C MET B 328 22.08 1.13 34.26
N ALA B 329 22.45 2.33 33.82
CA ALA B 329 23.86 2.73 33.61
C ALA B 329 24.63 2.52 34.94
N HIS B 330 24.04 2.89 36.07
CA HIS B 330 24.74 2.72 37.37
C HIS B 330 24.88 1.23 37.67
N MET B 331 23.83 0.44 37.42
CA MET B 331 23.88 -1.04 37.64
C MET B 331 25.02 -1.64 36.81
N ALA B 332 25.22 -1.13 35.58
CA ALA B 332 26.24 -1.66 34.63
C ALA B 332 27.64 -1.33 35.17
N SER B 333 27.92 -0.07 35.48
CA SER B 333 29.27 0.41 35.91
C SER B 333 29.74 -0.35 37.16
N LYS B 334 28.82 -0.89 37.96
CA LYS B 334 29.16 -1.64 39.19
C LYS B 334 29.02 -3.15 38.94
N GLU B 335 28.90 -3.59 37.69
CA GLU B 335 29.17 -5.00 37.31
C GLU B 335 30.68 -5.12 37.06
N LYS C 3 -45.29 1.89 31.44
CA LYS C 3 -46.17 0.68 31.58
C LYS C 3 -45.42 -0.59 31.13
N VAL C 4 -44.79 -0.54 29.94
CA VAL C 4 -43.94 -1.66 29.45
C VAL C 4 -42.77 -1.84 30.42
N LYS C 5 -42.44 -3.09 30.74
CA LYS C 5 -41.34 -3.40 31.68
C LYS C 5 -40.07 -3.67 30.88
N VAL C 6 -38.99 -2.97 31.22
CA VAL C 6 -37.76 -2.90 30.39
C VAL C 6 -36.60 -3.51 31.15
N GLY C 7 -35.74 -4.20 30.41
CA GLY C 7 -34.45 -4.71 30.90
C GLY C 7 -33.32 -3.92 30.29
N VAL C 8 -32.29 -3.58 31.08
CA VAL C 8 -31.08 -2.91 30.55
C VAL C 8 -29.89 -3.84 30.69
N ASN C 9 -29.31 -4.21 29.57
CA ASN C 9 -28.05 -4.98 29.55
C ASN C 9 -26.92 -3.99 29.35
N GLY C 10 -26.07 -3.86 30.35
CA GLY C 10 -24.93 -2.92 30.31
C GLY C 10 -25.22 -1.61 31.03
N PHE C 11 -24.38 -1.22 31.97
CA PHE C 11 -24.66 -0.02 32.78
C PHE C 11 -23.61 1.05 32.47
N GLY C 12 -23.17 1.08 31.21
CA GLY C 12 -22.27 2.11 30.68
C GLY C 12 -23.02 3.41 30.50
N ARG C 13 -22.47 4.34 29.73
CA ARG C 13 -23.10 5.67 29.58
C ARG C 13 -24.50 5.48 28.99
N ILE C 14 -24.69 4.61 28.00
CA ILE C 14 -26.03 4.47 27.37
C ILE C 14 -26.96 3.81 28.38
N GLY C 15 -26.49 2.74 29.01
CA GLY C 15 -27.30 1.97 29.97
C GLY C 15 -27.80 2.85 31.10
N ARG C 16 -26.92 3.68 31.66
CA ARG C 16 -27.27 4.54 32.81
C ARG C 16 -28.19 5.66 32.33
N LEU C 17 -27.89 6.24 31.18
CA LEU C 17 -28.66 7.44 30.76
C LEU C 17 -30.02 7.02 30.16
N VAL C 18 -30.18 5.77 29.69
CA VAL C 18 -31.54 5.29 29.30
C VAL C 18 -32.35 5.10 30.59
N THR C 19 -31.77 4.42 31.57
CA THR C 19 -32.37 4.28 32.91
C THR C 19 -32.79 5.66 33.44
N ARG C 20 -31.89 6.64 33.42
CA ARG C 20 -32.20 8.01 33.93
C ARG C 20 -33.33 8.62 33.12
N ALA C 21 -33.31 8.46 31.80
CA ALA C 21 -34.36 9.02 30.91
C ALA C 21 -35.70 8.32 31.17
N ALA C 22 -35.68 7.02 31.45
CA ALA C 22 -36.91 6.25 31.76
C ALA C 22 -37.60 6.87 32.99
N PHE C 23 -36.87 7.08 34.09
CA PHE C 23 -37.47 7.55 35.37
C PHE C 23 -37.93 9.01 35.24
N ASN C 24 -37.17 9.86 34.54
CA ASN C 24 -37.50 11.29 34.42
C ASN C 24 -38.75 11.49 33.55
N SER C 25 -38.98 10.63 32.54
CA SER C 25 -40.11 10.80 31.60
C SER C 25 -41.33 10.05 32.15
N GLY C 26 -41.08 8.87 32.74
CA GLY C 26 -42.10 7.93 33.25
C GLY C 26 -42.61 6.94 32.20
N LYS C 27 -42.16 7.05 30.95
CA LYS C 27 -42.83 6.37 29.80
C LYS C 27 -42.64 4.86 29.86
N VAL C 28 -41.52 4.36 30.38
CA VAL C 28 -41.34 2.89 30.57
C VAL C 28 -40.88 2.64 32.00
N ASP C 29 -40.93 1.37 32.40
CA ASP C 29 -40.53 0.91 33.75
C ASP C 29 -39.28 0.04 33.66
N ILE C 30 -38.17 0.55 34.18
CA ILE C 30 -36.94 -0.25 34.34
C ILE C 30 -37.17 -1.23 35.47
N VAL C 31 -37.13 -2.53 35.18
CA VAL C 31 -37.31 -3.61 36.19
C VAL C 31 -36.03 -4.43 36.33
N ALA C 32 -35.13 -4.40 35.35
CA ALA C 32 -33.93 -5.27 35.40
C ALA C 32 -32.73 -4.58 34.77
N ILE C 33 -31.57 -4.82 35.40
CA ILE C 33 -30.27 -4.33 34.90
C ILE C 33 -29.29 -5.49 34.98
N ASN C 34 -28.59 -5.74 33.88
CA ASN C 34 -27.49 -6.74 33.85
C ASN C 34 -26.18 -6.03 33.48
N ASP C 35 -25.15 -6.23 34.31
CA ASP C 35 -23.76 -5.85 34.00
C ASP C 35 -22.86 -6.73 34.86
N PRO C 36 -21.99 -7.56 34.23
CA PRO C 36 -21.20 -8.53 34.99
C PRO C 36 -19.92 -7.91 35.56
N PHE C 37 -19.60 -6.66 35.23
CA PHE C 37 -18.38 -5.96 35.71
C PHE C 37 -18.71 -4.91 36.77
N ILE C 38 -19.99 -4.70 37.09
CA ILE C 38 -20.42 -3.61 38.02
C ILE C 38 -21.45 -4.17 38.99
N ASP C 39 -21.07 -4.29 40.27
CA ASP C 39 -21.97 -4.84 41.32
C ASP C 39 -22.87 -3.72 41.86
N LEU C 40 -23.77 -4.10 42.76
CA LEU C 40 -24.96 -3.28 43.15
C LEU C 40 -24.57 -1.96 43.84
N ASN C 41 -23.65 -2.00 44.81
CA ASN C 41 -23.16 -0.79 45.53
C ASN C 41 -22.58 0.20 44.51
N TYR C 42 -21.77 -0.29 43.58
CA TYR C 42 -21.11 0.54 42.56
C TYR C 42 -22.18 1.14 41.64
N MET C 43 -23.24 0.39 41.34
CA MET C 43 -24.34 0.89 40.44
C MET C 43 -24.96 2.14 41.09
N VAL C 44 -25.19 2.08 42.39
CA VAL C 44 -25.85 3.19 43.15
C VAL C 44 -24.99 4.43 42.91
N TYR C 45 -23.68 4.26 42.95
CA TYR C 45 -22.73 5.39 42.85
C TYR C 45 -22.68 5.91 41.41
N MET C 46 -22.52 5.03 40.43
CA MET C 46 -22.38 5.46 39.02
C MET C 46 -23.67 6.12 38.55
N PHE C 47 -24.82 5.66 39.07
CA PHE C 47 -26.14 6.21 38.66
C PHE C 47 -26.36 7.58 39.31
N GLN C 48 -26.01 7.69 40.59
CA GLN C 48 -26.30 8.88 41.42
C GLN C 48 -25.46 10.06 40.93
N TYR C 49 -24.17 9.87 40.73
CA TYR C 49 -23.24 10.99 40.41
C TYR C 49 -22.85 10.91 38.94
N ASP C 50 -22.91 12.03 38.26
CA ASP C 50 -22.59 12.09 36.82
C ASP C 50 -21.86 13.39 36.51
N SER C 51 -20.69 13.29 35.92
CA SER C 51 -19.85 14.48 35.66
C SER C 51 -20.56 15.37 34.66
N THR C 52 -21.29 14.75 33.73
CA THR C 52 -21.84 15.49 32.59
C THR C 52 -23.20 16.05 32.98
N HIS C 53 -24.09 15.22 33.48
CA HIS C 53 -25.54 15.58 33.61
C HIS C 53 -25.93 15.91 35.06
N GLY C 54 -25.00 15.92 36.01
CA GLY C 54 -25.24 16.30 37.41
C GLY C 54 -25.76 15.13 38.22
N LYS C 55 -25.81 15.31 39.53
CA LYS C 55 -26.40 14.32 40.45
C LYS C 55 -27.84 14.01 39.99
N PHE C 56 -28.25 12.76 40.14
CA PHE C 56 -29.65 12.33 39.84
C PHE C 56 -30.62 13.02 40.80
N HIS C 57 -31.71 13.58 40.26
CA HIS C 57 -32.84 14.19 41.00
C HIS C 57 -33.83 13.10 41.39
N GLY C 58 -33.68 12.58 42.60
CA GLY C 58 -34.42 11.42 43.12
C GLY C 58 -33.59 10.66 44.13
N THR C 59 -34.05 9.49 44.53
CA THR C 59 -33.35 8.62 45.50
C THR C 59 -32.78 7.39 44.77
N VAL C 60 -31.69 6.83 45.32
CA VAL C 60 -30.96 5.66 44.74
C VAL C 60 -30.37 4.87 45.88
N LYS C 61 -30.71 3.59 46.01
CA LYS C 61 -30.21 2.81 47.16
C LYS C 61 -30.08 1.35 46.78
N ALA C 62 -29.20 0.67 47.50
CA ALA C 62 -29.17 -0.80 47.53
C ALA C 62 -30.12 -1.22 48.65
N GLU C 63 -31.09 -2.09 48.34
CA GLU C 63 -31.99 -2.67 49.37
C GLU C 63 -32.32 -4.12 49.06
N ASN C 64 -31.87 -5.03 49.92
CA ASN C 64 -32.13 -6.47 49.75
C ASN C 64 -31.72 -6.89 48.34
N GLY C 65 -30.51 -6.53 47.93
CA GLY C 65 -29.86 -7.02 46.70
C GLY C 65 -30.51 -6.45 45.46
N LYS C 66 -31.28 -5.37 45.61
CA LYS C 66 -31.96 -4.73 44.47
C LYS C 66 -31.54 -3.26 44.35
N LEU C 67 -31.41 -2.78 43.12
CA LEU C 67 -31.16 -1.34 42.92
C LEU C 67 -32.51 -0.65 43.06
N VAL C 68 -32.65 0.22 44.05
CA VAL C 68 -33.95 0.89 44.33
C VAL C 68 -33.85 2.36 43.94
N ILE C 69 -34.57 2.74 42.89
CA ILE C 69 -34.56 4.12 42.35
C ILE C 69 -35.96 4.69 42.53
N ASN C 70 -36.07 5.81 43.24
CA ASN C 70 -37.36 6.49 43.57
C ASN C 70 -38.39 5.47 44.12
N GLY C 71 -37.95 4.48 44.88
CA GLY C 71 -38.84 3.45 45.46
C GLY C 71 -38.99 2.19 44.60
N ASN C 72 -38.71 2.25 43.29
CA ASN C 72 -38.89 1.06 42.41
C ASN C 72 -37.71 0.12 42.61
N PRO C 73 -37.91 -1.12 43.12
CA PRO C 73 -36.84 -2.12 43.11
C PRO C 73 -36.56 -2.65 41.70
N ILE C 74 -35.28 -2.77 41.39
CA ILE C 74 -34.83 -3.29 40.08
C ILE C 74 -33.97 -4.51 40.36
N THR C 75 -34.25 -5.61 39.69
CA THR C 75 -33.45 -6.85 39.86
C THR C 75 -32.08 -6.68 39.18
N ILE C 76 -31.02 -7.11 39.85
CA ILE C 76 -29.65 -7.00 39.28
C ILE C 76 -29.10 -8.38 38.98
N PHE C 77 -28.73 -8.56 37.71
CA PHE C 77 -27.98 -9.74 37.20
C PHE C 77 -26.51 -9.40 36.96
N GLN C 78 -25.66 -10.41 37.00
CA GLN C 78 -24.20 -10.27 36.73
C GLN C 78 -23.72 -11.33 35.75
N GLU C 79 -24.48 -11.50 34.66
CA GLU C 79 -24.20 -12.47 33.58
C GLU C 79 -23.27 -11.87 32.53
N ARG C 80 -22.22 -12.61 32.19
CA ARG C 80 -21.42 -12.29 30.99
C ARG C 80 -22.13 -12.80 29.72
N ASP C 81 -22.97 -13.83 29.84
CA ASP C 81 -23.64 -14.44 28.66
C ASP C 81 -25.08 -13.93 28.56
N PRO C 82 -25.48 -13.23 27.49
CA PRO C 82 -26.84 -12.68 27.43
C PRO C 82 -27.92 -13.77 27.37
N SER C 83 -27.65 -14.91 26.72
CA SER C 83 -28.62 -16.03 26.61
C SER C 83 -28.96 -16.55 28.02
N LYS C 84 -28.08 -16.35 29.01
CA LYS C 84 -28.27 -16.93 30.37
C LYS C 84 -28.91 -15.92 31.35
N ILE C 85 -29.41 -14.77 30.88
CA ILE C 85 -29.99 -13.74 31.79
C ILE C 85 -31.48 -14.01 31.93
N LYS C 86 -31.95 -14.16 33.17
CA LYS C 86 -33.37 -14.51 33.47
C LYS C 86 -34.22 -13.24 33.35
N TRP C 87 -34.31 -12.66 32.15
CA TRP C 87 -35.13 -11.46 31.91
C TRP C 87 -36.57 -11.76 32.33
N GLY C 88 -37.12 -12.90 31.88
CA GLY C 88 -38.53 -13.29 32.12
C GLY C 88 -38.87 -13.31 33.60
N ASP C 89 -38.04 -13.98 34.38
CA ASP C 89 -38.24 -14.16 35.85
C ASP C 89 -38.40 -12.81 36.53
N ALA C 90 -37.71 -11.78 36.09
CA ALA C 90 -37.79 -10.41 36.67
C ALA C 90 -38.85 -9.56 35.97
N GLY C 91 -39.47 -10.08 34.90
CA GLY C 91 -40.61 -9.43 34.21
C GLY C 91 -40.16 -8.41 33.19
N ALA C 92 -38.96 -8.56 32.62
CA ALA C 92 -38.48 -7.66 31.54
C ALA C 92 -39.12 -8.08 30.21
N GLU C 93 -40.11 -7.32 29.71
CA GLU C 93 -40.74 -7.59 28.39
C GLU C 93 -39.74 -7.21 27.28
N TYR C 94 -39.29 -5.96 27.21
CA TYR C 94 -38.25 -5.48 26.26
C TYR C 94 -36.89 -5.45 26.96
N VAL C 95 -35.83 -5.76 26.22
CA VAL C 95 -34.43 -5.55 26.68
C VAL C 95 -33.81 -4.44 25.83
N VAL C 96 -33.14 -3.50 26.48
CA VAL C 96 -32.22 -2.55 25.79
C VAL C 96 -30.83 -3.19 25.83
N GLU C 97 -30.32 -3.54 24.65
CA GLU C 97 -28.95 -4.10 24.48
C GLU C 97 -28.01 -2.92 24.23
N SER C 98 -27.20 -2.58 25.24
CA SER C 98 -26.45 -1.30 25.27
C SER C 98 -24.96 -1.47 25.57
N THR C 99 -24.42 -2.70 25.52
CA THR C 99 -22.99 -2.99 25.78
C THR C 99 -22.13 -2.60 24.57
N GLY C 100 -22.69 -2.62 23.37
CA GLY C 100 -21.99 -2.30 22.10
C GLY C 100 -21.30 -3.52 21.52
N VAL C 101 -21.39 -4.68 22.17
CA VAL C 101 -20.68 -5.93 21.72
C VAL C 101 -21.67 -6.94 21.13
N PHE C 102 -22.97 -6.74 21.29
CA PHE C 102 -24.00 -7.65 20.76
C PHE C 102 -24.96 -6.90 19.85
N THR C 103 -24.51 -6.55 18.65
CA THR C 103 -25.24 -5.62 17.75
C THR C 103 -25.81 -6.35 16.52
N THR C 104 -25.41 -7.60 16.28
CA THR C 104 -25.96 -8.40 15.16
C THR C 104 -27.26 -9.02 15.64
N MET C 105 -28.14 -9.39 14.71
CA MET C 105 -29.44 -9.96 15.09
C MET C 105 -29.22 -11.25 15.89
N GLU C 106 -28.14 -12.01 15.65
CA GLU C 106 -27.94 -13.31 16.34
C GLU C 106 -27.38 -13.06 17.74
N LYS C 107 -26.52 -12.07 17.91
CA LYS C 107 -25.90 -11.75 19.22
C LYS C 107 -26.97 -11.15 20.14
N ALA C 108 -27.79 -10.24 19.61
CA ALA C 108 -28.84 -9.54 20.39
C ALA C 108 -29.95 -10.53 20.77
N GLY C 109 -30.27 -11.46 19.86
CA GLY C 109 -31.36 -12.44 20.01
C GLY C 109 -31.18 -13.34 21.22
N ALA C 110 -29.98 -13.40 21.81
CA ALA C 110 -29.72 -14.22 23.03
C ALA C 110 -30.66 -13.78 24.17
N HIS C 111 -31.11 -12.52 24.18
CA HIS C 111 -32.00 -12.00 25.24
C HIS C 111 -33.35 -12.72 25.21
N LEU C 112 -33.84 -13.09 24.01
CA LEU C 112 -35.12 -13.83 23.85
C LEU C 112 -35.00 -15.16 24.59
N GLN C 113 -33.81 -15.74 24.66
CA GLN C 113 -33.60 -17.07 25.30
C GLN C 113 -33.99 -16.96 26.77
N GLY C 114 -33.58 -15.88 27.43
CA GLY C 114 -33.87 -15.61 28.86
C GLY C 114 -35.32 -15.27 29.10
N GLY C 115 -36.12 -15.10 28.04
CA GLY C 115 -37.58 -14.93 28.15
C GLY C 115 -38.01 -13.50 27.85
N ALA C 116 -37.16 -12.69 27.21
CA ALA C 116 -37.55 -11.34 26.75
C ALA C 116 -38.39 -11.46 25.47
N LYS C 117 -39.40 -10.61 25.32
CA LYS C 117 -40.24 -10.63 24.09
C LYS C 117 -39.50 -9.96 22.94
N ARG C 118 -38.87 -8.82 23.21
CA ARG C 118 -38.30 -7.95 22.14
C ARG C 118 -36.98 -7.35 22.64
N VAL C 119 -36.12 -6.97 21.70
CA VAL C 119 -34.76 -6.46 22.00
C VAL C 119 -34.51 -5.20 21.17
N ILE C 120 -34.03 -4.16 21.85
CA ILE C 120 -33.65 -2.89 21.17
C ILE C 120 -32.15 -2.72 21.38
N ILE C 121 -31.42 -2.66 20.27
CA ILE C 121 -29.95 -2.42 20.29
C ILE C 121 -29.73 -0.91 20.23
N SER C 122 -29.03 -0.36 21.21
CA SER C 122 -28.75 1.09 21.31
C SER C 122 -27.43 1.40 20.59
N ALA C 123 -27.30 0.95 19.35
CA ALA C 123 -26.14 1.19 18.47
C ALA C 123 -26.56 0.71 17.10
N PRO C 124 -25.82 1.05 16.01
CA PRO C 124 -26.17 0.53 14.70
C PRO C 124 -25.96 -0.99 14.66
N SER C 125 -26.68 -1.66 13.75
CA SER C 125 -26.53 -3.11 13.48
C SER C 125 -26.11 -3.36 12.04
N ALA C 126 -25.33 -4.41 11.84
CA ALA C 126 -25.05 -4.96 10.49
C ALA C 126 -26.35 -5.45 9.83
N ASP C 127 -27.23 -6.17 10.54
CA ASP C 127 -28.39 -6.87 9.94
C ASP C 127 -29.73 -6.37 10.47
N ALA C 128 -29.83 -6.07 11.77
CA ALA C 128 -31.11 -5.74 12.44
C ALA C 128 -31.74 -4.51 11.81
N PRO C 129 -33.09 -4.41 11.70
CA PRO C 129 -33.70 -3.21 11.15
C PRO C 129 -33.45 -2.03 12.11
N MET C 130 -33.18 -0.90 11.50
CA MET C 130 -32.79 0.35 12.20
C MET C 130 -33.91 1.37 12.08
N PHE C 131 -34.13 2.12 13.15
CA PHE C 131 -35.20 3.15 13.18
C PHE C 131 -34.67 4.42 13.83
N VAL C 132 -35.10 5.55 13.26
CA VAL C 132 -34.91 6.89 13.86
C VAL C 132 -36.28 7.47 14.12
N MET C 133 -36.58 7.76 15.39
CA MET C 133 -37.90 8.33 15.78
C MET C 133 -38.11 9.59 14.96
N GLY C 134 -39.35 9.79 14.50
CA GLY C 134 -39.78 10.98 13.73
C GLY C 134 -39.43 10.88 12.24
N VAL C 135 -38.78 9.80 11.83
CA VAL C 135 -38.38 9.64 10.40
C VAL C 135 -39.04 8.38 9.83
N ASN C 136 -38.85 7.22 10.47
CA ASN C 136 -39.35 5.96 9.89
C ASN C 136 -39.88 5.03 10.97
N HIS C 137 -40.22 5.54 12.15
CA HIS C 137 -40.63 4.66 13.28
C HIS C 137 -42.01 4.02 12.98
N GLU C 138 -42.81 4.61 12.11
CA GLU C 138 -44.16 4.05 11.79
C GLU C 138 -44.01 2.80 10.94
N LYS C 139 -42.88 2.65 10.25
CA LYS C 139 -42.54 1.42 9.47
C LYS C 139 -42.24 0.26 10.43
N TYR C 140 -42.27 0.50 11.74
CA TYR C 140 -42.14 -0.61 12.73
C TYR C 140 -43.46 -1.39 12.73
N ASP C 141 -43.39 -2.70 12.95
CA ASP C 141 -44.61 -3.52 13.13
C ASP C 141 -44.34 -4.66 14.11
N ASN C 142 -45.41 -5.35 14.47
CA ASN C 142 -45.49 -6.38 15.54
C ASN C 142 -44.57 -7.57 15.20
N SER C 143 -44.23 -7.78 13.92
CA SER C 143 -43.40 -8.96 13.52
C SER C 143 -41.98 -8.83 14.06
N LEU C 144 -41.40 -7.62 14.03
CA LEU C 144 -39.94 -7.40 14.30
C LEU C 144 -39.67 -7.59 15.81
N LYS C 145 -38.81 -8.54 16.16
CA LYS C 145 -38.47 -8.87 17.57
C LYS C 145 -37.09 -8.33 17.96
N ILE C 146 -36.29 -7.88 17.00
CA ILE C 146 -34.89 -7.39 17.22
C ILE C 146 -34.63 -6.17 16.35
N ILE C 147 -34.40 -5.04 16.99
CA ILE C 147 -34.45 -3.70 16.38
C ILE C 147 -33.22 -2.91 16.86
N SER C 148 -32.82 -1.94 16.06
CA SER C 148 -31.68 -1.04 16.35
C SER C 148 -32.20 0.40 16.29
N ASN C 149 -31.77 1.24 17.23
CA ASN C 149 -32.15 2.67 17.26
C ASN C 149 -31.11 3.49 16.51
N ALA C 150 -30.28 2.84 15.67
CA ALA C 150 -29.18 3.48 14.92
C ALA C 150 -28.20 4.14 15.91
N SER C 151 -27.59 5.22 15.49
CA SER C 151 -26.53 5.87 16.30
C SER C 151 -27.05 7.24 16.69
N CYS C 152 -26.41 7.87 17.65
CA CYS C 152 -26.66 9.29 18.02
C CYS C 152 -26.47 10.19 16.80
N THR C 153 -25.42 10.01 16.00
CA THR C 153 -25.16 10.91 14.84
C THR C 153 -26.26 10.72 13.78
N THR C 154 -26.75 9.49 13.60
CA THR C 154 -27.80 9.20 12.60
C THR C 154 -29.11 9.84 13.09
N ASN C 155 -29.40 9.74 14.39
CA ASN C 155 -30.62 10.35 14.95
C ASN C 155 -30.48 11.87 14.91
N CYS C 156 -29.30 12.44 14.64
CA CYS C 156 -29.20 13.92 14.48
C CYS C 156 -29.42 14.28 13.02
N LEU C 157 -28.79 13.57 12.09
CA LEU C 157 -28.79 13.97 10.65
C LEU C 157 -30.16 13.65 10.01
N ALA C 158 -30.72 12.48 10.30
CA ALA C 158 -31.89 11.91 9.58
C ALA C 158 -33.11 12.82 9.77
N PRO C 159 -33.50 13.22 11.00
CA PRO C 159 -34.56 14.22 11.16
C PRO C 159 -34.36 15.47 10.30
N LEU C 160 -33.14 16.01 10.27
CA LEU C 160 -32.89 17.26 9.51
C LEU C 160 -32.98 16.97 8.01
N ALA C 161 -32.39 15.88 7.53
CA ALA C 161 -32.37 15.59 6.07
C ALA C 161 -33.80 15.34 5.58
N LYS C 162 -34.57 14.51 6.30
CA LYS C 162 -36.00 14.25 6.02
C LYS C 162 -36.71 15.58 5.70
N VAL C 163 -36.51 16.60 6.52
CA VAL C 163 -37.24 17.89 6.35
C VAL C 163 -36.68 18.65 5.15
N ILE C 164 -35.36 18.62 4.96
CA ILE C 164 -34.70 19.31 3.80
C ILE C 164 -35.04 18.54 2.52
N HIS C 165 -35.05 17.22 2.60
CA HIS C 165 -35.35 16.35 1.44
C HIS C 165 -36.83 16.45 1.07
N ASP C 166 -37.71 16.51 2.06
CA ASP C 166 -39.16 16.59 1.80
C ASP C 166 -39.46 17.90 1.07
N ASN C 167 -38.86 19.01 1.50
CA ASN C 167 -39.18 20.37 0.99
C ASN C 167 -38.39 20.77 -0.26
N PHE C 168 -37.12 20.44 -0.33
CA PHE C 168 -36.26 20.72 -1.50
C PHE C 168 -35.76 19.33 -1.71
N GLY C 169 -35.06 19.00 -2.79
CA GLY C 169 -34.58 17.62 -2.91
C GLY C 169 -33.15 17.55 -2.44
N ILE C 170 -32.76 16.52 -1.71
CA ILE C 170 -31.31 16.37 -1.41
C ILE C 170 -30.72 15.71 -2.65
N VAL C 171 -30.09 16.49 -3.50
CA VAL C 171 -29.38 15.94 -4.69
C VAL C 171 -28.23 15.05 -4.20
N GLU C 172 -27.46 15.56 -3.24
CA GLU C 172 -26.30 14.85 -2.64
C GLU C 172 -25.86 15.65 -1.41
N GLY C 173 -25.17 15.00 -0.47
CA GLY C 173 -24.78 15.66 0.78
C GLY C 173 -23.58 15.00 1.41
N LEU C 174 -22.67 15.83 1.92
CA LEU C 174 -21.48 15.36 2.67
C LEU C 174 -21.52 15.95 4.08
N MET C 175 -21.48 15.07 5.07
CA MET C 175 -21.66 15.43 6.50
C MET C 175 -20.31 15.34 7.22
N THR C 176 -20.06 16.33 8.07
CA THR C 176 -18.99 16.32 9.10
C THR C 176 -19.64 16.46 10.48
N THR C 177 -19.28 15.58 11.40
CA THR C 177 -19.74 15.67 12.81
C THR C 177 -18.54 16.04 13.67
N VAL C 178 -18.47 17.27 14.19
CA VAL C 178 -17.52 17.64 15.27
C VAL C 178 -18.09 17.04 16.56
N HIS C 179 -17.39 16.05 17.11
CA HIS C 179 -17.98 15.12 18.12
C HIS C 179 -17.22 15.25 19.43
N ALA C 180 -17.92 15.16 20.55
CA ALA C 180 -17.36 15.15 21.91
C ALA C 180 -16.68 13.80 22.16
N ILE C 181 -15.86 13.71 23.20
CA ILE C 181 -15.04 12.50 23.44
C ILE C 181 -15.95 11.39 23.97
N THR C 182 -15.54 10.16 23.79
CA THR C 182 -16.35 8.99 24.20
C THR C 182 -15.47 8.03 24.99
N ALA C 183 -16.11 6.97 25.47
CA ALA C 183 -15.51 5.98 26.38
C ALA C 183 -14.48 5.14 25.63
N THR C 184 -14.45 5.17 24.30
CA THR C 184 -13.50 4.35 23.50
C THR C 184 -12.17 5.09 23.32
N GLN C 185 -12.13 6.40 23.51
CA GLN C 185 -10.85 7.14 23.34
C GLN C 185 -9.95 6.95 24.57
N LYS C 186 -8.76 7.54 24.53
CA LYS C 186 -7.70 7.34 25.53
C LYS C 186 -7.35 8.70 26.14
N THR C 187 -7.02 8.70 27.43
CA THR C 187 -6.59 9.94 28.14
C THR C 187 -5.24 10.40 27.58
N VAL C 188 -4.36 9.46 27.25
CA VAL C 188 -3.02 9.77 26.64
C VAL C 188 -2.75 8.72 25.56
N ASP C 189 -1.82 9.01 24.65
CA ASP C 189 -1.46 8.09 23.55
C ASP C 189 -1.33 6.67 24.12
N GLY C 190 -2.19 5.77 23.66
CA GLY C 190 -2.16 4.35 24.02
C GLY C 190 -2.75 3.50 22.91
N PRO C 191 -2.94 2.20 23.19
CA PRO C 191 -3.18 1.20 22.14
C PRO C 191 -4.64 1.24 21.66
N SER C 192 -4.80 1.32 20.33
CA SER C 192 -6.08 1.22 19.59
C SER C 192 -5.77 0.51 18.26
N GLY C 193 -5.56 -0.81 18.32
CA GLY C 193 -4.93 -1.62 17.25
C GLY C 193 -5.56 -1.46 15.89
N LYS C 194 -6.88 -1.38 15.79
CA LYS C 194 -7.56 -1.36 14.46
C LYS C 194 -7.82 0.07 13.99
N LEU C 195 -7.81 1.05 14.90
CA LEU C 195 -8.11 2.47 14.57
C LEU C 195 -7.06 3.33 15.26
N TRP C 196 -5.92 3.54 14.60
CA TRP C 196 -4.70 4.09 15.24
C TRP C 196 -4.98 5.50 15.78
N ARG C 197 -5.75 6.30 15.05
CA ARG C 197 -5.91 7.72 15.43
C ARG C 197 -6.70 7.79 16.75
N ASP C 198 -7.57 6.82 16.99
CA ASP C 198 -8.44 6.78 18.20
C ASP C 198 -7.60 6.52 19.45
N GLY C 199 -6.35 6.07 19.30
CA GLY C 199 -5.50 5.79 20.46
C GLY C 199 -4.86 7.07 20.99
N ARG C 200 -4.72 8.08 20.14
CA ARG C 200 -3.98 9.31 20.49
C ARG C 200 -4.77 10.11 21.55
N GLY C 201 -4.07 10.83 22.42
CA GLY C 201 -4.65 11.49 23.62
C GLY C 201 -5.84 12.37 23.27
N ALA C 202 -7.01 12.09 23.84
CA ALA C 202 -8.28 12.77 23.53
C ALA C 202 -8.28 14.20 24.04
N LEU C 203 -7.56 14.49 25.14
CA LEU C 203 -7.45 15.86 25.69
C LEU C 203 -6.55 16.73 24.81
N GLN C 204 -5.54 16.18 24.13
CA GLN C 204 -4.57 17.00 23.39
C GLN C 204 -5.01 17.20 21.93
N ASN C 205 -5.95 16.41 21.41
CA ASN C 205 -6.02 16.26 19.93
C ASN C 205 -7.40 16.51 19.33
N ILE C 206 -7.41 17.10 18.13
CA ILE C 206 -8.48 16.95 17.12
C ILE C 206 -8.16 15.66 16.35
N ILE C 207 -9.03 14.66 16.46
CA ILE C 207 -8.78 13.33 15.85
C ILE C 207 -9.79 13.11 14.74
N PRO C 208 -9.33 13.02 13.47
CA PRO C 208 -10.21 12.60 12.38
C PRO C 208 -10.56 11.13 12.55
N ALA C 209 -11.79 10.79 12.18
CA ALA C 209 -12.31 9.42 12.30
C ALA C 209 -13.40 9.17 11.25
N SER C 210 -13.67 7.89 11.05
CA SER C 210 -14.67 7.35 10.10
C SER C 210 -16.01 7.24 10.83
N THR C 211 -17.09 7.36 10.10
CA THR C 211 -18.42 6.98 10.62
C THR C 211 -19.32 6.53 9.47
N GLY C 212 -20.06 5.45 9.71
CA GLY C 212 -21.11 4.98 8.81
C GLY C 212 -22.40 5.76 8.97
N ALA C 213 -22.48 6.75 9.86
CA ALA C 213 -23.76 7.34 10.28
C ALA C 213 -24.44 8.08 9.12
N ALA C 214 -23.70 8.81 8.29
CA ALA C 214 -24.32 9.58 7.19
C ALA C 214 -24.88 8.60 6.15
N LYS C 215 -24.12 7.56 5.83
CA LYS C 215 -24.54 6.48 4.92
C LYS C 215 -25.78 5.79 5.51
N ALA C 216 -25.87 5.68 6.83
CA ALA C 216 -26.98 4.99 7.51
C ALA C 216 -28.30 5.72 7.25
N VAL C 217 -28.27 7.02 6.97
CA VAL C 217 -29.51 7.81 6.69
C VAL C 217 -30.23 7.21 5.48
N GLY C 218 -29.49 6.62 4.52
CA GLY C 218 -30.07 5.97 3.32
C GLY C 218 -30.85 4.71 3.62
N LYS C 219 -30.86 4.23 4.86
CA LYS C 219 -31.57 2.98 5.22
C LYS C 219 -32.87 3.28 5.99
N VAL C 220 -32.97 4.46 6.61
CA VAL C 220 -34.22 4.92 7.29
C VAL C 220 -34.91 5.93 6.38
N ILE C 221 -34.18 6.60 5.49
CA ILE C 221 -34.74 7.36 4.33
C ILE C 221 -34.24 6.74 3.03
N PRO C 222 -34.88 5.63 2.56
CA PRO C 222 -34.47 4.97 1.32
C PRO C 222 -34.30 5.87 0.08
N GLU C 223 -35.10 6.92 -0.06
CA GLU C 223 -34.95 7.88 -1.19
C GLU C 223 -33.53 8.44 -1.19
N LEU C 224 -32.92 8.62 -0.02
CA LEU C 224 -31.60 9.29 0.10
C LEU C 224 -30.45 8.30 -0.05
N ASN C 225 -30.73 7.00 -0.16
CA ASN C 225 -29.67 5.95 -0.22
C ASN C 225 -28.64 6.29 -1.30
N GLY C 226 -27.35 6.10 -1.00
CA GLY C 226 -26.22 6.44 -1.88
C GLY C 226 -26.07 7.94 -2.11
N LYS C 227 -26.82 8.80 -1.42
CA LYS C 227 -26.70 10.27 -1.60
C LYS C 227 -25.94 10.92 -0.42
N LEU C 228 -25.61 10.17 0.62
CA LEU C 228 -24.94 10.79 1.80
C LEU C 228 -23.78 9.93 2.28
N THR C 229 -22.69 10.59 2.66
CA THR C 229 -21.66 10.00 3.52
C THR C 229 -20.99 11.11 4.32
N GLY C 230 -20.01 10.74 5.13
CA GLY C 230 -19.21 11.74 5.83
C GLY C 230 -18.19 11.12 6.73
N MET C 231 -17.70 11.96 7.63
CA MET C 231 -16.61 11.58 8.56
C MET C 231 -16.78 12.45 9.81
N ALA C 232 -15.89 12.28 10.78
CA ALA C 232 -16.02 12.92 12.10
C ALA C 232 -14.69 13.54 12.49
N PHE C 233 -14.76 14.53 13.37
CA PHE C 233 -13.61 14.95 14.19
C PHE C 233 -14.00 14.79 15.64
N ARG C 234 -13.13 14.17 16.41
CA ARG C 234 -13.24 14.09 17.88
C ARG C 234 -12.51 15.30 18.47
N VAL C 235 -13.16 16.03 19.37
CA VAL C 235 -12.54 17.23 19.98
C VAL C 235 -12.66 17.11 21.48
N PRO C 236 -11.76 17.76 22.24
CA PRO C 236 -11.73 17.62 23.69
C PRO C 236 -12.88 18.35 24.41
N THR C 237 -14.12 17.91 24.20
CA THR C 237 -15.29 18.29 25.03
C THR C 237 -15.93 17.03 25.58
N ALA C 238 -16.47 17.13 26.79
CA ALA C 238 -16.97 15.96 27.57
C ALA C 238 -18.27 15.46 26.95
N ASN C 239 -19.05 16.35 26.35
CA ASN C 239 -20.38 16.01 25.82
C ASN C 239 -20.85 17.11 24.87
N VAL C 240 -21.78 16.71 24.00
CA VAL C 240 -22.50 17.52 22.98
C VAL C 240 -21.67 17.56 21.69
N SER C 241 -22.31 17.20 20.59
CA SER C 241 -21.71 17.15 19.23
C SER C 241 -22.57 17.92 18.24
N VAL C 242 -21.97 18.27 17.11
CA VAL C 242 -22.65 19.08 16.07
C VAL C 242 -22.52 18.40 14.71
N VAL C 243 -23.58 18.48 13.94
CA VAL C 243 -23.59 17.97 12.54
C VAL C 243 -23.44 19.17 11.62
N ASP C 244 -22.58 19.00 10.63
CA ASP C 244 -22.28 20.02 9.60
C ASP C 244 -22.59 19.39 8.25
N LEU C 245 -23.83 19.54 7.79
CA LEU C 245 -24.28 18.93 6.51
C LEU C 245 -24.07 19.94 5.38
N THR C 246 -23.22 19.57 4.42
CA THR C 246 -23.11 20.32 3.14
C THR C 246 -23.93 19.57 2.10
N CYS C 247 -24.84 20.25 1.41
CA CYS C 247 -25.72 19.58 0.43
C CYS C 247 -26.12 20.51 -0.71
N ARG C 248 -26.34 19.91 -1.89
CA ARG C 248 -26.98 20.59 -3.05
C ARG C 248 -28.45 20.22 -3.12
N LEU C 249 -29.26 21.19 -3.52
CA LEU C 249 -30.74 21.03 -3.57
C LEU C 249 -31.20 21.20 -5.03
N GLU C 250 -32.15 20.39 -5.47
CA GLU C 250 -32.75 20.56 -6.82
C GLU C 250 -33.54 21.86 -6.83
N LYS C 251 -34.52 21.99 -5.93
CA LYS C 251 -35.35 23.20 -5.79
C LYS C 251 -34.51 24.32 -5.17
N PRO C 252 -34.59 25.56 -5.70
CA PRO C 252 -33.91 26.70 -5.08
C PRO C 252 -34.53 27.03 -3.72
N ALA C 253 -33.71 27.10 -2.67
CA ALA C 253 -34.15 27.46 -1.30
C ALA C 253 -33.26 28.59 -0.78
N LYS C 254 -33.83 29.79 -0.63
CA LYS C 254 -33.21 30.87 0.18
C LYS C 254 -33.10 30.34 1.61
N TYR C 255 -32.18 30.90 2.38
CA TYR C 255 -31.95 30.48 3.78
C TYR C 255 -33.26 30.60 4.57
N ASP C 256 -33.99 31.71 4.38
CA ASP C 256 -35.21 32.04 5.16
C ASP C 256 -36.30 30.99 4.90
N ASP C 257 -36.26 30.30 3.76
CA ASP C 257 -37.23 29.24 3.44
C ASP C 257 -36.80 27.95 4.14
N ILE C 258 -35.50 27.66 4.14
CA ILE C 258 -34.92 26.53 4.92
C ILE C 258 -35.33 26.72 6.38
N LYS C 259 -35.09 27.92 6.91
CA LYS C 259 -35.43 28.29 8.31
C LYS C 259 -36.90 27.98 8.55
N LYS C 260 -37.78 28.58 7.72
CA LYS C 260 -39.26 28.58 7.92
C LYS C 260 -39.75 27.14 7.96
N VAL C 261 -39.17 26.28 7.12
CA VAL C 261 -39.63 24.87 6.98
C VAL C 261 -39.08 24.04 8.13
N VAL C 262 -37.88 24.35 8.63
CA VAL C 262 -37.34 23.57 9.77
C VAL C 262 -38.10 23.97 11.04
N LYS C 263 -38.35 25.28 11.19
CA LYS C 263 -39.13 25.81 12.34
C LYS C 263 -40.50 25.11 12.35
N GLN C 264 -41.15 25.05 11.20
CA GLN C 264 -42.51 24.46 11.07
C GLN C 264 -42.45 23.00 11.47
N ALA C 265 -41.48 22.25 10.98
CA ALA C 265 -41.40 20.80 11.28
C ALA C 265 -41.14 20.61 12.78
N SER C 266 -40.41 21.54 13.41
CA SER C 266 -39.99 21.41 14.84
C SER C 266 -41.18 21.78 15.74
N GLU C 267 -41.98 22.73 15.29
CA GLU C 267 -43.25 23.13 15.97
C GLU C 267 -44.33 22.08 15.69
N GLY C 268 -44.20 21.34 14.59
CA GLY C 268 -45.28 20.45 14.12
C GLY C 268 -45.04 19.01 14.51
N PRO C 269 -44.91 18.11 13.52
CA PRO C 269 -44.88 16.67 13.81
C PRO C 269 -43.51 16.16 14.29
N LEU C 270 -42.49 17.00 14.24
CA LEU C 270 -41.16 16.58 14.72
C LEU C 270 -40.89 17.18 16.10
N LYS C 271 -41.94 17.65 16.78
CA LYS C 271 -41.82 18.30 18.10
C LYS C 271 -41.17 17.31 19.05
N GLY C 272 -40.11 17.75 19.73
CA GLY C 272 -39.38 16.95 20.74
C GLY C 272 -38.29 16.12 20.10
N ILE C 273 -38.31 15.96 18.79
CA ILE C 273 -37.28 15.16 18.08
C ILE C 273 -36.37 16.14 17.38
N LEU C 274 -36.91 17.09 16.66
CA LEU C 274 -36.07 18.11 16.00
C LEU C 274 -36.39 19.49 16.58
N GLY C 275 -35.34 20.23 16.93
CA GLY C 275 -35.46 21.57 17.53
C GLY C 275 -35.04 22.64 16.55
N TYR C 276 -35.40 23.88 16.82
CA TYR C 276 -34.99 25.03 15.97
C TYR C 276 -34.62 26.16 16.90
N THR C 277 -33.58 26.93 16.56
CA THR C 277 -33.24 28.14 17.35
C THR C 277 -32.53 29.16 16.46
N GLU C 278 -32.62 30.40 16.85
CA GLU C 278 -31.87 31.52 16.23
C GLU C 278 -30.98 32.17 17.28
N HIS C 279 -30.98 31.69 18.52
CA HIS C 279 -30.14 32.27 19.61
C HIS C 279 -28.68 31.91 19.34
N GLN C 280 -27.76 32.70 19.89
CA GLN C 280 -26.31 32.62 19.65
C GLN C 280 -25.73 31.49 20.50
N VAL C 281 -26.20 30.26 20.28
CA VAL C 281 -25.92 29.11 21.15
C VAL C 281 -24.48 28.59 20.95
N VAL C 282 -24.00 27.85 21.96
CA VAL C 282 -22.73 27.09 21.90
C VAL C 282 -23.02 25.71 22.47
N SER C 283 -22.07 24.80 22.37
CA SER C 283 -22.37 23.36 22.55
C SER C 283 -23.01 23.14 23.93
N SER C 284 -22.48 23.77 24.97
CA SER C 284 -22.94 23.49 26.35
C SER C 284 -24.38 23.97 26.53
N ASP C 285 -24.91 24.77 25.60
CA ASP C 285 -26.34 25.15 25.67
C ASP C 285 -27.20 23.92 25.41
N PHE C 286 -26.62 22.83 24.90
CA PHE C 286 -27.41 21.63 24.55
C PHE C 286 -27.17 20.48 25.52
N ASN C 287 -26.42 20.72 26.60
CA ASN C 287 -26.08 19.66 27.57
C ASN C 287 -27.36 19.28 28.33
N SER C 288 -27.68 17.99 28.35
CA SER C 288 -28.95 17.40 28.84
C SER C 288 -30.16 17.89 28.02
N ASP C 289 -29.98 18.33 26.78
CA ASP C 289 -31.13 18.66 25.90
C ASP C 289 -31.63 17.36 25.24
N THR C 290 -32.92 17.11 25.27
CA THR C 290 -33.50 15.76 24.98
C THR C 290 -33.84 15.61 23.49
N HIS C 291 -33.55 16.62 22.69
CA HIS C 291 -33.80 16.60 21.24
C HIS C 291 -32.80 15.65 20.58
N SER C 292 -33.22 15.03 19.48
CA SER C 292 -32.35 14.28 18.54
C SER C 292 -31.42 15.25 17.79
N SER C 293 -31.84 16.48 17.58
CA SER C 293 -31.26 17.36 16.55
C SER C 293 -31.87 18.75 16.69
N THR C 294 -31.04 19.77 16.88
CA THR C 294 -31.52 21.17 16.99
C THR C 294 -30.82 21.99 15.91
N PHE C 295 -31.59 22.42 14.90
CA PHE C 295 -31.10 23.25 13.77
C PHE C 295 -30.65 24.61 14.32
N ASP C 296 -29.45 25.04 13.94
CA ASP C 296 -28.86 26.34 14.40
C ASP C 296 -28.92 27.33 13.25
N ALA C 297 -29.93 28.21 13.24
CA ALA C 297 -30.17 29.14 12.10
C ALA C 297 -28.93 30.02 11.88
N GLY C 298 -28.45 30.67 12.92
CA GLY C 298 -27.35 31.66 12.78
C GLY C 298 -26.04 31.05 12.30
N ALA C 299 -25.79 29.75 12.49
CA ALA C 299 -24.42 29.19 12.30
C ALA C 299 -24.25 28.63 10.89
N GLY C 300 -25.30 28.03 10.32
CA GLY C 300 -25.31 27.54 8.93
C GLY C 300 -24.99 28.67 7.97
N ILE C 301 -24.42 28.37 6.81
CA ILE C 301 -24.19 29.42 5.77
C ILE C 301 -24.52 28.85 4.39
N ALA C 302 -25.07 29.70 3.51
CA ALA C 302 -25.44 29.31 2.14
C ALA C 302 -24.52 30.04 1.15
N LEU C 303 -24.02 29.30 0.16
CA LEU C 303 -23.29 29.90 -0.98
C LEU C 303 -24.30 30.41 -2.01
N ASN C 304 -25.36 29.67 -2.25
CA ASN C 304 -26.35 30.06 -3.27
C ASN C 304 -27.59 29.25 -2.99
N ASP C 305 -28.59 29.30 -3.86
CA ASP C 305 -29.91 28.73 -3.52
C ASP C 305 -29.87 27.20 -3.65
N HIS C 306 -28.82 26.62 -4.21
CA HIS C 306 -28.78 25.16 -4.42
C HIS C 306 -27.68 24.51 -3.59
N PHE C 307 -26.80 25.29 -2.97
CA PHE C 307 -25.63 24.73 -2.25
C PHE C 307 -25.49 25.35 -0.86
N VAL C 308 -25.80 24.59 0.20
CA VAL C 308 -25.85 25.17 1.58
C VAL C 308 -25.26 24.25 2.65
N LYS C 309 -24.76 24.88 3.71
CA LYS C 309 -24.18 24.17 4.87
C LYS C 309 -25.15 24.34 6.06
N LEU C 310 -25.70 23.24 6.56
CA LEU C 310 -26.74 23.23 7.62
C LEU C 310 -26.16 22.64 8.92
N ILE C 311 -26.40 23.33 10.04
CA ILE C 311 -25.77 23.04 11.36
C ILE C 311 -26.86 22.56 12.31
N SER C 312 -26.66 21.39 12.90
CA SER C 312 -27.60 20.83 13.90
C SER C 312 -26.86 20.23 15.10
N TRP C 313 -27.26 20.64 16.30
CA TRP C 313 -26.65 20.21 17.58
C TRP C 313 -27.37 18.99 18.13
N TYR C 314 -26.64 18.16 18.86
CA TYR C 314 -27.27 17.02 19.55
C TYR C 314 -26.41 16.64 20.75
N ASP C 315 -27.06 16.48 21.89
CA ASP C 315 -26.50 15.82 23.07
C ASP C 315 -26.40 14.33 22.74
N ASN C 316 -25.22 13.90 22.34
CA ASN C 316 -24.94 12.53 21.83
C ASN C 316 -25.30 11.50 22.91
N GLU C 317 -25.38 11.87 24.19
CA GLU C 317 -25.71 10.93 25.27
C GLU C 317 -27.23 10.99 25.57
N PHE C 318 -27.72 12.17 25.91
CA PHE C 318 -29.08 12.33 26.51
C PHE C 318 -30.16 12.22 25.43
N GLY C 319 -29.97 12.92 24.33
CA GLY C 319 -30.94 12.89 23.21
C GLY C 319 -31.19 11.46 22.79
N TYR C 320 -30.10 10.73 22.59
CA TYR C 320 -30.14 9.36 22.04
C TYR C 320 -30.80 8.44 23.08
N SER C 321 -30.47 8.59 24.35
CA SER C 321 -31.06 7.78 25.44
C SER C 321 -32.58 8.00 25.48
N ASN C 322 -33.02 9.26 25.43
CA ASN C 322 -34.48 9.56 25.40
C ASN C 322 -35.13 8.87 24.20
N ARG C 323 -34.44 8.84 23.04
CA ARG C 323 -34.95 8.21 21.79
C ARG C 323 -35.16 6.72 22.03
N VAL C 324 -34.27 6.09 22.78
CA VAL C 324 -34.37 4.63 23.07
C VAL C 324 -35.68 4.38 23.85
N VAL C 325 -35.99 5.25 24.80
CA VAL C 325 -37.26 5.19 25.60
C VAL C 325 -38.44 5.60 24.71
N ASP C 326 -38.29 6.59 23.81
CA ASP C 326 -39.36 6.99 22.86
C ASP C 326 -39.69 5.82 21.92
N LEU C 327 -38.67 5.13 21.40
CA LEU C 327 -38.89 3.96 20.50
C LEU C 327 -39.69 2.92 21.28
N MET C 328 -39.18 2.48 22.43
CA MET C 328 -39.79 1.36 23.18
C MET C 328 -41.26 1.67 23.51
N ALA C 329 -41.60 2.95 23.77
CA ALA C 329 -42.97 3.38 24.10
C ALA C 329 -43.85 3.27 22.85
N HIS C 330 -43.28 3.49 21.66
CA HIS C 330 -44.03 3.39 20.37
C HIS C 330 -44.30 1.92 20.09
N MET C 331 -43.35 1.05 20.40
CA MET C 331 -43.46 -0.41 20.18
C MET C 331 -44.62 -0.96 21.02
N ALA C 332 -44.71 -0.54 22.28
CA ALA C 332 -45.79 -0.99 23.20
C ALA C 332 -47.16 -0.48 22.70
N SER C 333 -47.22 0.72 22.13
CA SER C 333 -48.48 1.33 21.62
C SER C 333 -48.92 0.63 20.33
N LYS C 334 -48.10 -0.27 19.79
CA LYS C 334 -48.44 -1.02 18.55
C LYS C 334 -48.36 -2.53 18.79
N GLU C 335 -48.19 -2.96 20.04
CA GLU C 335 -48.35 -4.39 20.39
C GLU C 335 -49.83 -4.66 20.71
N LYS D 3 -37.25 40.21 50.39
CA LYS D 3 -37.78 41.44 51.05
C LYS D 3 -36.92 42.66 50.72
N VAL D 4 -35.68 42.73 51.22
CA VAL D 4 -34.78 43.88 50.91
C VAL D 4 -34.55 43.93 49.40
N LYS D 5 -34.58 45.14 48.84
CA LYS D 5 -34.42 45.39 47.38
C LYS D 5 -32.94 45.64 47.09
N VAL D 6 -32.41 45.05 46.03
CA VAL D 6 -30.95 44.96 45.81
C VAL D 6 -30.57 45.52 44.44
N GLY D 7 -29.47 46.26 44.42
CA GLY D 7 -28.79 46.71 43.19
C GLY D 7 -27.51 45.94 42.99
N VAL D 8 -27.21 45.60 41.75
CA VAL D 8 -26.00 44.78 41.46
C VAL D 8 -25.14 45.56 40.50
N ASN D 9 -23.93 45.90 40.93
CA ASN D 9 -22.96 46.66 40.11
C ASN D 9 -21.98 45.68 39.49
N GLY D 10 -22.04 45.53 38.16
CA GLY D 10 -21.22 44.56 37.41
C GLY D 10 -22.01 43.30 37.16
N PHE D 11 -22.18 42.93 35.91
CA PHE D 11 -22.97 41.74 35.53
C PHE D 11 -22.02 40.67 34.99
N GLY D 12 -20.93 40.42 35.72
CA GLY D 12 -19.97 39.35 35.43
C GLY D 12 -20.39 38.05 36.07
N ARG D 13 -19.44 37.12 36.25
CA ARG D 13 -19.73 35.76 36.79
C ARG D 13 -20.43 35.92 38.15
N ILE D 14 -19.97 36.84 39.00
CA ILE D 14 -20.54 37.04 40.36
C ILE D 14 -21.89 37.77 40.22
N GLY D 15 -21.89 38.90 39.51
CA GLY D 15 -23.13 39.70 39.28
C GLY D 15 -24.28 38.81 38.87
N ARG D 16 -24.07 38.03 37.82
CA ARG D 16 -25.14 37.18 37.26
C ARG D 16 -25.51 36.07 38.24
N LEU D 17 -24.55 35.51 38.96
CA LEU D 17 -24.87 34.30 39.78
C LEU D 17 -25.47 34.73 41.12
N VAL D 18 -25.05 35.88 41.66
CA VAL D 18 -25.77 36.52 42.79
C VAL D 18 -27.22 36.78 42.35
N THR D 19 -27.41 37.43 41.21
CA THR D 19 -28.76 37.68 40.64
C THR D 19 -29.50 36.35 40.59
N ARG D 20 -28.81 35.31 40.12
CA ARG D 20 -29.45 33.98 39.89
C ARG D 20 -29.86 33.36 41.23
N ALA D 21 -28.92 33.24 42.17
CA ALA D 21 -29.20 32.70 43.52
C ALA D 21 -30.29 33.55 44.19
N ALA D 22 -30.33 34.85 43.96
CA ALA D 22 -31.39 35.72 44.55
C ALA D 22 -32.77 35.23 44.08
N PHE D 23 -32.96 35.01 42.78
CA PHE D 23 -34.26 34.52 42.25
C PHE D 23 -34.52 33.07 42.70
N ASN D 24 -33.49 32.23 42.79
CA ASN D 24 -33.65 30.80 43.21
C ASN D 24 -34.03 30.77 44.70
N SER D 25 -33.33 31.50 45.55
CA SER D 25 -33.54 31.42 47.01
C SER D 25 -34.80 32.20 47.40
N GLY D 26 -35.12 33.29 46.70
CA GLY D 26 -36.22 34.21 47.06
C GLY D 26 -35.86 35.13 48.21
N LYS D 27 -34.62 35.09 48.72
CA LYS D 27 -34.27 35.75 50.00
C LYS D 27 -34.11 37.26 49.81
N VAL D 28 -33.79 37.74 48.62
CA VAL D 28 -33.71 39.21 48.37
C VAL D 28 -34.42 39.49 47.04
N ASP D 29 -34.52 40.76 46.67
CA ASP D 29 -35.19 41.19 45.43
C ASP D 29 -34.22 42.05 44.62
N ILE D 30 -33.74 41.51 43.51
CA ILE D 30 -32.93 42.30 42.56
C ILE D 30 -33.88 43.31 41.90
N VAL D 31 -33.58 44.60 41.98
CA VAL D 31 -34.44 45.62 41.31
C VAL D 31 -33.58 46.47 40.36
N ALA D 32 -32.26 46.42 40.47
CA ALA D 32 -31.42 47.24 39.59
C ALA D 32 -30.11 46.51 39.26
N ILE D 33 -29.60 46.77 38.07
CA ILE D 33 -28.29 46.22 37.64
C ILE D 33 -27.59 47.31 36.88
N ASN D 34 -26.33 47.57 37.22
CA ASN D 34 -25.51 48.50 36.42
C ASN D 34 -24.34 47.75 35.79
N ASP D 35 -24.09 47.98 34.49
CA ASP D 35 -22.88 47.50 33.78
C ASP D 35 -22.69 48.29 32.49
N PRO D 36 -21.68 49.19 32.34
CA PRO D 36 -21.59 49.99 31.13
C PRO D 36 -21.28 49.16 29.87
N PHE D 37 -20.64 48.02 30.01
CA PHE D 37 -20.09 47.26 28.85
C PHE D 37 -21.04 46.17 28.39
N ILE D 38 -22.22 46.04 29.00
CA ILE D 38 -23.21 45.02 28.56
C ILE D 38 -24.59 45.65 28.53
N ASP D 39 -25.17 45.81 27.35
CA ASP D 39 -26.48 46.49 27.22
C ASP D 39 -27.59 45.47 27.51
N LEU D 40 -28.82 45.96 27.58
CA LEU D 40 -29.98 45.20 28.08
C LEU D 40 -30.11 43.89 27.30
N ASN D 41 -30.07 43.95 25.97
CA ASN D 41 -30.30 42.75 25.13
C ASN D 41 -29.18 41.75 25.44
N TYR D 42 -27.95 42.23 25.56
CA TYR D 42 -26.79 41.36 25.85
C TYR D 42 -26.99 40.69 27.22
N MET D 43 -27.62 41.39 28.17
CA MET D 43 -27.89 40.87 29.54
C MET D 43 -28.89 39.72 29.50
N VAL D 44 -29.95 39.81 28.67
CA VAL D 44 -30.92 38.69 28.49
C VAL D 44 -30.15 37.41 28.20
N TYR D 45 -29.16 37.52 27.31
CA TYR D 45 -28.40 36.37 26.76
C TYR D 45 -27.40 35.83 27.80
N MET D 46 -26.60 36.71 28.40
CA MET D 46 -25.56 36.26 29.35
C MET D 46 -26.25 35.62 30.56
N PHE D 47 -27.47 36.03 30.90
CA PHE D 47 -28.20 35.52 32.10
C PHE D 47 -28.88 34.19 31.80
N GLN D 48 -29.44 34.06 30.61
CA GLN D 48 -30.23 32.87 30.22
C GLN D 48 -29.30 31.68 29.99
N TYR D 49 -28.19 31.89 29.27
CA TYR D 49 -27.28 30.80 28.86
C TYR D 49 -26.04 30.85 29.74
N ASP D 50 -25.67 29.73 30.33
CA ASP D 50 -24.47 29.67 31.19
C ASP D 50 -23.78 28.31 31.01
N SER D 51 -22.55 28.33 30.52
CA SER D 51 -21.76 27.11 30.18
C SER D 51 -21.66 26.21 31.41
N THR D 52 -21.49 26.82 32.57
CA THR D 52 -21.18 26.13 33.84
C THR D 52 -22.48 25.66 34.50
N HIS D 53 -23.45 26.54 34.64
CA HIS D 53 -24.63 26.22 35.49
C HIS D 53 -25.88 25.94 34.66
N GLY D 54 -25.78 25.83 33.34
CA GLY D 54 -26.90 25.43 32.47
C GLY D 54 -27.90 26.56 32.25
N LYS D 55 -28.91 26.32 31.44
CA LYS D 55 -29.88 27.37 31.07
C LYS D 55 -30.62 27.83 32.34
N PHE D 56 -30.87 29.13 32.48
CA PHE D 56 -31.75 29.63 33.58
C PHE D 56 -33.09 28.91 33.54
N HIS D 57 -33.51 28.38 34.69
CA HIS D 57 -34.82 27.73 34.94
C HIS D 57 -35.81 28.85 35.32
N GLY D 58 -36.48 29.40 34.31
CA GLY D 58 -37.38 30.55 34.50
C GLY D 58 -37.36 31.39 33.25
N THR D 59 -37.93 32.58 33.33
CA THR D 59 -38.08 33.46 32.14
C THR D 59 -37.14 34.64 32.28
N VAL D 60 -36.51 35.02 31.19
CA VAL D 60 -35.75 36.30 31.15
C VAL D 60 -35.98 36.95 29.80
N LYS D 61 -36.41 38.22 29.80
CA LYS D 61 -36.81 38.94 28.58
C LYS D 61 -36.38 40.40 28.72
N ALA D 62 -36.13 41.06 27.59
CA ALA D 62 -36.02 42.53 27.50
C ALA D 62 -37.41 43.07 27.17
N GLU D 63 -37.92 43.97 28.00
CA GLU D 63 -39.30 44.49 27.87
C GLU D 63 -39.32 45.94 28.34
N ASN D 64 -39.62 46.85 27.43
CA ASN D 64 -39.73 48.30 27.72
C ASN D 64 -38.54 48.75 28.58
N GLY D 65 -37.34 48.33 28.22
CA GLY D 65 -36.06 48.82 28.78
C GLY D 65 -35.77 48.22 30.15
N LYS D 66 -36.53 47.20 30.53
CA LYS D 66 -36.30 46.49 31.82
C LYS D 66 -35.89 45.05 31.52
N LEU D 67 -34.94 44.53 32.30
CA LEU D 67 -34.65 43.09 32.31
C LEU D 67 -35.72 42.41 33.17
N VAL D 68 -36.58 41.63 32.55
CA VAL D 68 -37.72 41.00 33.27
C VAL D 68 -37.37 39.53 33.49
N ILE D 69 -37.18 39.17 34.76
CA ILE D 69 -36.79 37.79 35.17
C ILE D 69 -37.93 37.22 36.01
N ASN D 70 -38.56 36.15 35.55
CA ASN D 70 -39.69 35.51 36.29
C ASN D 70 -40.80 36.55 36.54
N GLY D 71 -40.98 37.48 35.60
CA GLY D 71 -42.04 38.51 35.67
C GLY D 71 -41.61 39.74 36.45
N ASN D 72 -40.41 39.74 37.06
CA ASN D 72 -39.94 40.88 37.89
C ASN D 72 -39.13 41.85 37.04
N PRO D 73 -39.56 43.11 36.88
CA PRO D 73 -38.76 44.10 36.15
C PRO D 73 -37.53 44.57 36.94
N ILE D 74 -36.42 44.73 36.22
CA ILE D 74 -35.14 45.21 36.81
C ILE D 74 -34.69 46.44 36.03
N THR D 75 -34.38 47.52 36.75
CA THR D 75 -33.85 48.76 36.13
C THR D 75 -32.40 48.53 35.71
N ILE D 76 -32.07 48.98 34.51
CA ILE D 76 -30.72 48.75 33.91
C ILE D 76 -30.02 50.08 33.70
N PHE D 77 -28.90 50.29 34.39
CA PHE D 77 -28.01 51.45 34.21
C PHE D 77 -26.74 51.08 33.43
N GLN D 78 -26.18 52.05 32.74
CA GLN D 78 -24.95 51.93 31.91
C GLN D 78 -23.95 52.99 32.39
N GLU D 79 -23.68 53.06 33.69
CA GLU D 79 -22.87 54.16 34.30
C GLU D 79 -21.43 53.68 34.55
N ARG D 80 -20.44 54.32 33.94
CA ARG D 80 -19.02 53.99 34.16
C ARG D 80 -18.58 54.51 35.54
N ASP D 81 -19.25 55.51 36.09
CA ASP D 81 -18.84 56.15 37.37
C ASP D 81 -19.84 55.76 38.46
N PRO D 82 -19.41 55.00 39.49
CA PRO D 82 -20.34 54.49 40.49
C PRO D 82 -21.10 55.57 41.27
N SER D 83 -20.57 56.79 41.31
CA SER D 83 -21.22 57.94 42.00
C SER D 83 -22.47 58.40 41.22
N LYS D 84 -22.56 58.10 39.92
CA LYS D 84 -23.63 58.64 39.04
C LYS D 84 -24.72 57.60 38.79
N ILE D 85 -24.84 56.56 39.62
CA ILE D 85 -25.89 55.52 39.45
C ILE D 85 -27.07 55.85 40.37
N LYS D 86 -28.27 55.94 39.82
CA LYS D 86 -29.46 56.41 40.58
C LYS D 86 -30.07 55.22 41.32
N TRP D 87 -29.28 54.56 42.17
CA TRP D 87 -29.73 53.38 42.96
C TRP D 87 -31.06 53.72 43.66
N GLY D 88 -31.12 54.91 44.28
CA GLY D 88 -32.26 55.34 45.12
C GLY D 88 -33.54 55.44 44.32
N ASP D 89 -33.46 56.07 43.15
CA ASP D 89 -34.61 56.21 42.22
C ASP D 89 -35.17 54.83 41.87
N ALA D 90 -34.30 53.82 41.73
CA ALA D 90 -34.68 52.45 41.32
C ALA D 90 -35.24 51.66 42.51
N GLY D 91 -35.04 52.15 43.75
CA GLY D 91 -35.48 51.50 44.99
C GLY D 91 -34.46 50.50 45.56
N ALA D 92 -33.24 50.46 45.03
CA ALA D 92 -32.18 49.52 45.50
C ALA D 92 -31.66 49.99 46.86
N GLU D 93 -31.95 49.24 47.93
CA GLU D 93 -31.49 49.61 49.28
C GLU D 93 -30.07 49.11 49.48
N TYR D 94 -29.78 47.85 49.14
CA TYR D 94 -28.39 47.31 49.17
C TYR D 94 -27.84 47.23 47.75
N VAL D 95 -26.56 47.53 47.62
CA VAL D 95 -25.83 47.36 46.33
C VAL D 95 -24.74 46.30 46.52
N VAL D 96 -24.68 45.35 45.61
CA VAL D 96 -23.53 44.39 45.53
C VAL D 96 -22.49 45.02 44.62
N GLU D 97 -21.35 45.38 45.18
CA GLU D 97 -20.20 45.88 44.38
C GLU D 97 -19.37 44.69 43.93
N SER D 98 -19.59 44.24 42.69
CA SER D 98 -19.00 42.99 42.15
C SER D 98 -18.16 43.22 40.88
N THR D 99 -17.67 44.41 40.63
CA THR D 99 -16.81 44.64 39.45
C THR D 99 -15.40 44.16 39.76
N GLY D 100 -14.96 44.31 41.01
CA GLY D 100 -13.58 43.98 41.39
C GLY D 100 -12.67 45.19 41.37
N VAL D 101 -13.15 46.35 40.91
CA VAL D 101 -12.29 47.56 40.86
C VAL D 101 -12.72 48.57 41.93
N PHE D 102 -13.75 48.32 42.71
CA PHE D 102 -14.17 49.30 43.75
C PHE D 102 -14.19 48.61 45.09
N THR D 103 -13.05 48.07 45.48
CA THR D 103 -12.94 47.22 46.68
C THR D 103 -12.52 48.02 47.89
N THR D 104 -12.06 49.25 47.71
CA THR D 104 -11.71 50.09 48.88
C THR D 104 -12.99 50.70 49.42
N MET D 105 -12.93 51.09 50.67
CA MET D 105 -14.06 51.76 51.35
C MET D 105 -14.30 53.13 50.70
N GLU D 106 -13.27 53.81 50.21
CA GLU D 106 -13.44 55.03 49.39
C GLU D 106 -14.31 54.67 48.17
N LYS D 107 -13.79 53.80 47.29
CA LYS D 107 -14.37 53.62 45.93
C LYS D 107 -15.76 52.99 46.04
N ALA D 108 -15.99 52.12 47.02
CA ALA D 108 -17.27 51.39 47.19
C ALA D 108 -18.33 52.34 47.73
N GLY D 109 -17.91 53.35 48.49
CA GLY D 109 -18.83 54.34 49.11
C GLY D 109 -19.55 55.17 48.08
N ALA D 110 -19.04 55.22 46.84
CA ALA D 110 -19.66 56.05 45.76
C ALA D 110 -21.12 55.65 45.58
N HIS D 111 -21.48 54.37 45.80
CA HIS D 111 -22.87 53.88 45.65
C HIS D 111 -23.79 54.57 46.66
N LEU D 112 -23.23 55.14 47.73
CA LEU D 112 -24.01 55.92 48.73
C LEU D 112 -24.50 57.23 48.08
N GLN D 113 -23.71 57.85 47.20
CA GLN D 113 -24.08 59.16 46.59
C GLN D 113 -25.44 59.01 45.92
N GLY D 114 -25.61 57.95 45.12
CA GLY D 114 -26.85 57.66 44.38
C GLY D 114 -28.00 57.24 45.28
N GLY D 115 -27.76 57.07 46.57
CA GLY D 115 -28.83 56.81 47.56
C GLY D 115 -29.03 55.33 47.85
N ALA D 116 -28.01 54.49 47.68
CA ALA D 116 -27.97 53.17 48.36
C ALA D 116 -27.73 53.40 49.84
N LYS D 117 -28.26 52.54 50.70
CA LYS D 117 -28.05 52.63 52.17
C LYS D 117 -26.81 51.82 52.57
N ARG D 118 -26.63 50.63 52.00
CA ARG D 118 -25.46 49.79 52.33
C ARG D 118 -24.82 49.22 51.07
N VAL D 119 -23.52 48.95 51.15
CA VAL D 119 -22.75 48.38 50.02
C VAL D 119 -22.08 47.10 50.48
N ILE D 120 -22.24 46.04 49.68
CA ILE D 120 -21.62 44.73 49.97
C ILE D 120 -20.60 44.44 48.88
N ILE D 121 -19.33 44.32 49.28
CA ILE D 121 -18.24 44.09 48.29
C ILE D 121 -18.09 42.58 48.14
N SER D 122 -18.17 42.09 46.90
CA SER D 122 -18.11 40.66 46.56
C SER D 122 -16.66 40.27 46.27
N ALA D 123 -15.78 40.57 47.21
CA ALA D 123 -14.30 40.46 47.10
C ALA D 123 -13.66 40.88 48.42
N PRO D 124 -12.42 40.44 48.69
CA PRO D 124 -11.67 40.95 49.83
C PRO D 124 -11.47 42.46 49.70
N SER D 125 -11.40 43.14 50.84
CA SER D 125 -11.19 44.61 50.91
C SER D 125 -10.05 44.96 51.86
N ALA D 126 -9.19 45.88 51.44
CA ALA D 126 -8.08 46.44 52.25
C ALA D 126 -8.60 47.00 53.59
N ASP D 127 -9.74 47.70 53.59
CA ASP D 127 -10.15 48.46 54.79
C ASP D 127 -11.58 48.17 55.21
N ALA D 128 -12.44 47.69 54.33
CA ALA D 128 -13.84 47.44 54.73
C ALA D 128 -13.86 46.19 55.58
N PRO D 129 -14.70 46.14 56.64
CA PRO D 129 -14.78 44.95 57.46
C PRO D 129 -15.30 43.75 56.66
N MET D 130 -14.78 42.57 56.97
CA MET D 130 -15.04 41.35 56.19
C MET D 130 -15.87 40.36 57.03
N PHE D 131 -16.78 39.67 56.40
CA PHE D 131 -17.65 38.71 57.10
C PHE D 131 -17.68 37.41 56.31
N VAL D 132 -17.75 36.34 57.06
CA VAL D 132 -18.00 35.00 56.48
C VAL D 132 -19.22 34.43 57.19
N MET D 133 -20.22 34.12 56.40
CA MET D 133 -21.44 33.49 56.93
C MET D 133 -21.04 32.24 57.71
N GLY D 134 -21.59 32.13 58.92
CA GLY D 134 -21.41 30.98 59.85
C GLY D 134 -20.19 31.14 60.73
N VAL D 135 -19.36 32.17 60.52
CA VAL D 135 -18.09 32.31 61.28
C VAL D 135 -18.14 33.59 62.11
N ASN D 136 -18.31 34.73 61.48
CA ASN D 136 -18.29 36.02 62.22
C ASN D 136 -19.46 36.93 61.82
N HIS D 137 -20.40 36.49 60.99
CA HIS D 137 -21.46 37.39 60.45
C HIS D 137 -22.29 38.02 61.58
N GLU D 138 -22.45 37.33 62.70
CA GLU D 138 -23.14 37.88 63.90
C GLU D 138 -22.41 39.11 64.44
N LYS D 139 -21.14 39.34 64.11
CA LYS D 139 -20.41 40.58 64.50
C LYS D 139 -20.83 41.75 63.60
N TYR D 140 -21.72 41.56 62.63
CA TYR D 140 -22.26 42.69 61.83
C TYR D 140 -23.20 43.51 62.72
N ASP D 141 -23.15 44.84 62.60
CA ASP D 141 -24.19 45.71 63.23
C ASP D 141 -24.63 46.78 62.23
N ASN D 142 -25.69 47.50 62.58
CA ASN D 142 -26.41 48.45 61.69
C ASN D 142 -25.57 49.70 61.40
N SER D 143 -24.50 49.95 62.16
CA SER D 143 -23.60 51.12 61.97
C SER D 143 -22.76 50.95 60.70
N LEU D 144 -22.56 49.69 60.27
CA LEU D 144 -21.66 49.38 59.13
C LEU D 144 -22.44 49.51 57.83
N LYS D 145 -22.00 50.42 56.96
CA LYS D 145 -22.71 50.71 55.68
C LYS D 145 -21.86 50.27 54.49
N ILE D 146 -20.63 49.80 54.71
CA ILE D 146 -19.78 49.26 53.62
C ILE D 146 -19.03 48.05 54.17
N ILE D 147 -19.36 46.88 53.65
CA ILE D 147 -18.77 45.61 54.15
C ILE D 147 -18.38 44.71 53.00
N SER D 148 -17.43 43.82 53.27
CA SER D 148 -16.90 42.85 52.29
C SER D 148 -17.32 41.45 52.71
N ASN D 149 -17.62 40.59 51.74
CA ASN D 149 -17.99 39.19 52.00
C ASN D 149 -16.76 38.29 51.77
N ALA D 150 -15.56 38.89 51.78
CA ALA D 150 -14.27 38.18 51.61
C ALA D 150 -14.26 37.50 50.24
N SER D 151 -13.44 36.48 50.11
CA SER D 151 -13.19 35.76 48.85
C SER D 151 -13.91 34.42 48.92
N CYS D 152 -14.00 33.72 47.80
CA CYS D 152 -14.54 32.34 47.76
C CYS D 152 -13.65 31.41 48.61
N THR D 153 -12.34 31.55 48.51
CA THR D 153 -11.41 30.63 49.19
C THR D 153 -11.51 30.84 50.69
N THR D 154 -11.64 32.09 51.14
CA THR D 154 -11.79 32.37 52.58
C THR D 154 -13.09 31.74 53.08
N ASN D 155 -14.15 31.76 52.27
CA ASN D 155 -15.48 31.21 52.65
C ASN D 155 -15.38 29.68 52.71
N CYS D 156 -14.46 29.08 51.99
CA CYS D 156 -14.25 27.61 52.10
C CYS D 156 -13.45 27.28 53.37
N LEU D 157 -12.37 27.99 53.63
CA LEU D 157 -11.41 27.59 54.71
C LEU D 157 -11.95 27.99 56.08
N ALA D 158 -12.52 29.18 56.23
CA ALA D 158 -12.90 29.72 57.54
C ALA D 158 -13.90 28.81 58.25
N PRO D 159 -15.02 28.35 57.65
CA PRO D 159 -15.94 27.46 58.35
C PRO D 159 -15.29 26.15 58.83
N LEU D 160 -14.43 25.58 57.99
CA LEU D 160 -13.65 24.38 58.38
C LEU D 160 -12.69 24.72 59.52
N ALA D 161 -11.93 25.83 59.40
CA ALA D 161 -10.91 26.23 60.41
C ALA D 161 -11.60 26.50 61.75
N LYS D 162 -12.74 27.18 61.74
CA LYS D 162 -13.50 27.47 62.99
C LYS D 162 -13.76 26.17 63.73
N VAL D 163 -14.32 25.18 63.05
CA VAL D 163 -14.73 23.92 63.70
C VAL D 163 -13.51 23.18 64.23
N ILE D 164 -12.39 23.19 63.50
CA ILE D 164 -11.19 22.43 63.91
C ILE D 164 -10.52 23.20 65.06
N HIS D 165 -10.45 24.52 64.95
CA HIS D 165 -9.86 25.34 66.03
C HIS D 165 -10.68 25.22 67.31
N ASP D 166 -12.01 25.31 67.21
CA ASP D 166 -12.92 25.25 68.38
C ASP D 166 -12.73 23.93 69.14
N ASN D 167 -12.46 22.84 68.45
CA ASN D 167 -12.50 21.48 69.06
C ASN D 167 -11.11 21.01 69.50
N PHE D 168 -10.06 21.35 68.73
CA PHE D 168 -8.68 20.83 68.93
C PHE D 168 -7.63 21.94 69.04
N GLY D 169 -7.92 23.14 68.54
CA GLY D 169 -6.91 24.21 68.52
C GLY D 169 -5.93 24.02 67.38
N ILE D 170 -5.85 25.01 66.53
CA ILE D 170 -4.94 25.02 65.35
C ILE D 170 -3.71 25.78 65.81
N VAL D 171 -2.58 25.09 65.91
CA VAL D 171 -1.32 25.73 66.33
C VAL D 171 -0.85 26.57 65.15
N GLU D 172 -0.83 25.96 63.97
CA GLU D 172 -0.44 26.62 62.71
C GLU D 172 -0.91 25.78 61.53
N GLY D 173 -1.09 26.42 60.38
CA GLY D 173 -1.66 25.76 59.21
C GLY D 173 -1.16 26.37 57.92
N LEU D 174 -0.90 25.52 56.93
CA LEU D 174 -0.59 25.98 55.57
C LEU D 174 -1.64 25.41 54.61
N MET D 175 -2.17 26.28 53.76
CA MET D 175 -3.27 25.92 52.85
C MET D 175 -2.72 25.93 51.44
N THR D 176 -3.14 24.94 50.66
CA THR D 176 -3.12 25.02 49.18
C THR D 176 -4.55 24.99 48.68
N THR D 177 -4.89 25.85 47.73
CA THR D 177 -6.16 25.71 46.99
C THR D 177 -5.86 25.33 45.55
N VAL D 178 -6.41 24.21 45.09
CA VAL D 178 -6.40 23.83 43.66
C VAL D 178 -7.65 24.46 43.06
N HIS D 179 -7.42 25.49 42.24
CA HIS D 179 -8.49 26.43 41.82
C HIS D 179 -8.85 26.26 40.35
N ALA D 180 -10.14 26.24 40.07
CA ALA D 180 -10.71 26.34 38.71
C ALA D 180 -10.25 27.63 38.03
N ILE D 181 -10.27 27.66 36.69
CA ILE D 181 -9.85 28.87 35.93
C ILE D 181 -10.85 29.99 36.19
N THR D 182 -10.39 31.23 36.05
CA THR D 182 -11.23 32.42 36.26
C THR D 182 -11.04 33.37 35.09
N ALA D 183 -11.88 34.40 35.05
CA ALA D 183 -11.99 35.40 33.96
C ALA D 183 -10.69 36.19 33.78
N THR D 184 -9.91 36.42 34.83
CA THR D 184 -8.62 37.17 34.76
C THR D 184 -7.55 36.31 34.06
N GLN D 185 -7.78 35.02 33.86
CA GLN D 185 -6.79 34.18 33.14
C GLN D 185 -6.92 34.38 31.63
N LYS D 186 -5.98 33.82 30.87
CA LYS D 186 -5.92 33.95 29.40
C LYS D 186 -6.08 32.59 28.73
N THR D 187 -6.73 32.55 27.57
CA THR D 187 -6.88 31.33 26.73
C THR D 187 -5.53 30.83 26.22
N VAL D 188 -4.69 31.73 25.71
CA VAL D 188 -3.30 31.40 25.30
C VAL D 188 -2.37 32.37 26.03
N ASP D 189 -1.06 32.11 25.95
CA ASP D 189 -0.03 32.94 26.61
C ASP D 189 -0.31 34.38 26.18
N GLY D 190 -0.68 35.23 27.14
CA GLY D 190 -1.06 36.63 26.89
C GLY D 190 -0.41 37.54 27.91
N PRO D 191 -0.57 38.87 27.74
CA PRO D 191 0.06 39.83 28.64
C PRO D 191 -0.75 39.91 29.94
N SER D 192 -0.05 39.88 31.07
CA SER D 192 -0.62 39.94 32.43
C SER D 192 0.40 40.68 33.29
N GLY D 193 0.56 41.97 33.01
CA GLY D 193 1.74 42.77 33.40
C GLY D 193 2.21 42.44 34.80
N LYS D 194 1.32 42.49 35.77
CA LYS D 194 1.76 42.41 37.19
C LYS D 194 2.04 40.96 37.58
N LEU D 195 1.22 40.00 37.14
CA LEU D 195 1.33 38.59 37.59
C LEU D 195 1.66 37.67 36.40
N TRP D 196 2.93 37.42 36.18
CA TRP D 196 3.40 36.85 34.89
C TRP D 196 2.79 35.45 34.73
N ARG D 197 2.76 34.64 35.80
CA ARG D 197 2.29 33.25 35.71
C ARG D 197 0.83 33.25 35.24
N ASP D 198 0.04 34.23 35.67
CA ASP D 198 -1.41 34.30 35.39
C ASP D 198 -1.65 34.60 33.91
N GLY D 199 -0.66 35.11 33.19
CA GLY D 199 -0.71 35.26 31.72
C GLY D 199 -0.64 33.95 30.95
N ARG D 200 -0.03 32.92 31.49
CA ARG D 200 0.26 31.69 30.71
C ARG D 200 -1.03 30.95 30.38
N GLY D 201 -1.09 30.32 29.20
CA GLY D 201 -2.33 29.75 28.66
C GLY D 201 -3.01 28.85 29.68
N ALA D 202 -4.28 29.14 29.98
CA ALA D 202 -5.04 28.52 31.08
C ALA D 202 -5.42 27.07 30.76
N LEU D 203 -5.65 26.71 29.49
CA LEU D 203 -6.00 25.32 29.10
C LEU D 203 -4.74 24.45 29.18
N GLN D 204 -3.55 24.99 29.05
CA GLN D 204 -2.34 24.15 28.90
C GLN D 204 -1.67 23.91 30.25
N ASN D 205 -1.98 24.64 31.32
CA ASN D 205 -0.99 24.82 32.42
C ASN D 205 -1.57 24.58 33.83
N ILE D 206 -0.82 23.88 34.68
CA ILE D 206 -0.90 24.14 36.15
C ILE D 206 -0.13 25.43 36.44
N ILE D 207 -0.79 26.39 37.09
CA ILE D 207 -0.25 27.76 37.29
C ILE D 207 -0.23 28.06 38.79
N PRO D 208 0.95 28.18 39.42
CA PRO D 208 0.98 28.59 40.83
C PRO D 208 0.56 30.06 40.96
N ALA D 209 -0.03 30.42 42.08
CA ALA D 209 -0.38 31.84 42.34
C ALA D 209 -0.41 32.10 43.84
N SER D 210 -0.25 33.37 44.17
CA SER D 210 -0.43 33.93 45.53
C SER D 210 -1.91 34.13 45.80
N THR D 211 -2.31 33.89 47.02
CA THR D 211 -3.65 34.25 47.56
C THR D 211 -3.46 34.74 48.99
N GLY D 212 -4.26 35.72 49.40
CA GLY D 212 -4.31 36.18 50.80
C GLY D 212 -5.38 35.47 51.60
N ALA D 213 -6.00 34.43 51.06
CA ALA D 213 -7.24 33.87 51.65
C ALA D 213 -6.95 33.16 52.97
N ALA D 214 -5.80 32.53 53.12
CA ALA D 214 -5.47 31.81 54.38
C ALA D 214 -5.18 32.84 55.48
N LYS D 215 -4.42 33.87 55.15
CA LYS D 215 -4.11 35.02 56.04
C LYS D 215 -5.42 35.67 56.49
N ALA D 216 -6.35 35.89 55.58
CA ALA D 216 -7.61 36.64 55.81
C ALA D 216 -8.47 35.90 56.84
N VAL D 217 -8.24 34.60 57.03
CA VAL D 217 -9.03 33.82 58.02
C VAL D 217 -8.68 34.35 59.41
N GLY D 218 -7.47 34.90 59.59
CA GLY D 218 -7.07 35.53 60.86
C GLY D 218 -7.87 36.79 61.19
N LYS D 219 -8.69 37.29 60.27
CA LYS D 219 -9.47 38.54 60.48
C LYS D 219 -10.92 38.21 60.83
N VAL D 220 -11.40 37.03 60.42
CA VAL D 220 -12.77 36.58 60.76
C VAL D 220 -12.68 35.58 61.92
N ILE D 221 -11.51 34.98 62.15
CA ILE D 221 -11.22 34.22 63.40
C ILE D 221 -9.98 34.84 64.04
N PRO D 222 -10.10 35.96 64.79
CA PRO D 222 -8.95 36.67 65.36
C PRO D 222 -7.94 35.78 66.11
N GLU D 223 -8.40 34.70 66.73
CA GLU D 223 -7.48 33.77 67.42
C GLU D 223 -6.48 33.15 66.43
N LEU D 224 -6.81 33.06 65.13
CA LEU D 224 -5.92 32.36 64.16
C LEU D 224 -5.12 33.39 63.38
N ASN D 225 -5.12 34.64 63.82
CA ASN D 225 -4.30 35.73 63.23
C ASN D 225 -2.82 35.34 63.31
N GLY D 226 -2.13 35.42 62.18
CA GLY D 226 -0.72 35.03 62.06
C GLY D 226 -0.48 33.53 62.04
N LYS D 227 -1.49 32.68 62.24
CA LYS D 227 -1.27 31.21 62.34
C LYS D 227 -1.57 30.46 61.03
N LEU D 228 -2.02 31.14 59.97
CA LEU D 228 -2.28 30.48 58.65
C LEU D 228 -1.71 31.32 57.50
N THR D 229 -1.15 30.66 56.50
CA THR D 229 -1.01 31.26 55.15
C THR D 229 -1.07 30.14 54.10
N GLY D 230 -0.85 30.47 52.85
CA GLY D 230 -0.94 29.45 51.80
C GLY D 230 -0.77 30.04 50.42
N MET D 231 -1.14 29.25 49.42
CA MET D 231 -0.97 29.63 48.00
C MET D 231 -1.93 28.80 47.16
N ALA D 232 -1.91 29.03 45.85
CA ALA D 232 -2.90 28.41 44.96
C ALA D 232 -2.22 27.78 43.76
N PHE D 233 -2.88 26.76 43.22
CA PHE D 233 -2.64 26.25 41.85
C PHE D 233 -3.92 26.40 41.02
N ARG D 234 -3.81 27.10 39.91
CA ARG D 234 -4.91 27.21 38.93
C ARG D 234 -4.76 26.05 37.95
N VAL D 235 -5.84 25.30 37.74
CA VAL D 235 -5.82 24.11 36.85
C VAL D 235 -6.93 24.28 35.82
N PRO D 236 -6.82 23.64 34.62
CA PRO D 236 -7.80 23.77 33.55
C PRO D 236 -9.14 23.04 33.77
N THR D 237 -9.89 23.48 34.76
CA THR D 237 -11.32 23.13 34.92
C THR D 237 -12.12 24.42 34.98
N ALA D 238 -13.34 24.35 34.51
CA ALA D 238 -14.22 25.52 34.33
C ALA D 238 -14.72 26.01 35.68
N ASN D 239 -14.99 25.11 36.62
CA ASN D 239 -15.64 25.49 37.91
C ASN D 239 -15.39 24.41 38.96
N VAL D 240 -15.42 24.83 40.22
CA VAL D 240 -15.24 24.02 41.45
C VAL D 240 -13.75 24.01 41.81
N SER D 241 -13.50 24.28 43.07
CA SER D 241 -12.14 24.41 43.62
C SER D 241 -12.05 23.57 44.90
N VAL D 242 -10.85 23.45 45.44
CA VAL D 242 -10.68 22.53 46.59
C VAL D 242 -9.59 23.05 47.50
N VAL D 243 -9.87 22.97 48.78
CA VAL D 243 -8.94 23.50 49.81
C VAL D 243 -8.24 22.30 50.41
N ASP D 244 -6.96 22.48 50.65
CA ASP D 244 -6.11 21.42 51.18
C ASP D 244 -5.38 22.05 52.37
N LEU D 245 -5.91 21.85 53.57
CA LEU D 245 -5.33 22.47 54.78
C LEU D 245 -4.45 21.47 55.50
N THR D 246 -3.16 21.81 55.64
CA THR D 246 -2.23 20.99 56.46
C THR D 246 -2.01 21.72 57.77
N CYS D 247 -2.57 21.22 58.88
CA CYS D 247 -2.52 21.96 60.14
C CYS D 247 -1.98 21.12 61.29
N ARG D 248 -1.27 21.79 62.20
CA ARG D 248 -0.84 21.23 63.50
C ARG D 248 -1.90 21.53 64.55
N LEU D 249 -2.32 20.52 65.31
CA LEU D 249 -3.36 20.66 66.34
C LEU D 249 -2.75 20.63 67.74
N GLU D 250 -3.30 21.45 68.65
CA GLU D 250 -2.86 21.55 70.05
C GLU D 250 -3.17 20.23 70.77
N LYS D 251 -4.45 19.84 70.74
CA LYS D 251 -5.00 18.66 71.44
C LYS D 251 -5.13 17.50 70.47
N PRO D 252 -5.04 16.24 70.97
CA PRO D 252 -5.09 15.06 70.10
C PRO D 252 -6.42 14.95 69.35
N ALA D 253 -6.35 14.73 68.05
CA ALA D 253 -7.54 14.55 67.18
C ALA D 253 -7.29 13.39 66.26
N LYS D 254 -7.77 12.21 66.63
CA LYS D 254 -7.81 11.06 65.69
C LYS D 254 -8.72 11.44 64.53
N TYR D 255 -8.45 10.91 63.34
CA TYR D 255 -9.15 11.32 62.11
C TYR D 255 -10.66 11.12 62.27
N ASP D 256 -11.09 10.00 62.85
CA ASP D 256 -12.52 9.72 63.14
C ASP D 256 -13.12 10.84 64.01
N ASP D 257 -12.37 11.36 64.99
CA ASP D 257 -12.83 12.49 65.86
C ASP D 257 -13.00 13.76 65.01
N ILE D 258 -12.04 14.07 64.14
CA ILE D 258 -12.18 15.19 63.17
C ILE D 258 -13.48 15.00 62.38
N LYS D 259 -13.67 13.80 61.81
CA LYS D 259 -14.89 13.48 61.01
C LYS D 259 -16.17 13.73 61.83
N LYS D 260 -16.20 13.34 63.10
CA LYS D 260 -17.43 13.40 63.91
C LYS D 260 -17.81 14.85 64.18
N VAL D 261 -16.86 15.69 64.57
CA VAL D 261 -17.18 17.11 64.91
C VAL D 261 -17.53 17.88 63.63
N VAL D 262 -16.94 17.53 62.48
CA VAL D 262 -17.33 18.23 61.22
C VAL D 262 -18.74 17.80 60.83
N LYS D 263 -19.04 16.50 60.90
CA LYS D 263 -20.39 15.97 60.60
C LYS D 263 -21.41 16.65 61.53
N GLN D 264 -21.10 16.72 62.82
CA GLN D 264 -21.94 17.45 63.83
C GLN D 264 -22.18 18.90 63.37
N ALA D 265 -21.11 19.66 63.12
CA ALA D 265 -21.22 21.07 62.67
C ALA D 265 -22.07 21.16 61.41
N SER D 266 -21.92 20.23 60.48
CA SER D 266 -22.65 20.28 59.17
C SER D 266 -24.15 20.11 59.41
N GLU D 267 -24.54 19.46 60.52
CA GLU D 267 -25.97 19.14 60.84
C GLU D 267 -26.59 20.24 61.69
N GLY D 268 -25.79 20.97 62.48
CA GLY D 268 -26.31 22.01 63.38
C GLY D 268 -26.19 23.40 62.77
N PRO D 269 -25.44 24.29 63.44
CA PRO D 269 -25.52 25.73 63.15
C PRO D 269 -24.87 26.10 61.80
N LEU D 270 -23.93 25.29 61.31
CA LEU D 270 -23.25 25.58 60.03
C LEU D 270 -23.98 24.88 58.87
N LYS D 271 -25.20 24.39 59.10
CA LYS D 271 -25.96 23.65 58.06
C LYS D 271 -26.23 24.56 56.84
N GLY D 272 -26.00 24.03 55.64
CA GLY D 272 -26.08 24.80 54.38
C GLY D 272 -24.80 25.57 54.05
N ILE D 273 -23.91 25.77 55.03
CA ILE D 273 -22.61 26.48 54.88
C ILE D 273 -21.48 25.44 54.83
N LEU D 274 -21.34 24.63 55.88
CA LEU D 274 -20.29 23.59 55.99
C LEU D 274 -20.98 22.25 55.78
N GLY D 275 -20.68 21.61 54.65
CA GLY D 275 -21.18 20.29 54.29
C GLY D 275 -20.21 19.21 54.72
N TYR D 276 -20.67 17.96 54.67
CA TYR D 276 -19.91 16.75 55.07
C TYR D 276 -20.31 15.60 54.14
N THR D 277 -19.32 14.87 53.64
CA THR D 277 -19.57 13.70 52.79
C THR D 277 -18.48 12.67 53.03
N GLU D 278 -18.85 11.40 52.91
CA GLU D 278 -17.93 10.25 52.90
C GLU D 278 -18.00 9.56 51.54
N HIS D 279 -18.72 10.15 50.57
CA HIS D 279 -18.86 9.59 49.20
C HIS D 279 -17.56 9.83 48.42
N GLN D 280 -17.43 9.07 47.33
CA GLN D 280 -16.24 9.08 46.46
C GLN D 280 -16.42 10.19 45.43
N VAL D 281 -16.41 11.43 45.90
CA VAL D 281 -16.77 12.62 45.08
C VAL D 281 -15.54 13.07 44.30
N VAL D 282 -15.82 13.76 43.21
CA VAL D 282 -14.84 14.51 42.39
C VAL D 282 -15.42 15.91 42.19
N SER D 283 -14.70 16.81 41.53
CA SER D 283 -15.06 18.26 41.55
C SER D 283 -16.46 18.46 40.97
N SER D 284 -16.78 17.82 39.85
CA SER D 284 -18.06 18.12 39.16
C SER D 284 -19.25 17.74 40.07
N ASP D 285 -19.05 16.90 41.09
CA ASP D 285 -20.16 16.58 42.03
C ASP D 285 -20.60 17.82 42.82
N PHE D 286 -19.87 18.94 42.74
CA PHE D 286 -20.17 20.14 43.55
C PHE D 286 -20.57 21.31 42.66
N ASN D 287 -20.70 21.07 41.36
CA ASN D 287 -21.15 22.11 40.41
C ASN D 287 -22.56 22.55 40.80
N SER D 288 -22.74 23.84 41.13
CA SER D 288 -24.03 24.45 41.53
C SER D 288 -24.41 24.00 42.96
N ASP D 289 -23.46 23.45 43.70
CA ASP D 289 -23.64 23.19 45.15
C ASP D 289 -23.51 24.53 45.88
N THR D 290 -24.44 24.81 46.80
CA THR D 290 -24.63 26.14 47.42
C THR D 290 -23.81 26.22 48.72
N HIS D 291 -23.12 25.14 49.11
CA HIS D 291 -22.28 25.13 50.32
C HIS D 291 -21.07 26.05 50.13
N SER D 292 -20.62 26.66 51.21
CA SER D 292 -19.34 27.42 51.26
C SER D 292 -18.17 26.42 51.21
N SER D 293 -18.38 25.22 51.75
CA SER D 293 -17.27 24.30 52.06
C SER D 293 -17.86 22.90 52.30
N THR D 294 -17.43 21.88 51.57
CA THR D 294 -17.88 20.51 51.88
C THR D 294 -16.66 19.65 52.23
N PHE D 295 -16.57 19.25 53.50
CA PHE D 295 -15.49 18.37 54.03
C PHE D 295 -15.57 17.01 53.36
N ASP D 296 -14.49 16.63 52.66
CA ASP D 296 -14.30 15.32 52.00
C ASP D 296 -13.56 14.40 52.97
N ALA D 297 -14.29 13.59 53.71
CA ALA D 297 -13.73 12.75 54.80
C ALA D 297 -12.75 11.74 54.21
N GLY D 298 -13.11 11.10 53.08
CA GLY D 298 -12.28 10.06 52.44
C GLY D 298 -11.02 10.57 51.78
N ALA D 299 -10.92 11.84 51.40
CA ALA D 299 -9.76 12.35 50.63
C ALA D 299 -8.62 12.83 51.55
N GLY D 300 -8.94 13.24 52.79
CA GLY D 300 -7.94 13.80 53.72
C GLY D 300 -7.07 12.71 54.30
N ILE D 301 -6.00 13.09 55.00
CA ILE D 301 -5.11 12.08 55.63
C ILE D 301 -4.37 12.72 56.81
N ALA D 302 -4.19 11.93 57.86
CA ALA D 302 -3.42 12.27 59.07
C ALA D 302 -2.07 11.55 59.02
N LEU D 303 -1.00 12.25 59.35
CA LEU D 303 0.28 11.57 59.66
C LEU D 303 0.22 11.02 61.09
N ASN D 304 -0.35 11.78 62.01
CA ASN D 304 -0.52 11.39 63.43
C ASN D 304 -1.65 12.25 64.01
N ASP D 305 -1.84 12.17 65.32
CA ASP D 305 -2.96 12.82 66.07
C ASP D 305 -2.81 14.34 66.07
N HIS D 306 -1.65 14.89 65.72
CA HIS D 306 -1.40 16.36 65.83
C HIS D 306 -1.09 17.01 64.49
N PHE D 307 -0.95 16.25 63.41
CA PHE D 307 -0.51 16.76 62.09
C PHE D 307 -1.41 16.12 61.02
N VAL D 308 -2.30 16.90 60.41
CA VAL D 308 -3.37 16.34 59.54
C VAL D 308 -3.49 17.17 58.29
N LYS D 309 -4.07 16.58 57.26
CA LYS D 309 -4.38 17.25 55.98
C LYS D 309 -5.87 17.07 55.72
N LEU D 310 -6.59 18.19 55.66
CA LEU D 310 -8.06 18.17 55.49
C LEU D 310 -8.44 18.73 54.13
N ILE D 311 -9.44 18.13 53.52
CA ILE D 311 -9.86 18.48 52.14
C ILE D 311 -11.29 18.97 52.22
N SER D 312 -11.55 20.13 51.63
CA SER D 312 -12.92 20.69 51.55
C SER D 312 -13.16 21.31 50.17
N TRP D 313 -14.24 20.88 49.52
CA TRP D 313 -14.67 21.39 48.19
C TRP D 313 -15.46 22.71 48.32
N TYR D 314 -15.43 23.51 47.28
CA TYR D 314 -16.37 24.63 47.13
C TYR D 314 -16.57 24.93 45.67
N ASP D 315 -17.81 25.18 45.32
CA ASP D 315 -18.14 25.83 44.04
C ASP D 315 -17.79 27.30 44.20
N ASN D 316 -16.66 27.72 43.67
CA ASN D 316 -16.10 29.09 43.82
C ASN D 316 -17.06 30.13 43.22
N GLU D 317 -17.89 29.75 42.25
CA GLU D 317 -18.89 30.66 41.63
C GLU D 317 -20.19 30.68 42.46
N PHE D 318 -20.80 29.51 42.64
CA PHE D 318 -22.19 29.34 43.12
C PHE D 318 -22.27 29.37 44.66
N GLY D 319 -21.25 28.88 45.36
CA GLY D 319 -21.23 28.91 46.83
C GLY D 319 -21.10 30.34 47.29
N TYR D 320 -20.14 31.04 46.72
CA TYR D 320 -19.84 32.43 47.13
C TYR D 320 -21.05 33.33 46.81
N SER D 321 -21.69 33.13 45.66
CA SER D 321 -22.82 33.97 45.22
C SER D 321 -24.01 33.80 46.17
N ASN D 322 -24.27 32.57 46.62
CA ASN D 322 -25.32 32.33 47.64
C ASN D 322 -24.96 32.96 49.00
N ARG D 323 -23.69 33.00 49.38
CA ARG D 323 -23.30 33.64 50.66
C ARG D 323 -23.49 35.15 50.54
N VAL D 324 -23.32 35.74 49.37
CA VAL D 324 -23.55 37.20 49.16
C VAL D 324 -25.04 37.47 49.39
N VAL D 325 -25.91 36.61 48.86
CA VAL D 325 -27.38 36.71 49.11
C VAL D 325 -27.67 36.47 50.60
N ASP D 326 -27.12 35.42 51.21
CA ASP D 326 -27.36 35.09 52.63
C ASP D 326 -26.92 36.25 53.54
N LEU D 327 -25.77 36.85 53.26
CA LEU D 327 -25.24 37.98 54.07
C LEU D 327 -26.24 39.13 53.99
N MET D 328 -26.73 39.44 52.80
CA MET D 328 -27.70 40.55 52.63
C MET D 328 -28.96 40.24 53.42
N ALA D 329 -29.49 39.02 53.31
CA ALA D 329 -30.66 38.56 54.08
C ALA D 329 -30.40 38.80 55.57
N HIS D 330 -29.18 38.56 56.03
CA HIS D 330 -28.86 38.70 57.48
C HIS D 330 -28.85 40.18 57.86
N MET D 331 -28.21 41.01 57.04
CA MET D 331 -28.16 42.48 57.24
C MET D 331 -29.59 43.02 57.33
N ALA D 332 -30.50 42.51 56.48
CA ALA D 332 -31.90 42.97 56.40
C ALA D 332 -32.66 42.56 57.67
N SER D 333 -32.37 41.38 58.20
CA SER D 333 -33.03 40.78 59.39
C SER D 333 -32.63 41.56 60.65
N LYS D 334 -31.63 42.43 60.57
CA LYS D 334 -31.14 43.23 61.73
C LYS D 334 -31.31 44.73 61.44
N GLU D 335 -32.06 45.12 60.41
CA GLU D 335 -32.40 46.57 60.28
C GLU D 335 -33.53 46.87 61.26
N LYS E 3 18.52 39.21 5.62
CA LYS E 3 19.10 40.38 4.90
C LYS E 3 18.30 41.64 5.25
N VAL E 4 17.02 41.71 4.88
CA VAL E 4 16.14 42.90 5.15
C VAL E 4 15.98 43.06 6.66
N LYS E 5 16.05 44.29 7.15
CA LYS E 5 15.91 44.59 8.59
C LYS E 5 14.42 44.80 8.89
N VAL E 6 13.95 44.20 9.98
CA VAL E 6 12.48 44.17 10.26
C VAL E 6 12.20 44.82 11.61
N GLY E 7 11.06 45.50 11.67
CA GLY E 7 10.46 45.98 12.93
C GLY E 7 9.19 45.21 13.21
N VAL E 8 8.91 44.94 14.49
CA VAL E 8 7.66 44.23 14.85
C VAL E 8 6.81 45.13 15.75
N ASN E 9 5.54 45.30 15.38
CA ASN E 9 4.58 46.11 16.15
C ASN E 9 3.53 45.19 16.79
N GLY E 10 3.56 45.07 18.11
CA GLY E 10 2.70 44.14 18.85
C GLY E 10 3.44 42.86 19.15
N PHE E 11 3.76 42.59 20.41
CA PHE E 11 4.52 41.40 20.82
C PHE E 11 3.55 40.33 21.34
N GLY E 12 2.43 40.15 20.65
CA GLY E 12 1.44 39.08 20.93
C GLY E 12 1.87 37.74 20.40
N ARG E 13 0.93 36.83 20.20
CA ARG E 13 1.24 35.46 19.69
C ARG E 13 1.89 35.57 18.30
N ILE E 14 1.35 36.41 17.43
CA ILE E 14 1.90 36.58 16.05
C ILE E 14 3.28 37.23 16.17
N GLY E 15 3.35 38.41 16.77
CA GLY E 15 4.61 39.17 16.87
C GLY E 15 5.75 38.34 17.45
N ARG E 16 5.50 37.57 18.50
CA ARG E 16 6.58 36.78 19.16
C ARG E 16 7.00 35.62 18.27
N LEU E 17 6.04 34.99 17.60
CA LEU E 17 6.33 33.76 16.78
C LEU E 17 6.92 34.16 15.44
N VAL E 18 6.56 35.33 14.92
CA VAL E 18 7.24 35.93 13.73
C VAL E 18 8.68 36.28 14.12
N THR E 19 8.87 36.89 15.28
CA THR E 19 10.22 37.19 15.81
C THR E 19 11.01 35.88 15.93
N ARG E 20 10.35 34.80 16.34
CA ARG E 20 11.03 33.49 16.61
C ARG E 20 11.35 32.85 15.26
N ALA E 21 10.37 32.81 14.35
CA ALA E 21 10.55 32.24 13.00
C ALA E 21 11.75 32.90 12.32
N ALA E 22 11.94 34.21 12.49
CA ALA E 22 13.04 34.97 11.86
C ALA E 22 14.39 34.39 12.30
N PHE E 23 14.65 34.33 13.61
CA PHE E 23 15.93 33.83 14.18
C PHE E 23 16.17 32.34 13.83
N ASN E 24 15.12 31.53 13.76
CA ASN E 24 15.22 30.09 13.39
C ASN E 24 15.63 29.95 11.92
N SER E 25 14.84 30.58 11.03
CA SER E 25 14.98 30.44 9.55
C SER E 25 16.17 31.25 9.04
N GLY E 26 16.45 32.40 9.66
CA GLY E 26 17.55 33.32 9.25
C GLY E 26 17.25 34.05 7.95
N LYS E 27 15.98 34.17 7.54
CA LYS E 27 15.65 34.78 6.24
C LYS E 27 15.61 36.31 6.36
N VAL E 28 15.33 36.85 7.55
CA VAL E 28 15.34 38.32 7.81
C VAL E 28 15.97 38.57 9.19
N ASP E 29 16.18 39.84 9.54
CA ASP E 29 16.89 40.24 10.78
C ASP E 29 16.00 41.18 11.58
N ILE E 30 15.40 40.69 12.67
CA ILE E 30 14.57 41.52 13.58
C ILE E 30 15.50 42.48 14.30
N VAL E 31 15.21 43.79 14.23
CA VAL E 31 16.08 44.85 14.81
C VAL E 31 15.27 45.80 15.70
N ALA E 32 13.94 45.77 15.61
CA ALA E 32 13.11 46.68 16.43
C ALA E 32 11.76 46.04 16.76
N ILE E 33 11.32 46.25 17.99
CA ILE E 33 10.00 45.76 18.46
C ILE E 33 9.31 46.87 19.24
N ASN E 34 8.04 47.10 18.91
CA ASN E 34 7.21 48.08 19.65
C ASN E 34 5.99 47.39 20.26
N ASP E 35 5.77 47.64 21.56
CA ASP E 35 4.60 47.16 22.32
C ASP E 35 4.43 48.02 23.58
N PRO E 36 3.37 48.85 23.65
CA PRO E 36 3.15 49.73 24.80
C PRO E 36 2.81 49.05 26.14
N PHE E 37 2.47 47.75 26.13
CA PHE E 37 1.90 47.07 27.32
C PHE E 37 2.85 46.01 27.88
N ILE E 38 4.02 45.83 27.26
CA ILE E 38 4.99 44.78 27.68
C ILE E 38 6.35 45.44 27.76
N ASP E 39 6.92 45.54 28.97
CA ASP E 39 8.21 46.21 29.21
C ASP E 39 9.33 45.21 28.91
N LEU E 40 10.58 45.68 29.00
CA LEU E 40 11.72 44.93 28.43
C LEU E 40 11.81 43.59 29.17
N ASN E 41 11.74 43.59 30.49
CA ASN E 41 11.96 42.38 31.32
C ASN E 41 10.89 41.35 30.95
N TYR E 42 9.66 41.79 30.82
CA TYR E 42 8.47 40.96 30.49
C TYR E 42 8.65 40.36 29.10
N MET E 43 9.20 41.13 28.16
CA MET E 43 9.45 40.66 26.77
C MET E 43 10.41 39.47 26.82
N VAL E 44 11.43 39.50 27.69
CA VAL E 44 12.43 38.40 27.81
C VAL E 44 11.68 37.13 28.21
N TYR E 45 10.73 37.26 29.14
CA TYR E 45 9.97 36.14 29.72
C TYR E 45 9.01 35.57 28.67
N MET E 46 8.20 36.42 28.05
CA MET E 46 7.16 35.96 27.10
C MET E 46 7.82 35.31 25.88
N PHE E 47 9.04 35.71 25.54
CA PHE E 47 9.76 35.20 24.34
C PHE E 47 10.47 33.90 24.71
N GLN E 48 11.07 33.85 25.89
CA GLN E 48 11.89 32.69 26.33
C GLN E 48 10.95 31.49 26.60
N TYR E 49 9.85 31.69 27.33
CA TYR E 49 8.95 30.57 27.71
C TYR E 49 7.70 30.61 26.84
N ASP E 50 7.36 29.51 26.18
CA ASP E 50 6.15 29.42 25.35
C ASP E 50 5.46 28.08 25.63
N SER E 51 4.18 28.14 26.01
CA SER E 51 3.39 26.97 26.45
C SER E 51 3.18 26.01 25.28
N THR E 52 3.06 26.54 24.06
CA THR E 52 2.73 25.75 22.86
C THR E 52 4.02 25.23 22.21
N HIS E 53 5.01 26.09 22.01
CA HIS E 53 6.19 25.78 21.17
C HIS E 53 7.43 25.57 22.03
N GLY E 54 7.29 25.60 23.36
CA GLY E 54 8.36 25.22 24.30
C GLY E 54 9.38 26.34 24.41
N LYS E 55 10.38 26.15 25.26
CA LYS E 55 11.36 27.21 25.56
C LYS E 55 12.13 27.54 24.28
N PHE E 56 12.55 28.79 24.15
CA PHE E 56 13.32 29.23 22.97
C PHE E 56 14.71 28.58 23.02
N HIS E 57 15.08 27.89 21.91
CA HIS E 57 16.41 27.30 21.67
C HIS E 57 17.33 28.45 21.24
N GLY E 58 18.18 28.90 22.16
CA GLY E 58 19.05 30.06 21.94
C GLY E 58 19.05 30.92 23.18
N THR E 59 19.65 32.10 23.12
CA THR E 59 19.76 32.98 24.31
C THR E 59 18.82 34.17 24.13
N VAL E 60 18.46 34.80 25.23
CA VAL E 60 17.58 36.01 25.23
C VAL E 60 17.72 36.71 26.58
N LYS E 61 17.93 38.02 26.55
CA LYS E 61 18.30 38.78 27.76
C LYS E 61 17.97 40.26 27.53
N ALA E 62 17.91 41.02 28.61
CA ALA E 62 17.75 42.48 28.55
C ALA E 62 19.10 43.11 28.85
N GLU E 63 19.74 43.68 27.84
CA GLU E 63 21.10 44.23 27.97
C GLU E 63 21.05 45.69 27.53
N ASN E 64 21.31 46.60 28.45
CA ASN E 64 21.43 48.05 28.18
C ASN E 64 20.19 48.54 27.40
N GLY E 65 19.00 48.21 27.91
CA GLY E 65 17.74 48.78 27.41
C GLY E 65 17.36 48.20 26.08
N LYS E 66 18.01 47.12 25.66
CA LYS E 66 17.63 46.43 24.40
C LYS E 66 17.38 44.95 24.67
N LEU E 67 16.67 44.30 23.74
CA LEU E 67 16.38 42.85 23.82
C LEU E 67 17.40 42.12 22.97
N VAL E 68 18.18 41.25 23.59
CA VAL E 68 19.30 40.55 22.93
C VAL E 68 18.90 39.10 22.77
N ILE E 69 18.49 38.76 21.55
CA ILE E 69 18.19 37.35 21.16
C ILE E 69 19.36 36.85 20.31
N ASN E 70 20.08 35.85 20.82
CA ASN E 70 21.20 35.15 20.11
C ASN E 70 22.27 36.19 19.78
N GLY E 71 22.59 37.05 20.74
CA GLY E 71 23.60 38.10 20.58
C GLY E 71 23.09 39.32 19.83
N ASN E 72 22.03 39.20 19.04
CA ASN E 72 21.53 40.32 18.19
C ASN E 72 20.72 41.27 19.08
N PRO E 73 21.19 42.51 19.33
CA PRO E 73 20.42 43.48 20.12
C PRO E 73 19.28 44.07 19.28
N ILE E 74 18.10 44.20 19.89
CA ILE E 74 16.87 44.66 19.20
C ILE E 74 16.39 45.92 19.92
N THR E 75 15.97 46.92 19.16
CA THR E 75 15.49 48.19 19.76
C THR E 75 14.04 48.01 20.19
N ILE E 76 13.73 48.52 21.39
CA ILE E 76 12.40 48.32 22.04
C ILE E 76 11.72 49.67 22.21
N PHE E 77 10.54 49.80 21.60
CA PHE E 77 9.67 51.00 21.71
C PHE E 77 8.43 50.65 22.55
N GLN E 78 7.85 51.68 23.17
CA GLN E 78 6.64 51.54 24.00
C GLN E 78 5.61 52.57 23.52
N GLU E 79 5.51 52.77 22.20
CA GLU E 79 4.66 53.83 21.58
C GLU E 79 3.25 53.29 21.33
N ARG E 80 2.22 53.94 21.89
CA ARG E 80 0.81 53.56 21.66
C ARG E 80 0.34 54.08 20.29
N ASP E 81 1.00 55.11 19.75
CA ASP E 81 0.67 55.66 18.41
C ASP E 81 1.66 55.07 17.42
N PRO E 82 1.20 54.41 16.33
CA PRO E 82 2.13 53.86 15.35
C PRO E 82 2.98 54.96 14.71
N SER E 83 2.37 56.11 14.41
CA SER E 83 3.02 57.22 13.65
C SER E 83 4.27 57.73 14.39
N LYS E 84 4.31 57.59 15.72
CA LYS E 84 5.39 58.15 16.58
C LYS E 84 6.50 57.13 16.84
N ILE E 85 6.53 56.01 16.11
CA ILE E 85 7.60 54.98 16.29
C ILE E 85 8.74 55.32 15.32
N LYS E 86 9.96 55.43 15.86
CA LYS E 86 11.19 55.85 15.14
C LYS E 86 11.76 54.63 14.42
N TRP E 87 10.99 54.00 13.54
CA TRP E 87 11.44 52.77 12.83
C TRP E 87 12.80 53.04 12.16
N GLY E 88 12.86 54.09 11.34
CA GLY E 88 14.06 54.45 10.54
C GLY E 88 15.30 54.56 11.40
N ASP E 89 15.19 55.23 12.55
CA ASP E 89 16.35 55.47 13.45
C ASP E 89 16.95 54.13 13.87
N ALA E 90 16.14 53.10 14.06
CA ALA E 90 16.61 51.75 14.45
C ALA E 90 17.01 50.94 13.22
N GLY E 91 16.50 51.28 12.03
CA GLY E 91 16.88 50.66 10.75
C GLY E 91 15.91 49.59 10.28
N ALA E 92 14.64 49.70 10.65
CA ALA E 92 13.60 48.72 10.24
C ALA E 92 13.04 49.12 8.88
N GLU E 93 13.54 48.52 7.79
CA GLU E 93 13.02 48.76 6.41
C GLU E 93 11.57 48.26 6.33
N TYR E 94 11.31 47.02 6.75
CA TYR E 94 9.95 46.44 6.78
C TYR E 94 9.39 46.48 8.21
N VAL E 95 8.07 46.58 8.32
CA VAL E 95 7.37 46.51 9.64
C VAL E 95 6.27 45.45 9.55
N VAL E 96 6.23 44.59 10.56
CA VAL E 96 5.08 43.65 10.74
C VAL E 96 4.07 44.29 11.69
N GLU E 97 2.90 44.65 11.14
CA GLU E 97 1.79 45.22 11.92
C GLU E 97 0.92 44.05 12.38
N SER E 98 1.14 43.62 13.62
CA SER E 98 0.60 42.33 14.14
C SER E 98 -0.35 42.56 15.31
N THR E 99 -0.60 43.82 15.72
CA THR E 99 -1.49 44.13 16.87
C THR E 99 -2.93 43.77 16.51
N GLY E 100 -3.26 43.77 15.22
CA GLY E 100 -4.60 43.41 14.72
C GLY E 100 -5.62 44.52 14.91
N VAL E 101 -5.21 45.71 15.34
CA VAL E 101 -6.12 46.90 15.45
C VAL E 101 -5.81 47.91 14.33
N PHE E 102 -4.80 47.67 13.49
CA PHE E 102 -4.40 48.61 12.41
C PHE E 102 -4.39 47.88 11.06
N THR E 103 -5.53 47.35 10.63
CA THR E 103 -5.59 46.45 9.44
C THR E 103 -5.96 47.22 8.16
N THR E 104 -6.45 48.45 8.26
CA THR E 104 -6.72 49.29 7.05
C THR E 104 -5.43 49.96 6.59
N MET E 105 -5.39 50.35 5.32
CA MET E 105 -4.21 50.99 4.70
C MET E 105 -3.91 52.32 5.41
N GLU E 106 -4.95 53.06 5.82
CA GLU E 106 -4.80 54.38 6.51
C GLU E 106 -3.96 54.19 7.78
N LYS E 107 -4.34 53.25 8.63
CA LYS E 107 -3.74 53.10 9.99
C LYS E 107 -2.38 52.42 9.86
N ALA E 108 -2.32 51.32 9.10
CA ALA E 108 -1.06 50.59 8.84
C ALA E 108 -0.06 51.55 8.18
N GLY E 109 -0.56 52.55 7.45
CA GLY E 109 0.26 53.60 6.80
C GLY E 109 1.06 54.42 7.81
N ALA E 110 0.59 54.51 9.05
CA ALA E 110 1.21 55.34 10.12
C ALA E 110 2.68 54.96 10.32
N HIS E 111 3.06 53.70 10.08
CA HIS E 111 4.46 53.21 10.26
C HIS E 111 5.42 53.93 9.30
N LEU E 112 4.95 54.33 8.10
CA LEU E 112 5.79 55.00 7.07
C LEU E 112 6.31 56.34 7.64
N GLN E 113 5.48 57.06 8.39
CA GLN E 113 5.85 58.38 8.97
C GLN E 113 7.04 58.21 9.92
N GLY E 114 7.16 57.04 10.55
CA GLY E 114 8.28 56.70 11.46
C GLY E 114 9.58 56.39 10.72
N GLY E 115 9.52 56.18 9.40
CA GLY E 115 10.73 55.95 8.57
C GLY E 115 10.76 54.54 7.99
N ALA E 116 9.66 53.80 8.09
CA ALA E 116 9.58 52.42 7.55
C ALA E 116 9.19 52.51 6.07
N LYS E 117 9.87 51.74 5.23
CA LYS E 117 9.66 51.78 3.75
C LYS E 117 8.34 51.08 3.40
N ARG E 118 8.11 49.88 3.93
CA ARG E 118 6.85 49.13 3.64
C ARG E 118 6.38 48.41 4.91
N VAL E 119 5.12 47.99 4.88
CA VAL E 119 4.39 47.45 6.06
C VAL E 119 3.64 46.19 5.65
N ILE E 120 3.78 45.13 6.45
CA ILE E 120 3.06 43.84 6.23
C ILE E 120 2.08 43.64 7.38
N ILE E 121 0.80 43.60 7.04
CA ILE E 121 -0.31 43.40 8.01
C ILE E 121 -0.53 41.90 8.15
N SER E 122 -0.28 41.37 9.35
CA SER E 122 -0.36 39.92 9.65
C SER E 122 -1.81 39.53 9.91
N ALA E 123 -2.72 39.92 9.02
CA ALA E 123 -4.17 39.75 9.22
C ALA E 123 -4.88 40.17 7.94
N PRO E 124 -6.09 39.67 7.66
CA PRO E 124 -6.89 40.19 6.57
C PRO E 124 -7.00 41.72 6.65
N SER E 125 -7.31 42.33 5.51
CA SER E 125 -7.46 43.79 5.38
C SER E 125 -8.59 44.09 4.39
N ALA E 126 -9.38 45.11 4.71
CA ALA E 126 -10.50 45.57 3.86
C ALA E 126 -9.94 46.07 2.51
N ASP E 127 -8.90 46.91 2.53
CA ASP E 127 -8.45 47.63 1.30
C ASP E 127 -7.01 47.27 0.93
N ALA E 128 -6.20 46.72 1.84
CA ALA E 128 -4.79 46.41 1.53
C ALA E 128 -4.74 45.20 0.61
N PRO E 129 -3.76 45.14 -0.34
CA PRO E 129 -3.55 43.94 -1.16
C PRO E 129 -3.08 42.71 -0.36
N MET E 130 -3.77 41.58 -0.54
CA MET E 130 -3.58 40.36 0.29
C MET E 130 -2.92 39.25 -0.52
N PHE E 131 -1.92 38.59 0.06
CA PHE E 131 -1.07 37.60 -0.64
C PHE E 131 -0.95 36.31 0.17
N VAL E 132 -0.88 35.20 -0.56
CA VAL E 132 -0.67 33.84 0.01
C VAL E 132 0.49 33.20 -0.73
N MET E 133 1.60 32.96 -0.03
CA MET E 133 2.84 32.43 -0.65
C MET E 133 2.52 31.15 -1.44
N GLY E 134 3.11 31.03 -2.62
CA GLY E 134 2.90 29.90 -3.56
C GLY E 134 1.53 29.94 -4.23
N VAL E 135 0.72 30.99 -4.05
CA VAL E 135 -0.62 31.03 -4.70
C VAL E 135 -0.69 32.24 -5.63
N ASN E 136 -0.42 33.43 -5.08
CA ASN E 136 -0.45 34.68 -5.87
C ASN E 136 0.61 35.64 -5.34
N HIS E 137 1.72 35.15 -4.80
CA HIS E 137 2.79 36.03 -4.24
C HIS E 137 3.59 36.69 -5.37
N GLU E 138 3.52 36.17 -6.60
CA GLU E 138 4.27 36.75 -7.75
C GLU E 138 3.49 37.91 -8.35
N LYS E 139 2.25 38.14 -7.95
CA LYS E 139 1.50 39.38 -8.28
C LYS E 139 2.16 40.56 -7.56
N TYR E 140 2.90 40.33 -6.48
CA TYR E 140 3.54 41.43 -5.70
C TYR E 140 4.55 42.17 -6.56
N ASP E 141 4.57 43.50 -6.49
CA ASP E 141 5.56 44.35 -7.21
C ASP E 141 6.02 45.48 -6.28
N ASN E 142 7.18 46.07 -6.61
CA ASN E 142 7.87 47.09 -5.78
C ASN E 142 7.01 48.34 -5.58
N SER E 143 5.94 48.54 -6.34
CA SER E 143 5.09 49.74 -6.18
C SER E 143 4.30 49.68 -4.86
N LEU E 144 4.06 48.48 -4.32
CA LEU E 144 3.13 48.28 -3.17
C LEU E 144 3.92 48.40 -1.87
N LYS E 145 3.46 49.29 -0.97
CA LYS E 145 4.19 49.60 0.29
C LYS E 145 3.39 49.14 1.51
N ILE E 146 2.12 48.81 1.34
CA ILE E 146 1.23 48.33 2.43
C ILE E 146 0.48 47.10 1.92
N ILE E 147 0.81 45.93 2.47
CA ILE E 147 0.18 44.65 2.05
C ILE E 147 -0.25 43.83 3.27
N SER E 148 -1.13 42.87 3.02
CA SER E 148 -1.66 41.93 4.03
C SER E 148 -1.16 40.53 3.69
N ASN E 149 -1.03 39.66 4.68
CA ASN E 149 -0.63 38.26 4.43
C ASN E 149 -1.87 37.38 4.54
N ALA E 150 -3.04 38.02 4.60
CA ALA E 150 -4.33 37.33 4.77
C ALA E 150 -4.32 36.66 6.15
N SER E 151 -5.17 35.66 6.29
CA SER E 151 -5.40 34.94 7.55
C SER E 151 -4.85 33.53 7.45
N CYS E 152 -4.55 32.95 8.60
CA CYS E 152 -3.97 31.59 8.69
C CYS E 152 -4.91 30.62 7.99
N THR E 153 -6.22 30.81 8.10
CA THR E 153 -7.21 29.91 7.46
C THR E 153 -7.13 30.01 5.94
N THR E 154 -7.04 31.22 5.41
CA THR E 154 -6.90 31.46 3.96
C THR E 154 -5.61 30.77 3.50
N ASN E 155 -4.53 30.94 4.26
CA ASN E 155 -3.20 30.39 3.89
C ASN E 155 -3.27 28.87 3.84
N CYS E 156 -4.23 28.26 4.51
CA CYS E 156 -4.33 26.77 4.53
C CYS E 156 -5.20 26.31 3.36
N LEU E 157 -6.31 27.01 3.10
CA LEU E 157 -7.32 26.60 2.10
C LEU E 157 -6.85 26.94 0.67
N ALA E 158 -6.14 28.05 0.46
CA ALA E 158 -5.84 28.57 -0.89
C ALA E 158 -4.83 27.66 -1.61
N PRO E 159 -3.70 27.26 -1.01
CA PRO E 159 -2.80 26.29 -1.65
C PRO E 159 -3.51 25.02 -2.12
N LEU E 160 -4.32 24.41 -1.26
CA LEU E 160 -5.13 23.20 -1.61
C LEU E 160 -6.18 23.54 -2.69
N ALA E 161 -6.88 24.68 -2.57
CA ALA E 161 -7.97 25.06 -3.51
C ALA E 161 -7.38 25.24 -4.91
N LYS E 162 -6.16 25.77 -5.00
CA LYS E 162 -5.52 26.04 -6.31
C LYS E 162 -5.26 24.69 -6.99
N VAL E 163 -4.59 23.79 -6.30
CA VAL E 163 -4.21 22.47 -6.87
C VAL E 163 -5.46 21.73 -7.36
N ILE E 164 -6.56 21.80 -6.61
CA ILE E 164 -7.82 21.08 -6.97
C ILE E 164 -8.47 21.80 -8.16
N HIS E 165 -8.41 23.12 -8.18
CA HIS E 165 -8.96 23.95 -9.27
C HIS E 165 -8.09 23.85 -10.53
N ASP E 166 -6.77 23.86 -10.38
CA ASP E 166 -5.82 23.72 -11.52
C ASP E 166 -6.11 22.42 -12.27
N ASN E 167 -6.53 21.37 -11.56
CA ASN E 167 -6.52 19.99 -12.11
C ASN E 167 -7.91 19.51 -12.51
N PHE E 168 -8.95 19.79 -11.72
CA PHE E 168 -10.31 19.31 -12.06
C PHE E 168 -11.31 20.45 -12.12
N GLY E 169 -11.01 21.58 -11.49
CA GLY E 169 -11.92 22.75 -11.48
C GLY E 169 -12.96 22.65 -10.38
N ILE E 170 -13.15 23.75 -9.66
CA ILE E 170 -14.14 23.82 -8.56
C ILE E 170 -15.37 24.59 -9.06
N VAL E 171 -16.51 23.95 -9.18
CA VAL E 171 -17.77 24.67 -9.55
C VAL E 171 -18.14 25.57 -8.37
N GLU E 172 -18.11 25.01 -7.17
CA GLU E 172 -18.46 25.74 -5.92
C GLU E 172 -17.98 24.93 -4.72
N GLY E 173 -17.63 25.62 -3.63
CA GLY E 173 -17.09 24.97 -2.41
C GLY E 173 -17.61 25.59 -1.12
N LEU E 174 -17.79 24.74 -0.12
CA LEU E 174 -18.19 25.16 1.24
C LEU E 174 -17.16 24.61 2.24
N MET E 175 -16.54 25.51 3.03
CA MET E 175 -15.42 25.15 3.96
C MET E 175 -15.86 25.30 5.43
N THR E 176 -15.60 24.27 6.23
CA THR E 176 -15.58 24.37 7.71
C THR E 176 -14.14 24.29 8.20
N THR E 177 -13.76 25.17 9.12
CA THR E 177 -12.44 25.10 9.81
C THR E 177 -12.70 24.74 11.27
N VAL E 178 -12.17 23.61 11.71
CA VAL E 178 -12.13 23.27 13.14
C VAL E 178 -10.86 23.90 13.70
N HIS E 179 -11.03 24.95 14.49
CA HIS E 179 -9.96 25.93 14.79
C HIS E 179 -9.62 25.92 16.28
N ALA E 180 -8.33 25.97 16.60
CA ALA E 180 -7.82 26.02 17.98
C ALA E 180 -8.27 27.33 18.62
N ILE E 181 -8.17 27.42 19.94
CA ILE E 181 -8.63 28.66 20.64
C ILE E 181 -7.59 29.73 20.38
N THR E 182 -7.95 30.98 20.58
CA THR E 182 -7.07 32.15 20.31
C THR E 182 -7.22 33.14 21.44
N ALA E 183 -6.44 34.21 21.38
CA ALA E 183 -6.34 35.25 22.44
C ALA E 183 -7.65 36.07 22.54
N THR E 184 -8.44 36.15 21.47
CA THR E 184 -9.70 36.94 21.45
C THR E 184 -10.78 36.24 22.29
N GLN E 185 -10.63 34.94 22.55
CA GLN E 185 -11.62 34.16 23.34
C GLN E 185 -11.42 34.33 24.85
N LYS E 186 -12.28 33.66 25.60
CA LYS E 186 -12.40 33.84 27.07
C LYS E 186 -12.35 32.48 27.77
N THR E 187 -11.74 32.49 28.94
CA THR E 187 -11.58 31.31 29.82
C THR E 187 -12.96 30.90 30.36
N VAL E 188 -13.77 31.88 30.75
CA VAL E 188 -15.15 31.63 31.23
C VAL E 188 -16.10 32.62 30.55
N ASP E 189 -17.39 32.28 30.52
CA ASP E 189 -18.46 33.09 29.87
C ASP E 189 -18.26 34.55 30.25
N GLY E 190 -17.82 35.36 29.30
CA GLY E 190 -17.40 36.74 29.51
C GLY E 190 -17.93 37.60 28.39
N PRO E 191 -17.56 38.89 28.39
CA PRO E 191 -18.16 39.87 27.51
C PRO E 191 -17.40 39.94 26.18
N SER E 192 -18.13 39.82 25.07
CA SER E 192 -17.62 39.97 23.70
C SER E 192 -18.68 40.74 22.92
N GLY E 193 -18.73 42.06 23.14
CA GLY E 193 -19.84 42.95 22.75
C GLY E 193 -20.50 42.56 21.42
N LYS E 194 -19.71 42.33 20.38
CA LYS E 194 -20.23 42.26 18.99
C LYS E 194 -20.32 40.82 18.50
N LEU E 195 -19.70 39.86 19.19
CA LEU E 195 -19.66 38.44 18.76
C LEU E 195 -20.01 37.57 19.95
N TRP E 196 -21.31 37.40 20.22
CA TRP E 196 -21.80 36.91 21.53
C TRP E 196 -21.26 35.50 21.79
N ARG E 197 -21.30 34.65 20.78
CA ARG E 197 -20.78 33.27 20.87
C ARG E 197 -19.29 33.31 21.29
N ASP E 198 -18.53 34.29 20.81
CA ASP E 198 -17.07 34.38 21.07
C ASP E 198 -16.79 34.68 22.55
N GLY E 199 -17.79 35.18 23.31
CA GLY E 199 -17.63 35.49 24.75
C GLY E 199 -17.75 34.23 25.62
N ARG E 200 -18.30 33.17 25.05
CA ARG E 200 -18.59 31.96 25.86
C ARG E 200 -17.28 31.22 26.15
N GLY E 201 -17.30 30.41 27.19
CA GLY E 201 -16.07 29.84 27.78
C GLY E 201 -15.37 28.93 26.81
N ALA E 202 -14.16 29.26 26.40
CA ALA E 202 -13.43 28.52 25.35
C ALA E 202 -13.07 27.11 25.82
N LEU E 203 -12.82 26.89 27.11
CA LEU E 203 -12.47 25.54 27.61
C LEU E 203 -13.70 24.64 27.51
N GLN E 204 -14.91 25.17 27.70
CA GLN E 204 -16.12 24.32 27.85
C GLN E 204 -16.82 24.02 26.50
N ASN E 205 -16.58 24.78 25.43
CA ASN E 205 -17.60 24.86 24.34
C ASN E 205 -17.02 24.62 22.94
N ILE E 206 -17.75 23.90 22.10
CA ILE E 206 -17.66 24.05 20.63
C ILE E 206 -18.41 25.35 20.29
N ILE E 207 -17.74 26.30 19.67
CA ILE E 207 -18.32 27.63 19.36
C ILE E 207 -18.37 27.87 17.84
N PRO E 208 -19.57 27.93 17.20
CA PRO E 208 -19.66 28.38 15.81
C PRO E 208 -19.21 29.82 15.68
N ALA E 209 -18.36 30.10 14.69
CA ALA E 209 -17.88 31.46 14.35
C ALA E 209 -18.08 31.73 12.85
N SER E 210 -18.12 33.02 12.50
CA SER E 210 -18.12 33.55 11.12
C SER E 210 -16.68 33.79 10.72
N THR E 211 -16.34 33.42 9.50
CA THR E 211 -15.01 33.71 8.91
C THR E 211 -15.21 34.06 7.44
N GLY E 212 -14.42 35.01 6.93
CA GLY E 212 -14.38 35.39 5.52
C GLY E 212 -13.36 34.57 4.76
N ALA E 213 -12.58 33.75 5.47
CA ALA E 213 -11.32 33.15 4.95
C ALA E 213 -11.59 32.40 3.64
N ALA E 214 -12.71 31.70 3.53
CA ALA E 214 -13.04 30.92 2.34
C ALA E 214 -13.29 31.86 1.15
N LYS E 215 -13.92 33.01 1.41
CA LYS E 215 -14.28 33.99 0.35
C LYS E 215 -13.07 34.83 -0.05
N ALA E 216 -12.19 35.14 0.89
CA ALA E 216 -10.95 35.90 0.62
C ALA E 216 -10.04 35.05 -0.28
N VAL E 217 -10.30 33.74 -0.39
CA VAL E 217 -9.53 32.89 -1.34
C VAL E 217 -9.89 33.36 -2.76
N GLY E 218 -11.15 33.75 -2.97
CA GLY E 218 -11.64 34.33 -4.24
C GLY E 218 -10.84 35.55 -4.68
N LYS E 219 -10.07 36.16 -3.78
CA LYS E 219 -9.23 37.36 -4.09
C LYS E 219 -7.84 36.91 -4.53
N VAL E 220 -7.30 35.83 -3.96
CA VAL E 220 -5.92 35.34 -4.29
C VAL E 220 -5.97 34.36 -5.46
N ILE E 221 -7.16 33.83 -5.77
CA ILE E 221 -7.43 32.95 -6.95
C ILE E 221 -8.67 33.52 -7.62
N PRO E 222 -8.55 34.56 -8.47
CA PRO E 222 -9.72 35.30 -8.97
C PRO E 222 -10.75 34.42 -9.69
N GLU E 223 -10.31 33.32 -10.29
CA GLU E 223 -11.22 32.33 -10.93
C GLU E 223 -12.21 31.73 -9.92
N LEU E 224 -11.93 31.81 -8.62
CA LEU E 224 -12.81 31.23 -7.57
C LEU E 224 -13.70 32.29 -6.93
N ASN E 225 -13.60 33.54 -7.39
CA ASN E 225 -14.40 34.66 -6.86
C ASN E 225 -15.89 34.28 -6.85
N GLY E 226 -16.54 34.34 -5.69
CA GLY E 226 -17.97 34.04 -5.55
C GLY E 226 -18.29 32.56 -5.46
N LYS E 227 -17.30 31.67 -5.50
CA LYS E 227 -17.49 30.18 -5.57
C LYS E 227 -17.07 29.47 -4.28
N LEU E 228 -16.78 30.21 -3.21
CA LEU E 228 -16.27 29.62 -1.95
C LEU E 228 -16.78 30.45 -0.78
N THR E 229 -17.36 29.80 0.22
CA THR E 229 -17.58 30.43 1.54
C THR E 229 -17.58 29.34 2.61
N GLY E 230 -18.00 29.68 3.83
CA GLY E 230 -18.07 28.71 4.93
C GLY E 230 -17.92 29.38 6.28
N MET E 231 -17.56 28.58 7.29
CA MET E 231 -17.71 28.98 8.70
C MET E 231 -16.69 28.21 9.55
N ALA E 232 -16.66 28.50 10.86
CA ALA E 232 -15.65 27.95 11.79
C ALA E 232 -16.30 27.29 12.99
N PHE E 233 -15.57 26.35 13.59
CA PHE E 233 -15.84 25.87 14.96
C PHE E 233 -14.56 26.10 15.77
N ARG E 234 -14.68 26.83 16.87
CA ARG E 234 -13.58 26.92 17.85
C ARG E 234 -13.75 25.77 18.82
N VAL E 235 -12.67 25.02 19.03
CA VAL E 235 -12.71 23.85 19.93
C VAL E 235 -11.59 24.02 20.94
N PRO E 236 -11.69 23.46 22.15
CA PRO E 236 -10.67 23.70 23.18
C PRO E 236 -9.38 22.92 22.94
N THR E 237 -8.59 23.38 21.99
CA THR E 237 -7.18 22.99 21.87
C THR E 237 -6.40 24.30 21.88
N ALA E 238 -5.20 24.29 22.42
CA ALA E 238 -4.39 25.52 22.53
C ALA E 238 -3.86 25.92 21.15
N ASN E 239 -3.71 24.97 20.23
CA ASN E 239 -3.11 25.24 18.90
C ASN E 239 -3.39 24.12 17.93
N VAL E 240 -3.30 24.48 16.66
CA VAL E 240 -3.36 23.63 15.43
C VAL E 240 -4.81 23.56 15.03
N SER E 241 -5.05 23.57 13.73
CA SER E 241 -6.41 23.78 13.18
C SER E 241 -6.60 22.84 12.02
N VAL E 242 -7.83 22.66 11.55
CA VAL E 242 -8.04 21.73 10.42
C VAL E 242 -9.07 22.28 9.44
N VAL E 243 -8.84 22.11 8.15
CA VAL E 243 -9.77 22.63 7.12
C VAL E 243 -10.54 21.44 6.53
N ASP E 244 -11.82 21.65 6.30
CA ASP E 244 -12.73 20.62 5.74
C ASP E 244 -13.43 21.25 4.55
N LEU E 245 -12.94 20.92 3.35
CA LEU E 245 -13.41 21.54 2.09
C LEU E 245 -14.34 20.56 1.38
N THR E 246 -15.63 20.89 1.35
CA THR E 246 -16.62 20.12 0.57
C THR E 246 -16.87 20.85 -0.75
N CYS E 247 -16.40 20.29 -1.86
CA CYS E 247 -16.39 20.99 -3.16
C CYS E 247 -16.95 20.10 -4.27
N ARG E 248 -17.52 20.76 -5.28
CA ARG E 248 -18.01 20.13 -6.52
C ARG E 248 -17.01 20.40 -7.64
N LEU E 249 -16.60 19.35 -8.34
CA LEU E 249 -15.55 19.44 -9.38
C LEU E 249 -16.14 19.28 -10.78
N GLU E 250 -15.76 20.19 -11.69
CA GLU E 250 -16.26 20.20 -13.11
C GLU E 250 -15.94 18.86 -13.78
N LYS E 251 -14.66 18.46 -13.80
CA LYS E 251 -14.17 17.22 -14.46
C LYS E 251 -13.99 16.11 -13.42
N PRO E 252 -14.22 14.82 -13.78
CA PRO E 252 -14.13 13.73 -12.81
C PRO E 252 -12.77 13.70 -12.12
N ALA E 253 -12.72 13.11 -10.93
CA ALA E 253 -11.52 13.07 -10.07
C ALA E 253 -11.68 11.99 -9.01
N LYS E 254 -11.29 10.77 -9.35
CA LYS E 254 -11.18 9.64 -8.40
C LYS E 254 -10.29 10.10 -7.26
N TYR E 255 -10.52 9.58 -6.05
CA TYR E 255 -9.78 10.03 -4.85
C TYR E 255 -8.28 9.79 -5.07
N ASP E 256 -7.91 8.67 -5.72
CA ASP E 256 -6.50 8.37 -6.07
C ASP E 256 -5.91 9.45 -7.00
N ASP E 257 -6.69 10.05 -7.90
CA ASP E 257 -6.22 11.13 -8.78
C ASP E 257 -6.01 12.38 -7.91
N ILE E 258 -6.93 12.64 -6.98
CA ILE E 258 -6.80 13.80 -6.04
C ILE E 258 -5.51 13.60 -5.24
N LYS E 259 -5.28 12.41 -4.70
CA LYS E 259 -4.05 12.12 -3.93
C LYS E 259 -2.79 12.34 -4.80
N LYS E 260 -2.85 11.94 -6.07
CA LYS E 260 -1.65 11.97 -6.97
C LYS E 260 -1.24 13.41 -7.20
N VAL E 261 -2.20 14.29 -7.50
CA VAL E 261 -1.90 15.68 -7.95
C VAL E 261 -1.50 16.52 -6.74
N VAL E 262 -2.01 16.19 -5.55
CA VAL E 262 -1.66 17.00 -4.34
C VAL E 262 -0.24 16.63 -3.91
N LYS E 263 0.05 15.33 -3.80
CA LYS E 263 1.41 14.86 -3.44
C LYS E 263 2.43 15.40 -4.44
N GLN E 264 2.05 15.47 -5.72
CA GLN E 264 2.90 16.04 -6.79
C GLN E 264 3.20 17.51 -6.46
N ALA E 265 2.16 18.30 -6.21
CA ALA E 265 2.29 19.75 -5.92
C ALA E 265 3.12 19.94 -4.65
N SER E 266 3.03 19.00 -3.70
CA SER E 266 3.76 19.07 -2.40
C SER E 266 5.26 18.90 -2.62
N GLU E 267 5.66 18.01 -3.54
CA GLU E 267 7.10 17.72 -3.79
C GLU E 267 7.64 18.72 -4.80
N GLY E 268 6.77 19.27 -5.66
CA GLY E 268 7.15 20.17 -6.74
C GLY E 268 7.10 21.62 -6.30
N PRO E 269 6.32 22.47 -6.99
CA PRO E 269 6.43 23.92 -6.79
C PRO E 269 6.07 24.30 -5.35
N LEU E 270 5.04 23.68 -4.77
CA LEU E 270 4.50 24.18 -3.49
C LEU E 270 5.20 23.52 -2.30
N LYS E 271 6.36 22.93 -2.51
CA LYS E 271 7.14 22.32 -1.42
C LYS E 271 7.26 23.32 -0.26
N GLY E 272 7.03 22.86 0.97
CA GLY E 272 7.19 23.65 2.19
C GLY E 272 5.95 24.49 2.48
N ILE E 273 5.02 24.56 1.55
CA ILE E 273 3.78 25.36 1.76
C ILE E 273 2.62 24.38 1.87
N LEU E 274 2.51 23.48 0.90
CA LEU E 274 1.51 22.39 0.92
C LEU E 274 2.25 21.10 1.18
N GLY E 275 1.76 20.33 2.13
CA GLY E 275 2.37 19.09 2.59
C GLY E 275 1.42 17.99 2.22
N TYR E 276 1.90 16.78 2.16
CA TYR E 276 1.04 15.63 1.84
C TYR E 276 1.35 14.55 2.86
N THR E 277 0.35 13.91 3.43
CA THR E 277 0.60 12.74 4.29
C THR E 277 -0.48 11.69 4.12
N GLU E 278 -0.12 10.45 4.37
CA GLU E 278 -1.07 9.31 4.31
C GLU E 278 -1.06 8.65 5.69
N HIS E 279 -0.28 9.19 6.61
CA HIS E 279 -0.13 8.69 7.99
C HIS E 279 -1.41 8.96 8.79
N GLN E 280 -1.56 8.22 9.88
CA GLN E 280 -2.70 8.30 10.80
C GLN E 280 -2.45 9.43 11.79
N VAL E 281 -2.34 10.65 11.27
CA VAL E 281 -1.94 11.86 12.03
C VAL E 281 -3.13 12.41 12.82
N VAL E 282 -2.80 13.15 13.88
CA VAL E 282 -3.78 13.95 14.67
C VAL E 282 -3.17 15.35 14.83
N SER E 283 -3.94 16.28 15.38
CA SER E 283 -3.61 17.72 15.41
C SER E 283 -2.23 17.97 16.04
N SER E 284 -1.86 17.28 17.13
CA SER E 284 -0.59 17.56 17.84
C SER E 284 0.61 17.14 16.97
N ASP E 285 0.40 16.27 15.98
CA ASP E 285 1.52 15.85 15.10
C ASP E 285 1.95 17.03 14.23
N PHE E 286 1.14 18.10 14.19
CA PHE E 286 1.39 19.30 13.36
C PHE E 286 1.78 20.51 14.22
N ASN E 287 2.05 20.30 15.50
CA ASN E 287 2.45 21.41 16.40
C ASN E 287 3.85 21.89 16.00
N SER E 288 3.99 23.20 15.70
CA SER E 288 5.25 23.84 15.24
C SER E 288 5.59 23.37 13.82
N ASP E 289 4.63 22.81 13.09
CA ASP E 289 4.83 22.45 11.67
C ASP E 289 4.79 23.75 10.86
N THR E 290 5.78 23.97 10.00
CA THR E 290 5.94 25.27 9.28
C THR E 290 5.06 25.32 8.04
N HIS E 291 4.46 24.21 7.61
CA HIS E 291 3.62 24.20 6.38
C HIS E 291 2.41 25.11 6.56
N SER E 292 1.92 25.69 5.47
CA SER E 292 0.68 26.49 5.45
C SER E 292 -0.53 25.55 5.49
N SER E 293 -0.35 24.31 5.05
CA SER E 293 -1.45 23.37 4.73
C SER E 293 -0.82 22.01 4.47
N THR E 294 -1.23 20.98 5.20
CA THR E 294 -0.79 19.58 4.94
C THR E 294 -1.99 18.72 4.61
N PHE E 295 -2.02 18.13 3.43
CA PHE E 295 -3.16 17.31 2.95
C PHE E 295 -3.16 15.96 3.69
N ASP E 296 -4.28 15.62 4.32
CA ASP E 296 -4.47 14.34 5.05
C ASP E 296 -5.21 13.38 4.10
N ALA E 297 -4.49 12.46 3.48
CA ALA E 297 -5.08 11.56 2.45
C ALA E 297 -6.15 10.69 3.12
N GLY E 298 -5.82 10.11 4.27
CA GLY E 298 -6.69 9.11 4.92
C GLY E 298 -8.01 9.69 5.43
N ALA E 299 -8.08 11.00 5.69
CA ALA E 299 -9.16 11.60 6.51
C ALA E 299 -10.33 12.04 5.61
N GLY E 300 -10.02 12.52 4.41
CA GLY E 300 -11.01 12.96 3.41
C GLY E 300 -11.93 11.84 2.99
N ILE E 301 -12.94 12.16 2.19
CA ILE E 301 -13.85 11.12 1.65
C ILE E 301 -14.59 11.71 0.46
N ALA E 302 -14.89 10.84 -0.49
CA ALA E 302 -15.62 11.20 -1.73
C ALA E 302 -16.96 10.48 -1.73
N LEU E 303 -18.00 11.16 -2.18
CA LEU E 303 -19.31 10.51 -2.40
C LEU E 303 -19.27 9.84 -3.76
N ASN E 304 -18.73 10.58 -4.73
CA ASN E 304 -18.56 10.18 -6.15
C ASN E 304 -17.40 11.02 -6.71
N ASP E 305 -17.26 11.05 -8.03
CA ASP E 305 -16.09 11.66 -8.72
C ASP E 305 -16.29 13.17 -8.90
N HIS E 306 -17.42 13.73 -8.46
CA HIS E 306 -17.65 15.19 -8.60
C HIS E 306 -17.89 15.85 -7.24
N PHE E 307 -18.02 15.06 -6.17
CA PHE E 307 -18.42 15.58 -4.85
C PHE E 307 -17.52 14.97 -3.77
N VAL E 308 -16.56 15.75 -3.29
CA VAL E 308 -15.51 15.26 -2.35
C VAL E 308 -15.39 16.20 -1.15
N LYS E 309 -14.77 15.68 -0.09
CA LYS E 309 -14.45 16.42 1.16
C LYS E 309 -12.96 16.22 1.45
N LEU E 310 -12.21 17.31 1.48
CA LEU E 310 -10.73 17.26 1.53
C LEU E 310 -10.24 17.87 2.83
N ILE E 311 -9.28 17.20 3.46
CA ILE E 311 -8.85 17.50 4.86
C ILE E 311 -7.41 17.99 4.81
N SER E 312 -7.17 19.19 5.31
CA SER E 312 -5.82 19.79 5.35
C SER E 312 -5.58 20.40 6.73
N TRP E 313 -4.48 20.01 7.38
CA TRP E 313 -4.06 20.53 8.72
C TRP E 313 -3.27 21.84 8.58
N TYR E 314 -3.30 22.67 9.61
CA TYR E 314 -2.41 23.85 9.67
C TYR E 314 -2.18 24.25 11.12
N ASP E 315 -0.90 24.42 11.48
CA ASP E 315 -0.48 25.11 12.71
C ASP E 315 -0.83 26.59 12.53
N ASN E 316 -2.00 27.02 13.02
CA ASN E 316 -2.51 28.39 12.78
C ASN E 316 -1.57 29.42 13.39
N GLU E 317 -0.66 29.03 14.29
CA GLU E 317 0.32 29.99 14.87
C GLU E 317 1.63 30.00 14.05
N PHE E 318 2.29 28.85 13.92
CA PHE E 318 3.69 28.72 13.42
C PHE E 318 3.71 28.77 11.88
N GLY E 319 2.75 28.11 11.23
CA GLY E 319 2.62 28.11 9.75
C GLY E 319 2.49 29.52 9.22
N TYR E 320 1.59 30.30 9.84
CA TYR E 320 1.31 31.69 9.42
C TYR E 320 2.50 32.59 9.72
N SER E 321 3.15 32.39 10.87
CA SER E 321 4.30 33.20 11.33
C SER E 321 5.47 33.06 10.35
N ASN E 322 5.65 31.87 9.79
CA ASN E 322 6.74 31.60 8.82
C ASN E 322 6.38 32.25 7.48
N ARG E 323 5.14 32.09 7.00
CA ARG E 323 4.68 32.69 5.72
C ARG E 323 4.83 34.22 5.78
N VAL E 324 4.85 34.81 6.98
CA VAL E 324 5.05 36.28 7.10
C VAL E 324 6.53 36.60 6.82
N VAL E 325 7.43 35.80 7.38
CA VAL E 325 8.90 35.92 7.15
C VAL E 325 9.20 35.60 5.69
N ASP E 326 8.57 34.56 5.13
CA ASP E 326 8.78 34.14 3.70
C ASP E 326 8.36 35.27 2.77
N LEU E 327 7.20 35.89 3.02
CA LEU E 327 6.67 37.02 2.23
C LEU E 327 7.68 38.16 2.21
N MET E 328 8.23 38.54 3.36
CA MET E 328 9.19 39.67 3.46
C MET E 328 10.48 39.33 2.73
N ALA E 329 10.94 38.08 2.78
CA ALA E 329 12.13 37.62 2.02
C ALA E 329 11.86 37.87 0.52
N HIS E 330 10.73 37.39 0.01
CA HIS E 330 10.34 37.52 -1.41
C HIS E 330 10.06 38.98 -1.75
N MET E 331 9.77 39.82 -0.77
CA MET E 331 9.60 41.27 -1.06
C MET E 331 11.00 41.88 -1.21
N ALA E 332 11.96 41.44 -0.41
CA ALA E 332 13.35 41.98 -0.45
C ALA E 332 14.10 41.46 -1.67
N SER E 333 13.77 40.27 -2.18
CA SER E 333 14.43 39.71 -3.39
C SER E 333 13.89 40.40 -4.65
N LYS E 334 12.76 41.10 -4.54
CA LYS E 334 12.14 41.79 -5.71
C LYS E 334 12.37 43.29 -5.60
N GLU E 335 13.08 43.74 -4.56
CA GLU E 335 13.51 45.16 -4.47
C GLU E 335 14.73 45.33 -5.39
N LYS F 3 -22.17 -26.06 -3.20
CA LYS F 3 -23.29 -25.52 -2.36
C LYS F 3 -23.29 -23.99 -2.40
N VAL F 4 -22.27 -23.33 -1.84
CA VAL F 4 -22.18 -21.83 -1.90
C VAL F 4 -22.23 -21.37 -3.36
N LYS F 5 -22.95 -20.28 -3.60
CA LYS F 5 -23.12 -19.71 -4.97
C LYS F 5 -22.12 -18.56 -5.12
N VAL F 6 -21.53 -18.46 -6.28
CA VAL F 6 -20.28 -17.68 -6.50
C VAL F 6 -20.43 -16.86 -7.77
N GLY F 7 -19.89 -15.64 -7.73
CA GLY F 7 -19.77 -14.78 -8.92
C GLY F 7 -18.31 -14.50 -9.24
N VAL F 8 -17.97 -14.45 -10.52
CA VAL F 8 -16.58 -14.21 -10.96
C VAL F 8 -16.47 -12.86 -11.64
N ASN F 9 -15.73 -11.93 -11.05
CA ASN F 9 -15.44 -10.64 -11.72
C ASN F 9 -14.17 -10.79 -12.55
N GLY F 10 -14.31 -10.81 -13.86
CA GLY F 10 -13.18 -10.88 -14.80
C GLY F 10 -13.02 -12.27 -15.38
N PHE F 11 -13.05 -12.41 -16.68
CA PHE F 11 -13.02 -13.74 -17.33
C PHE F 11 -11.70 -13.85 -18.07
N GLY F 12 -10.61 -13.53 -17.38
CA GLY F 12 -9.21 -13.69 -17.82
C GLY F 12 -8.70 -15.08 -17.50
N ARG F 13 -7.39 -15.27 -17.45
CA ARG F 13 -6.86 -16.62 -17.17
C ARG F 13 -7.40 -17.10 -15.82
N ILE F 14 -7.37 -16.26 -14.78
CA ILE F 14 -7.73 -16.73 -13.42
C ILE F 14 -9.26 -16.96 -13.40
N GLY F 15 -10.04 -16.04 -13.94
CA GLY F 15 -11.52 -16.13 -13.87
C GLY F 15 -12.07 -17.37 -14.58
N ARG F 16 -11.51 -17.71 -15.73
CA ARG F 16 -11.98 -18.87 -16.52
C ARG F 16 -11.56 -20.14 -15.83
N LEU F 17 -10.36 -20.16 -15.24
CA LEU F 17 -9.79 -21.43 -14.76
C LEU F 17 -10.35 -21.74 -13.37
N VAL F 18 -10.61 -20.72 -12.57
CA VAL F 18 -11.43 -20.89 -11.33
C VAL F 18 -12.80 -21.45 -11.72
N THR F 19 -13.45 -20.86 -12.73
CA THR F 19 -14.74 -21.38 -13.23
C THR F 19 -14.56 -22.86 -13.65
N ARG F 20 -13.51 -23.16 -14.42
CA ARG F 20 -13.24 -24.55 -14.86
C ARG F 20 -13.03 -25.43 -13.63
N ALA F 21 -12.29 -24.95 -12.64
CA ALA F 21 -12.04 -25.75 -11.41
C ALA F 21 -13.31 -25.88 -10.56
N ALA F 22 -14.20 -24.89 -10.57
CA ALA F 22 -15.46 -24.96 -9.80
C ALA F 22 -16.32 -26.11 -10.35
N PHE F 23 -16.42 -26.22 -11.68
CA PHE F 23 -17.29 -27.22 -12.34
C PHE F 23 -16.66 -28.62 -12.24
N ASN F 24 -15.34 -28.75 -12.33
CA ASN F 24 -14.66 -30.08 -12.31
C ASN F 24 -14.60 -30.63 -10.90
N SER F 25 -14.35 -29.80 -9.89
CA SER F 25 -14.25 -30.28 -8.49
C SER F 25 -15.65 -30.37 -7.90
N GLY F 26 -16.56 -29.51 -8.37
CA GLY F 26 -17.96 -29.46 -7.91
C GLY F 26 -18.06 -28.88 -6.51
N LYS F 27 -17.05 -28.16 -6.04
CA LYS F 27 -17.02 -27.70 -4.62
C LYS F 27 -17.85 -26.44 -4.47
N VAL F 28 -18.05 -25.67 -5.53
CA VAL F 28 -18.90 -24.45 -5.48
C VAL F 28 -19.69 -24.36 -6.77
N ASP F 29 -20.71 -23.50 -6.80
CA ASP F 29 -21.55 -23.27 -8.00
C ASP F 29 -21.31 -21.84 -8.49
N ILE F 30 -20.78 -21.71 -9.71
CA ILE F 30 -20.68 -20.40 -10.40
C ILE F 30 -22.08 -20.06 -10.91
N VAL F 31 -22.64 -18.91 -10.51
CA VAL F 31 -23.98 -18.48 -10.97
C VAL F 31 -23.91 -17.19 -11.80
N ALA F 32 -22.81 -16.44 -11.70
CA ALA F 32 -22.67 -15.11 -12.35
C ALA F 32 -21.23 -14.81 -12.76
N ILE F 33 -21.09 -14.16 -13.91
CA ILE F 33 -19.77 -13.69 -14.41
C ILE F 33 -19.94 -12.25 -14.87
N ASN F 34 -19.05 -11.38 -14.43
CA ASN F 34 -18.96 -10.00 -14.95
C ASN F 34 -17.67 -9.82 -15.76
N ASP F 35 -17.79 -9.25 -16.95
CA ASP F 35 -16.62 -8.76 -17.72
C ASP F 35 -17.08 -7.79 -18.78
N PRO F 36 -16.65 -6.50 -18.73
CA PRO F 36 -17.16 -5.48 -19.64
C PRO F 36 -16.65 -5.65 -21.08
N PHE F 37 -15.49 -6.30 -21.26
CA PHE F 37 -14.82 -6.37 -22.58
C PHE F 37 -15.10 -7.69 -23.31
N ILE F 38 -15.87 -8.59 -22.70
CA ILE F 38 -16.06 -9.96 -23.28
C ILE F 38 -17.54 -10.28 -23.21
N ASP F 39 -18.23 -10.28 -24.35
CA ASP F 39 -19.70 -10.53 -24.36
C ASP F 39 -19.96 -12.04 -24.33
N LEU F 40 -21.23 -12.41 -24.28
CA LEU F 40 -21.69 -13.80 -23.98
C LEU F 40 -21.13 -14.77 -25.02
N ASN F 41 -21.24 -14.47 -26.30
CA ASN F 41 -20.85 -15.45 -27.36
C ASN F 41 -19.34 -15.62 -27.32
N TYR F 42 -18.60 -14.56 -26.99
CA TYR F 42 -17.12 -14.61 -26.87
C TYR F 42 -16.74 -15.52 -25.69
N MET F 43 -17.48 -15.40 -24.59
CA MET F 43 -17.23 -16.22 -23.37
C MET F 43 -17.35 -17.70 -23.71
N VAL F 44 -18.33 -18.08 -24.53
CA VAL F 44 -18.55 -19.52 -24.84
C VAL F 44 -17.26 -20.03 -25.49
N TYR F 45 -16.64 -19.23 -26.35
CA TYR F 45 -15.44 -19.63 -27.11
C TYR F 45 -14.23 -19.67 -26.16
N MET F 46 -13.96 -18.58 -25.45
CA MET F 46 -12.75 -18.44 -24.61
C MET F 46 -12.75 -19.52 -23.53
N PHE F 47 -13.93 -19.88 -23.00
CA PHE F 47 -14.05 -20.95 -21.98
C PHE F 47 -13.89 -22.33 -22.61
N GLN F 48 -14.42 -22.52 -23.82
CA GLN F 48 -14.50 -23.85 -24.46
C GLN F 48 -13.10 -24.29 -24.90
N TYR F 49 -12.35 -23.42 -25.55
CA TYR F 49 -11.04 -23.76 -26.11
C TYR F 49 -9.93 -23.08 -25.31
N ASP F 50 -9.00 -23.86 -24.79
CA ASP F 50 -7.84 -23.33 -24.04
C ASP F 50 -6.57 -23.88 -24.67
N SER F 51 -5.62 -23.02 -25.03
CA SER F 51 -4.34 -23.46 -25.63
C SER F 51 -3.51 -24.28 -24.62
N THR F 52 -3.62 -24.00 -23.34
CA THR F 52 -2.74 -24.64 -22.35
C THR F 52 -3.38 -25.90 -21.79
N HIS F 53 -4.61 -25.77 -21.37
CA HIS F 53 -5.29 -26.82 -20.57
C HIS F 53 -6.21 -27.67 -21.44
N GLY F 54 -6.23 -27.41 -22.74
CA GLY F 54 -7.02 -28.21 -23.70
C GLY F 54 -8.46 -27.75 -23.70
N LYS F 55 -9.26 -28.36 -24.55
CA LYS F 55 -10.69 -28.01 -24.70
C LYS F 55 -11.46 -28.52 -23.49
N PHE F 56 -12.43 -27.75 -23.03
CA PHE F 56 -13.23 -28.06 -21.83
C PHE F 56 -13.94 -29.40 -21.96
N HIS F 57 -13.90 -30.23 -20.91
CA HIS F 57 -14.56 -31.56 -20.91
C HIS F 57 -15.96 -31.39 -20.30
N GLY F 58 -16.94 -31.20 -21.17
CA GLY F 58 -18.33 -30.88 -20.80
C GLY F 58 -18.99 -30.06 -21.88
N THR F 59 -20.07 -29.38 -21.53
CA THR F 59 -20.88 -28.58 -22.49
C THR F 59 -20.86 -27.12 -22.02
N VAL F 60 -20.86 -26.22 -22.99
CA VAL F 60 -20.93 -24.75 -22.75
C VAL F 60 -21.67 -24.15 -23.94
N LYS F 61 -22.69 -23.33 -23.70
CA LYS F 61 -23.47 -22.68 -24.77
C LYS F 61 -24.01 -21.34 -24.28
N ALA F 62 -24.26 -20.44 -25.21
CA ALA F 62 -25.03 -19.21 -24.98
C ALA F 62 -26.51 -19.55 -25.22
N GLU F 63 -27.33 -19.38 -24.19
CA GLU F 63 -28.75 -19.78 -24.20
C GLU F 63 -29.56 -18.75 -23.41
N ASN F 64 -30.33 -17.94 -24.13
CA ASN F 64 -31.31 -17.00 -23.52
C ASN F 64 -30.56 -16.00 -22.64
N GLY F 65 -29.42 -15.49 -23.14
CA GLY F 65 -28.67 -14.41 -22.47
C GLY F 65 -27.89 -14.91 -21.28
N LYS F 66 -27.79 -16.23 -21.09
CA LYS F 66 -27.03 -16.86 -19.98
C LYS F 66 -25.92 -17.74 -20.55
N LEU F 67 -24.81 -17.83 -19.84
CA LEU F 67 -23.77 -18.83 -20.15
C LEU F 67 -24.16 -20.13 -19.45
N VAL F 68 -24.36 -21.17 -20.22
CA VAL F 68 -24.83 -22.47 -19.68
C VAL F 68 -23.67 -23.46 -19.73
N ILE F 69 -23.10 -23.77 -18.58
CA ILE F 69 -21.97 -24.73 -18.47
C ILE F 69 -22.48 -26.02 -17.83
N ASN F 70 -22.43 -27.13 -18.58
CA ASN F 70 -22.89 -28.46 -18.13
C ASN F 70 -24.34 -28.34 -17.63
N GLY F 71 -25.18 -27.63 -18.39
CA GLY F 71 -26.62 -27.46 -18.08
C GLY F 71 -26.89 -26.41 -16.99
N ASN F 72 -25.86 -25.84 -16.34
CA ASN F 72 -26.06 -24.78 -15.33
C ASN F 72 -26.01 -23.42 -16.00
N PRO F 73 -27.08 -22.60 -15.91
CA PRO F 73 -27.08 -21.28 -16.54
C PRO F 73 -26.41 -20.22 -15.66
N ILE F 74 -25.62 -19.37 -16.28
CA ILE F 74 -24.79 -18.38 -15.57
C ILE F 74 -25.15 -16.99 -16.09
N THR F 75 -25.49 -16.10 -15.17
CA THR F 75 -25.93 -14.72 -15.47
C THR F 75 -24.69 -13.89 -15.81
N ILE F 76 -24.74 -13.14 -16.90
CA ILE F 76 -23.53 -12.49 -17.48
C ILE F 76 -23.72 -10.98 -17.39
N PHE F 77 -22.99 -10.36 -16.48
CA PHE F 77 -22.92 -8.90 -16.39
C PHE F 77 -21.86 -8.33 -17.32
N GLN F 78 -21.95 -7.03 -17.55
CA GLN F 78 -20.93 -6.34 -18.35
C GLN F 78 -20.56 -5.00 -17.73
N GLU F 79 -20.42 -4.93 -16.42
CA GLU F 79 -20.14 -3.64 -15.72
C GLU F 79 -18.65 -3.34 -15.57
N ARG F 80 -18.31 -2.09 -15.82
CA ARG F 80 -16.94 -1.54 -15.63
C ARG F 80 -16.70 -1.16 -14.17
N ASP F 81 -17.73 -0.65 -13.51
CA ASP F 81 -17.61 -0.20 -12.10
C ASP F 81 -18.20 -1.28 -11.21
N PRO F 82 -17.38 -2.00 -10.40
CA PRO F 82 -17.92 -3.11 -9.64
C PRO F 82 -19.07 -2.74 -8.70
N SER F 83 -19.11 -1.49 -8.24
CA SER F 83 -20.16 -1.00 -7.31
C SER F 83 -21.52 -1.23 -7.94
N LYS F 84 -21.57 -1.45 -9.26
CA LYS F 84 -22.89 -1.57 -9.93
C LYS F 84 -23.16 -2.97 -10.49
N ILE F 85 -22.46 -4.00 -10.03
CA ILE F 85 -22.84 -5.39 -10.42
C ILE F 85 -23.92 -5.89 -9.45
N LYS F 86 -25.02 -6.39 -9.99
CA LYS F 86 -26.16 -6.84 -9.15
C LYS F 86 -25.94 -8.30 -8.76
N TRP F 87 -24.96 -8.55 -7.89
CA TRP F 87 -24.58 -9.93 -7.50
C TRP F 87 -25.75 -10.56 -6.77
N GLY F 88 -26.33 -9.79 -5.86
CA GLY F 88 -27.48 -10.24 -5.05
C GLY F 88 -28.59 -10.76 -5.93
N ASP F 89 -28.96 -10.01 -6.96
CA ASP F 89 -30.14 -10.37 -7.77
C ASP F 89 -29.85 -11.67 -8.51
N ALA F 90 -28.61 -11.86 -8.95
CA ALA F 90 -28.16 -13.13 -9.58
C ALA F 90 -27.92 -14.22 -8.52
N GLY F 91 -27.83 -13.84 -7.25
CA GLY F 91 -27.71 -14.80 -6.14
C GLY F 91 -26.27 -15.22 -5.90
N ALA F 92 -25.30 -14.40 -6.31
CA ALA F 92 -23.88 -14.71 -6.03
C ALA F 92 -23.57 -14.27 -4.60
N GLU F 93 -23.41 -15.24 -3.71
CA GLU F 93 -23.00 -15.01 -2.32
C GLU F 93 -21.51 -14.64 -2.21
N TYR F 94 -20.59 -15.40 -2.80
CA TYR F 94 -19.14 -15.03 -2.80
C TYR F 94 -18.77 -14.48 -4.15
N VAL F 95 -17.99 -13.39 -4.17
CA VAL F 95 -17.45 -12.89 -5.46
C VAL F 95 -15.94 -13.12 -5.51
N VAL F 96 -15.48 -13.76 -6.58
CA VAL F 96 -14.02 -13.89 -6.88
C VAL F 96 -13.60 -12.66 -7.69
N GLU F 97 -12.75 -11.81 -7.07
CA GLU F 97 -12.29 -10.55 -7.71
C GLU F 97 -10.96 -10.85 -8.41
N SER F 98 -11.01 -11.09 -9.72
CA SER F 98 -9.86 -11.64 -10.46
C SER F 98 -9.43 -10.71 -11.60
N THR F 99 -9.76 -9.43 -11.59
CA THR F 99 -9.38 -8.52 -12.70
C THR F 99 -7.89 -8.13 -12.59
N GLY F 100 -7.36 -8.02 -11.36
CA GLY F 100 -6.01 -7.54 -11.08
C GLY F 100 -5.99 -6.06 -10.71
N VAL F 101 -7.08 -5.31 -10.90
CA VAL F 101 -7.06 -3.83 -10.68
C VAL F 101 -7.91 -3.45 -9.47
N PHE F 102 -8.48 -4.39 -8.73
CA PHE F 102 -9.31 -4.07 -7.54
C PHE F 102 -8.86 -4.93 -6.35
N THR F 103 -7.58 -4.81 -5.98
CA THR F 103 -6.92 -5.69 -4.98
C THR F 103 -6.82 -5.03 -3.60
N THR F 104 -7.21 -3.78 -3.43
CA THR F 104 -7.25 -3.16 -2.08
C THR F 104 -8.60 -3.46 -1.43
N MET F 105 -8.69 -3.41 -0.11
CA MET F 105 -9.97 -3.68 0.58
C MET F 105 -11.03 -2.69 0.10
N GLU F 106 -10.66 -1.44 -0.18
CA GLU F 106 -11.62 -0.37 -0.54
C GLU F 106 -12.19 -0.64 -1.93
N LYS F 107 -11.37 -1.03 -2.90
CA LYS F 107 -11.82 -1.29 -4.28
C LYS F 107 -12.60 -2.60 -4.34
N ALA F 108 -12.07 -3.68 -3.77
CA ALA F 108 -12.75 -4.99 -3.80
C ALA F 108 -14.06 -4.90 -3.01
N GLY F 109 -14.13 -4.03 -2.00
CA GLY F 109 -15.34 -3.83 -1.17
C GLY F 109 -16.54 -3.43 -2.00
N ALA F 110 -16.32 -2.82 -3.17
CA ALA F 110 -17.39 -2.38 -4.10
C ALA F 110 -18.38 -3.52 -4.37
N HIS F 111 -17.95 -4.78 -4.34
CA HIS F 111 -18.84 -5.95 -4.62
C HIS F 111 -19.89 -6.11 -3.52
N LEU F 112 -19.63 -5.63 -2.31
CA LEU F 112 -20.62 -5.73 -1.20
C LEU F 112 -21.83 -4.84 -1.52
N GLN F 113 -21.63 -3.71 -2.19
CA GLN F 113 -22.74 -2.79 -2.57
C GLN F 113 -23.73 -3.48 -3.51
N GLY F 114 -23.29 -4.42 -4.33
CA GLY F 114 -24.18 -5.16 -5.25
C GLY F 114 -24.94 -6.29 -4.57
N GLY F 115 -24.68 -6.60 -3.30
CA GLY F 115 -25.42 -7.64 -2.58
C GLY F 115 -24.61 -8.91 -2.34
N ALA F 116 -23.34 -8.97 -2.75
CA ALA F 116 -22.41 -10.07 -2.38
C ALA F 116 -22.09 -9.95 -0.88
N LYS F 117 -21.85 -11.08 -0.20
CA LYS F 117 -21.56 -11.07 1.25
C LYS F 117 -20.03 -11.06 1.50
N ARG F 118 -19.23 -11.71 0.64
CA ARG F 118 -17.75 -11.78 0.84
C ARG F 118 -17.04 -11.73 -0.51
N VAL F 119 -15.80 -11.26 -0.48
CA VAL F 119 -15.01 -11.13 -1.72
C VAL F 119 -13.67 -11.82 -1.53
N ILE F 120 -13.30 -12.65 -2.49
CA ILE F 120 -11.97 -13.29 -2.46
C ILE F 120 -11.15 -12.68 -3.57
N ILE F 121 -10.07 -12.01 -3.20
CA ILE F 121 -9.16 -11.38 -4.20
C ILE F 121 -8.17 -12.43 -4.64
N SER F 122 -8.09 -12.61 -5.95
CA SER F 122 -7.29 -13.71 -6.50
C SER F 122 -5.89 -13.18 -6.80
N ALA F 123 -5.37 -12.33 -5.94
CA ALA F 123 -4.05 -11.69 -6.13
C ALA F 123 -3.57 -11.23 -4.77
N PRO F 124 -2.28 -10.87 -4.60
CA PRO F 124 -1.88 -10.29 -3.32
C PRO F 124 -2.60 -8.97 -3.09
N SER F 125 -2.78 -8.64 -1.84
CA SER F 125 -3.43 -7.38 -1.44
C SER F 125 -2.50 -6.57 -0.56
N ALA F 126 -2.56 -5.26 -0.75
CA ALA F 126 -1.91 -4.28 0.13
C ALA F 126 -2.49 -4.36 1.55
N ASP F 127 -3.80 -4.47 1.73
CA ASP F 127 -4.36 -4.43 3.11
C ASP F 127 -5.26 -5.65 3.40
N ALA F 128 -5.91 -6.29 2.42
CA ALA F 128 -6.82 -7.42 2.73
C ALA F 128 -6.04 -8.60 3.33
N PRO F 129 -6.58 -9.32 4.34
CA PRO F 129 -5.83 -10.45 4.90
C PRO F 129 -5.63 -11.53 3.84
N MET F 130 -4.45 -12.12 3.87
CA MET F 130 -4.01 -13.05 2.82
C MET F 130 -4.05 -14.44 3.44
N PHE F 131 -4.42 -15.43 2.65
CA PHE F 131 -4.40 -16.83 3.16
C PHE F 131 -3.73 -17.78 2.17
N VAL F 132 -3.12 -18.84 2.68
CA VAL F 132 -2.63 -19.95 1.81
C VAL F 132 -3.18 -21.26 2.37
N MET F 133 -3.94 -22.00 1.56
CA MET F 133 -4.56 -23.27 1.97
C MET F 133 -3.46 -24.23 2.40
N GLY F 134 -3.67 -24.85 3.57
CA GLY F 134 -2.74 -25.81 4.19
C GLY F 134 -1.73 -25.11 5.05
N VAL F 135 -1.70 -23.77 5.03
CA VAL F 135 -0.66 -23.05 5.80
C VAL F 135 -1.29 -22.18 6.89
N ASN F 136 -2.26 -21.34 6.57
CA ASN F 136 -2.88 -20.47 7.60
C ASN F 136 -4.40 -20.31 7.31
N HIS F 137 -4.98 -21.15 6.48
CA HIS F 137 -6.41 -20.98 6.11
C HIS F 137 -7.32 -21.18 7.35
N GLU F 138 -6.88 -21.93 8.35
CA GLU F 138 -7.69 -22.11 9.59
C GLU F 138 -7.74 -20.80 10.39
N LYS F 139 -6.89 -19.81 10.12
CA LYS F 139 -6.99 -18.51 10.83
C LYS F 139 -8.06 -17.62 10.18
N TYR F 140 -8.76 -18.12 9.15
CA TYR F 140 -9.93 -17.38 8.61
C TYR F 140 -11.07 -17.45 9.62
N ASP F 141 -11.92 -16.42 9.68
CA ASP F 141 -13.14 -16.46 10.53
C ASP F 141 -14.26 -15.62 9.91
N ASN F 142 -15.48 -15.80 10.44
CA ASN F 142 -16.74 -15.26 9.87
C ASN F 142 -16.74 -13.73 9.88
N SER F 143 -15.86 -13.05 10.63
CA SER F 143 -15.82 -11.56 10.64
C SER F 143 -15.23 -11.02 9.33
N LEU F 144 -14.34 -11.74 8.66
CA LEU F 144 -13.61 -11.24 7.46
C LEU F 144 -14.52 -11.33 6.24
N LYS F 145 -14.79 -10.19 5.61
CA LYS F 145 -15.67 -10.11 4.42
C LYS F 145 -14.85 -9.85 3.16
N ILE F 146 -13.58 -9.51 3.30
CA ILE F 146 -12.70 -9.24 2.13
C ILE F 146 -11.35 -9.88 2.39
N ILE F 147 -10.96 -10.77 1.49
CA ILE F 147 -9.91 -11.78 1.76
C ILE F 147 -9.02 -11.88 0.52
N SER F 148 -7.74 -12.18 0.71
CA SER F 148 -6.84 -12.43 -0.44
C SER F 148 -6.33 -13.88 -0.41
N ASN F 149 -6.17 -14.46 -1.60
CA ASN F 149 -5.64 -15.84 -1.76
C ASN F 149 -4.15 -15.78 -2.11
N ALA F 150 -3.51 -14.65 -1.83
CA ALA F 150 -2.06 -14.48 -2.00
C ALA F 150 -1.80 -14.64 -3.49
N SER F 151 -0.63 -15.12 -3.86
CA SER F 151 -0.21 -15.23 -5.28
C SER F 151 0.10 -16.69 -5.57
N CYS F 152 0.16 -17.04 -6.85
CA CYS F 152 0.57 -18.40 -7.28
C CYS F 152 1.94 -18.75 -6.67
N THR F 153 2.89 -17.81 -6.61
CA THR F 153 4.27 -18.09 -6.16
C THR F 153 4.30 -18.32 -4.64
N THR F 154 3.59 -17.47 -3.88
CA THR F 154 3.43 -17.62 -2.41
C THR F 154 2.79 -18.98 -2.13
N ASN F 155 1.75 -19.35 -2.87
CA ASN F 155 1.06 -20.66 -2.68
C ASN F 155 2.05 -21.80 -2.94
N CYS F 156 3.08 -21.59 -3.77
CA CYS F 156 4.10 -22.64 -3.99
C CYS F 156 5.12 -22.66 -2.85
N LEU F 157 5.66 -21.50 -2.49
CA LEU F 157 6.75 -21.43 -1.47
C LEU F 157 6.20 -21.79 -0.08
N ALA F 158 5.06 -21.23 0.33
CA ALA F 158 4.55 -21.27 1.73
C ALA F 158 4.42 -22.70 2.26
N PRO F 159 3.74 -23.65 1.59
CA PRO F 159 3.63 -25.01 2.12
C PRO F 159 4.97 -25.74 2.22
N LEU F 160 5.93 -25.47 1.32
CA LEU F 160 7.27 -26.10 1.45
C LEU F 160 8.02 -25.45 2.61
N ALA F 161 7.95 -24.13 2.74
CA ALA F 161 8.67 -23.37 3.77
C ALA F 161 8.15 -23.76 5.16
N LYS F 162 6.85 -24.06 5.27
CA LYS F 162 6.24 -24.50 6.56
C LYS F 162 6.80 -25.86 6.97
N VAL F 163 6.86 -26.82 6.07
CA VAL F 163 7.39 -28.16 6.44
C VAL F 163 8.86 -28.04 6.85
N ILE F 164 9.65 -27.28 6.09
CA ILE F 164 11.11 -27.13 6.33
C ILE F 164 11.30 -26.40 7.66
N HIS F 165 10.51 -25.35 7.86
CA HIS F 165 10.63 -24.55 9.08
C HIS F 165 10.08 -25.30 10.29
N ASP F 166 9.01 -26.08 10.17
CA ASP F 166 8.48 -26.83 11.34
C ASP F 166 9.55 -27.81 11.81
N ASN F 167 10.27 -28.41 10.88
CA ASN F 167 11.17 -29.55 11.17
C ASN F 167 12.59 -29.12 11.45
N PHE F 168 13.12 -28.14 10.72
CA PHE F 168 14.56 -27.85 10.83
C PHE F 168 14.86 -26.39 11.18
N GLY F 169 13.93 -25.46 10.97
CA GLY F 169 14.14 -24.04 11.33
C GLY F 169 14.76 -23.23 10.21
N ILE F 170 13.98 -22.42 9.51
CA ILE F 170 14.55 -21.55 8.43
C ILE F 170 15.10 -20.32 9.10
N VAL F 171 16.42 -20.22 9.13
CA VAL F 171 17.11 -19.02 9.65
C VAL F 171 16.98 -17.90 8.62
N GLU F 172 17.29 -18.19 7.37
CA GLU F 172 17.14 -17.19 6.29
C GLU F 172 16.99 -17.93 4.96
N GLY F 173 16.23 -17.35 4.05
CA GLY F 173 16.07 -17.96 2.73
C GLY F 173 16.00 -16.92 1.64
N LEU F 174 16.60 -17.23 0.51
CA LEU F 174 16.40 -16.42 -0.70
C LEU F 174 15.73 -17.32 -1.74
N MET F 175 14.77 -16.77 -2.45
CA MET F 175 13.96 -17.54 -3.41
C MET F 175 14.13 -16.96 -4.82
N THR F 176 14.39 -17.82 -5.79
CA THR F 176 14.20 -17.50 -7.22
C THR F 176 13.04 -18.33 -7.75
N THR F 177 12.16 -17.72 -8.51
CA THR F 177 11.14 -18.48 -9.26
C THR F 177 11.40 -18.28 -10.75
N VAL F 178 11.53 -19.38 -11.48
CA VAL F 178 11.59 -19.35 -12.95
C VAL F 178 10.17 -19.56 -13.40
N HIS F 179 9.59 -18.52 -13.99
CA HIS F 179 8.13 -18.38 -14.17
C HIS F 179 7.76 -18.33 -15.65
N ALA F 180 6.72 -19.05 -16.02
CA ALA F 180 6.12 -19.00 -17.37
C ALA F 180 5.62 -17.58 -17.66
N ILE F 181 5.40 -17.30 -18.94
CA ILE F 181 4.96 -15.94 -19.40
C ILE F 181 3.52 -15.72 -18.94
N THR F 182 3.13 -14.47 -18.77
CA THR F 182 1.76 -14.11 -18.33
C THR F 182 1.14 -13.08 -19.26
N ALA F 183 -0.09 -12.68 -18.96
CA ALA F 183 -0.93 -11.82 -19.85
C ALA F 183 -0.40 -10.39 -19.81
N THR F 184 0.30 -9.97 -18.74
CA THR F 184 0.92 -8.61 -18.63
C THR F 184 2.15 -8.49 -19.56
N GLN F 185 2.68 -9.58 -20.11
CA GLN F 185 3.87 -9.44 -20.98
C GLN F 185 3.47 -9.12 -22.42
N LYS F 186 4.48 -8.93 -23.24
CA LYS F 186 4.30 -8.52 -24.64
C LYS F 186 4.91 -9.58 -25.56
N THR F 187 4.34 -9.68 -26.74
CA THR F 187 4.81 -10.63 -27.77
C THR F 187 6.13 -10.14 -28.38
N VAL F 188 6.28 -8.82 -28.50
CA VAL F 188 7.49 -8.16 -29.06
C VAL F 188 7.72 -6.89 -28.22
N ASP F 189 8.91 -6.30 -28.29
CA ASP F 189 9.32 -5.16 -27.42
C ASP F 189 8.24 -4.06 -27.51
N GLY F 190 7.63 -3.69 -26.39
CA GLY F 190 6.42 -2.85 -26.34
C GLY F 190 6.37 -2.06 -25.04
N PRO F 191 5.45 -1.07 -24.88
CA PRO F 191 5.39 -0.25 -23.67
C PRO F 191 4.93 -0.97 -22.38
N SER F 192 5.68 -0.72 -21.34
CA SER F 192 5.48 -1.24 -19.97
C SER F 192 6.06 -0.18 -19.04
N GLY F 193 5.42 0.99 -19.00
CA GLY F 193 5.95 2.23 -18.40
C GLY F 193 6.41 2.06 -16.96
N LYS F 194 5.72 1.28 -16.14
CA LYS F 194 6.13 1.13 -14.72
C LYS F 194 7.27 0.11 -14.63
N LEU F 195 7.30 -0.89 -15.51
CA LEU F 195 8.33 -1.97 -15.40
C LEU F 195 8.92 -2.25 -16.76
N TRP F 196 10.03 -1.60 -17.06
CA TRP F 196 10.57 -1.58 -18.43
C TRP F 196 10.92 -2.99 -18.88
N ARG F 197 11.52 -3.80 -18.03
CA ARG F 197 11.94 -5.16 -18.46
C ARG F 197 10.71 -5.97 -18.91
N ASP F 198 9.55 -5.76 -18.29
CA ASP F 198 8.34 -6.56 -18.65
C ASP F 198 7.87 -6.14 -20.04
N GLY F 199 8.34 -5.01 -20.54
CA GLY F 199 7.99 -4.60 -21.90
C GLY F 199 8.65 -5.43 -22.98
N ARG F 200 9.81 -6.05 -22.71
CA ARG F 200 10.63 -6.66 -23.79
C ARG F 200 10.01 -7.99 -24.27
N GLY F 201 10.28 -8.36 -25.52
CA GLY F 201 9.56 -9.46 -26.19
C GLY F 201 9.63 -10.77 -25.41
N ALA F 202 8.49 -11.29 -24.98
CA ALA F 202 8.44 -12.40 -23.99
C ALA F 202 8.93 -13.70 -24.63
N LEU F 203 8.77 -13.85 -25.94
CA LEU F 203 9.26 -15.04 -26.65
C LEU F 203 10.79 -15.02 -26.71
N GLN F 204 11.45 -13.87 -26.76
CA GLN F 204 12.90 -13.81 -27.10
C GLN F 204 13.77 -13.82 -25.83
N ASN F 205 13.21 -13.68 -24.63
CA ASN F 205 13.98 -13.13 -23.49
C ASN F 205 13.71 -13.89 -22.21
N ILE F 206 14.77 -14.13 -21.46
CA ILE F 206 14.78 -14.30 -19.98
C ILE F 206 14.72 -12.90 -19.41
N ILE F 207 13.74 -12.66 -18.54
CA ILE F 207 13.42 -11.29 -18.07
C ILE F 207 13.42 -11.35 -16.55
N PRO F 208 14.33 -10.63 -15.87
CA PRO F 208 14.30 -10.56 -14.41
C PRO F 208 13.06 -9.73 -14.00
N ALA F 209 12.53 -9.98 -12.83
CA ALA F 209 11.39 -9.19 -12.29
C ALA F 209 11.43 -9.19 -10.76
N SER F 210 10.84 -8.16 -10.19
CA SER F 210 10.53 -8.11 -8.75
C SER F 210 9.38 -9.05 -8.44
N THR F 211 9.40 -9.59 -7.25
CA THR F 211 8.21 -10.23 -6.65
C THR F 211 8.28 -10.10 -5.14
N GLY F 212 7.12 -9.82 -4.56
CA GLY F 212 6.89 -9.79 -3.11
C GLY F 212 6.49 -11.15 -2.59
N ALA F 213 6.49 -12.21 -3.41
CA ALA F 213 5.94 -13.54 -3.03
C ALA F 213 6.73 -14.14 -1.86
N ALA F 214 8.04 -14.09 -1.89
CA ALA F 214 8.84 -14.75 -0.85
C ALA F 214 8.63 -14.03 0.48
N LYS F 215 8.55 -12.71 0.43
CA LYS F 215 8.29 -11.88 1.61
C LYS F 215 6.89 -12.17 2.16
N ALA F 216 5.89 -12.31 1.30
CA ALA F 216 4.49 -12.51 1.71
C ALA F 216 4.40 -13.80 2.52
N VAL F 217 5.30 -14.73 2.30
CA VAL F 217 5.33 -15.97 3.11
C VAL F 217 5.48 -15.57 4.58
N GLY F 218 6.15 -14.47 4.87
CA GLY F 218 6.30 -13.96 6.24
C GLY F 218 4.99 -13.45 6.85
N LYS F 219 3.92 -13.30 6.06
CA LYS F 219 2.58 -12.90 6.57
C LYS F 219 1.72 -14.12 6.88
N VAL F 220 1.84 -15.20 6.09
CA VAL F 220 1.06 -16.44 6.35
C VAL F 220 1.79 -17.39 7.31
N ILE F 221 3.11 -17.22 7.48
CA ILE F 221 3.89 -17.94 8.53
C ILE F 221 4.64 -16.88 9.34
N PRO F 222 3.98 -16.24 10.34
CA PRO F 222 4.57 -15.10 11.05
C PRO F 222 5.98 -15.35 11.60
N GLU F 223 6.37 -16.61 11.83
CA GLU F 223 7.71 -16.95 12.39
C GLU F 223 8.80 -16.66 11.35
N LEU F 224 8.49 -16.66 10.04
CA LEU F 224 9.48 -16.39 8.97
C LEU F 224 9.40 -14.93 8.50
N ASN F 225 8.66 -14.09 9.19
CA ASN F 225 8.59 -12.64 8.86
C ASN F 225 10.02 -12.07 8.87
N GLY F 226 10.38 -11.39 7.78
CA GLY F 226 11.71 -10.76 7.57
C GLY F 226 12.81 -11.76 7.27
N LYS F 227 12.50 -13.04 7.08
CA LYS F 227 13.57 -14.04 6.86
C LYS F 227 13.56 -14.57 5.45
N LEU F 228 12.68 -14.08 4.58
CA LEU F 228 12.69 -14.55 3.17
C LEU F 228 12.50 -13.37 2.24
N THR F 229 13.21 -13.45 1.12
CA THR F 229 12.87 -12.59 -0.03
C THR F 229 13.39 -13.31 -1.25
N GLY F 230 13.15 -12.72 -2.41
CA GLY F 230 13.58 -13.34 -3.67
C GLY F 230 13.28 -12.47 -4.86
N MET F 231 13.41 -13.06 -6.04
CA MET F 231 13.12 -12.38 -7.30
C MET F 231 12.66 -13.44 -8.30
N ALA F 232 12.35 -13.03 -9.51
CA ALA F 232 11.84 -13.94 -10.53
C ALA F 232 12.60 -13.78 -11.86
N PHE F 233 12.58 -14.84 -12.64
CA PHE F 233 12.90 -14.74 -14.07
C PHE F 233 11.70 -15.22 -14.88
N ARG F 234 11.30 -14.44 -15.88
CA ARG F 234 10.22 -14.88 -16.79
C ARG F 234 10.91 -15.55 -17.97
N VAL F 235 10.46 -16.74 -18.36
CA VAL F 235 11.07 -17.48 -19.48
C VAL F 235 9.99 -17.82 -20.48
N PRO F 236 10.33 -18.02 -21.77
CA PRO F 236 9.33 -18.30 -22.80
C PRO F 236 8.69 -19.71 -22.74
N THR F 237 7.94 -20.00 -21.68
CA THR F 237 6.98 -21.13 -21.64
C THR F 237 5.57 -20.62 -21.30
N ALA F 238 4.59 -21.35 -21.82
CA ALA F 238 3.18 -20.96 -21.83
C ALA F 238 2.65 -21.10 -20.41
N ASN F 239 3.16 -22.08 -19.68
CA ASN F 239 2.62 -22.40 -18.35
C ASN F 239 3.60 -23.29 -17.60
N VAL F 240 3.42 -23.28 -16.29
CA VAL F 240 4.10 -24.08 -15.24
C VAL F 240 5.35 -23.31 -14.84
N SER F 241 5.54 -23.19 -13.54
CA SER F 241 6.66 -22.41 -12.98
C SER F 241 7.39 -23.25 -11.95
N VAL F 242 8.53 -22.74 -11.48
CA VAL F 242 9.30 -23.52 -10.49
C VAL F 242 9.86 -22.58 -9.43
N VAL F 243 9.81 -23.02 -8.20
CA VAL F 243 10.42 -22.26 -7.09
C VAL F 243 11.78 -22.86 -6.79
N ASP F 244 12.74 -21.99 -6.55
CA ASP F 244 14.13 -22.37 -6.19
C ASP F 244 14.45 -21.71 -4.85
N LEU F 245 14.40 -22.47 -3.76
CA LEU F 245 14.56 -21.92 -2.40
C LEU F 245 15.94 -22.29 -1.86
N THR F 246 16.80 -21.28 -1.71
CA THR F 246 18.13 -21.43 -1.07
C THR F 246 17.98 -20.99 0.39
N CYS F 247 18.11 -21.92 1.32
CA CYS F 247 17.83 -21.58 2.73
C CYS F 247 18.91 -22.16 3.65
N ARG F 248 19.08 -21.50 4.77
CA ARG F 248 19.95 -21.97 5.86
C ARG F 248 19.08 -22.41 7.04
N LEU F 249 19.41 -23.56 7.60
CA LEU F 249 18.58 -24.21 8.64
C LEU F 249 19.28 -24.11 10.00
N GLU F 250 18.52 -24.15 11.08
CA GLU F 250 19.10 -24.12 12.44
C GLU F 250 19.57 -25.54 12.81
N LYS F 251 18.67 -26.52 12.74
CA LYS F 251 18.97 -27.96 13.03
C LYS F 251 19.56 -28.59 11.79
N PRO F 252 20.49 -29.55 11.94
CA PRO F 252 21.04 -30.26 10.78
C PRO F 252 19.96 -31.03 10.03
N ALA F 253 20.04 -31.02 8.69
CA ALA F 253 19.11 -31.72 7.80
C ALA F 253 19.87 -32.34 6.63
N LYS F 254 20.26 -33.61 6.75
CA LYS F 254 20.67 -34.42 5.58
C LYS F 254 19.56 -34.31 4.52
N TYR F 255 19.92 -34.37 3.26
CA TYR F 255 18.94 -34.29 2.15
C TYR F 255 17.83 -35.34 2.37
N ASP F 256 18.20 -36.57 2.69
CA ASP F 256 17.25 -37.72 2.89
C ASP F 256 16.27 -37.43 4.04
N ASP F 257 16.72 -36.76 5.10
CA ASP F 257 15.79 -36.28 6.17
C ASP F 257 14.81 -35.26 5.59
N ILE F 258 15.26 -34.35 4.72
CA ILE F 258 14.35 -33.33 4.11
C ILE F 258 13.37 -34.07 3.19
N LYS F 259 13.85 -35.00 2.38
CA LYS F 259 12.96 -35.83 1.52
C LYS F 259 11.93 -36.53 2.41
N LYS F 260 12.39 -37.14 3.50
CA LYS F 260 11.49 -37.92 4.39
C LYS F 260 10.33 -37.02 4.87
N VAL F 261 10.62 -35.85 5.42
CA VAL F 261 9.56 -35.06 6.11
C VAL F 261 8.69 -34.36 5.07
N VAL F 262 9.20 -34.10 3.88
CA VAL F 262 8.38 -33.47 2.81
C VAL F 262 7.42 -34.52 2.26
N LYS F 263 7.92 -35.72 2.00
CA LYS F 263 7.06 -36.85 1.53
C LYS F 263 5.96 -37.11 2.55
N GLN F 264 6.30 -37.02 3.83
CA GLN F 264 5.39 -37.34 4.96
C GLN F 264 4.26 -36.31 4.98
N ALA F 265 4.58 -35.03 4.88
CA ALA F 265 3.56 -33.96 4.90
C ALA F 265 2.73 -34.02 3.60
N SER F 266 3.33 -34.46 2.48
CA SER F 266 2.61 -34.56 1.19
C SER F 266 1.60 -35.72 1.23
N GLU F 267 1.89 -36.77 1.99
CA GLU F 267 0.98 -37.94 2.08
C GLU F 267 -0.07 -37.69 3.17
N GLY F 268 0.25 -36.91 4.17
CA GLY F 268 -0.64 -36.70 5.33
C GLY F 268 -1.36 -35.37 5.20
N PRO F 269 -1.14 -34.40 6.11
CA PRO F 269 -2.09 -33.30 6.23
C PRO F 269 -1.99 -32.27 5.09
N LEU F 270 -0.94 -32.32 4.24
CA LEU F 270 -0.84 -31.36 3.11
C LEU F 270 -1.21 -32.04 1.81
N LYS F 271 -1.94 -33.15 1.86
CA LYS F 271 -2.29 -33.91 0.64
C LYS F 271 -3.07 -33.04 -0.32
N GLY F 272 -2.68 -33.10 -1.59
CA GLY F 272 -3.31 -32.37 -2.69
C GLY F 272 -2.82 -30.93 -2.71
N ILE F 273 -2.17 -30.45 -1.65
CA ILE F 273 -1.62 -29.07 -1.63
C ILE F 273 -0.12 -29.13 -1.95
N LEU F 274 0.65 -29.86 -1.14
CA LEU F 274 2.09 -30.08 -1.37
C LEU F 274 2.29 -31.48 -1.94
N GLY F 275 3.00 -31.56 -3.04
CA GLY F 275 3.32 -32.83 -3.68
C GLY F 275 4.74 -33.23 -3.39
N TYR F 276 5.05 -34.48 -3.74
CA TYR F 276 6.40 -35.08 -3.62
C TYR F 276 6.66 -36.10 -4.72
N THR F 277 7.83 -36.00 -5.36
CA THR F 277 8.22 -36.92 -6.45
C THR F 277 9.73 -37.10 -6.52
N GLU F 278 10.15 -38.28 -6.95
CA GLU F 278 11.57 -38.63 -7.18
C GLU F 278 11.76 -38.86 -8.68
N HIS F 279 10.73 -38.67 -9.49
CA HIS F 279 10.79 -38.90 -10.96
C HIS F 279 11.59 -37.80 -11.66
N GLN F 280 12.11 -38.14 -12.84
CA GLN F 280 12.88 -37.23 -13.71
C GLN F 280 11.92 -36.29 -14.44
N VAL F 281 11.22 -35.48 -13.67
CA VAL F 281 10.11 -34.66 -14.21
C VAL F 281 10.69 -33.42 -14.89
N VAL F 282 9.91 -32.86 -15.81
CA VAL F 282 10.16 -31.54 -16.43
C VAL F 282 8.88 -30.72 -16.27
N SER F 283 8.96 -29.44 -16.57
CA SER F 283 7.83 -28.51 -16.32
C SER F 283 6.53 -29.08 -16.94
N SER F 284 6.51 -29.57 -18.17
CA SER F 284 5.21 -29.93 -18.80
C SER F 284 4.54 -31.08 -18.03
N ASP F 285 5.31 -31.89 -17.29
CA ASP F 285 4.72 -33.00 -16.49
C ASP F 285 3.82 -32.43 -15.39
N PHE F 286 3.82 -31.11 -15.12
CA PHE F 286 2.91 -30.47 -14.14
C PHE F 286 1.81 -29.62 -14.81
N ASN F 287 1.64 -29.72 -16.12
CA ASN F 287 0.56 -28.95 -16.78
C ASN F 287 -0.81 -29.52 -16.35
N SER F 288 -1.65 -28.67 -15.75
CA SER F 288 -3.00 -29.00 -15.23
C SER F 288 -2.89 -29.80 -13.93
N ASP F 289 -1.69 -29.94 -13.37
CA ASP F 289 -1.50 -30.49 -12.02
C ASP F 289 -2.12 -29.51 -11.02
N THR F 290 -2.88 -29.97 -10.04
CA THR F 290 -3.72 -29.11 -9.16
C THR F 290 -3.03 -28.84 -7.82
N HIS F 291 -1.85 -29.40 -7.58
CA HIS F 291 -1.04 -29.05 -6.39
C HIS F 291 -0.66 -27.57 -6.40
N SER F 292 -0.52 -27.02 -5.21
CA SER F 292 0.12 -25.71 -4.94
C SER F 292 1.61 -25.79 -5.22
N SER F 293 2.22 -26.94 -4.96
CA SER F 293 3.68 -27.12 -4.78
C SER F 293 4.05 -28.60 -4.91
N THR F 294 4.95 -28.97 -5.81
CA THR F 294 5.46 -30.37 -5.86
C THR F 294 6.97 -30.35 -5.73
N PHE F 295 7.43 -30.85 -4.60
CA PHE F 295 8.84 -30.89 -4.22
C PHE F 295 9.54 -31.87 -5.16
N ASP F 296 10.59 -31.42 -5.84
CA ASP F 296 11.34 -32.26 -6.80
C ASP F 296 12.60 -32.77 -6.10
N ALA F 297 12.58 -34.00 -5.60
CA ALA F 297 13.67 -34.51 -4.73
C ALA F 297 14.99 -34.52 -5.52
N GLY F 298 14.95 -35.01 -6.76
CA GLY F 298 16.17 -35.23 -7.54
C GLY F 298 16.77 -33.91 -8.04
N ALA F 299 16.01 -32.82 -8.07
CA ALA F 299 16.48 -31.57 -8.71
C ALA F 299 17.25 -30.72 -7.69
N GLY F 300 17.00 -30.91 -6.40
CA GLY F 300 17.56 -30.06 -5.34
C GLY F 300 18.97 -30.46 -5.01
N ILE F 301 19.69 -29.63 -4.27
CA ILE F 301 21.09 -29.97 -3.91
C ILE F 301 21.43 -29.31 -2.59
N ALA F 302 22.15 -30.02 -1.74
CA ALA F 302 22.70 -29.52 -0.47
C ALA F 302 24.19 -29.25 -0.65
N LEU F 303 24.68 -28.16 -0.08
CA LEU F 303 26.13 -27.96 0.10
C LEU F 303 26.54 -28.69 1.39
N ASN F 304 25.72 -28.59 2.42
CA ASN F 304 25.98 -29.22 3.74
C ASN F 304 24.65 -29.29 4.49
N ASP F 305 24.68 -29.77 5.74
CA ASP F 305 23.47 -30.14 6.51
C ASP F 305 22.69 -28.89 6.93
N HIS F 306 23.26 -27.68 6.78
CA HIS F 306 22.58 -26.43 7.19
C HIS F 306 22.29 -25.52 5.99
N PHE F 307 22.67 -25.89 4.77
CA PHE F 307 22.63 -25.00 3.58
C PHE F 307 22.26 -25.80 2.33
N VAL F 308 21.06 -25.55 1.82
CA VAL F 308 20.38 -26.42 0.82
C VAL F 308 19.63 -25.52 -0.13
N LYS F 309 19.47 -26.03 -1.34
CA LYS F 309 18.60 -25.42 -2.39
C LYS F 309 17.51 -26.45 -2.70
N LEU F 310 16.26 -26.06 -2.48
CA LEU F 310 15.12 -26.99 -2.67
C LEU F 310 14.24 -26.53 -3.84
N ILE F 311 13.76 -27.48 -4.61
CA ILE F 311 13.07 -27.21 -5.90
C ILE F 311 11.64 -27.70 -5.74
N SER F 312 10.70 -26.83 -6.08
CA SER F 312 9.28 -27.19 -6.05
C SER F 312 8.56 -26.58 -7.25
N TRP F 313 7.87 -27.42 -8.01
CA TRP F 313 7.09 -27.03 -9.22
C TRP F 313 5.67 -26.60 -8.87
N TYR F 314 5.06 -25.79 -9.72
CA TYR F 314 3.63 -25.41 -9.62
C TYR F 314 3.09 -24.98 -10.98
N ASP F 315 1.91 -25.48 -11.29
CA ASP F 315 1.07 -24.95 -12.39
C ASP F 315 0.48 -23.63 -11.91
N ASN F 316 1.08 -22.52 -12.33
CA ASN F 316 0.76 -21.17 -11.80
C ASN F 316 -0.68 -20.82 -12.18
N GLU F 317 -1.29 -21.48 -13.17
CA GLU F 317 -2.70 -21.21 -13.58
C GLU F 317 -3.63 -22.18 -12.82
N PHE F 318 -3.40 -23.49 -12.95
CA PHE F 318 -4.38 -24.51 -12.49
C PHE F 318 -4.33 -24.66 -10.97
N GLY F 319 -3.13 -24.73 -10.39
CA GLY F 319 -2.97 -24.92 -8.93
C GLY F 319 -3.64 -23.80 -8.17
N TYR F 320 -3.31 -22.57 -8.56
CA TYR F 320 -3.82 -21.35 -7.90
C TYR F 320 -5.35 -21.33 -8.01
N SER F 321 -5.90 -21.52 -9.22
CA SER F 321 -7.35 -21.54 -9.52
C SER F 321 -8.06 -22.55 -8.60
N ASN F 322 -7.48 -23.74 -8.44
CA ASN F 322 -8.10 -24.77 -7.56
C ASN F 322 -8.04 -24.33 -6.11
N ARG F 323 -7.00 -23.59 -5.69
CA ARG F 323 -6.93 -23.11 -4.28
C ARG F 323 -8.00 -22.04 -4.06
N VAL F 324 -8.30 -21.23 -5.06
CA VAL F 324 -9.38 -20.23 -4.91
C VAL F 324 -10.71 -20.93 -4.60
N VAL F 325 -11.07 -21.96 -5.37
CA VAL F 325 -12.26 -22.81 -5.10
C VAL F 325 -12.15 -23.44 -3.71
N ASP F 326 -11.02 -24.07 -3.38
CA ASP F 326 -10.83 -24.65 -2.03
C ASP F 326 -11.05 -23.59 -0.96
N LEU F 327 -10.47 -22.41 -1.07
CA LEU F 327 -10.57 -21.39 0.00
C LEU F 327 -12.06 -21.05 0.20
N MET F 328 -12.82 -20.91 -0.89
CA MET F 328 -14.27 -20.61 -0.83
C MET F 328 -15.02 -21.81 -0.21
N ALA F 329 -14.62 -23.04 -0.51
CA ALA F 329 -15.19 -24.25 0.15
C ALA F 329 -14.94 -24.14 1.66
N HIS F 330 -13.75 -23.73 2.08
CA HIS F 330 -13.46 -23.59 3.53
C HIS F 330 -14.33 -22.47 4.13
N MET F 331 -14.43 -21.33 3.46
CA MET F 331 -15.23 -20.18 3.94
C MET F 331 -16.70 -20.61 4.14
N ALA F 332 -17.27 -21.32 3.18
CA ALA F 332 -18.68 -21.81 3.23
C ALA F 332 -18.85 -22.73 4.45
N SER F 333 -17.85 -23.56 4.76
CA SER F 333 -17.95 -24.53 5.88
C SER F 333 -17.98 -23.81 7.22
N LYS F 334 -17.44 -22.60 7.33
CA LYS F 334 -17.36 -21.93 8.66
C LYS F 334 -18.49 -20.91 8.80
N GLU F 335 -19.32 -20.73 7.77
CA GLU F 335 -20.50 -19.83 7.87
C GLU F 335 -21.36 -20.28 9.05
N LYS G 3 18.32 14.92 -45.97
CA LYS G 3 18.05 16.33 -46.35
C LYS G 3 16.68 16.80 -45.83
N VAL G 4 15.57 16.20 -46.27
CA VAL G 4 14.22 16.58 -45.75
C VAL G 4 14.15 16.26 -44.26
N LYS G 5 13.45 17.10 -43.51
CA LYS G 5 13.34 16.97 -42.04
C LYS G 5 12.02 16.28 -41.72
N VAL G 6 12.09 15.27 -40.85
CA VAL G 6 11.00 14.28 -40.65
C VAL G 6 10.54 14.32 -39.20
N GLY G 7 9.25 14.05 -39.02
CA GLY G 7 8.64 13.85 -37.70
C GLY G 7 7.97 12.50 -37.65
N VAL G 8 8.03 11.84 -36.50
CA VAL G 8 7.46 10.48 -36.38
C VAL G 8 6.39 10.49 -35.30
N ASN G 9 5.19 10.15 -35.69
CA ASN G 9 4.11 10.02 -34.71
C ASN G 9 4.02 8.56 -34.30
N GLY G 10 4.35 8.28 -33.03
CA GLY G 10 4.30 6.92 -32.50
C GLY G 10 5.71 6.37 -32.41
N PHE G 11 6.08 5.82 -31.26
CA PHE G 11 7.45 5.28 -31.09
C PHE G 11 7.39 3.76 -30.86
N GLY G 12 6.53 3.08 -31.62
CA GLY G 12 6.39 1.60 -31.61
C GLY G 12 7.47 0.97 -32.46
N ARG G 13 7.37 -0.33 -32.75
CA ARG G 13 8.41 -1.05 -33.52
C ARG G 13 8.67 -0.31 -34.84
N ILE G 14 7.63 0.14 -35.53
CA ILE G 14 7.81 0.81 -36.85
C ILE G 14 8.38 2.20 -36.59
N GLY G 15 7.77 2.94 -35.68
CA GLY G 15 8.26 4.28 -35.33
C GLY G 15 9.74 4.29 -34.96
N ARG G 16 10.18 3.36 -34.12
CA ARG G 16 11.61 3.33 -33.69
C ARG G 16 12.50 2.83 -34.83
N LEU G 17 12.02 1.89 -35.65
CA LEU G 17 12.88 1.25 -36.66
C LEU G 17 12.99 2.15 -37.88
N VAL G 18 11.95 2.93 -38.19
CA VAL G 18 12.06 4.04 -39.17
C VAL G 18 13.10 5.03 -38.63
N THR G 19 13.05 5.38 -37.35
CA THR G 19 14.04 6.31 -36.76
C THR G 19 15.44 5.70 -36.89
N ARG G 20 15.57 4.40 -36.63
CA ARG G 20 16.89 3.73 -36.71
C ARG G 20 17.36 3.72 -38.17
N ALA G 21 16.47 3.44 -39.11
CA ALA G 21 16.84 3.33 -40.53
C ALA G 21 17.24 4.72 -41.07
N ALA G 22 16.58 5.79 -40.63
CA ALA G 22 16.94 7.18 -41.05
C ALA G 22 18.38 7.50 -40.63
N PHE G 23 18.78 7.19 -39.40
CA PHE G 23 20.14 7.50 -38.92
C PHE G 23 21.17 6.62 -39.63
N ASN G 24 20.85 5.35 -39.91
CA ASN G 24 21.81 4.39 -40.54
C ASN G 24 22.02 4.74 -42.01
N SER G 25 20.93 4.97 -42.76
CA SER G 25 20.98 5.33 -44.20
C SER G 25 21.35 6.81 -44.41
N GLY G 26 21.02 7.72 -43.48
CA GLY G 26 21.25 9.17 -43.61
C GLY G 26 20.40 9.81 -44.70
N LYS G 27 19.37 9.13 -45.18
CA LYS G 27 18.60 9.61 -46.36
C LYS G 27 17.59 10.69 -45.93
N VAL G 28 17.17 10.71 -44.66
CA VAL G 28 16.30 11.80 -44.12
C VAL G 28 16.81 12.16 -42.74
N ASP G 29 16.24 13.20 -42.12
CA ASP G 29 16.69 13.75 -40.82
C ASP G 29 15.49 13.77 -39.87
N ILE G 30 15.57 12.99 -38.80
CA ILE G 30 14.49 12.91 -37.78
C ILE G 30 14.68 14.10 -36.85
N VAL G 31 13.68 14.97 -36.75
CA VAL G 31 13.79 16.21 -35.94
C VAL G 31 12.71 16.22 -34.86
N ALA G 32 11.66 15.41 -34.97
CA ALA G 32 10.66 15.39 -33.88
C ALA G 32 10.05 14.00 -33.74
N ILE G 33 9.68 13.65 -32.51
CA ILE G 33 8.89 12.41 -32.26
C ILE G 33 7.75 12.78 -31.32
N ASN G 34 6.58 12.20 -31.58
CA ASN G 34 5.42 12.32 -30.67
C ASN G 34 4.97 10.93 -30.23
N ASP G 35 4.80 10.74 -28.93
CA ASP G 35 4.13 9.53 -28.41
C ASP G 35 3.64 9.83 -26.99
N PRO G 36 2.32 9.80 -26.76
CA PRO G 36 1.79 10.21 -25.46
C PRO G 36 2.05 9.23 -24.31
N PHE G 37 2.48 8.00 -24.59
CA PHE G 37 2.62 6.94 -23.55
C PHE G 37 4.08 6.56 -23.33
N ILE G 38 5.03 7.24 -23.94
CA ILE G 38 6.48 6.93 -23.76
C ILE G 38 7.23 8.24 -23.54
N ASP G 39 7.61 8.52 -22.30
CA ASP G 39 8.34 9.78 -22.03
C ASP G 39 9.82 9.61 -22.40
N LEU G 40 10.58 10.67 -22.25
CA LEU G 40 11.87 10.86 -22.93
C LEU G 40 12.88 9.79 -22.49
N ASN G 41 12.98 9.54 -21.19
CA ASN G 41 13.96 8.54 -20.66
C ASN G 41 13.56 7.16 -21.18
N TYR G 42 12.28 6.84 -21.15
CA TYR G 42 11.77 5.55 -21.67
C TYR G 42 12.12 5.44 -23.17
N MET G 43 12.07 6.53 -23.91
CA MET G 43 12.42 6.54 -25.36
C MET G 43 13.90 6.20 -25.52
N VAL G 44 14.77 6.78 -24.69
CA VAL G 44 16.22 6.49 -24.68
C VAL G 44 16.37 4.95 -24.61
N TYR G 45 15.72 4.34 -23.65
CA TYR G 45 15.85 2.89 -23.37
C TYR G 45 15.28 2.08 -24.53
N MET G 46 14.08 2.42 -25.03
CA MET G 46 13.38 1.62 -26.08
C MET G 46 14.14 1.67 -27.39
N PHE G 47 14.79 2.80 -27.68
CA PHE G 47 15.57 2.97 -28.92
C PHE G 47 16.95 2.31 -28.79
N GLN G 48 17.56 2.37 -27.61
CA GLN G 48 18.94 1.89 -27.39
C GLN G 48 18.96 0.36 -27.49
N TYR G 49 18.00 -0.31 -26.86
CA TYR G 49 18.01 -1.78 -26.72
C TYR G 49 16.90 -2.38 -27.57
N ASP G 50 17.26 -3.33 -28.43
CA ASP G 50 16.23 -4.00 -29.25
C ASP G 50 16.48 -5.51 -29.25
N SER G 51 15.49 -6.28 -28.80
CA SER G 51 15.56 -7.75 -28.72
C SER G 51 15.85 -8.38 -30.09
N THR G 52 15.28 -7.82 -31.15
CA THR G 52 15.33 -8.38 -32.53
C THR G 52 16.57 -7.88 -33.25
N HIS G 53 16.82 -6.58 -33.23
CA HIS G 53 17.85 -5.95 -34.09
C HIS G 53 19.06 -5.50 -33.25
N GLY G 54 19.19 -5.96 -32.02
CA GLY G 54 20.41 -5.70 -31.23
C GLY G 54 20.47 -4.27 -30.74
N LYS G 55 21.53 -3.95 -30.01
CA LYS G 55 21.87 -2.59 -29.52
C LYS G 55 22.08 -1.61 -30.68
N PHE G 56 21.54 -0.41 -30.54
CA PHE G 56 21.83 0.67 -31.51
C PHE G 56 23.35 0.87 -31.59
N HIS G 57 23.90 0.84 -32.80
CA HIS G 57 25.31 1.23 -33.07
C HIS G 57 25.37 2.75 -33.17
N GLY G 58 25.46 3.43 -32.04
CA GLY G 58 25.53 4.90 -32.02
C GLY G 58 25.23 5.42 -30.63
N THR G 59 25.07 6.73 -30.48
CA THR G 59 24.79 7.29 -29.14
C THR G 59 23.32 7.67 -29.07
N VAL G 60 22.76 7.48 -27.89
CA VAL G 60 21.36 7.91 -27.66
C VAL G 60 21.22 8.27 -26.19
N LYS G 61 20.81 9.51 -25.94
CA LYS G 61 20.82 10.12 -24.59
C LYS G 61 19.72 11.16 -24.52
N ALA G 62 19.29 11.44 -23.30
CA ALA G 62 18.35 12.53 -22.98
C ALA G 62 19.19 13.73 -22.51
N GLU G 63 19.09 14.83 -23.23
CA GLU G 63 19.89 16.05 -22.95
C GLU G 63 19.01 17.28 -23.11
N ASN G 64 18.68 17.94 -21.99
CA ASN G 64 17.93 19.23 -21.99
C ASN G 64 16.56 19.06 -22.65
N GLY G 65 15.81 18.02 -22.26
CA GLY G 65 14.46 17.72 -22.77
C GLY G 65 14.44 17.24 -24.22
N LYS G 66 15.58 16.94 -24.83
CA LYS G 66 15.62 16.40 -26.22
C LYS G 66 16.06 14.93 -26.18
N LEU G 67 15.60 14.14 -27.13
CA LEU G 67 16.22 12.84 -27.47
C LEU G 67 17.41 13.15 -28.40
N VAL G 68 18.60 12.73 -28.01
CA VAL G 68 19.83 13.01 -28.81
C VAL G 68 20.38 11.69 -29.33
N ILE G 69 20.34 11.55 -30.65
CA ILE G 69 20.84 10.33 -31.34
C ILE G 69 22.00 10.77 -32.25
N ASN G 70 23.17 10.16 -32.09
CA ASN G 70 24.36 10.50 -32.92
C ASN G 70 24.56 12.02 -32.88
N GLY G 71 24.35 12.64 -31.71
CA GLY G 71 24.52 14.08 -31.49
C GLY G 71 23.38 14.93 -32.06
N ASN G 72 22.39 14.35 -32.73
CA ASN G 72 21.32 15.15 -33.36
C ASN G 72 20.14 15.29 -32.40
N PRO G 73 19.87 16.49 -31.85
CA PRO G 73 18.76 16.63 -30.92
C PRO G 73 17.41 16.51 -31.66
N ILE G 74 16.47 15.82 -31.01
CA ILE G 74 15.12 15.56 -31.58
C ILE G 74 14.09 16.09 -30.59
N THR G 75 13.15 16.90 -31.10
CA THR G 75 12.09 17.50 -30.25
C THR G 75 11.06 16.42 -29.94
N ILE G 76 10.65 16.33 -28.68
CA ILE G 76 9.71 15.27 -28.22
C ILE G 76 8.38 15.92 -27.84
N PHE G 77 7.30 15.44 -28.45
CA PHE G 77 5.92 15.81 -28.06
C PHE G 77 5.24 14.61 -27.41
N GLN G 78 4.29 14.89 -26.52
CA GLN G 78 3.49 13.87 -25.79
C GLN G 78 2.01 14.14 -26.04
N GLU G 79 1.59 14.21 -27.30
CA GLU G 79 0.24 14.70 -27.71
C GLU G 79 -0.60 13.55 -28.24
N ARG G 80 -1.73 13.27 -27.56
CA ARG G 80 -2.67 12.19 -27.94
C ARG G 80 -3.54 12.63 -29.13
N ASP G 81 -3.58 13.92 -29.45
CA ASP G 81 -4.38 14.44 -30.60
C ASP G 81 -3.46 14.97 -31.68
N PRO G 82 -3.47 14.38 -32.90
CA PRO G 82 -2.47 14.74 -33.92
C PRO G 82 -2.54 16.19 -34.41
N SER G 83 -3.70 16.85 -34.28
CA SER G 83 -3.90 18.24 -34.77
C SER G 83 -3.20 19.23 -33.83
N LYS G 84 -2.70 18.76 -32.68
CA LYS G 84 -2.08 19.62 -31.64
C LYS G 84 -0.56 19.46 -31.64
N ILE G 85 0.02 18.79 -32.64
CA ILE G 85 1.48 18.56 -32.64
C ILE G 85 2.10 19.69 -33.47
N LYS G 86 2.92 20.52 -32.84
CA LYS G 86 3.54 21.67 -33.53
C LYS G 86 4.68 21.15 -34.40
N TRP G 87 4.36 20.32 -35.41
CA TRP G 87 5.40 19.80 -36.35
C TRP G 87 6.22 20.98 -36.89
N GLY G 88 5.54 22.05 -37.34
CA GLY G 88 6.15 23.21 -38.03
C GLY G 88 7.12 23.96 -37.13
N ASP G 89 6.81 24.05 -35.84
CA ASP G 89 7.76 24.64 -34.86
C ASP G 89 9.05 23.82 -34.82
N ALA G 90 8.94 22.49 -34.75
CA ALA G 90 10.11 21.58 -34.59
C ALA G 90 10.89 21.52 -35.91
N GLY G 91 10.27 21.94 -37.02
CA GLY G 91 10.88 21.97 -38.36
C GLY G 91 10.66 20.67 -39.10
N ALA G 92 9.57 19.96 -38.78
CA ALA G 92 9.23 18.65 -39.40
C ALA G 92 8.40 18.86 -40.67
N GLU G 93 9.02 18.73 -41.84
CA GLU G 93 8.35 18.89 -43.15
C GLU G 93 7.45 17.68 -43.43
N TYR G 94 7.97 16.46 -43.35
CA TYR G 94 7.17 15.21 -43.52
C TYR G 94 6.92 14.55 -42.17
N VAL G 95 5.72 13.98 -42.00
CA VAL G 95 5.40 13.19 -40.78
C VAL G 95 5.10 11.76 -41.16
N VAL G 96 5.77 10.84 -40.48
CA VAL G 96 5.51 9.38 -40.56
C VAL G 96 4.40 9.09 -39.57
N GLU G 97 3.22 8.78 -40.08
CA GLU G 97 2.09 8.37 -39.22
C GLU G 97 2.22 6.86 -39.02
N SER G 98 2.69 6.42 -37.85
CA SER G 98 2.99 4.99 -37.57
C SER G 98 2.23 4.42 -36.37
N THR G 99 1.24 5.14 -35.84
CA THR G 99 0.48 4.67 -34.66
C THR G 99 -0.38 3.48 -35.04
N GLY G 100 -0.80 3.39 -36.30
CA GLY G 100 -1.78 2.41 -36.76
C GLY G 100 -3.23 2.82 -36.48
N VAL G 101 -3.51 3.99 -35.90
CA VAL G 101 -4.93 4.34 -35.57
C VAL G 101 -5.39 5.56 -36.35
N PHE G 102 -4.53 6.14 -37.19
CA PHE G 102 -4.90 7.34 -37.96
C PHE G 102 -4.66 7.08 -39.44
N THR G 103 -5.31 6.05 -39.96
CA THR G 103 -4.96 5.52 -41.29
C THR G 103 -5.83 6.11 -42.40
N THR G 104 -6.92 6.78 -42.07
CA THR G 104 -7.78 7.38 -43.11
C THR G 104 -7.17 8.72 -43.50
N MET G 105 -7.54 9.25 -44.64
CA MET G 105 -7.00 10.56 -45.10
C MET G 105 -7.53 11.64 -44.17
N GLU G 106 -8.73 11.46 -43.62
CA GLU G 106 -9.35 12.41 -42.65
C GLU G 106 -8.50 12.46 -41.36
N LYS G 107 -8.17 11.31 -40.77
CA LYS G 107 -7.48 11.29 -39.46
C LYS G 107 -6.01 11.69 -39.67
N ALA G 108 -5.31 11.02 -40.60
CA ALA G 108 -3.89 11.26 -40.89
C ALA G 108 -3.66 12.73 -41.27
N GLY G 109 -4.67 13.38 -41.85
CA GLY G 109 -4.60 14.79 -42.30
C GLY G 109 -4.46 15.79 -41.16
N ALA G 110 -4.88 15.43 -39.94
CA ALA G 110 -4.67 16.24 -38.71
C ALA G 110 -3.23 16.79 -38.62
N HIS G 111 -2.22 16.04 -39.09
CA HIS G 111 -0.80 16.45 -39.01
C HIS G 111 -0.57 17.74 -39.82
N LEU G 112 -1.38 18.01 -40.84
CA LEU G 112 -1.24 19.24 -41.67
C LEU G 112 -1.58 20.47 -40.82
N GLN G 113 -2.37 20.30 -39.75
CA GLN G 113 -2.80 21.43 -38.89
C GLN G 113 -1.59 21.96 -38.10
N GLY G 114 -0.74 21.07 -37.60
CA GLY G 114 0.44 21.43 -36.80
C GLY G 114 1.54 22.10 -37.61
N GLY G 115 1.42 22.15 -38.94
CA GLY G 115 2.43 22.80 -39.80
C GLY G 115 3.22 21.83 -40.65
N ALA G 116 2.83 20.56 -40.71
CA ALA G 116 3.50 19.54 -41.56
C ALA G 116 2.98 19.69 -42.99
N LYS G 117 3.87 19.58 -43.97
CA LYS G 117 3.52 19.72 -45.41
C LYS G 117 2.99 18.39 -45.98
N ARG G 118 3.67 17.27 -45.68
CA ARG G 118 3.31 15.94 -46.22
C ARG G 118 3.21 14.91 -45.10
N VAL G 119 2.48 13.83 -45.35
CA VAL G 119 2.20 12.77 -44.34
C VAL G 119 2.28 11.40 -45.02
N ILE G 120 3.12 10.54 -44.49
CA ILE G 120 3.30 9.16 -45.01
C ILE G 120 2.72 8.21 -43.98
N ILE G 121 1.69 7.45 -44.37
CA ILE G 121 1.08 6.46 -43.46
C ILE G 121 1.87 5.15 -43.60
N SER G 122 2.44 4.69 -42.49
CA SER G 122 3.19 3.42 -42.43
C SER G 122 2.22 2.25 -42.23
N ALA G 123 1.15 2.19 -43.01
CA ALA G 123 0.16 1.09 -43.00
C ALA G 123 -0.73 1.16 -44.23
N PRO G 124 -1.49 0.12 -44.57
CA PRO G 124 -2.49 0.25 -45.62
C PRO G 124 -3.51 1.32 -45.23
N SER G 125 -4.11 1.92 -46.24
CA SER G 125 -5.09 3.02 -46.10
C SER G 125 -6.28 2.71 -46.99
N ALA G 126 -7.48 2.84 -46.43
CA ALA G 126 -8.76 2.76 -47.14
C ALA G 126 -8.76 3.75 -48.31
N ASP G 127 -8.36 5.01 -48.12
CA ASP G 127 -8.57 6.06 -49.15
C ASP G 127 -7.27 6.76 -49.57
N ALA G 128 -6.19 6.72 -48.78
CA ALA G 128 -4.91 7.37 -49.19
C ALA G 128 -4.28 6.57 -50.33
N PRO G 129 -3.64 7.25 -51.30
CA PRO G 129 -2.95 6.57 -52.39
C PRO G 129 -1.78 5.70 -51.87
N MET G 130 -1.77 4.42 -52.25
CA MET G 130 -0.73 3.49 -51.74
C MET G 130 0.41 3.34 -52.76
N PHE G 131 1.63 3.34 -52.26
CA PHE G 131 2.86 3.26 -53.09
C PHE G 131 3.73 2.12 -52.59
N VAL G 132 4.40 1.43 -53.51
CA VAL G 132 5.38 0.39 -53.13
C VAL G 132 6.67 0.72 -53.85
N MET G 133 7.80 0.81 -53.17
CA MET G 133 9.05 1.22 -53.86
C MET G 133 9.44 0.15 -54.89
N GLY G 134 9.83 0.61 -56.07
CA GLY G 134 10.23 -0.22 -57.21
C GLY G 134 9.03 -0.75 -57.98
N VAL G 135 7.80 -0.43 -57.59
CA VAL G 135 6.61 -0.94 -58.31
C VAL G 135 5.81 0.24 -58.90
N ASN G 136 5.36 1.17 -58.08
CA ASN G 136 4.53 2.29 -58.56
C ASN G 136 4.94 3.60 -57.87
N HIS G 137 6.17 3.70 -57.37
CA HIS G 137 6.58 4.91 -56.64
C HIS G 137 6.68 6.07 -57.62
N GLU G 138 6.96 5.79 -58.89
CA GLU G 138 7.24 6.88 -59.87
C GLU G 138 5.95 7.63 -60.21
N LYS G 139 4.80 7.12 -59.77
CA LYS G 139 3.47 7.74 -59.99
C LYS G 139 3.18 8.80 -58.94
N TYR G 140 4.07 9.00 -57.98
CA TYR G 140 3.84 10.00 -56.92
C TYR G 140 4.05 11.41 -57.52
N ASP G 141 3.25 12.40 -57.13
CA ASP G 141 3.54 13.82 -57.49
C ASP G 141 3.28 14.79 -56.34
N ASN G 142 3.67 16.04 -56.56
CA ASN G 142 3.67 17.08 -55.51
C ASN G 142 2.25 17.41 -55.06
N SER G 143 1.24 16.97 -55.79
CA SER G 143 -0.15 17.33 -55.43
C SER G 143 -0.67 16.42 -54.31
N LEU G 144 -0.03 15.28 -54.10
CA LEU G 144 -0.45 14.33 -53.04
C LEU G 144 0.27 14.73 -51.73
N LYS G 145 -0.50 15.05 -50.70
CA LYS G 145 0.07 15.53 -49.42
C LYS G 145 -0.06 14.44 -48.34
N ILE G 146 -0.97 13.49 -48.52
CA ILE G 146 -1.21 12.35 -47.59
C ILE G 146 -1.07 11.05 -48.39
N ILE G 147 -0.22 10.14 -47.94
CA ILE G 147 0.26 8.99 -48.76
C ILE G 147 0.43 7.77 -47.84
N SER G 148 0.32 6.57 -48.42
CA SER G 148 0.46 5.30 -47.69
C SER G 148 1.57 4.46 -48.33
N ASN G 149 2.34 3.76 -47.49
CA ASN G 149 3.44 2.87 -47.94
C ASN G 149 2.95 1.43 -47.96
N ALA G 150 1.64 1.19 -47.93
CA ALA G 150 1.04 -0.16 -48.01
C ALA G 150 1.50 -0.99 -46.79
N SER G 151 1.39 -2.31 -46.87
CA SER G 151 1.77 -3.22 -45.77
C SER G 151 3.17 -3.77 -46.04
N CYS G 152 3.71 -4.48 -45.06
CA CYS G 152 5.00 -5.17 -45.20
C CYS G 152 4.80 -6.31 -46.19
N THR G 153 3.70 -7.05 -46.05
CA THR G 153 3.41 -8.21 -46.93
C THR G 153 3.22 -7.74 -48.37
N THR G 154 2.54 -6.61 -48.57
CA THR G 154 2.34 -6.02 -49.91
C THR G 154 3.70 -5.63 -50.51
N ASN G 155 4.58 -4.99 -49.73
CA ASN G 155 5.96 -4.66 -50.19
C ASN G 155 6.76 -5.93 -50.43
N CYS G 156 6.30 -7.08 -49.97
CA CYS G 156 6.98 -8.35 -50.30
C CYS G 156 6.41 -8.91 -51.61
N LEU G 157 5.10 -9.13 -51.66
CA LEU G 157 4.46 -9.79 -52.83
C LEU G 157 4.61 -8.89 -54.07
N ALA G 158 4.38 -7.58 -53.97
CA ALA G 158 4.22 -6.70 -55.14
C ALA G 158 5.48 -6.70 -56.03
N PRO G 159 6.73 -6.49 -55.52
CA PRO G 159 7.90 -6.45 -56.41
C PRO G 159 8.13 -7.79 -57.12
N LEU G 160 7.82 -8.88 -56.42
CA LEU G 160 7.89 -10.24 -57.00
C LEU G 160 6.81 -10.40 -58.08
N ALA G 161 5.56 -10.07 -57.74
CA ALA G 161 4.39 -10.15 -58.65
C ALA G 161 4.71 -9.38 -59.92
N LYS G 162 5.27 -8.18 -59.79
CA LYS G 162 5.56 -7.30 -60.96
C LYS G 162 6.46 -8.05 -61.92
N VAL G 163 7.62 -8.51 -61.45
CA VAL G 163 8.63 -9.22 -62.29
C VAL G 163 7.96 -10.41 -62.98
N ILE G 164 7.11 -11.16 -62.28
CA ILE G 164 6.48 -12.41 -62.83
C ILE G 164 5.39 -12.01 -63.86
N HIS G 165 4.57 -11.00 -63.56
CA HIS G 165 3.54 -10.50 -64.51
C HIS G 165 4.25 -9.97 -65.76
N ASP G 166 5.12 -8.98 -65.59
CA ASP G 166 5.83 -8.31 -66.72
C ASP G 166 6.41 -9.36 -67.67
N ASN G 167 6.72 -10.57 -67.21
CA ASN G 167 7.52 -11.54 -67.98
C ASN G 167 6.67 -12.69 -68.52
N PHE G 168 5.76 -13.23 -67.72
CA PHE G 168 4.95 -14.41 -68.11
C PHE G 168 3.46 -14.14 -67.97
N GLY G 169 3.04 -13.17 -67.15
CA GLY G 169 1.63 -12.78 -67.01
C GLY G 169 0.91 -13.65 -65.99
N ILE G 170 0.40 -13.02 -64.93
CA ILE G 170 -0.32 -13.74 -63.84
C ILE G 170 -1.79 -13.83 -64.23
N VAL G 171 -2.26 -15.03 -64.50
CA VAL G 171 -3.70 -15.29 -64.76
C VAL G 171 -4.43 -15.14 -63.44
N GLU G 172 -3.92 -15.80 -62.41
CA GLU G 172 -4.52 -15.74 -61.04
C GLU G 172 -3.54 -16.38 -60.05
N GLY G 173 -3.52 -15.83 -58.84
CA GLY G 173 -2.55 -16.22 -57.81
C GLY G 173 -3.16 -16.17 -56.45
N LEU G 174 -2.86 -17.17 -55.61
CA LEU G 174 -3.28 -17.18 -54.19
C LEU G 174 -2.03 -17.21 -53.31
N MET G 175 -1.97 -16.28 -52.35
CA MET G 175 -0.79 -16.06 -51.46
C MET G 175 -1.09 -16.57 -50.05
N THR G 176 -0.14 -17.30 -49.48
CA THR G 176 -0.09 -17.52 -48.01
C THR G 176 1.16 -16.81 -47.49
N THR G 177 1.02 -16.04 -46.43
CA THR G 177 2.20 -15.52 -45.70
C THR G 177 2.31 -16.29 -44.40
N VAL G 178 3.44 -16.94 -44.18
CA VAL G 178 3.84 -17.46 -42.84
C VAL G 178 4.53 -16.30 -42.11
N HIS G 179 3.87 -15.73 -41.10
CA HIS G 179 4.22 -14.40 -40.53
C HIS G 179 4.76 -14.55 -39.10
N ALA G 180 5.85 -13.87 -38.80
CA ALA G 180 6.36 -13.67 -37.43
C ALA G 180 5.27 -13.04 -36.58
N ILE G 181 5.34 -13.22 -35.26
CA ILE G 181 4.36 -12.61 -34.33
C ILE G 181 4.55 -11.09 -34.35
N THR G 182 3.52 -10.36 -33.92
CA THR G 182 3.50 -8.88 -33.89
C THR G 182 2.94 -8.38 -32.57
N ALA G 183 3.05 -7.09 -32.33
CA ALA G 183 2.57 -6.39 -31.11
C ALA G 183 1.06 -6.62 -30.89
N THR G 184 0.29 -6.96 -31.92
CA THR G 184 -1.20 -7.04 -31.84
C THR G 184 -1.62 -8.38 -31.21
N GLN G 185 -0.75 -9.40 -31.23
CA GLN G 185 -1.08 -10.71 -30.63
C GLN G 185 -0.88 -10.66 -29.11
N LYS G 186 -1.21 -11.77 -28.45
CA LYS G 186 -1.16 -11.91 -26.97
C LYS G 186 -0.24 -13.07 -26.60
N THR G 187 0.34 -12.97 -25.40
CA THR G 187 1.29 -13.97 -24.87
C THR G 187 0.55 -15.23 -24.42
N VAL G 188 -0.62 -15.09 -23.83
CA VAL G 188 -1.49 -16.24 -23.44
C VAL G 188 -2.89 -15.91 -23.92
N ASP G 189 -3.77 -16.92 -24.01
CA ASP G 189 -5.16 -16.74 -24.52
C ASP G 189 -5.81 -15.52 -23.85
N GLY G 190 -6.18 -14.52 -24.64
CA GLY G 190 -6.67 -13.23 -24.14
C GLY G 190 -7.73 -12.66 -25.06
N PRO G 191 -8.33 -11.49 -24.72
CA PRO G 191 -9.42 -10.94 -25.52
C PRO G 191 -8.97 -10.12 -26.73
N SER G 192 -9.50 -10.49 -27.87
CA SER G 192 -9.19 -9.85 -29.16
C SER G 192 -10.52 -9.71 -29.86
N GLY G 193 -11.39 -8.88 -29.30
CA GLY G 193 -12.85 -8.87 -29.60
C GLY G 193 -13.17 -8.95 -31.09
N LYS G 194 -12.50 -8.17 -31.91
CA LYS G 194 -12.76 -8.17 -33.37
C LYS G 194 -12.33 -9.53 -33.96
N LEU G 195 -11.14 -10.02 -33.63
CA LEU G 195 -10.57 -11.17 -34.36
C LEU G 195 -10.17 -12.21 -33.32
N TRP G 196 -10.99 -13.23 -33.16
CA TRP G 196 -10.93 -14.16 -31.99
C TRP G 196 -9.65 -14.99 -32.01
N ARG G 197 -9.22 -15.41 -33.19
CA ARG G 197 -8.03 -16.26 -33.30
C ARG G 197 -6.81 -15.46 -32.83
N ASP G 198 -6.77 -14.15 -33.11
CA ASP G 198 -5.60 -13.28 -32.79
C ASP G 198 -5.43 -13.15 -31.26
N GLY G 199 -6.44 -13.49 -30.45
CA GLY G 199 -6.33 -13.46 -28.97
C GLY G 199 -5.60 -14.68 -28.42
N ARG G 200 -5.53 -15.76 -29.18
CA ARG G 200 -5.01 -17.06 -28.69
C ARG G 200 -3.48 -16.94 -28.55
N GLY G 201 -2.93 -17.63 -27.55
CA GLY G 201 -1.53 -17.52 -27.12
C GLY G 201 -0.57 -17.60 -28.28
N ALA G 202 0.16 -16.53 -28.56
CA ALA G 202 1.05 -16.44 -29.74
C ALA G 202 2.27 -17.37 -29.64
N LEU G 203 2.71 -17.78 -28.44
CA LEU G 203 3.86 -18.73 -28.25
C LEU G 203 3.40 -20.16 -28.59
N GLN G 204 2.13 -20.48 -28.44
CA GLN G 204 1.69 -21.90 -28.46
C GLN G 204 1.11 -22.31 -29.82
N ASN G 205 0.75 -21.37 -30.67
CA ASN G 205 -0.27 -21.61 -31.71
C ASN G 205 0.23 -21.20 -33.09
N ILE G 206 -0.04 -22.05 -34.08
CA ILE G 206 -0.17 -21.57 -35.48
C ILE G 206 -1.56 -20.92 -35.57
N ILE G 207 -1.64 -19.69 -36.08
CA ILE G 207 -2.89 -18.89 -36.05
C ILE G 207 -3.24 -18.40 -37.45
N PRO G 208 -4.29 -18.96 -38.10
CA PRO G 208 -4.78 -18.43 -39.37
C PRO G 208 -5.35 -17.01 -39.25
N ALA G 209 -4.92 -16.12 -40.13
CA ALA G 209 -5.43 -14.74 -40.13
C ALA G 209 -5.81 -14.31 -41.55
N SER G 210 -6.82 -13.45 -41.68
CA SER G 210 -7.15 -12.65 -42.89
C SER G 210 -6.06 -11.60 -43.15
N THR G 211 -5.91 -11.23 -44.42
CA THR G 211 -5.03 -10.13 -44.88
C THR G 211 -5.52 -9.69 -46.26
N GLY G 212 -5.46 -8.38 -46.51
CA GLY G 212 -5.81 -7.76 -47.79
C GLY G 212 -4.54 -7.42 -48.54
N ALA G 213 -3.42 -8.02 -48.15
CA ALA G 213 -2.11 -7.59 -48.66
C ALA G 213 -1.97 -8.04 -50.11
N ALA G 214 -2.57 -9.17 -50.45
CA ALA G 214 -2.49 -9.74 -51.81
C ALA G 214 -3.40 -8.93 -52.73
N LYS G 215 -4.68 -8.84 -52.34
CA LYS G 215 -5.72 -8.00 -52.98
C LYS G 215 -5.13 -6.62 -53.25
N ALA G 216 -4.47 -6.01 -52.26
CA ALA G 216 -3.87 -4.65 -52.34
C ALA G 216 -2.79 -4.59 -53.45
N VAL G 217 -2.24 -5.70 -53.92
CA VAL G 217 -1.25 -5.61 -55.04
C VAL G 217 -1.97 -5.04 -56.28
N GLY G 218 -3.28 -5.22 -56.36
CA GLY G 218 -4.12 -4.73 -57.48
C GLY G 218 -4.24 -3.23 -57.54
N LYS G 219 -3.86 -2.50 -56.49
CA LYS G 219 -3.91 -1.01 -56.48
C LYS G 219 -2.54 -0.43 -56.82
N VAL G 220 -1.45 -1.18 -56.59
CA VAL G 220 -0.10 -0.71 -57.00
C VAL G 220 0.24 -1.32 -58.36
N ILE G 221 -0.36 -2.46 -58.70
CA ILE G 221 -0.29 -3.01 -60.08
C ILE G 221 -1.73 -3.21 -60.57
N PRO G 222 -2.34 -2.17 -61.18
CA PRO G 222 -3.73 -2.25 -61.65
C PRO G 222 -4.04 -3.44 -62.56
N GLU G 223 -3.11 -3.84 -63.42
CA GLU G 223 -3.33 -4.99 -64.33
C GLU G 223 -3.64 -6.26 -63.55
N LEU G 224 -3.29 -6.31 -62.25
CA LEU G 224 -3.50 -7.53 -61.44
C LEU G 224 -4.74 -7.37 -60.56
N ASN G 225 -5.46 -6.26 -60.71
CA ASN G 225 -6.66 -5.97 -59.86
C ASN G 225 -7.65 -7.12 -59.99
N GLY G 226 -8.14 -7.67 -58.87
CA GLY G 226 -9.10 -8.78 -58.85
C GLY G 226 -8.47 -10.14 -59.17
N LYS G 227 -7.15 -10.20 -59.41
CA LYS G 227 -6.44 -11.45 -59.82
C LYS G 227 -5.64 -12.07 -58.66
N LEU G 228 -5.64 -11.45 -57.47
CA LEU G 228 -4.85 -11.92 -56.32
C LEU G 228 -5.66 -11.72 -55.04
N THR G 229 -5.65 -12.73 -54.17
CA THR G 229 -6.04 -12.58 -52.75
C THR G 229 -5.22 -13.59 -51.94
N GLY G 230 -5.47 -13.71 -50.64
CA GLY G 230 -4.78 -14.73 -49.84
C GLY G 230 -5.08 -14.57 -48.38
N MET G 231 -4.18 -15.11 -47.55
CA MET G 231 -4.37 -15.19 -46.09
C MET G 231 -3.02 -15.53 -45.44
N ALA G 232 -2.99 -15.56 -44.10
CA ALA G 232 -1.75 -15.58 -43.30
C ALA G 232 -1.81 -16.70 -42.27
N PHE G 233 -0.64 -17.22 -41.88
CA PHE G 233 -0.44 -17.96 -40.61
C PHE G 233 0.58 -17.19 -39.77
N ARG G 234 0.17 -16.78 -38.59
CA ARG G 234 1.10 -16.22 -37.57
C ARG G 234 1.73 -17.41 -36.86
N VAL G 235 3.05 -17.50 -36.87
CA VAL G 235 3.80 -18.60 -36.18
C VAL G 235 4.72 -17.99 -35.13
N PRO G 236 5.10 -18.74 -34.05
CA PRO G 236 5.95 -18.22 -32.95
C PRO G 236 7.44 -18.04 -33.30
N THR G 237 7.73 -17.06 -34.15
CA THR G 237 9.07 -16.46 -34.25
C THR G 237 8.93 -14.96 -34.01
N ALA G 238 10.04 -14.36 -33.61
CA ALA G 238 10.16 -12.95 -33.19
C ALA G 238 10.05 -12.01 -34.41
N ASN G 239 10.64 -12.41 -35.55
CA ASN G 239 10.76 -11.52 -36.73
C ASN G 239 11.10 -12.36 -37.97
N VAL G 240 10.74 -11.82 -39.13
CA VAL G 240 11.02 -12.33 -40.50
C VAL G 240 9.86 -13.22 -40.90
N SER G 241 9.31 -12.92 -42.08
CA SER G 241 8.12 -13.58 -42.62
C SER G 241 8.47 -14.06 -44.04
N VAL G 242 7.64 -14.94 -44.57
CA VAL G 242 7.89 -15.54 -45.90
C VAL G 242 6.59 -15.48 -46.70
N VAL G 243 6.69 -15.13 -47.98
CA VAL G 243 5.49 -15.16 -48.87
C VAL G 243 5.53 -16.47 -49.67
N ASP G 244 4.36 -17.07 -49.82
CA ASP G 244 4.14 -18.30 -50.62
C ASP G 244 3.12 -17.95 -51.70
N LEU G 245 3.59 -17.68 -52.93
CA LEU G 245 2.70 -17.25 -54.04
C LEU G 245 2.46 -18.43 -54.98
N THR G 246 1.23 -18.90 -55.05
CA THR G 246 0.81 -19.97 -55.99
C THR G 246 0.06 -19.31 -57.16
N CYS G 247 0.55 -19.46 -58.37
CA CYS G 247 0.08 -18.59 -59.47
C CYS G 247 0.10 -19.32 -60.81
N ARG G 248 -0.95 -19.11 -61.60
CA ARG G 248 -1.01 -19.57 -63.01
C ARG G 248 -0.49 -18.46 -63.90
N LEU G 249 0.42 -18.81 -64.81
CA LEU G 249 0.97 -17.89 -65.82
C LEU G 249 0.33 -18.24 -67.16
N GLU G 250 0.11 -17.26 -68.03
CA GLU G 250 -0.51 -17.60 -69.34
C GLU G 250 0.61 -17.94 -70.32
N LYS G 251 1.76 -17.29 -70.25
CA LYS G 251 2.88 -17.67 -71.14
C LYS G 251 3.75 -18.69 -70.42
N PRO G 252 4.33 -19.69 -71.13
CA PRO G 252 5.04 -20.79 -70.46
C PRO G 252 6.30 -20.31 -69.74
N ALA G 253 6.54 -20.81 -68.53
CA ALA G 253 7.70 -20.40 -67.71
C ALA G 253 8.36 -21.61 -67.06
N LYS G 254 9.44 -22.11 -67.65
CA LYS G 254 10.41 -23.03 -66.98
C LYS G 254 10.95 -22.35 -65.71
N TYR G 255 11.21 -23.13 -64.66
CA TYR G 255 11.65 -22.59 -63.36
C TYR G 255 12.96 -21.81 -63.55
N ASP G 256 13.88 -22.31 -64.36
CA ASP G 256 15.16 -21.62 -64.67
C ASP G 256 14.90 -20.26 -65.31
N ASP G 257 13.86 -20.14 -66.13
CA ASP G 257 13.45 -18.85 -66.73
C ASP G 257 13.01 -17.90 -65.60
N ILE G 258 12.12 -18.37 -64.73
CA ILE G 258 11.62 -17.55 -63.59
C ILE G 258 12.86 -17.06 -62.82
N LYS G 259 13.77 -17.98 -62.49
CA LYS G 259 15.00 -17.62 -61.75
C LYS G 259 15.81 -16.60 -62.57
N LYS G 260 15.93 -16.80 -63.88
CA LYS G 260 16.76 -15.90 -64.72
C LYS G 260 16.22 -14.47 -64.61
N VAL G 261 14.92 -14.27 -64.79
CA VAL G 261 14.34 -12.90 -64.87
C VAL G 261 14.40 -12.26 -63.48
N VAL G 262 14.13 -13.03 -62.42
CA VAL G 262 14.14 -12.50 -61.03
C VAL G 262 15.57 -12.06 -60.67
N LYS G 263 16.58 -12.86 -61.02
CA LYS G 263 18.00 -12.51 -60.71
C LYS G 263 18.41 -11.29 -61.55
N GLN G 264 17.86 -11.13 -62.76
CA GLN G 264 18.10 -9.94 -63.63
C GLN G 264 17.56 -8.70 -62.90
N ALA G 265 16.29 -8.74 -62.52
CA ALA G 265 15.61 -7.61 -61.82
C ALA G 265 16.38 -7.26 -60.53
N SER G 266 16.88 -8.25 -59.80
CA SER G 266 17.55 -8.02 -58.48
C SER G 266 18.84 -7.21 -58.68
N GLU G 267 19.55 -7.41 -59.79
CA GLU G 267 20.86 -6.74 -60.05
C GLU G 267 20.66 -5.44 -60.82
N GLY G 268 19.45 -5.19 -61.35
CA GLY G 268 19.17 -4.00 -62.17
C GLY G 268 18.31 -3.00 -61.40
N PRO G 269 17.06 -2.75 -61.85
CA PRO G 269 16.33 -1.57 -61.38
C PRO G 269 15.71 -1.78 -60.00
N LEU G 270 15.44 -3.03 -59.66
CA LEU G 270 14.85 -3.44 -58.36
C LEU G 270 15.95 -3.77 -57.34
N LYS G 271 17.21 -3.48 -57.70
CA LYS G 271 18.36 -3.70 -56.79
C LYS G 271 18.07 -3.05 -55.43
N GLY G 272 18.31 -3.80 -54.35
CA GLY G 272 18.11 -3.33 -52.97
C GLY G 272 16.66 -3.35 -52.52
N ILE G 273 15.71 -3.63 -53.42
CA ILE G 273 14.28 -3.83 -53.06
C ILE G 273 13.94 -5.32 -53.14
N LEU G 274 14.12 -5.92 -54.32
CA LEU G 274 13.88 -7.37 -54.56
C LEU G 274 15.23 -8.06 -54.62
N GLY G 275 15.46 -9.00 -53.72
CA GLY G 275 16.72 -9.78 -53.67
C GLY G 275 16.55 -11.12 -54.34
N TYR G 276 17.66 -11.80 -54.61
CA TYR G 276 17.64 -13.18 -55.18
C TYR G 276 18.70 -14.01 -54.48
N THR G 277 18.36 -15.24 -54.13
CA THR G 277 19.37 -16.17 -53.54
C THR G 277 19.10 -17.60 -53.99
N GLU G 278 20.16 -18.39 -54.10
CA GLU G 278 20.10 -19.86 -54.33
C GLU G 278 20.61 -20.56 -53.06
N HIS G 279 21.05 -19.81 -52.05
CA HIS G 279 21.64 -20.39 -50.81
C HIS G 279 20.55 -21.09 -49.99
N GLN G 280 20.99 -21.94 -49.06
CA GLN G 280 20.10 -22.81 -48.28
C GLN G 280 19.65 -22.04 -47.04
N VAL G 281 18.94 -20.95 -47.26
CA VAL G 281 18.67 -19.92 -46.23
C VAL G 281 17.47 -20.36 -45.41
N VAL G 282 17.46 -19.93 -44.15
CA VAL G 282 16.27 -20.00 -43.25
C VAL G 282 15.93 -18.58 -42.78
N SER G 283 14.85 -18.41 -42.03
CA SER G 283 14.28 -17.06 -41.74
C SER G 283 15.33 -16.16 -41.05
N SER G 284 16.04 -16.66 -40.04
CA SER G 284 16.94 -15.80 -39.23
C SER G 284 18.06 -15.27 -40.14
N ASP G 285 18.28 -15.90 -41.29
CA ASP G 285 19.26 -15.37 -42.29
C ASP G 285 18.83 -14.00 -42.85
N PHE G 286 17.56 -13.61 -42.71
CA PHE G 286 17.08 -12.31 -43.22
C PHE G 286 16.78 -11.35 -42.08
N ASN G 287 17.29 -11.62 -40.88
CA ASN G 287 17.08 -10.71 -39.73
C ASN G 287 17.91 -9.45 -39.98
N SER G 288 17.25 -8.30 -40.04
CA SER G 288 17.87 -6.95 -40.25
C SER G 288 18.27 -6.80 -41.71
N ASP G 289 17.70 -7.63 -42.59
CA ASP G 289 17.89 -7.51 -44.05
C ASP G 289 16.94 -6.42 -44.56
N THR G 290 17.48 -5.45 -45.31
CA THR G 290 16.76 -4.20 -45.68
C THR G 290 15.94 -4.38 -46.97
N HIS G 291 16.04 -5.51 -47.69
CA HIS G 291 15.22 -5.77 -48.91
C HIS G 291 13.73 -5.81 -48.54
N SER G 292 12.86 -5.46 -49.50
CA SER G 292 11.39 -5.66 -49.37
C SER G 292 11.07 -7.13 -49.54
N SER G 293 11.88 -7.85 -50.32
CA SER G 293 11.55 -9.18 -50.87
C SER G 293 12.86 -9.85 -51.30
N THR G 294 13.10 -11.08 -50.86
CA THR G 294 14.26 -11.86 -51.34
C THR G 294 13.77 -13.21 -51.82
N PHE G 295 13.79 -13.41 -53.14
CA PHE G 295 13.32 -14.65 -53.81
C PHE G 295 14.24 -15.80 -53.41
N ASP G 296 13.62 -16.89 -52.98
CA ASP G 296 14.31 -18.12 -52.53
C ASP G 296 14.22 -19.17 -53.64
N ALA G 297 15.26 -19.26 -54.48
CA ALA G 297 15.23 -20.13 -55.68
C ALA G 297 14.95 -21.58 -55.26
N GLY G 298 15.74 -22.14 -54.33
CA GLY G 298 15.65 -23.58 -53.94
C GLY G 298 14.36 -24.01 -53.27
N ALA G 299 13.60 -23.09 -52.67
CA ALA G 299 12.44 -23.43 -51.80
C ALA G 299 11.15 -23.58 -52.61
N GLY G 300 10.99 -22.83 -53.70
CA GLY G 300 9.76 -22.87 -54.52
C GLY G 300 9.70 -24.14 -55.37
N ILE G 301 8.56 -24.40 -55.99
CA ILE G 301 8.40 -25.63 -56.81
C ILE G 301 7.36 -25.37 -57.89
N ALA G 302 7.62 -25.87 -59.10
CA ALA G 302 6.68 -25.83 -60.23
C ALA G 302 6.03 -27.20 -60.43
N LEU G 303 4.73 -27.22 -60.69
CA LEU G 303 4.05 -28.46 -61.13
C LEU G 303 4.21 -28.59 -62.64
N ASN G 304 4.04 -27.49 -63.38
CA ASN G 304 4.20 -27.48 -64.86
C ASN G 304 4.66 -26.08 -65.29
N ASP G 305 4.62 -25.80 -66.59
CA ASP G 305 5.11 -24.50 -67.13
C ASP G 305 4.14 -23.37 -66.78
N HIS G 306 2.95 -23.66 -66.28
CA HIS G 306 1.88 -22.63 -66.11
C HIS G 306 1.37 -22.55 -64.67
N PHE G 307 2.03 -23.24 -63.74
CA PHE G 307 1.52 -23.36 -62.34
C PHE G 307 2.73 -23.53 -61.43
N VAL G 308 2.97 -22.55 -60.58
CA VAL G 308 4.24 -22.48 -59.80
C VAL G 308 3.90 -22.08 -58.37
N LYS G 309 4.82 -22.40 -57.48
CA LYS G 309 4.82 -21.93 -56.08
C LYS G 309 6.10 -21.15 -55.87
N LEU G 310 6.00 -19.85 -55.58
CA LEU G 310 7.19 -18.99 -55.42
C LEU G 310 7.28 -18.48 -53.98
N ILE G 311 8.51 -18.44 -53.49
CA ILE G 311 8.81 -18.22 -52.05
C ILE G 311 9.70 -17.00 -51.97
N SER G 312 9.29 -16.04 -51.15
CA SER G 312 10.11 -14.82 -50.94
C SER G 312 10.06 -14.39 -49.48
N TRP G 313 11.22 -14.14 -48.91
CA TRP G 313 11.43 -13.76 -47.49
C TRP G 313 11.35 -12.25 -47.33
N TYR G 314 10.89 -11.81 -46.18
CA TYR G 314 10.97 -10.38 -45.83
C TYR G 314 11.05 -10.20 -44.33
N ASP G 315 12.03 -9.41 -43.92
CA ASP G 315 12.06 -8.86 -42.55
C ASP G 315 10.93 -7.84 -42.47
N ASN G 316 9.80 -8.24 -41.85
CA ASN G 316 8.56 -7.44 -41.81
C ASN G 316 8.82 -6.14 -41.07
N GLU G 317 9.83 -6.09 -40.20
CA GLU G 317 10.19 -4.88 -39.43
C GLU G 317 11.19 -4.00 -40.21
N PHE G 318 12.34 -4.54 -40.61
CA PHE G 318 13.48 -3.73 -41.10
C PHE G 318 13.32 -3.40 -42.58
N GLY G 319 12.81 -4.33 -43.38
CA GLY G 319 12.52 -4.12 -44.82
C GLY G 319 11.52 -2.98 -45.00
N TYR G 320 10.39 -3.06 -44.31
CA TYR G 320 9.29 -2.07 -44.40
C TYR G 320 9.77 -0.69 -43.94
N SER G 321 10.47 -0.62 -42.80
CA SER G 321 10.96 0.65 -42.20
C SER G 321 11.91 1.35 -43.16
N ASN G 322 12.80 0.61 -43.81
CA ASN G 322 13.77 1.16 -44.80
C ASN G 322 13.04 1.69 -46.04
N ARG G 323 11.89 1.12 -46.40
CA ARG G 323 11.13 1.61 -47.58
C ARG G 323 10.39 2.90 -47.20
N VAL G 324 9.97 3.04 -45.95
CA VAL G 324 9.29 4.29 -45.50
C VAL G 324 10.28 5.45 -45.66
N VAL G 325 11.57 5.19 -45.35
CA VAL G 325 12.66 6.19 -45.54
C VAL G 325 12.90 6.38 -47.04
N ASP G 326 12.98 5.30 -47.81
CA ASP G 326 13.26 5.36 -49.27
C ASP G 326 12.18 6.16 -50.00
N LEU G 327 10.91 6.02 -49.60
CA LEU G 327 9.80 6.77 -50.21
C LEU G 327 9.96 8.27 -49.91
N MET G 328 10.13 8.62 -48.62
CA MET G 328 10.27 10.04 -48.21
C MET G 328 11.44 10.68 -48.98
N ALA G 329 12.51 9.95 -49.30
CA ALA G 329 13.65 10.51 -50.04
C ALA G 329 13.23 10.76 -51.49
N HIS G 330 12.40 9.89 -52.06
CA HIS G 330 11.90 10.07 -53.45
C HIS G 330 10.96 11.27 -53.50
N MET G 331 9.97 11.33 -52.60
CA MET G 331 9.07 12.50 -52.45
C MET G 331 9.92 13.78 -52.46
N ALA G 332 10.94 13.84 -51.61
CA ALA G 332 11.76 15.06 -51.38
C ALA G 332 12.63 15.37 -52.61
N SER G 333 13.03 14.36 -53.39
CA SER G 333 13.80 14.55 -54.65
C SER G 333 12.90 15.20 -55.71
N LYS G 334 11.58 15.00 -55.60
CA LYS G 334 10.59 15.44 -56.61
C LYS G 334 9.94 16.76 -56.18
N GLU G 335 10.31 17.31 -55.03
CA GLU G 335 9.83 18.67 -54.64
C GLU G 335 10.56 19.69 -55.52
N LYS H 3 -7.91 -57.35 -30.70
CA LYS H 3 -7.90 -58.81 -31.05
C LYS H 3 -6.54 -59.24 -31.63
N VAL H 4 -6.16 -58.72 -32.81
CA VAL H 4 -4.86 -59.07 -33.45
C VAL H 4 -3.72 -58.59 -32.54
N LYS H 5 -2.68 -59.41 -32.42
CA LYS H 5 -1.59 -59.19 -31.43
C LYS H 5 -0.42 -58.51 -32.12
N VAL H 6 -0.08 -57.31 -31.68
CA VAL H 6 0.82 -56.39 -32.43
C VAL H 6 2.17 -56.30 -31.72
N GLY H 7 3.22 -56.28 -32.54
CA GLY H 7 4.58 -55.94 -32.12
C GLY H 7 4.98 -54.60 -32.71
N VAL H 8 5.75 -53.81 -31.95
CA VAL H 8 6.25 -52.50 -32.43
C VAL H 8 7.76 -52.52 -32.48
N ASN H 9 8.34 -52.20 -33.64
CA ASN H 9 9.80 -51.97 -33.76
C ASN H 9 10.05 -50.47 -33.64
N GLY H 10 10.76 -50.08 -32.59
CA GLY H 10 11.17 -48.68 -32.33
C GLY H 10 10.19 -47.97 -31.42
N PHE H 11 10.64 -47.57 -30.24
CA PHE H 11 9.83 -46.81 -29.25
C PHE H 11 10.12 -45.31 -29.41
N GLY H 12 10.17 -44.80 -30.65
CA GLY H 12 10.21 -43.36 -30.96
C GLY H 12 8.88 -42.70 -30.69
N ARG H 13 8.72 -41.43 -31.11
CA ARG H 13 7.43 -40.69 -31.04
C ARG H 13 6.31 -41.59 -31.57
N ILE H 14 6.49 -42.17 -32.76
CA ILE H 14 5.40 -42.94 -33.43
C ILE H 14 5.14 -44.23 -32.65
N GLY H 15 6.20 -44.93 -32.24
CA GLY H 15 6.09 -46.21 -31.52
C GLY H 15 5.28 -46.05 -30.24
N ARG H 16 5.55 -44.99 -29.49
CA ARG H 16 4.92 -44.82 -28.15
C ARG H 16 3.47 -44.43 -28.36
N LEU H 17 3.20 -43.56 -29.34
CA LEU H 17 1.84 -43.00 -29.50
C LEU H 17 0.95 -44.03 -30.22
N VAL H 18 1.52 -44.82 -31.14
CA VAL H 18 0.82 -46.01 -31.72
C VAL H 18 0.44 -46.93 -30.56
N THR H 19 1.40 -47.23 -29.69
CA THR H 19 1.20 -48.06 -28.48
C THR H 19 0.13 -47.40 -27.60
N ARG H 20 0.21 -46.08 -27.42
CA ARG H 20 -0.72 -45.32 -26.54
C ARG H 20 -2.14 -45.39 -27.14
N ALA H 21 -2.27 -45.17 -28.45
CA ALA H 21 -3.59 -45.16 -29.14
C ALA H 21 -4.18 -46.57 -29.11
N ALA H 22 -3.35 -47.61 -29.16
CA ALA H 22 -3.81 -49.01 -29.10
C ALA H 22 -4.61 -49.18 -27.81
N PHE H 23 -4.03 -48.88 -26.65
CA PHE H 23 -4.69 -49.16 -25.35
C PHE H 23 -5.93 -48.27 -25.24
N ASN H 24 -5.86 -47.03 -25.73
CA ASN H 24 -6.98 -46.05 -25.59
C ASN H 24 -8.18 -46.51 -26.44
N SER H 25 -7.94 -47.12 -27.60
CA SER H 25 -9.02 -47.50 -28.54
C SER H 25 -9.40 -48.99 -28.39
N GLY H 26 -8.52 -49.82 -27.83
CA GLY H 26 -8.78 -51.26 -27.63
C GLY H 26 -8.86 -52.06 -28.93
N LYS H 27 -8.63 -51.44 -30.08
CA LYS H 27 -8.84 -52.07 -31.40
C LYS H 27 -7.81 -53.19 -31.61
N VAL H 28 -6.61 -53.07 -31.04
CA VAL H 28 -5.57 -54.13 -31.19
C VAL H 28 -4.88 -54.34 -29.84
N ASP H 29 -4.02 -55.33 -29.77
CA ASP H 29 -3.39 -55.76 -28.50
C ASP H 29 -1.89 -55.70 -28.71
N ILE H 30 -1.21 -54.82 -28.01
CA ILE H 30 0.27 -54.72 -28.15
C ILE H 30 0.87 -55.82 -27.31
N VAL H 31 1.81 -56.57 -27.85
CA VAL H 31 2.41 -57.66 -27.03
C VAL H 31 3.93 -57.66 -27.17
N ALA H 32 4.49 -56.86 -28.06
CA ALA H 32 5.96 -56.77 -28.12
C ALA H 32 6.40 -55.40 -28.64
N ILE H 33 7.50 -54.96 -28.06
CA ILE H 33 8.23 -53.75 -28.48
C ILE H 33 9.67 -54.19 -28.63
N ASN H 34 10.32 -53.83 -29.73
CA ASN H 34 11.78 -53.99 -29.82
C ASN H 34 12.37 -52.60 -29.94
N ASP H 35 13.26 -52.22 -29.04
CA ASP H 35 14.09 -51.03 -29.24
C ASP H 35 15.45 -51.33 -28.65
N PRO H 36 16.60 -51.15 -29.35
CA PRO H 36 17.85 -51.46 -28.69
C PRO H 36 18.60 -50.31 -28.02
N PHE H 37 18.11 -49.07 -28.03
CA PHE H 37 18.78 -47.94 -27.35
C PHE H 37 18.01 -47.55 -26.09
N ILE H 38 16.89 -48.21 -25.81
CA ILE H 38 15.94 -47.79 -24.75
C ILE H 38 15.63 -49.00 -23.86
N ASP H 39 16.30 -49.09 -22.70
CA ASP H 39 16.11 -50.17 -21.69
C ASP H 39 14.69 -50.12 -21.13
N LEU H 40 14.25 -51.22 -20.52
CA LEU H 40 12.87 -51.39 -20.02
C LEU H 40 12.52 -50.26 -19.05
N ASN H 41 13.40 -49.96 -18.08
CA ASN H 41 13.12 -48.89 -17.09
C ASN H 41 12.87 -47.57 -17.84
N TYR H 42 13.68 -47.27 -18.85
CA TYR H 42 13.59 -46.00 -19.61
C TYR H 42 12.26 -45.99 -20.37
N MET H 43 11.81 -47.16 -20.83
CA MET H 43 10.55 -47.30 -21.58
C MET H 43 9.37 -46.93 -20.67
N VAL H 44 9.41 -47.32 -19.39
CA VAL H 44 8.33 -46.95 -18.43
C VAL H 44 8.20 -45.42 -18.47
N TYR H 45 9.31 -44.73 -18.19
CA TYR H 45 9.37 -43.25 -18.06
C TYR H 45 8.93 -42.58 -19.38
N MET H 46 9.48 -43.00 -20.50
CA MET H 46 9.21 -42.34 -21.82
C MET H 46 7.74 -42.51 -22.20
N PHE H 47 7.10 -43.61 -21.81
CA PHE H 47 5.67 -43.86 -22.14
C PHE H 47 4.79 -43.17 -21.10
N GLN H 48 5.22 -43.14 -19.85
CA GLN H 48 4.41 -42.55 -18.75
C GLN H 48 4.32 -41.04 -18.96
N TYR H 49 5.43 -40.38 -19.26
CA TYR H 49 5.50 -38.90 -19.38
C TYR H 49 5.60 -38.52 -20.85
N ASP H 50 4.73 -37.61 -21.28
CA ASP H 50 4.80 -37.05 -22.64
C ASP H 50 4.60 -35.55 -22.55
N SER H 51 5.56 -34.78 -23.02
CA SER H 51 5.49 -33.30 -22.99
C SER H 51 4.30 -32.82 -23.82
N THR H 52 4.01 -33.49 -24.94
CA THR H 52 2.97 -33.04 -25.89
C THR H 52 1.60 -33.54 -25.43
N HIS H 53 1.49 -34.81 -25.01
CA HIS H 53 0.15 -35.42 -24.82
C HIS H 53 -0.20 -35.66 -23.35
N GLY H 54 0.58 -35.11 -22.41
CA GLY H 54 0.31 -35.23 -20.97
C GLY H 54 0.57 -36.64 -20.48
N LYS H 55 0.45 -36.83 -19.17
CA LYS H 55 0.78 -38.10 -18.50
C LYS H 55 -0.22 -39.18 -18.92
N PHE H 56 0.26 -40.38 -19.26
CA PHE H 56 -0.57 -41.52 -19.69
C PHE H 56 -1.70 -41.74 -18.68
N HIS H 57 -2.95 -41.72 -19.13
CA HIS H 57 -4.13 -41.98 -18.26
C HIS H 57 -4.27 -43.50 -18.11
N GLY H 58 -3.74 -44.06 -17.03
CA GLY H 58 -3.62 -45.53 -16.85
C GLY H 58 -2.37 -45.90 -16.07
N THR H 59 -1.99 -47.18 -16.12
CA THR H 59 -0.87 -47.71 -15.31
C THR H 59 0.24 -48.17 -16.25
N VAL H 60 1.47 -47.94 -15.86
CA VAL H 60 2.65 -48.46 -16.60
C VAL H 60 3.74 -48.75 -15.58
N LYS H 61 4.31 -49.95 -15.63
CA LYS H 61 5.32 -50.41 -14.65
C LYS H 61 6.20 -51.42 -15.36
N ALA H 62 7.45 -51.55 -14.90
CA ALA H 62 8.37 -52.65 -15.28
C ALA H 62 8.20 -53.77 -14.27
N GLU H 63 7.79 -54.95 -14.72
CA GLU H 63 7.45 -56.08 -13.83
C GLU H 63 8.03 -57.36 -14.44
N ASN H 64 9.02 -57.94 -13.78
CA ASN H 64 9.58 -59.28 -14.12
C ASN H 64 10.10 -59.25 -15.57
N GLY H 65 10.76 -58.16 -15.96
CA GLY H 65 11.39 -58.04 -17.29
C GLY H 65 10.38 -57.69 -18.37
N LYS H 66 9.11 -57.46 -18.04
CA LYS H 66 8.10 -56.99 -19.03
C LYS H 66 7.77 -55.51 -18.87
N LEU H 67 7.11 -54.97 -19.89
CA LEU H 67 6.44 -53.66 -19.80
C LEU H 67 4.96 -53.90 -19.56
N VAL H 68 4.45 -53.50 -18.41
CA VAL H 68 3.05 -53.83 -18.04
C VAL H 68 2.24 -52.53 -18.11
N ILE H 69 1.36 -52.45 -19.11
CA ILE H 69 0.52 -51.25 -19.40
C ILE H 69 -0.94 -51.64 -19.18
N ASN H 70 -1.58 -51.04 -18.18
CA ASN H 70 -2.99 -51.32 -17.81
C ASN H 70 -3.14 -52.80 -17.45
N GLY H 71 -2.06 -53.47 -17.05
CA GLY H 71 -2.04 -54.88 -16.63
C GLY H 71 -1.56 -55.82 -17.73
N ASN H 72 -1.47 -55.37 -18.98
CA ASN H 72 -1.12 -56.26 -20.12
C ASN H 72 0.40 -56.33 -20.23
N PRO H 73 1.04 -57.46 -19.87
CA PRO H 73 2.50 -57.54 -19.95
C PRO H 73 2.99 -57.56 -21.41
N ILE H 74 4.02 -56.79 -21.73
CA ILE H 74 4.54 -56.68 -23.12
C ILE H 74 5.97 -57.22 -23.14
N THR H 75 6.31 -58.00 -24.17
CA THR H 75 7.67 -58.57 -24.32
C THR H 75 8.58 -57.49 -24.89
N ILE H 76 9.73 -57.32 -24.26
CA ILE H 76 10.70 -56.26 -24.64
C ILE H 76 11.90 -56.93 -25.30
N PHE H 77 12.28 -56.44 -26.49
CA PHE H 77 13.50 -56.85 -27.20
C PHE H 77 14.46 -55.66 -27.31
N GLN H 78 15.75 -55.97 -27.39
CA GLN H 78 16.86 -54.99 -27.54
C GLN H 78 17.66 -55.40 -28.77
N GLU H 79 17.00 -55.59 -29.91
CA GLU H 79 17.58 -56.25 -31.11
C GLU H 79 17.92 -55.22 -32.19
N ARG H 80 19.21 -54.93 -32.36
CA ARG H 80 19.72 -53.95 -33.36
C ARG H 80 19.37 -54.39 -34.79
N ASP H 81 19.07 -55.68 -35.01
CA ASP H 81 18.90 -56.26 -36.36
C ASP H 81 17.53 -56.94 -36.50
N PRO H 82 16.65 -56.47 -37.42
CA PRO H 82 15.27 -56.96 -37.43
C PRO H 82 15.07 -58.44 -37.76
N SER H 83 15.95 -59.01 -38.58
CA SER H 83 15.90 -60.46 -38.92
C SER H 83 15.93 -61.24 -37.60
N LYS H 84 16.57 -60.66 -36.57
CA LYS H 84 16.85 -61.36 -35.29
C LYS H 84 15.80 -61.05 -34.22
N ILE H 85 14.58 -60.63 -34.56
CA ILE H 85 13.55 -60.38 -33.51
C ILE H 85 12.49 -61.49 -33.57
N LYS H 86 12.33 -62.21 -32.46
CA LYS H 86 11.47 -63.42 -32.35
C LYS H 86 10.01 -62.99 -32.13
N TRP H 87 9.43 -62.27 -33.09
CA TRP H 87 8.05 -61.72 -32.96
C TRP H 87 7.06 -62.87 -32.75
N GLY H 88 7.30 -63.99 -33.44
CA GLY H 88 6.43 -65.18 -33.36
C GLY H 88 6.35 -65.74 -31.95
N ASP H 89 7.50 -65.94 -31.31
CA ASP H 89 7.57 -66.50 -29.93
C ASP H 89 6.67 -65.65 -29.04
N ALA H 90 6.77 -64.33 -29.15
CA ALA H 90 6.02 -63.37 -28.29
C ALA H 90 4.54 -63.34 -28.69
N GLY H 91 4.24 -63.84 -29.91
CA GLY H 91 2.88 -64.00 -30.42
C GLY H 91 2.39 -62.77 -31.17
N ALA H 92 3.27 -61.96 -31.74
CA ALA H 92 2.87 -60.73 -32.46
C ALA H 92 2.48 -61.07 -33.90
N GLU H 93 1.17 -61.04 -34.18
CA GLU H 93 0.60 -61.23 -35.54
C GLU H 93 1.16 -60.18 -36.49
N TYR H 94 1.00 -58.90 -36.14
CA TYR H 94 1.41 -57.77 -37.01
C TYR H 94 2.59 -57.07 -36.37
N VAL H 95 3.49 -56.58 -37.20
CA VAL H 95 4.57 -55.70 -36.69
C VAL H 95 4.44 -54.31 -37.28
N VAL H 96 4.57 -53.32 -36.42
CA VAL H 96 4.65 -51.90 -36.86
C VAL H 96 6.12 -51.56 -36.98
N GLU H 97 6.52 -51.04 -38.13
CA GLU H 97 7.95 -50.80 -38.42
C GLU H 97 8.14 -49.29 -38.34
N SER H 98 8.57 -48.78 -37.18
CA SER H 98 8.51 -47.31 -36.94
C SER H 98 9.88 -46.69 -36.72
N THR H 99 10.97 -47.36 -37.10
CA THR H 99 12.32 -46.80 -36.85
C THR H 99 12.60 -45.74 -37.89
N GLY H 100 11.91 -45.80 -39.03
CA GLY H 100 12.17 -44.88 -40.16
C GLY H 100 13.43 -45.23 -40.94
N VAL H 101 14.07 -46.36 -40.72
CA VAL H 101 15.29 -46.75 -41.52
C VAL H 101 15.04 -48.03 -42.28
N PHE H 102 13.87 -48.63 -42.14
CA PHE H 102 13.56 -49.94 -42.75
C PHE H 102 12.30 -49.78 -43.57
N THR H 103 12.33 -48.87 -44.54
CA THR H 103 11.09 -48.45 -45.22
C THR H 103 10.94 -49.16 -46.57
N THR H 104 12.02 -49.70 -47.10
CA THR H 104 12.00 -50.47 -48.37
C THR H 104 11.51 -51.89 -48.09
N MET H 105 10.88 -52.52 -49.07
CA MET H 105 10.29 -53.88 -48.91
C MET H 105 11.34 -54.90 -48.45
N GLU H 106 12.58 -54.76 -48.90
CA GLU H 106 13.69 -55.67 -48.51
C GLU H 106 13.86 -55.60 -46.98
N LYS H 107 14.23 -54.43 -46.45
CA LYS H 107 14.63 -54.26 -45.03
C LYS H 107 13.41 -54.55 -44.14
N ALA H 108 12.24 -54.08 -44.53
CA ALA H 108 11.00 -54.24 -43.73
C ALA H 108 10.68 -55.73 -43.58
N GLY H 109 10.99 -56.53 -44.61
CA GLY H 109 10.63 -57.97 -44.72
C GLY H 109 11.25 -58.78 -43.60
N ALA H 110 12.40 -58.35 -43.07
CA ALA H 110 13.16 -59.07 -42.03
C ALA H 110 12.25 -59.48 -40.86
N HIS H 111 11.22 -58.69 -40.54
CA HIS H 111 10.26 -59.00 -39.44
C HIS H 111 9.54 -60.33 -39.72
N LEU H 112 9.56 -60.83 -40.96
CA LEU H 112 8.90 -62.12 -41.28
C LEU H 112 9.83 -63.26 -40.85
N GLN H 113 11.15 -63.07 -40.95
CA GLN H 113 12.13 -64.08 -40.48
C GLN H 113 11.86 -64.42 -39.02
N GLY H 114 11.65 -63.41 -38.18
CA GLY H 114 11.38 -63.57 -36.73
C GLY H 114 10.08 -64.31 -36.46
N GLY H 115 9.19 -64.39 -37.46
CA GLY H 115 7.95 -65.18 -37.37
C GLY H 115 6.71 -64.31 -37.53
N ALA H 116 6.84 -62.99 -37.65
CA ALA H 116 5.67 -62.11 -37.89
C ALA H 116 5.07 -62.47 -39.26
N LYS H 117 3.76 -62.31 -39.44
CA LYS H 117 3.14 -62.58 -40.76
C LYS H 117 2.98 -61.30 -41.57
N ARG H 118 2.70 -60.16 -40.93
CA ARG H 118 2.53 -58.89 -41.68
C ARG H 118 3.36 -57.77 -41.06
N VAL H 119 3.70 -56.79 -41.89
CA VAL H 119 4.50 -55.61 -41.48
C VAL H 119 3.80 -54.36 -41.99
N ILE H 120 3.40 -53.48 -41.07
CA ILE H 120 2.88 -52.13 -41.42
C ILE H 120 4.03 -51.14 -41.25
N ILE H 121 4.36 -50.43 -42.32
CA ILE H 121 5.43 -49.40 -42.30
C ILE H 121 4.79 -48.05 -42.02
N SER H 122 5.12 -47.46 -40.86
CA SER H 122 4.61 -46.15 -40.40
C SER H 122 5.40 -45.03 -41.07
N ALA H 123 5.50 -45.05 -42.40
CA ALA H 123 6.23 -44.05 -43.20
C ALA H 123 6.04 -44.32 -44.69
N PRO H 124 6.19 -43.33 -45.59
CA PRO H 124 6.23 -43.60 -47.02
C PRO H 124 7.30 -44.64 -47.38
N SER H 125 7.01 -45.41 -48.42
CA SER H 125 7.91 -46.49 -48.92
C SER H 125 8.10 -46.32 -50.42
N ALA H 126 9.35 -46.37 -50.86
CA ALA H 126 9.73 -46.44 -52.29
C ALA H 126 8.83 -47.44 -53.02
N ASP H 127 8.67 -48.66 -52.48
CA ASP H 127 8.11 -49.80 -53.26
C ASP H 127 7.00 -50.54 -52.50
N ALA H 128 6.97 -50.52 -51.16
CA ALA H 128 5.86 -51.14 -50.43
C ALA H 128 4.58 -50.39 -50.79
N PRO H 129 3.44 -51.09 -50.96
CA PRO H 129 2.18 -50.44 -51.25
C PRO H 129 1.71 -49.51 -50.11
N MET H 130 1.29 -48.29 -50.44
CA MET H 130 0.90 -47.28 -49.43
C MET H 130 -0.63 -47.22 -49.36
N PHE H 131 -1.18 -47.03 -48.16
CA PHE H 131 -2.63 -46.91 -47.94
C PHE H 131 -2.95 -45.72 -47.03
N VAL H 132 -4.11 -45.12 -47.25
CA VAL H 132 -4.65 -44.04 -46.40
C VAL H 132 -6.09 -44.41 -46.01
N MET H 133 -6.30 -44.58 -44.71
CA MET H 133 -7.66 -44.93 -44.23
C MET H 133 -8.61 -43.91 -44.81
N GLY H 134 -9.74 -44.40 -45.32
CA GLY H 134 -10.82 -43.58 -45.85
C GLY H 134 -10.58 -43.23 -47.29
N VAL H 135 -9.48 -43.68 -47.88
CA VAL H 135 -9.19 -43.31 -49.28
C VAL H 135 -8.95 -44.54 -50.15
N ASN H 136 -8.10 -45.47 -49.74
CA ASN H 136 -7.93 -46.72 -50.52
C ASN H 136 -7.67 -47.89 -49.57
N HIS H 137 -8.24 -47.89 -48.37
CA HIS H 137 -7.99 -49.00 -47.42
C HIS H 137 -8.74 -50.27 -47.88
N GLU H 138 -9.87 -50.13 -48.55
CA GLU H 138 -10.58 -51.32 -49.08
C GLU H 138 -9.72 -51.98 -50.16
N LYS H 139 -8.83 -51.24 -50.81
CA LYS H 139 -7.97 -51.82 -51.86
C LYS H 139 -6.96 -52.77 -51.23
N TYR H 140 -7.03 -53.00 -49.93
CA TYR H 140 -6.10 -53.95 -49.29
C TYR H 140 -6.69 -55.37 -49.24
N ASP H 141 -5.83 -56.36 -49.52
CA ASP H 141 -6.19 -57.80 -49.50
C ASP H 141 -5.11 -58.67 -48.84
N ASN H 142 -5.52 -59.88 -48.45
CA ASN H 142 -4.71 -60.84 -47.65
C ASN H 142 -3.40 -61.20 -48.38
N SER H 143 -3.29 -60.98 -49.69
CA SER H 143 -2.05 -61.32 -50.43
C SER H 143 -0.88 -60.44 -49.93
N LEU H 144 -1.16 -59.19 -49.55
CA LEU H 144 -0.09 -58.22 -49.16
C LEU H 144 0.37 -58.53 -47.73
N LYS H 145 1.68 -58.66 -47.54
CA LYS H 145 2.29 -58.91 -46.20
C LYS H 145 3.21 -57.76 -45.79
N ILE H 146 3.55 -56.85 -46.70
CA ILE H 146 4.40 -55.67 -46.38
C ILE H 146 3.68 -54.42 -46.91
N ILE H 147 3.16 -53.61 -45.99
CA ILE H 147 2.28 -52.43 -46.29
C ILE H 147 2.85 -51.18 -45.63
N SER H 148 2.58 -50.03 -46.22
CA SER H 148 2.91 -48.71 -45.65
C SER H 148 1.62 -47.95 -45.33
N ASN H 149 1.63 -47.12 -44.29
CA ASN H 149 0.46 -46.28 -43.98
C ASN H 149 0.74 -44.83 -44.39
N ALA H 150 1.70 -44.63 -45.30
CA ALA H 150 2.04 -43.32 -45.91
C ALA H 150 2.58 -42.36 -44.84
N SER H 151 2.42 -41.08 -45.09
CA SER H 151 3.01 -40.02 -44.25
C SER H 151 1.85 -39.32 -43.59
N CYS H 152 2.11 -38.66 -42.47
CA CYS H 152 1.03 -37.96 -41.74
C CYS H 152 0.45 -36.88 -42.64
N THR H 153 1.31 -36.26 -43.43
CA THR H 153 0.90 -35.18 -44.33
C THR H 153 0.01 -35.75 -45.43
N THR H 154 0.44 -36.81 -46.09
CA THR H 154 -0.39 -37.49 -47.13
C THR H 154 -1.75 -37.85 -46.50
N ASN H 155 -1.76 -38.33 -45.26
CA ASN H 155 -3.01 -38.73 -44.56
C ASN H 155 -3.86 -37.50 -44.24
N CYS H 156 -3.30 -36.29 -44.31
CA CYS H 156 -4.11 -35.05 -44.10
C CYS H 156 -4.62 -34.57 -45.46
N LEU H 157 -3.78 -34.60 -46.48
CA LEU H 157 -4.13 -34.05 -47.80
C LEU H 157 -5.08 -35.03 -48.53
N ALA H 158 -4.86 -36.33 -48.42
CA ALA H 158 -5.57 -37.31 -49.28
C ALA H 158 -7.08 -37.26 -49.03
N PRO H 159 -7.58 -37.43 -47.78
CA PRO H 159 -9.03 -37.43 -47.54
C PRO H 159 -9.73 -36.15 -48.02
N LEU H 160 -9.00 -35.03 -48.02
CA LEU H 160 -9.54 -33.75 -48.50
C LEU H 160 -9.51 -33.74 -50.03
N ALA H 161 -8.40 -34.13 -50.64
CA ALA H 161 -8.24 -34.16 -52.11
C ALA H 161 -9.36 -35.04 -52.65
N LYS H 162 -9.57 -36.20 -52.01
CA LYS H 162 -10.56 -37.19 -52.47
C LYS H 162 -11.93 -36.53 -52.55
N VAL H 163 -12.34 -35.83 -51.49
CA VAL H 163 -13.71 -35.27 -51.41
C VAL H 163 -13.82 -34.19 -52.48
N ILE H 164 -12.78 -33.37 -52.61
CA ILE H 164 -12.84 -32.21 -53.53
C ILE H 164 -12.89 -32.74 -54.96
N HIS H 165 -12.05 -33.71 -55.25
CA HIS H 165 -11.92 -34.28 -56.61
C HIS H 165 -13.18 -35.07 -56.97
N ASP H 166 -13.77 -35.78 -56.00
CA ASP H 166 -15.02 -36.53 -56.22
C ASP H 166 -16.12 -35.58 -56.74
N ASN H 167 -16.32 -34.45 -56.07
CA ASN H 167 -17.46 -33.54 -56.38
C ASN H 167 -17.09 -32.52 -57.46
N PHE H 168 -15.96 -31.88 -57.31
CA PHE H 168 -15.43 -30.94 -58.31
C PHE H 168 -14.27 -31.75 -58.80
N GLY H 169 -13.65 -31.48 -59.93
CA GLY H 169 -12.48 -32.29 -60.28
C GLY H 169 -11.25 -31.45 -60.08
N ILE H 170 -10.18 -32.01 -59.55
CA ILE H 170 -8.94 -31.21 -59.39
C ILE H 170 -8.15 -31.26 -60.69
N VAL H 171 -8.09 -30.14 -61.38
CA VAL H 171 -7.23 -29.98 -62.59
C VAL H 171 -5.78 -30.10 -62.13
N GLU H 172 -5.41 -29.30 -61.13
CA GLU H 172 -4.04 -29.29 -60.55
C GLU H 172 -4.03 -28.61 -59.17
N GLY H 173 -3.05 -28.95 -58.34
CA GLY H 173 -2.90 -28.39 -56.98
C GLY H 173 -1.45 -28.28 -56.54
N LEU H 174 -1.16 -27.25 -55.74
CA LEU H 174 0.15 -27.04 -55.08
C LEU H 174 -0.10 -26.88 -53.59
N MET H 175 0.59 -27.66 -52.79
CA MET H 175 0.32 -27.78 -51.33
C MET H 175 1.52 -27.23 -50.57
N THR H 176 1.24 -26.36 -49.60
CA THR H 176 2.20 -25.97 -48.55
C THR H 176 1.72 -26.58 -47.24
N THR H 177 2.60 -27.27 -46.52
CA THR H 177 2.29 -27.69 -45.13
C THR H 177 3.15 -26.85 -44.20
N VAL H 178 2.51 -26.16 -43.27
CA VAL H 178 3.17 -25.46 -42.12
C VAL H 178 3.18 -26.47 -40.98
N HIS H 179 4.38 -26.96 -40.67
CA HIS H 179 4.60 -28.24 -39.94
C HIS H 179 5.33 -27.99 -38.61
N ALA H 180 4.86 -28.64 -37.56
CA ALA H 180 5.53 -28.65 -36.24
C ALA H 180 6.92 -29.28 -36.37
N ILE H 181 7.80 -28.92 -35.45
CA ILE H 181 9.18 -29.46 -35.43
C ILE H 181 9.08 -30.96 -35.17
N THR H 182 10.07 -31.68 -35.65
CA THR H 182 10.16 -33.15 -35.51
C THR H 182 11.50 -33.51 -34.88
N ALA H 183 11.66 -34.79 -34.53
CA ALA H 183 12.89 -35.35 -33.92
C ALA H 183 14.11 -35.20 -34.83
N THR H 184 13.96 -35.00 -36.15
CA THR H 184 15.13 -34.94 -37.08
C THR H 184 15.78 -33.56 -37.01
N GLN H 185 15.11 -32.56 -36.42
CA GLN H 185 15.63 -31.16 -36.39
C GLN H 185 16.51 -30.96 -35.17
N LYS H 186 17.18 -29.81 -35.10
CA LYS H 186 18.18 -29.50 -34.07
C LYS H 186 17.69 -28.36 -33.18
N THR H 187 18.16 -28.33 -31.94
CA THR H 187 17.87 -27.24 -30.95
C THR H 187 18.64 -25.97 -31.35
N VAL H 188 19.86 -26.12 -31.86
CA VAL H 188 20.72 -25.00 -32.37
C VAL H 188 21.32 -25.47 -33.68
N ASP H 189 21.90 -24.54 -34.41
CA ASP H 189 22.55 -24.80 -35.72
C ASP H 189 23.47 -26.01 -35.55
N GLY H 190 23.15 -27.15 -36.20
CA GLY H 190 23.93 -28.39 -36.12
C GLY H 190 24.01 -29.16 -37.44
N PRO H 191 24.77 -30.28 -37.48
CA PRO H 191 25.01 -31.05 -38.72
C PRO H 191 23.80 -31.84 -39.25
N SER H 192 23.44 -31.56 -40.50
CA SER H 192 22.39 -32.29 -41.26
C SER H 192 22.90 -32.41 -42.69
N GLY H 193 23.91 -33.25 -42.90
CA GLY H 193 24.84 -33.21 -44.05
C GLY H 193 24.12 -33.20 -45.39
N LYS H 194 22.97 -33.86 -45.51
CA LYS H 194 22.24 -34.03 -46.79
C LYS H 194 21.16 -32.93 -46.97
N LEU H 195 20.75 -32.27 -45.88
CA LEU H 195 19.60 -31.33 -45.86
C LEU H 195 19.99 -30.15 -45.00
N TRP H 196 20.76 -29.22 -45.56
CA TRP H 196 21.47 -28.18 -44.80
C TRP H 196 20.46 -27.38 -43.99
N ARG H 197 19.32 -27.04 -44.59
CA ARG H 197 18.30 -26.22 -43.90
C ARG H 197 17.77 -26.95 -42.67
N ASP H 198 17.51 -28.26 -42.73
CA ASP H 198 16.94 -28.93 -41.52
C ASP H 198 17.96 -28.93 -40.38
N GLY H 199 19.17 -28.43 -40.58
CA GLY H 199 20.20 -28.39 -39.52
C GLY H 199 20.08 -27.13 -38.69
N ARG H 200 19.39 -26.13 -39.23
CA ARG H 200 19.37 -24.80 -38.59
C ARG H 200 18.45 -24.87 -37.38
N GLY H 201 18.79 -24.11 -36.33
CA GLY H 201 18.07 -24.14 -35.05
C GLY H 201 16.56 -24.07 -35.24
N ALA H 202 15.83 -25.01 -34.64
CA ALA H 202 14.39 -25.21 -34.89
C ALA H 202 13.56 -24.22 -34.07
N LEU H 203 14.05 -23.76 -32.93
CA LEU H 203 13.38 -22.72 -32.10
C LEU H 203 13.46 -21.34 -32.79
N GLN H 204 14.53 -21.07 -33.53
CA GLN H 204 14.78 -19.74 -34.12
C GLN H 204 14.08 -19.53 -35.46
N ASN H 205 13.80 -20.58 -36.21
CA ASN H 205 13.70 -20.41 -37.68
C ASN H 205 12.37 -20.94 -38.22
N ILE H 206 11.85 -20.24 -39.21
CA ILE H 206 10.96 -20.87 -40.23
C ILE H 206 11.88 -21.56 -41.22
N ILE H 207 11.70 -22.86 -41.43
CA ILE H 207 12.63 -23.67 -42.27
C ILE H 207 11.89 -24.26 -43.46
N PRO H 208 12.21 -23.82 -44.70
CA PRO H 208 11.61 -24.42 -45.89
C PRO H 208 12.14 -25.85 -46.05
N ALA H 209 11.30 -26.76 -46.52
CA ALA H 209 11.64 -28.18 -46.64
C ALA H 209 10.92 -28.80 -47.85
N SER H 210 11.61 -29.72 -48.48
CA SER H 210 11.04 -30.60 -49.53
C SER H 210 10.13 -31.62 -48.86
N THR H 211 9.06 -31.99 -49.53
CA THR H 211 8.20 -33.13 -49.13
C THR H 211 7.61 -33.74 -50.40
N GLY H 212 7.30 -35.03 -50.32
CA GLY H 212 6.70 -35.81 -51.40
C GLY H 212 5.27 -36.14 -51.04
N ALA H 213 4.77 -35.66 -49.91
CA ALA H 213 3.42 -35.99 -49.41
C ALA H 213 2.35 -35.62 -50.45
N ALA H 214 2.55 -34.56 -51.24
CA ALA H 214 1.52 -34.08 -52.19
C ALA H 214 1.56 -34.99 -53.42
N LYS H 215 2.76 -35.16 -53.98
CA LYS H 215 3.00 -36.09 -55.11
C LYS H 215 2.54 -37.50 -54.71
N ALA H 216 2.77 -37.90 -53.46
CA ALA H 216 2.35 -39.22 -52.92
C ALA H 216 0.84 -39.38 -53.02
N VAL H 217 0.07 -38.29 -53.10
CA VAL H 217 -1.41 -38.42 -53.15
C VAL H 217 -1.79 -39.02 -54.50
N GLY H 218 -0.91 -38.93 -55.49
CA GLY H 218 -1.10 -39.56 -56.82
C GLY H 218 -1.23 -41.08 -56.71
N LYS H 219 -0.69 -41.69 -55.66
CA LYS H 219 -0.57 -43.17 -55.59
C LYS H 219 -1.76 -43.76 -54.82
N VAL H 220 -2.46 -42.99 -54.00
CA VAL H 220 -3.67 -43.51 -53.29
C VAL H 220 -4.94 -42.98 -53.96
N ILE H 221 -4.82 -41.97 -54.83
CA ILE H 221 -5.91 -41.57 -55.75
C ILE H 221 -5.32 -41.46 -57.15
N PRO H 222 -5.28 -42.58 -57.93
CA PRO H 222 -4.51 -42.63 -59.17
C PRO H 222 -4.96 -41.61 -60.22
N GLU H 223 -6.22 -41.17 -60.16
CA GLU H 223 -6.74 -40.07 -61.01
C GLU H 223 -5.91 -38.80 -60.80
N LEU H 224 -5.33 -38.61 -59.61
CA LEU H 224 -4.58 -37.37 -59.27
C LEU H 224 -3.10 -37.52 -59.57
N ASN H 225 -2.67 -38.63 -60.15
CA ASN H 225 -1.24 -38.86 -60.47
C ASN H 225 -0.73 -37.74 -61.39
N GLY H 226 0.41 -37.14 -61.04
CA GLY H 226 1.05 -36.02 -61.74
C GLY H 226 0.33 -34.69 -61.57
N LYS H 227 -0.76 -34.62 -60.78
CA LYS H 227 -1.62 -33.40 -60.67
C LYS H 227 -1.31 -32.57 -59.40
N LEU H 228 -0.42 -33.04 -58.52
CA LEU H 228 -0.18 -32.38 -57.21
C LEU H 228 1.31 -32.43 -56.89
N THR H 229 1.85 -31.36 -56.33
CA THR H 229 3.13 -31.41 -55.61
C THR H 229 3.08 -30.34 -54.51
N GLY H 230 4.22 -30.07 -53.88
CA GLY H 230 4.19 -29.18 -52.72
C GLY H 230 5.50 -29.12 -52.00
N MET H 231 5.49 -28.33 -50.94
CA MET H 231 6.64 -28.23 -50.01
C MET H 231 6.13 -27.84 -48.64
N ALA H 232 7.04 -27.74 -47.69
CA ALA H 232 6.68 -27.53 -46.28
C ALA H 232 7.50 -26.41 -45.68
N PHE H 233 6.95 -25.79 -44.65
CA PHE H 233 7.72 -24.96 -43.71
C PHE H 233 7.66 -25.62 -42.34
N ARG H 234 8.84 -25.79 -41.74
CA ARG H 234 8.97 -26.18 -40.31
C ARG H 234 8.91 -24.91 -39.47
N VAL H 235 8.06 -24.91 -38.46
CA VAL H 235 7.87 -23.72 -37.57
C VAL H 235 8.03 -24.16 -36.11
N PRO H 236 8.45 -23.26 -35.21
CA PRO H 236 8.71 -23.64 -33.82
C PRO H 236 7.45 -23.84 -32.97
N THR H 237 6.72 -24.90 -33.25
CA THR H 237 5.67 -25.44 -32.36
C THR H 237 5.93 -26.92 -32.18
N ALA H 238 5.48 -27.47 -31.07
CA ALA H 238 5.83 -28.82 -30.63
C ALA H 238 5.01 -29.85 -31.41
N ASN H 239 3.79 -29.50 -31.75
CA ASN H 239 2.90 -30.48 -32.39
C ASN H 239 1.79 -29.73 -33.06
N VAL H 240 1.18 -30.42 -34.01
CA VAL H 240 0.04 -29.98 -34.83
C VAL H 240 0.61 -29.19 -35.99
N SER H 241 0.01 -29.44 -37.13
CA SER H 241 0.51 -29.00 -38.44
C SER H 241 -0.73 -28.64 -39.24
N VAL H 242 -0.54 -27.98 -40.36
CA VAL H 242 -1.72 -27.58 -41.17
C VAL H 242 -1.41 -27.68 -42.66
N VAL H 243 -2.41 -28.06 -43.44
CA VAL H 243 -2.26 -28.16 -44.92
C VAL H 243 -2.94 -26.98 -45.63
N ASP H 244 -2.21 -26.38 -46.54
CA ASP H 244 -2.68 -25.24 -47.34
C ASP H 244 -2.72 -25.72 -48.80
N LEU H 245 -3.88 -26.18 -49.25
CA LEU H 245 -4.03 -26.72 -50.63
C LEU H 245 -4.62 -25.63 -51.53
N THR H 246 -3.81 -25.05 -52.41
CA THR H 246 -4.30 -24.21 -53.51
C THR H 246 -4.57 -25.11 -54.72
N CYS H 247 -5.80 -25.11 -55.24
CA CYS H 247 -6.11 -25.98 -56.40
C CYS H 247 -7.08 -25.29 -57.36
N ARG H 248 -7.04 -25.72 -58.62
CA ARG H 248 -8.01 -25.31 -59.66
C ARG H 248 -9.01 -26.44 -59.87
N LEU H 249 -10.30 -26.09 -59.95
CA LEU H 249 -11.37 -27.07 -60.20
C LEU H 249 -11.94 -26.86 -61.60
N GLU H 250 -12.23 -27.94 -62.34
CA GLU H 250 -12.79 -27.85 -63.71
C GLU H 250 -14.28 -27.44 -63.61
N LYS H 251 -15.02 -27.95 -62.62
CA LYS H 251 -16.46 -27.62 -62.36
C LYS H 251 -16.56 -26.42 -61.42
N PRO H 252 -17.58 -25.54 -61.56
CA PRO H 252 -17.80 -24.47 -60.59
C PRO H 252 -18.08 -24.97 -59.18
N ALA H 253 -17.36 -24.43 -58.19
CA ALA H 253 -17.53 -24.75 -56.76
C ALA H 253 -17.55 -23.44 -55.97
N LYS H 254 -18.74 -22.98 -55.59
CA LYS H 254 -18.92 -21.84 -54.67
C LYS H 254 -18.42 -22.31 -53.29
N TYR H 255 -17.89 -21.40 -52.49
CA TYR H 255 -17.21 -21.78 -51.24
C TYR H 255 -18.21 -22.50 -50.33
N ASP H 256 -19.47 -22.07 -50.35
CA ASP H 256 -20.54 -22.73 -49.55
C ASP H 256 -20.82 -24.14 -50.09
N ASP H 257 -20.45 -24.45 -51.34
CA ASP H 257 -20.60 -25.81 -51.93
C ASP H 257 -19.46 -26.71 -51.45
N ILE H 258 -18.24 -26.19 -51.47
CA ILE H 258 -17.07 -26.89 -50.88
C ILE H 258 -17.40 -27.21 -49.42
N LYS H 259 -18.01 -26.27 -48.71
CA LYS H 259 -18.31 -26.43 -47.26
C LYS H 259 -19.33 -27.56 -47.05
N LYS H 260 -20.44 -27.51 -47.79
CA LYS H 260 -21.55 -28.52 -47.67
C LYS H 260 -20.98 -29.93 -47.88
N VAL H 261 -20.19 -30.14 -48.93
CA VAL H 261 -19.73 -31.51 -49.32
C VAL H 261 -18.74 -32.04 -48.28
N VAL H 262 -17.80 -31.21 -47.83
CA VAL H 262 -16.78 -31.65 -46.85
C VAL H 262 -17.49 -31.96 -45.54
N LYS H 263 -18.40 -31.09 -45.10
CA LYS H 263 -19.18 -31.31 -43.86
C LYS H 263 -19.94 -32.64 -43.98
N GLN H 264 -20.58 -32.85 -45.14
CA GLN H 264 -21.41 -34.06 -45.41
C GLN H 264 -20.52 -35.29 -45.36
N ALA H 265 -19.34 -35.24 -45.98
CA ALA H 265 -18.37 -36.36 -45.88
C ALA H 265 -18.01 -36.63 -44.42
N SER H 266 -17.80 -35.58 -43.62
CA SER H 266 -17.31 -35.71 -42.23
C SER H 266 -18.38 -36.39 -41.37
N GLU H 267 -19.65 -36.25 -41.75
CA GLU H 267 -20.75 -36.93 -40.98
C GLU H 267 -20.90 -38.39 -41.46
N GLY H 268 -20.53 -38.70 -42.70
CA GLY H 268 -20.86 -39.97 -43.38
C GLY H 268 -19.72 -40.98 -43.37
N PRO H 269 -19.21 -41.40 -44.55
CA PRO H 269 -18.34 -42.57 -44.61
C PRO H 269 -16.96 -42.24 -44.02
N LEU H 270 -16.61 -40.96 -44.01
CA LEU H 270 -15.24 -40.52 -43.65
C LEU H 270 -15.22 -40.02 -42.22
N LYS H 271 -16.28 -40.28 -41.47
CA LYS H 271 -16.42 -39.80 -40.07
C LYS H 271 -15.19 -40.24 -39.27
N GLY H 272 -14.64 -39.34 -38.44
CA GLY H 272 -13.51 -39.66 -37.57
C GLY H 272 -12.20 -39.70 -38.32
N ILE H 273 -12.21 -39.57 -39.64
CA ILE H 273 -10.95 -39.49 -40.44
C ILE H 273 -10.81 -38.06 -40.92
N LEU H 274 -11.88 -37.52 -41.49
CA LEU H 274 -11.90 -36.11 -41.91
C LEU H 274 -12.95 -35.36 -41.10
N GLY H 275 -12.52 -34.32 -40.39
CA GLY H 275 -13.40 -33.51 -39.55
C GLY H 275 -13.83 -32.27 -40.27
N TYR H 276 -14.81 -31.57 -39.73
CA TYR H 276 -15.24 -30.30 -40.32
C TYR H 276 -15.48 -29.33 -39.18
N THR H 277 -15.01 -28.10 -39.31
CA THR H 277 -15.28 -27.10 -38.26
C THR H 277 -15.47 -25.72 -38.85
N GLU H 278 -16.28 -24.93 -38.19
CA GLU H 278 -16.49 -23.53 -38.58
C GLU H 278 -15.97 -22.66 -37.45
N HIS H 279 -15.47 -23.28 -36.41
CA HIS H 279 -14.98 -22.55 -35.22
C HIS H 279 -13.70 -21.77 -35.54
N GLN H 280 -13.45 -20.75 -34.75
CA GLN H 280 -12.25 -19.90 -34.86
C GLN H 280 -11.08 -20.64 -34.24
N VAL H 281 -10.59 -21.66 -34.92
CA VAL H 281 -9.60 -22.57 -34.29
C VAL H 281 -8.19 -22.08 -34.53
N VAL H 282 -7.34 -22.50 -33.62
CA VAL H 282 -5.87 -22.34 -33.77
C VAL H 282 -5.28 -23.72 -33.56
N SER H 283 -4.00 -23.89 -33.83
CA SER H 283 -3.35 -25.21 -33.91
C SER H 283 -3.54 -26.02 -32.62
N SER H 284 -3.39 -25.44 -31.45
CA SER H 284 -3.43 -26.24 -30.20
C SER H 284 -4.84 -26.78 -29.91
N ASP H 285 -5.87 -26.26 -30.59
CA ASP H 285 -7.26 -26.80 -30.46
C ASP H 285 -7.28 -28.25 -30.97
N PHE H 286 -6.27 -28.67 -31.74
CA PHE H 286 -6.23 -30.01 -32.37
C PHE H 286 -5.17 -30.91 -31.72
N ASN H 287 -4.61 -30.50 -30.60
CA ASN H 287 -3.59 -31.32 -29.91
C ASN H 287 -4.26 -32.57 -29.33
N SER H 288 -3.75 -33.75 -29.68
CA SER H 288 -4.31 -35.07 -29.32
C SER H 288 -5.66 -35.28 -30.03
N ASP H 289 -5.95 -34.55 -31.11
CA ASP H 289 -7.15 -34.84 -31.94
C ASP H 289 -6.81 -36.06 -32.80
N THR H 290 -7.69 -37.07 -32.76
CA THR H 290 -7.45 -38.36 -33.46
C THR H 290 -7.80 -38.28 -34.95
N HIS H 291 -8.29 -37.15 -35.47
CA HIS H 291 -8.55 -37.08 -36.94
C HIS H 291 -7.25 -37.14 -37.73
N SER H 292 -7.42 -37.49 -39.00
CA SER H 292 -6.40 -37.41 -40.07
C SER H 292 -6.32 -35.98 -40.66
N SER H 293 -7.44 -35.26 -40.63
CA SER H 293 -7.62 -34.04 -41.44
C SER H 293 -8.87 -33.33 -40.93
N THR H 294 -8.77 -32.12 -40.43
CA THR H 294 -9.98 -31.35 -40.06
C THR H 294 -10.02 -30.12 -40.94
N PHE H 295 -11.08 -30.02 -41.75
CA PHE H 295 -11.28 -28.90 -42.69
C PHE H 295 -11.60 -27.66 -41.86
N ASP H 296 -10.91 -26.57 -42.16
CA ASP H 296 -11.10 -25.31 -41.42
C ASP H 296 -11.85 -24.35 -42.34
N ALA H 297 -13.15 -24.19 -42.13
CA ALA H 297 -14.05 -23.49 -43.07
C ALA H 297 -13.69 -21.99 -43.16
N GLY H 298 -13.51 -21.33 -42.01
CA GLY H 298 -13.27 -19.88 -41.90
C GLY H 298 -11.90 -19.44 -42.37
N ALA H 299 -10.91 -20.33 -42.42
CA ALA H 299 -9.49 -19.98 -42.65
C ALA H 299 -9.21 -19.99 -44.14
N GLY H 300 -9.93 -20.83 -44.91
CA GLY H 300 -9.81 -20.95 -46.38
C GLY H 300 -10.29 -19.72 -47.14
N ILE H 301 -9.83 -19.53 -48.37
CA ILE H 301 -10.26 -18.37 -49.20
C ILE H 301 -10.28 -18.79 -50.67
N ALA H 302 -11.20 -18.21 -51.41
CA ALA H 302 -11.40 -18.51 -52.84
C ALA H 302 -11.19 -17.23 -53.61
N LEU H 303 -10.41 -17.28 -54.69
CA LEU H 303 -10.33 -16.14 -55.62
C LEU H 303 -11.61 -16.09 -56.46
N ASN H 304 -12.14 -17.27 -56.80
CA ASN H 304 -13.33 -17.41 -57.69
C ASN H 304 -13.81 -18.86 -57.66
N ASP H 305 -14.81 -19.17 -58.47
CA ASP H 305 -15.47 -20.50 -58.42
C ASP H 305 -14.46 -21.58 -58.82
N HIS H 306 -13.43 -21.26 -59.59
CA HIS H 306 -12.50 -22.30 -60.08
C HIS H 306 -11.23 -22.38 -59.24
N PHE H 307 -10.94 -21.38 -58.41
CA PHE H 307 -9.59 -21.27 -57.83
C PHE H 307 -9.71 -21.09 -56.32
N VAL H 308 -9.22 -22.05 -55.53
CA VAL H 308 -9.49 -22.05 -54.07
C VAL H 308 -8.24 -22.40 -53.26
N LYS H 309 -8.16 -21.84 -52.05
CA LYS H 309 -7.12 -22.16 -51.05
C LYS H 309 -7.82 -22.82 -49.87
N LEU H 310 -7.55 -24.10 -49.63
CA LEU H 310 -8.30 -24.88 -48.62
C LEU H 310 -7.37 -25.31 -47.49
N ILE H 311 -7.88 -25.22 -46.26
CA ILE H 311 -7.08 -25.31 -45.02
C ILE H 311 -7.57 -26.53 -44.25
N SER H 312 -6.65 -27.41 -43.90
CA SER H 312 -6.97 -28.58 -43.06
C SER H 312 -5.86 -28.80 -42.01
N TRP H 313 -6.27 -28.95 -40.76
CA TRP H 313 -5.37 -29.19 -39.61
C TRP H 313 -5.08 -30.69 -39.48
N TYR H 314 -3.93 -31.03 -38.90
CA TYR H 314 -3.67 -32.41 -38.46
C TYR H 314 -2.69 -32.45 -37.29
N ASP H 315 -3.04 -33.22 -36.27
CA ASP H 315 -2.09 -33.67 -35.22
C ASP H 315 -1.18 -34.70 -35.89
N ASN H 316 -0.04 -34.24 -36.39
CA ASN H 316 0.95 -35.08 -37.12
C ASN H 316 1.38 -36.25 -36.25
N GLU H 317 1.27 -36.15 -34.92
CA GLU H 317 1.70 -37.29 -34.07
C GLU H 317 0.52 -38.24 -33.88
N PHE H 318 -0.60 -37.75 -33.36
CA PHE H 318 -1.69 -38.56 -32.77
C PHE H 318 -2.66 -39.08 -33.85
N GLY H 319 -3.00 -38.23 -34.82
CA GLY H 319 -3.87 -38.63 -35.95
C GLY H 319 -3.25 -39.80 -36.69
N TYR H 320 -1.99 -39.65 -37.09
CA TYR H 320 -1.26 -40.67 -37.87
C TYR H 320 -1.19 -41.97 -37.07
N SER H 321 -0.82 -41.88 -35.79
CA SER H 321 -0.68 -43.06 -34.89
C SER H 321 -2.03 -43.79 -34.78
N ASN H 322 -3.13 -43.05 -34.77
CA ASN H 322 -4.47 -43.68 -34.70
C ASN H 322 -4.81 -44.34 -36.05
N ARG H 323 -4.27 -43.84 -37.16
CA ARG H 323 -4.52 -44.39 -38.52
C ARG H 323 -3.72 -45.68 -38.73
N VAL H 324 -2.58 -45.80 -38.06
CA VAL H 324 -1.79 -47.06 -38.09
C VAL H 324 -2.59 -48.13 -37.34
N VAL H 325 -3.14 -47.75 -36.18
CA VAL H 325 -3.96 -48.68 -35.36
C VAL H 325 -5.20 -49.04 -36.17
N ASP H 326 -5.82 -48.04 -36.80
CA ASP H 326 -7.02 -48.25 -37.64
C ASP H 326 -6.68 -49.19 -38.79
N LEU H 327 -5.57 -48.94 -39.48
CA LEU H 327 -5.16 -49.77 -40.64
C LEU H 327 -5.07 -51.22 -40.17
N MET H 328 -4.32 -51.47 -39.09
CA MET H 328 -4.08 -52.85 -38.59
C MET H 328 -5.44 -53.46 -38.19
N ALA H 329 -6.37 -52.67 -37.67
CA ALA H 329 -7.72 -53.15 -37.31
C ALA H 329 -8.43 -53.64 -38.57
N HIS H 330 -8.32 -52.89 -39.67
CA HIS H 330 -9.00 -53.23 -40.94
C HIS H 330 -8.34 -54.47 -41.55
N MET H 331 -7.01 -54.61 -41.43
CA MET H 331 -6.30 -55.79 -41.98
C MET H 331 -6.79 -57.06 -41.26
N ALA H 332 -7.24 -56.90 -40.00
CA ALA H 332 -7.69 -58.03 -39.15
C ALA H 332 -9.13 -58.41 -39.50
N SER H 333 -9.95 -57.42 -39.87
CA SER H 333 -11.38 -57.62 -40.22
C SER H 333 -11.47 -58.34 -41.59
N LYS H 334 -10.36 -58.54 -42.29
CA LYS H 334 -10.39 -59.13 -43.66
C LYS H 334 -9.52 -60.38 -43.75
N GLU H 335 -8.79 -60.73 -42.69
CA GLU H 335 -8.10 -62.05 -42.63
C GLU H 335 -9.18 -63.13 -42.48
#